data_6POS
#
_entry.id   6POS
#
_cell.length_a   1.00
_cell.length_b   1.00
_cell.length_c   1.00
_cell.angle_alpha   90.00
_cell.angle_beta   90.00
_cell.angle_gamma   90.00
#
_symmetry.space_group_name_H-M   'P 1'
#
loop_
_entity.id
_entity.type
_entity.pdbx_description
1 polymer 'ATP-dependent Clp protease ATP-binding subunit ClpX'
2 polymer 'ATP-dependent Clp protease proteolytic subunit'
3 polymer 'substrate peptide'
4 non-polymer 'PHOSPHOTHIOPHOSPHORIC ACID-ADENYLATE ESTER'
5 non-polymer "ADENOSINE-5'-DIPHOSPHATE"
#
loop_
_entity_poly.entity_id
_entity_poly.type
_entity_poly.pdbx_seq_one_letter_code
_entity_poly.pdbx_strand_id
1 'polypeptide(L)'
;SALPTPHEIRNHLDDYVIGQEQAKKVLAVAVYNHYKRLRNGDTSNGVELGKSNILLIGPTGSGKTLLAETLARLLDVPFT
MADATTLTEAGYVGEDVENIIQKLLQKSDYDVQKAQRGIVYIDQIDKISRKSDNPSITRDVSGEGVQQALLKLIEGTVAA
VPPQGGRKHPQQEFLQVDTSKILFICGGAFAGLDKVISHRVETGSGIGFGATVKAKSDKASEGELLAQVEPEDLIKFGLI
PEFIGRLPVVATLNELSEEALIQILKEPKNALTKQYQALFNLEGVDLEFRDEALDAIAKKAMARKTGARGLRSIVEAALL
DTMYDLPSMEDVEKVVIDESVIDGQSEPLLIYGKPEAQQASGEGGGTSG
;
A,B,C,D,E,F
2 'polypeptide(L)'
;MSYSGERDNFAPHMALVPMVIEQTSRGERSFDIYSRLLKERVIFLTGQVEDHMANLIVAQMLFLEAENPEKDIYLYINSP
GGVITAGMSIYDTMQFIKPDVSTICMGQAASMGAFLLTAGAKGKRFCLPNSRVMIHQPLGGYQGQATDIEIHAREILKVK
GRMNELMALHTGQSLEQIERDTERDRFLSAPEAVEYGLVDSILTHRN
;
H,I,J,K,L,M,N
3 'polypeptide(L)' (UNK)(UNK)(UNK)(UNK)R(UNK)(UNK)(UNK) S
#
loop_
_chem_comp.id
_chem_comp.type
_chem_comp.name
_chem_comp.formula
ADP non-polymer ADENOSINE-5'-DIPHOSPHATE 'C10 H15 N5 O10 P2'
AGS non-polymer 'PHOSPHOTHIOPHOSPHORIC ACID-ADENYLATE ESTER' 'C10 H16 N5 O12 P3 S'
#
# COMPACT_ATOMS: atom_id res chain seq x y z
N PRO A 4 -53.21 -31.58 -11.17
CA PRO A 4 -51.76 -31.34 -11.24
C PRO A 4 -50.98 -32.60 -11.61
N THR A 5 -50.30 -32.56 -12.77
CA THR A 5 -49.51 -33.67 -13.27
C THR A 5 -48.15 -33.15 -13.69
N PRO A 6 -47.03 -33.69 -13.18
CA PRO A 6 -45.72 -33.19 -13.62
C PRO A 6 -45.48 -33.40 -15.11
N HIS A 7 -46.06 -34.45 -15.69
CA HIS A 7 -45.86 -34.72 -17.11
C HIS A 7 -46.62 -33.72 -17.98
N GLU A 8 -47.77 -33.23 -17.52
CA GLU A 8 -48.56 -32.30 -18.31
C GLU A 8 -48.13 -30.86 -18.13
N ILE A 9 -47.74 -30.46 -16.92
CA ILE A 9 -47.27 -29.10 -16.69
C ILE A 9 -46.00 -28.84 -17.50
N ARG A 10 -45.17 -29.88 -17.65
CA ARG A 10 -43.94 -29.73 -18.42
C ARG A 10 -44.24 -29.63 -19.92
N ASN A 11 -45.31 -30.29 -20.37
CA ASN A 11 -45.66 -30.26 -21.78
C ASN A 11 -46.15 -28.86 -22.18
N HIS A 12 -46.91 -28.20 -21.31
CA HIS A 12 -47.42 -26.87 -21.63
C HIS A 12 -46.30 -25.84 -21.59
N LEU A 13 -45.41 -25.94 -20.58
CA LEU A 13 -44.32 -24.98 -20.49
C LEU A 13 -43.36 -25.12 -21.67
N ASP A 14 -43.28 -26.33 -22.26
CA ASP A 14 -42.43 -26.53 -23.42
C ASP A 14 -42.89 -25.70 -24.61
N ASP A 15 -44.19 -25.37 -24.66
CA ASP A 15 -44.72 -24.59 -25.76
C ASP A 15 -44.22 -23.15 -25.72
N TYR A 16 -44.11 -22.58 -24.52
CA TYR A 16 -43.70 -21.20 -24.35
C TYR A 16 -42.24 -21.01 -23.96
N VAL A 17 -41.57 -22.04 -23.44
CA VAL A 17 -40.19 -21.95 -23.02
C VAL A 17 -39.39 -23.08 -23.66
N ILE A 18 -38.16 -22.76 -24.09
CA ILE A 18 -37.27 -23.71 -24.75
C ILE A 18 -35.86 -23.49 -24.22
N GLY A 19 -35.10 -24.58 -24.15
CA GLY A 19 -33.71 -24.54 -23.74
C GLY A 19 -33.42 -24.85 -22.29
N GLN A 20 -34.44 -25.04 -21.45
CA GLN A 20 -34.25 -25.36 -20.03
C GLN A 20 -35.10 -26.58 -19.71
N GLU A 21 -34.51 -27.77 -19.90
CA GLU A 21 -35.21 -29.02 -19.61
C GLU A 21 -35.08 -29.42 -18.15
N GLN A 22 -33.89 -29.26 -17.57
CA GLN A 22 -33.68 -29.61 -16.18
C GLN A 22 -34.50 -28.72 -15.24
N ALA A 23 -34.56 -27.43 -15.54
CA ALA A 23 -35.28 -26.50 -14.67
C ALA A 23 -36.77 -26.81 -14.62
N LYS A 24 -37.34 -27.24 -15.75
CA LYS A 24 -38.77 -27.55 -15.77
C LYS A 24 -39.08 -28.73 -14.86
N LYS A 25 -38.17 -29.70 -14.77
CA LYS A 25 -38.38 -30.85 -13.90
C LYS A 25 -38.35 -30.42 -12.43
N VAL A 26 -37.48 -29.47 -12.10
CA VAL A 26 -37.37 -29.00 -10.73
C VAL A 26 -38.63 -28.26 -10.30
N LEU A 27 -39.18 -27.42 -11.19
CA LEU A 27 -40.37 -26.66 -10.83
C LEU A 27 -41.58 -27.57 -10.65
N ALA A 28 -41.70 -28.61 -11.47
CA ALA A 28 -42.83 -29.51 -11.34
C ALA A 28 -42.81 -30.26 -10.02
N VAL A 29 -41.62 -30.59 -9.54
CA VAL A 29 -41.51 -31.31 -8.27
C VAL A 29 -41.81 -30.38 -7.10
N ALA A 30 -41.18 -29.20 -7.09
CA ALA A 30 -41.38 -28.26 -5.99
C ALA A 30 -42.82 -27.75 -5.95
N VAL A 31 -43.40 -27.45 -7.13
CA VAL A 31 -44.77 -26.95 -7.17
C VAL A 31 -45.73 -28.03 -6.69
N TYR A 32 -45.53 -29.27 -7.11
CA TYR A 32 -46.41 -30.35 -6.69
C TYR A 32 -46.25 -30.62 -5.20
N ASN A 33 -45.04 -30.52 -4.68
CA ASN A 33 -44.83 -30.76 -3.25
C ASN A 33 -45.44 -29.65 -2.41
N HIS A 34 -45.55 -28.44 -2.97
CA HIS A 34 -46.15 -27.32 -2.24
C HIS A 34 -47.62 -27.59 -1.95
N TYR A 35 -48.38 -27.96 -2.98
CA TYR A 35 -49.80 -28.22 -2.83
C TYR A 35 -50.06 -29.56 -2.18
N LYS A 36 -49.16 -30.53 -2.36
CA LYS A 36 -49.33 -31.84 -1.75
C LYS A 36 -49.38 -31.74 -0.23
N ARG A 37 -48.72 -30.74 0.35
CA ARG A 37 -48.71 -30.55 1.79
C ARG A 37 -49.95 -29.81 2.27
N LEU A 38 -50.38 -28.79 1.53
CA LEU A 38 -51.53 -27.98 1.94
C LEU A 38 -52.82 -28.78 2.03
N ARG A 39 -53.12 -29.59 1.00
CA ARG A 39 -54.41 -30.28 0.96
C ARG A 39 -54.52 -31.37 2.03
N ASN A 40 -53.52 -32.25 2.15
CA ASN A 40 -53.57 -33.37 3.09
C ASN A 40 -52.33 -33.53 3.94
N GLY A 41 -51.42 -32.56 3.94
CA GLY A 41 -50.19 -32.66 4.69
C GLY A 41 -50.31 -32.13 6.11
N ASP A 42 -49.18 -32.14 6.81
CA ASP A 42 -49.07 -31.76 8.21
C ASP A 42 -49.93 -32.67 9.10
N THR A 43 -50.04 -33.93 8.66
CA THR A 43 -50.71 -35.02 9.38
C THR A 43 -49.79 -36.23 9.33
N SER A 44 -48.52 -35.99 9.58
CA SER A 44 -47.46 -36.98 9.47
C SER A 44 -46.88 -37.35 10.83
N ASN A 45 -46.31 -38.55 10.89
CA ASN A 45 -45.67 -39.04 12.10
C ASN A 45 -44.49 -38.14 12.47
N GLY A 46 -43.72 -37.70 11.48
CA GLY A 46 -42.56 -36.87 11.73
C GLY A 46 -42.91 -35.40 11.60
N VAL A 47 -42.47 -34.62 12.59
CA VAL A 47 -42.72 -33.18 12.70
C VAL A 47 -41.70 -32.36 11.92
N GLU A 48 -42.03 -31.09 11.69
CA GLU A 48 -41.18 -30.12 11.00
C GLU A 48 -40.87 -30.54 9.56
N LEU A 49 -41.94 -30.79 8.79
CA LEU A 49 -41.77 -31.06 7.38
C LEU A 49 -41.22 -29.78 6.73
N GLY A 50 -40.11 -29.90 6.01
CA GLY A 50 -39.51 -28.71 5.43
C GLY A 50 -40.41 -28.08 4.38
N LYS A 51 -40.50 -26.75 4.44
CA LYS A 51 -41.29 -26.00 3.47
C LYS A 51 -40.58 -26.01 2.12
N SER A 52 -41.28 -26.46 1.09
CA SER A 52 -40.70 -26.51 -0.25
C SER A 52 -40.82 -25.13 -0.90
N ASN A 53 -39.68 -24.55 -1.27
CA ASN A 53 -39.60 -23.26 -1.93
C ASN A 53 -38.81 -23.41 -3.23
N ILE A 54 -38.64 -22.30 -3.94
CA ILE A 54 -37.91 -22.28 -5.21
C ILE A 54 -37.03 -21.04 -5.23
N LEU A 55 -35.81 -21.20 -5.76
CA LEU A 55 -34.84 -20.11 -5.89
C LEU A 55 -34.27 -20.17 -7.30
N LEU A 56 -34.79 -19.33 -8.19
CA LEU A 56 -34.32 -19.32 -9.58
C LEU A 56 -33.06 -18.48 -9.71
N ILE A 57 -32.16 -18.92 -10.60
CA ILE A 57 -30.92 -18.20 -10.88
C ILE A 57 -30.56 -18.42 -12.33
N GLY A 58 -30.40 -17.34 -13.09
CA GLY A 58 -30.03 -17.44 -14.48
C GLY A 58 -29.57 -16.12 -15.05
N PRO A 59 -28.98 -16.14 -16.25
CA PRO A 59 -28.53 -14.89 -16.86
C PRO A 59 -29.69 -14.08 -17.41
N THR A 60 -29.34 -12.96 -18.04
CA THR A 60 -30.33 -12.08 -18.64
C THR A 60 -30.97 -12.75 -19.85
N GLY A 61 -32.25 -12.42 -20.08
CA GLY A 61 -32.95 -13.03 -21.20
C GLY A 61 -33.12 -14.53 -21.11
N SER A 62 -32.99 -15.10 -19.92
CA SER A 62 -33.12 -16.53 -19.72
C SER A 62 -34.57 -16.99 -19.60
N GLY A 63 -35.53 -16.10 -19.78
CA GLY A 63 -36.94 -16.48 -19.71
C GLY A 63 -37.50 -16.68 -18.32
N LYS A 64 -36.90 -16.07 -17.30
CA LYS A 64 -37.44 -16.21 -15.94
C LYS A 64 -38.86 -15.66 -15.87
N THR A 65 -39.07 -14.45 -16.42
CA THR A 65 -40.38 -13.84 -16.42
C THR A 65 -41.39 -14.69 -17.19
N LEU A 66 -40.95 -15.32 -18.27
CA LEU A 66 -41.85 -16.14 -19.08
C LEU A 66 -42.26 -17.40 -18.33
N LEU A 67 -41.32 -18.03 -17.62
CA LEU A 67 -41.66 -19.23 -16.86
C LEU A 67 -42.72 -18.92 -15.80
N ALA A 68 -42.53 -17.81 -15.08
CA ALA A 68 -43.50 -17.40 -14.07
C ALA A 68 -44.85 -17.11 -14.72
N GLU A 69 -44.84 -16.37 -15.83
CA GLU A 69 -46.07 -16.02 -16.52
C GLU A 69 -46.80 -17.25 -17.03
N THR A 70 -46.07 -18.18 -17.65
CA THR A 70 -46.69 -19.40 -18.17
C THR A 70 -47.30 -20.22 -17.06
N LEU A 71 -46.74 -20.17 -15.85
CA LEU A 71 -47.28 -20.91 -14.73
C LEU A 71 -48.60 -20.30 -14.27
N ALA A 72 -48.66 -18.98 -14.20
CA ALA A 72 -49.88 -18.30 -13.75
C ALA A 72 -51.06 -18.62 -14.66
N ARG A 73 -50.85 -18.56 -15.98
CA ARG A 73 -51.93 -18.85 -16.92
C ARG A 73 -52.39 -20.29 -16.77
N LEU A 74 -51.45 -21.24 -16.77
CA LEU A 74 -51.78 -22.65 -16.59
C LEU A 74 -52.48 -22.87 -15.25
N LEU A 75 -51.79 -22.55 -14.17
CA LEU A 75 -52.31 -22.71 -12.81
C LEU A 75 -53.69 -22.07 -12.65
N ASP A 76 -54.48 -22.63 -11.74
CA ASP A 76 -55.83 -22.16 -11.45
C ASP A 76 -55.88 -21.04 -10.42
N VAL A 77 -55.08 -21.14 -9.35
CA VAL A 77 -55.07 -20.14 -8.29
C VAL A 77 -54.42 -18.88 -8.84
N PRO A 78 -54.37 -17.76 -8.11
CA PRO A 78 -53.79 -16.54 -8.68
C PRO A 78 -52.27 -16.50 -8.54
N PHE A 79 -51.69 -15.50 -9.19
CA PHE A 79 -50.25 -15.30 -9.25
C PHE A 79 -49.94 -13.82 -9.24
N THR A 80 -48.78 -13.48 -8.67
CA THR A 80 -48.34 -12.10 -8.53
C THR A 80 -46.91 -11.95 -9.03
N MET A 81 -46.59 -10.73 -9.47
CA MET A 81 -45.28 -10.35 -9.99
C MET A 81 -44.95 -9.07 -9.22
N ALA A 82 -44.19 -9.24 -8.14
CA ALA A 82 -43.84 -8.18 -7.20
C ALA A 82 -42.34 -8.04 -7.05
N ASP A 83 -41.76 -7.09 -7.78
CA ASP A 83 -40.32 -6.86 -7.72
C ASP A 83 -39.96 -6.02 -6.50
N ALA A 84 -38.69 -6.09 -6.12
CA ALA A 84 -38.15 -5.35 -4.98
C ALA A 84 -37.35 -4.12 -5.40
N THR A 85 -37.52 -3.64 -6.62
CA THR A 85 -36.77 -2.48 -7.07
C THR A 85 -37.14 -1.23 -6.28
N THR A 86 -38.42 -1.07 -5.97
CA THR A 86 -38.95 0.08 -5.25
C THR A 86 -39.49 -0.26 -3.86
N LEU A 87 -39.10 -1.41 -3.29
CA LEU A 87 -39.64 -1.82 -2.00
C LEU A 87 -38.88 -1.13 -0.86
N THR A 88 -39.46 -0.04 -0.37
CA THR A 88 -38.90 0.73 0.74
C THR A 88 -39.52 0.24 2.05
N GLU A 89 -38.67 -0.11 3.01
CA GLU A 89 -39.19 -0.59 4.28
C GLU A 89 -39.64 0.54 5.20
N ALA A 90 -40.28 0.13 6.30
CA ALA A 90 -40.81 1.02 7.33
C ALA A 90 -41.79 2.05 6.77
N GLY A 91 -42.65 1.60 5.84
CA GLY A 91 -43.69 2.45 5.29
C GLY A 91 -43.25 3.79 4.74
N TYR A 92 -42.19 3.82 3.95
CA TYR A 92 -41.69 5.08 3.41
C TYR A 92 -42.48 5.48 2.17
N VAL A 93 -42.11 6.64 1.62
CA VAL A 93 -42.79 7.25 0.47
C VAL A 93 -42.85 6.34 -0.75
N GLY A 94 -41.80 5.56 -1.01
CA GLY A 94 -41.79 4.75 -2.22
C GLY A 94 -42.87 3.68 -2.24
N GLU A 95 -42.81 2.75 -1.29
CA GLU A 95 -43.72 1.61 -1.22
C GLU A 95 -43.44 0.88 0.09
N ASP A 96 -44.19 -0.17 0.39
CA ASP A 96 -43.97 -0.99 1.58
C ASP A 96 -44.24 -2.44 1.19
N VAL A 97 -43.72 -3.38 1.99
CA VAL A 97 -43.91 -4.79 1.69
C VAL A 97 -45.34 -5.25 1.88
N GLU A 98 -46.14 -4.55 2.69
CA GLU A 98 -47.52 -4.96 2.94
C GLU A 98 -48.37 -4.91 1.68
N ASN A 99 -48.10 -3.97 0.77
CA ASN A 99 -48.89 -3.85 -0.45
C ASN A 99 -48.93 -5.15 -1.25
N ILE A 100 -47.82 -5.92 -1.22
CA ILE A 100 -47.76 -7.18 -1.96
C ILE A 100 -48.88 -8.11 -1.50
N ILE A 101 -49.05 -8.23 -0.18
CA ILE A 101 -50.14 -9.05 0.36
C ILE A 101 -51.47 -8.53 -0.16
N GLN A 102 -51.62 -7.21 -0.23
CA GLN A 102 -52.85 -6.60 -0.73
C GLN A 102 -53.09 -6.93 -2.19
N LYS A 103 -52.04 -6.84 -3.02
CA LYS A 103 -52.20 -7.15 -4.44
C LYS A 103 -52.57 -8.60 -4.67
N LEU A 104 -52.11 -9.50 -3.77
CA LEU A 104 -52.44 -10.91 -3.92
C LEU A 104 -53.94 -11.12 -3.73
N LEU A 105 -54.56 -10.38 -2.80
CA LEU A 105 -55.99 -10.52 -2.59
C LEU A 105 -56.79 -10.00 -3.77
N GLN A 106 -56.29 -8.93 -4.42
CA GLN A 106 -56.99 -8.40 -5.59
C GLN A 106 -57.09 -9.45 -6.68
N LYS A 107 -56.03 -10.26 -6.83
CA LYS A 107 -56.05 -11.32 -7.83
C LYS A 107 -56.96 -12.46 -7.41
N SER A 108 -57.07 -12.71 -6.10
CA SER A 108 -57.93 -13.75 -5.55
C SER A 108 -59.32 -13.23 -5.17
N ASP A 109 -59.57 -11.93 -5.33
CA ASP A 109 -60.85 -11.30 -5.01
C ASP A 109 -61.25 -11.55 -3.56
N TYR A 110 -60.38 -11.06 -2.66
CA TYR A 110 -60.54 -11.14 -1.21
C TYR A 110 -61.03 -12.51 -0.75
N ASP A 111 -60.31 -13.54 -1.17
CA ASP A 111 -60.61 -14.93 -0.83
C ASP A 111 -59.44 -15.44 0.01
N VAL A 112 -59.61 -15.45 1.33
CA VAL A 112 -58.55 -15.90 2.22
C VAL A 112 -58.29 -17.39 2.01
N GLN A 113 -59.34 -18.18 1.85
CA GLN A 113 -59.16 -19.60 1.62
C GLN A 113 -58.42 -19.87 0.31
N LYS A 114 -58.67 -19.03 -0.71
CA LYS A 114 -58.03 -19.17 -2.01
C LYS A 114 -56.72 -18.40 -2.10
N ALA A 115 -56.53 -17.36 -1.29
CA ALA A 115 -55.30 -16.59 -1.36
C ALA A 115 -54.13 -17.28 -0.66
N GLN A 116 -54.39 -18.03 0.42
CA GLN A 116 -53.31 -18.71 1.12
C GLN A 116 -52.65 -19.78 0.26
N ARG A 117 -53.37 -20.30 -0.74
CA ARG A 117 -52.83 -21.29 -1.65
C ARG A 117 -52.22 -20.66 -2.89
N GLY A 118 -51.90 -19.36 -2.84
CA GLY A 118 -51.33 -18.66 -3.97
C GLY A 118 -49.82 -18.81 -4.08
N ILE A 119 -49.29 -18.31 -5.19
CA ILE A 119 -47.87 -18.35 -5.49
C ILE A 119 -47.34 -16.93 -5.51
N VAL A 120 -46.07 -16.77 -5.16
CA VAL A 120 -45.40 -15.47 -5.13
C VAL A 120 -44.10 -15.57 -5.89
N TYR A 121 -43.80 -14.54 -6.69
CA TYR A 121 -42.59 -14.47 -7.49
C TYR A 121 -42.03 -13.06 -7.38
N ILE A 122 -40.70 -12.95 -7.27
CA ILE A 122 -40.03 -11.67 -7.16
C ILE A 122 -38.89 -11.65 -8.16
N ASP A 123 -38.68 -10.50 -8.80
CA ASP A 123 -37.63 -10.30 -9.78
C ASP A 123 -36.67 -9.23 -9.28
N GLN A 124 -35.41 -9.32 -9.74
CA GLN A 124 -34.36 -8.37 -9.38
C GLN A 124 -34.07 -8.39 -7.89
N ILE A 125 -33.83 -9.59 -7.36
CA ILE A 125 -33.52 -9.73 -5.94
C ILE A 125 -32.07 -9.41 -5.62
N ASP A 126 -31.21 -9.28 -6.63
CA ASP A 126 -29.83 -8.90 -6.39
C ASP A 126 -29.70 -7.48 -5.86
N LYS A 127 -30.61 -6.59 -6.29
CA LYS A 127 -30.57 -5.18 -5.92
C LYS A 127 -30.73 -4.94 -4.43
N ILE A 128 -31.27 -5.89 -3.66
CA ILE A 128 -31.44 -5.71 -2.22
C ILE A 128 -30.21 -6.14 -1.42
N SER A 129 -29.14 -6.56 -2.10
CA SER A 129 -27.91 -6.99 -1.43
C SER A 129 -27.39 -5.93 -0.48
N ARG A 130 -26.93 -6.38 0.68
CA ARG A 130 -26.42 -5.47 1.71
C ARG A 130 -25.12 -4.84 1.27
N LYS A 131 -24.98 -3.54 1.56
CA LYS A 131 -23.80 -2.76 1.21
C LYS A 131 -23.03 -2.38 2.46
N THR A 138 -26.53 9.07 5.27
CA THR A 138 -27.70 9.42 6.06
C THR A 138 -28.48 8.17 6.45
N ARG A 139 -28.82 7.33 5.47
CA ARG A 139 -29.58 6.12 5.74
C ARG A 139 -29.71 5.30 4.47
N ASP A 140 -30.01 4.02 4.66
CA ASP A 140 -30.22 3.05 3.59
C ASP A 140 -31.64 2.56 3.69
N VAL A 141 -32.41 2.70 2.61
CA VAL A 141 -33.82 2.34 2.58
C VAL A 141 -34.08 1.06 1.80
N SER A 142 -33.44 0.91 0.65
CA SER A 142 -33.62 -0.25 -0.21
C SER A 142 -32.48 -1.26 -0.07
N GLY A 143 -31.73 -1.22 1.03
CA GLY A 143 -30.62 -2.12 1.23
C GLY A 143 -30.98 -3.36 2.02
N GLU A 144 -30.23 -3.62 3.10
CA GLU A 144 -30.47 -4.82 3.91
C GLU A 144 -31.81 -4.79 4.63
N GLY A 145 -32.43 -3.62 4.75
CA GLY A 145 -33.71 -3.52 5.44
C GLY A 145 -34.78 -4.39 4.80
N VAL A 146 -34.75 -4.52 3.47
CA VAL A 146 -35.78 -5.30 2.79
C VAL A 146 -35.68 -6.77 3.15
N GLN A 147 -34.48 -7.27 3.41
CA GLN A 147 -34.33 -8.66 3.80
C GLN A 147 -35.09 -8.96 5.10
N GLN A 148 -35.01 -8.03 6.06
CA GLN A 148 -35.66 -8.23 7.35
C GLN A 148 -37.18 -8.36 7.21
N ALA A 149 -37.80 -7.50 6.42
CA ALA A 149 -39.25 -7.59 6.26
C ALA A 149 -39.64 -8.86 5.51
N LEU A 150 -38.90 -9.19 4.46
CA LEU A 150 -39.17 -10.40 3.68
C LEU A 150 -38.93 -11.66 4.51
N LEU A 151 -37.92 -11.63 5.38
CA LEU A 151 -37.58 -12.81 6.19
C LEU A 151 -38.77 -13.28 7.01
N LYS A 152 -39.51 -12.35 7.62
CA LYS A 152 -40.68 -12.75 8.39
C LYS A 152 -41.73 -13.40 7.49
N LEU A 153 -41.87 -12.89 6.27
CA LEU A 153 -42.83 -13.43 5.31
C LEU A 153 -42.53 -14.88 4.94
N ILE A 154 -41.26 -15.28 4.93
CA ILE A 154 -40.90 -16.62 4.49
C ILE A 154 -40.92 -17.61 5.65
N GLU A 155 -40.14 -17.34 6.71
CA GLU A 155 -40.11 -18.18 7.90
C GLU A 155 -41.52 -18.60 8.34
N GLY A 156 -42.43 -17.63 8.38
CA GLY A 156 -43.83 -17.85 8.70
C GLY A 156 -44.32 -16.89 9.75
N THR A 157 -45.41 -16.19 9.44
CA THR A 157 -46.00 -15.24 10.36
C THR A 157 -47.32 -14.75 9.79
N VAL A 158 -48.24 -14.39 10.67
CA VAL A 158 -49.53 -13.85 10.29
C VAL A 158 -49.40 -12.32 10.33
N ALA A 159 -49.86 -11.65 9.28
CA ALA A 159 -49.79 -10.20 9.18
C ALA A 159 -51.19 -9.60 9.24
N ALA A 160 -51.22 -8.27 9.31
CA ALA A 160 -52.46 -7.50 9.37
C ALA A 160 -52.58 -6.65 8.12
N VAL A 161 -53.61 -6.90 7.32
CA VAL A 161 -53.90 -6.15 6.11
C VAL A 161 -55.30 -5.58 6.26
N PRO A 162 -55.53 -4.28 6.06
CA PRO A 162 -56.88 -3.75 6.20
C PRO A 162 -57.74 -4.12 5.00
N PRO A 163 -58.85 -4.84 5.17
CA PRO A 163 -59.66 -5.18 4.00
C PRO A 163 -60.32 -3.93 3.43
N GLN A 164 -60.14 -3.73 2.14
CA GLN A 164 -60.65 -2.59 1.36
C GLN A 164 -59.90 -1.31 1.69
N GLY A 165 -58.76 -1.41 2.39
CA GLY A 165 -57.93 -0.27 2.74
C GLY A 165 -58.32 0.44 4.03
N GLY A 166 -59.43 0.05 4.67
CA GLY A 166 -59.85 0.67 5.91
C GLY A 166 -60.91 1.72 5.68
N ARG A 167 -62.12 1.52 6.21
CA ARG A 167 -63.16 2.52 6.00
C ARG A 167 -62.85 3.80 6.76
N GLN A 171 -62.68 1.96 13.23
CA GLN A 171 -62.92 0.53 12.97
C GLN A 171 -61.62 -0.26 13.10
N GLN A 172 -60.58 0.18 12.38
CA GLN A 172 -59.22 -0.39 12.44
C GLN A 172 -59.20 -1.93 12.47
N GLU A 173 -59.86 -2.53 11.48
CA GLU A 173 -59.92 -3.98 11.35
C GLU A 173 -58.95 -4.47 10.29
N PHE A 174 -58.29 -5.58 10.59
CA PHE A 174 -57.31 -6.20 9.72
C PHE A 174 -57.63 -7.68 9.56
N LEU A 175 -57.07 -8.27 8.51
CA LEU A 175 -57.25 -9.67 8.19
C LEU A 175 -55.97 -10.43 8.53
N GLN A 176 -56.10 -11.47 9.35
CA GLN A 176 -54.96 -12.26 9.80
C GLN A 176 -54.77 -13.47 8.89
N VAL A 177 -54.37 -13.17 7.66
CA VAL A 177 -54.14 -14.19 6.65
C VAL A 177 -52.77 -14.83 6.89
N ASP A 178 -52.76 -16.16 6.94
CA ASP A 178 -51.52 -16.89 7.14
C ASP A 178 -50.58 -16.64 5.96
N THR A 179 -49.30 -16.93 6.16
CA THR A 179 -48.27 -16.76 5.13
C THR A 179 -47.39 -17.99 4.95
N SER A 180 -47.30 -18.89 5.94
CA SER A 180 -46.46 -20.08 5.81
C SER A 180 -46.97 -21.01 4.72
N LYS A 181 -48.25 -20.92 4.36
CA LYS A 181 -48.81 -21.77 3.32
C LYS A 181 -48.59 -21.23 1.92
N ILE A 182 -48.27 -19.95 1.79
CA ILE A 182 -48.06 -19.34 0.47
C ILE A 182 -46.63 -19.63 0.02
N LEU A 183 -46.49 -19.95 -1.26
CA LEU A 183 -45.21 -20.23 -1.87
C LEU A 183 -44.54 -18.96 -2.35
N PHE A 184 -43.21 -18.97 -2.40
CA PHE A 184 -42.42 -17.83 -2.84
C PHE A 184 -41.34 -18.31 -3.79
N ILE A 185 -41.11 -17.54 -4.86
CA ILE A 185 -40.13 -17.84 -5.89
C ILE A 185 -39.21 -16.63 -6.00
N CYS A 186 -38.08 -16.68 -5.30
CA CYS A 186 -37.09 -15.60 -5.36
C CYS A 186 -36.17 -15.89 -6.53
N GLY A 187 -36.17 -15.00 -7.53
CA GLY A 187 -35.36 -15.19 -8.71
C GLY A 187 -34.90 -13.90 -9.34
N GLY A 188 -33.63 -13.87 -9.76
CA GLY A 188 -33.08 -12.68 -10.38
C GLY A 188 -31.65 -12.93 -10.83
N ALA A 189 -31.23 -12.27 -11.91
CA ALA A 189 -29.89 -12.49 -12.42
C ALA A 189 -28.87 -11.91 -11.43
N PHE A 190 -28.00 -12.78 -10.93
CA PHE A 190 -26.96 -12.38 -10.00
C PHE A 190 -25.70 -12.02 -10.79
N ALA A 191 -25.32 -10.75 -10.74
CA ALA A 191 -24.15 -10.26 -11.45
C ALA A 191 -22.93 -10.46 -10.57
N GLY A 192 -21.86 -10.99 -11.15
CA GLY A 192 -20.65 -11.26 -10.42
C GLY A 192 -20.64 -12.57 -9.65
N LEU A 193 -21.72 -13.34 -9.69
CA LEU A 193 -21.80 -14.62 -9.00
C LEU A 193 -20.94 -15.72 -9.61
N ASP A 194 -20.16 -15.43 -10.65
CA ASP A 194 -19.31 -16.43 -11.30
C ASP A 194 -17.88 -16.39 -10.79
N LYS A 195 -17.36 -15.20 -10.47
CA LYS A 195 -16.00 -15.10 -9.96
C LYS A 195 -15.88 -15.78 -8.60
N VAL A 196 -16.92 -15.65 -7.77
CA VAL A 196 -16.88 -16.26 -6.44
C VAL A 196 -16.88 -17.79 -6.56
N ILE A 197 -17.71 -18.32 -7.45
CA ILE A 197 -17.77 -19.76 -7.65
C ILE A 197 -16.49 -20.25 -8.31
N SER A 198 -15.87 -19.40 -9.13
CA SER A 198 -14.64 -19.78 -9.82
C SER A 198 -13.51 -20.06 -8.83
N HIS A 199 -13.40 -19.26 -7.78
CA HIS A 199 -12.33 -19.43 -6.81
C HIS A 199 -12.39 -20.81 -6.14
N ARG A 200 -13.59 -21.24 -5.76
CA ARG A 200 -13.74 -22.53 -5.09
C ARG A 200 -13.48 -23.70 -6.03
N VAL A 201 -14.10 -23.69 -7.21
CA VAL A 201 -13.99 -24.81 -8.13
C VAL A 201 -12.60 -24.89 -8.78
N GLU A 202 -11.99 -23.75 -9.10
CA GLU A 202 -10.70 -23.77 -9.79
C GLU A 202 -9.63 -24.48 -8.96
N THR A 203 -9.53 -24.15 -7.66
CA THR A 203 -8.56 -24.77 -6.75
C THR A 203 -7.12 -24.67 -7.27
N GLY A 204 -6.80 -23.56 -7.94
CA GLY A 204 -5.46 -23.38 -8.46
C GLY A 204 -5.24 -24.14 -9.75
N SER A 205 -4.01 -24.01 -10.27
CA SER A 205 -3.61 -24.68 -11.49
C SER A 205 -2.16 -25.13 -11.37
N GLY A 206 -1.87 -26.33 -11.89
CA GLY A 206 -0.52 -26.85 -11.85
C GLY A 206 0.41 -26.19 -12.84
N ILE A 207 1.71 -26.30 -12.57
CA ILE A 207 2.74 -25.71 -13.41
C ILE A 207 3.62 -26.75 -14.09
N GLY A 208 3.74 -27.97 -13.56
CA GLY A 208 4.63 -28.95 -14.14
C GLY A 208 4.09 -29.66 -15.37
N PHE A 209 4.90 -30.63 -15.82
CA PHE A 209 4.57 -31.41 -17.03
C PHE A 209 3.29 -32.22 -16.85
N GLY A 210 3.22 -33.02 -15.80
CA GLY A 210 2.07 -33.89 -15.62
C GLY A 210 0.78 -33.16 -15.31
N ALA A 211 0.85 -32.06 -14.58
CA ALA A 211 -0.34 -31.31 -14.24
C ALA A 211 -0.96 -30.68 -15.48
N THR A 212 -2.29 -30.66 -15.53
CA THR A 212 -3.02 -30.10 -16.65
C THR A 212 -3.20 -28.61 -16.46
N VAL A 213 -3.13 -27.87 -17.58
CA VAL A 213 -3.26 -26.42 -17.59
C VAL A 213 -4.60 -26.05 -18.23
N LYS A 214 -5.36 -25.21 -17.53
CA LYS A 214 -6.63 -24.75 -18.05
C LYS A 214 -6.43 -23.78 -19.21
N ALA A 215 -7.38 -23.76 -20.13
CA ALA A 215 -7.35 -22.89 -21.29
C ALA A 215 -8.01 -21.58 -20.92
N LYS A 216 -8.26 -20.70 -21.90
CA LYS A 216 -8.89 -19.42 -21.64
C LYS A 216 -10.22 -19.59 -20.91
N SER A 217 -11.08 -20.48 -21.41
CA SER A 217 -12.36 -20.75 -20.75
C SER A 217 -12.82 -22.14 -21.14
N ASP A 218 -12.76 -23.08 -20.18
CA ASP A 218 -13.21 -24.44 -20.37
C ASP A 218 -14.39 -24.76 -19.46
N LYS A 219 -14.25 -24.49 -18.17
CA LYS A 219 -15.31 -24.71 -17.18
C LYS A 219 -15.72 -23.42 -16.49
N ALA A 220 -15.19 -22.27 -16.92
CA ALA A 220 -15.51 -20.98 -16.32
C ALA A 220 -16.71 -20.31 -16.96
N SER A 221 -17.37 -20.97 -17.91
CA SER A 221 -18.54 -20.40 -18.55
C SER A 221 -19.72 -20.42 -17.59
N GLU A 222 -20.72 -19.60 -17.89
CA GLU A 222 -21.91 -19.53 -17.04
C GLU A 222 -22.59 -20.89 -16.94
N GLY A 223 -22.65 -21.62 -18.05
CA GLY A 223 -23.24 -22.94 -18.02
C GLY A 223 -22.32 -23.92 -17.32
N GLU A 224 -22.93 -24.78 -16.50
CA GLU A 224 -22.24 -25.81 -15.72
C GLU A 224 -21.46 -25.22 -14.54
N LEU A 225 -21.75 -23.97 -14.16
CA LEU A 225 -21.10 -23.29 -13.05
C LEU A 225 -22.03 -23.02 -11.89
N LEU A 226 -23.32 -22.81 -12.17
CA LEU A 226 -24.32 -22.54 -11.15
C LEU A 226 -24.88 -23.80 -10.54
N ALA A 227 -24.84 -24.92 -11.26
CA ALA A 227 -25.36 -26.18 -10.72
C ALA A 227 -24.59 -26.62 -9.48
N GLN A 228 -23.29 -26.35 -9.44
CA GLN A 228 -22.46 -26.71 -8.30
C GLN A 228 -22.42 -25.63 -7.24
N VAL A 229 -23.31 -24.64 -7.31
CA VAL A 229 -23.33 -23.58 -6.31
C VAL A 229 -23.71 -24.15 -4.95
N GLU A 230 -23.39 -23.38 -3.90
CA GLU A 230 -23.66 -23.76 -2.53
C GLU A 230 -24.21 -22.56 -1.79
N PRO A 231 -24.87 -22.76 -0.64
CA PRO A 231 -25.42 -21.61 0.08
C PRO A 231 -24.37 -20.66 0.62
N GLU A 232 -23.19 -21.16 1.01
CA GLU A 232 -22.17 -20.30 1.56
C GLU A 232 -21.64 -19.30 0.54
N ASP A 233 -21.71 -19.63 -0.76
CA ASP A 233 -21.22 -18.72 -1.78
C ASP A 233 -22.10 -17.46 -1.85
N LEU A 234 -23.41 -17.62 -1.67
CA LEU A 234 -24.32 -16.47 -1.72
C LEU A 234 -24.13 -15.54 -0.54
N ILE A 235 -23.60 -16.03 0.58
CA ILE A 235 -23.42 -15.18 1.76
C ILE A 235 -22.40 -14.09 1.46
N LYS A 236 -21.34 -14.43 0.72
CA LYS A 236 -20.32 -13.44 0.38
C LYS A 236 -20.87 -12.37 -0.57
N PHE A 237 -21.94 -12.67 -1.29
CA PHE A 237 -22.53 -11.68 -2.20
C PHE A 237 -23.18 -10.56 -1.43
N GLY A 238 -23.80 -10.87 -0.29
CA GLY A 238 -24.49 -9.87 0.50
C GLY A 238 -25.77 -10.37 1.13
N LEU A 239 -26.30 -11.49 0.66
CA LEU A 239 -27.55 -12.01 1.21
C LEU A 239 -27.33 -12.54 2.62
N ILE A 240 -28.44 -12.67 3.35
CA ILE A 240 -28.44 -13.15 4.73
C ILE A 240 -28.48 -14.67 4.72
N PRO A 241 -27.73 -15.37 5.58
CA PRO A 241 -27.81 -16.84 5.55
C PRO A 241 -29.18 -17.38 5.94
N GLU A 242 -29.87 -16.72 6.87
CA GLU A 242 -31.20 -17.17 7.28
C GLU A 242 -32.17 -17.12 6.12
N PHE A 243 -32.01 -16.13 5.23
CA PHE A 243 -32.90 -16.02 4.07
C PHE A 243 -32.67 -17.18 3.11
N ILE A 244 -31.41 -17.56 2.91
CA ILE A 244 -31.09 -18.67 2.02
C ILE A 244 -31.44 -20.00 2.67
N GLY A 245 -31.37 -20.08 4.00
CA GLY A 245 -31.69 -21.32 4.69
C GLY A 245 -33.11 -21.78 4.47
N ARG A 246 -34.04 -20.84 4.27
CA ARG A 246 -35.44 -21.17 4.05
C ARG A 246 -35.72 -21.62 2.61
N LEU A 247 -34.73 -21.62 1.73
CA LEU A 247 -34.90 -22.03 0.33
C LEU A 247 -33.83 -23.06 -0.02
N PRO A 248 -34.01 -24.32 0.40
CA PRO A 248 -33.00 -25.33 0.05
C PRO A 248 -32.98 -25.68 -1.43
N VAL A 249 -34.06 -25.41 -2.16
CA VAL A 249 -34.14 -25.73 -3.58
C VAL A 249 -33.48 -24.63 -4.39
N VAL A 250 -32.88 -25.02 -5.51
CA VAL A 250 -32.20 -24.11 -6.42
C VAL A 250 -32.47 -24.58 -7.85
N ALA A 251 -32.60 -23.63 -8.77
CA ALA A 251 -32.87 -23.92 -10.17
C ALA A 251 -31.85 -23.18 -11.03
N THR A 252 -31.04 -23.95 -11.77
CA THR A 252 -29.99 -23.41 -12.63
C THR A 252 -30.46 -23.47 -14.08
N LEU A 253 -30.44 -22.32 -14.76
CA LEU A 253 -30.88 -22.20 -16.14
C LEU A 253 -29.70 -21.93 -17.07
N ASN A 254 -29.65 -22.67 -18.17
CA ASN A 254 -28.60 -22.48 -19.16
C ASN A 254 -28.80 -21.16 -19.88
N GLU A 255 -27.71 -20.58 -20.38
CA GLU A 255 -27.78 -19.29 -21.05
C GLU A 255 -28.67 -19.36 -22.28
N LEU A 256 -28.31 -20.18 -23.26
CA LEU A 256 -29.07 -20.33 -24.49
C LEU A 256 -28.48 -21.47 -25.30
N SER A 257 -29.19 -21.83 -26.36
CA SER A 257 -28.76 -22.86 -27.30
C SER A 257 -28.96 -22.32 -28.70
N GLU A 258 -28.09 -22.77 -29.62
CA GLU A 258 -28.19 -22.29 -31.01
C GLU A 258 -29.49 -22.74 -31.66
N GLU A 259 -29.90 -23.99 -31.41
CA GLU A 259 -31.13 -24.50 -32.02
C GLU A 259 -32.37 -23.79 -31.50
N ALA A 260 -32.38 -23.39 -30.23
CA ALA A 260 -33.55 -22.73 -29.67
C ALA A 260 -33.80 -21.39 -30.33
N LEU A 261 -32.73 -20.68 -30.70
CA LEU A 261 -32.89 -19.39 -31.36
C LEU A 261 -33.63 -19.52 -32.68
N ILE A 262 -33.38 -20.61 -33.41
CA ILE A 262 -34.07 -20.83 -34.68
C ILE A 262 -35.54 -21.13 -34.44
N GLN A 263 -35.86 -21.82 -33.34
CA GLN A 263 -37.24 -22.16 -33.02
C GLN A 263 -38.01 -20.95 -32.51
N ILE A 264 -37.35 -20.06 -31.76
CA ILE A 264 -38.02 -18.90 -31.19
C ILE A 264 -38.54 -17.96 -32.28
N LEU A 265 -37.86 -17.93 -33.44
CA LEU A 265 -38.26 -17.07 -34.53
C LEU A 265 -39.30 -17.68 -35.47
N LYS A 266 -39.59 -18.98 -35.33
CA LYS A 266 -40.51 -19.69 -36.21
C LYS A 266 -41.77 -20.19 -35.51
N GLU A 267 -41.63 -20.91 -34.39
CA GLU A 267 -42.79 -21.50 -33.73
C GLU A 267 -43.62 -20.48 -32.95
N PRO A 268 -43.03 -19.62 -32.12
CA PRO A 268 -43.84 -18.65 -31.38
C PRO A 268 -44.56 -17.69 -32.30
N LYS A 269 -45.82 -17.40 -31.95
CA LYS A 269 -46.62 -16.47 -32.75
C LYS A 269 -46.07 -15.06 -32.67
N ASN A 270 -45.38 -14.73 -31.57
CA ASN A 270 -44.79 -13.40 -31.37
C ASN A 270 -43.35 -13.32 -31.86
N ALA A 271 -42.96 -14.17 -32.80
CA ALA A 271 -41.60 -14.14 -33.31
C ALA A 271 -41.34 -12.83 -34.04
N LEU A 272 -40.08 -12.40 -34.01
CA LEU A 272 -39.70 -11.14 -34.66
C LEU A 272 -39.92 -11.18 -36.16
N THR A 273 -39.71 -12.34 -36.79
CA THR A 273 -39.92 -12.46 -38.23
C THR A 273 -41.37 -12.16 -38.60
N LYS A 274 -42.31 -12.73 -37.83
CA LYS A 274 -43.73 -12.48 -38.11
C LYS A 274 -44.10 -11.03 -37.84
N GLN A 275 -43.41 -10.38 -36.90
CA GLN A 275 -43.70 -8.98 -36.58
C GLN A 275 -43.41 -8.09 -37.78
N TYR A 276 -42.20 -8.18 -38.33
CA TYR A 276 -41.84 -7.35 -39.47
C TYR A 276 -42.60 -7.75 -40.73
N GLN A 277 -43.06 -9.00 -40.81
CA GLN A 277 -43.84 -9.42 -41.98
C GLN A 277 -45.11 -8.60 -42.10
N ALA A 278 -45.84 -8.44 -40.99
CA ALA A 278 -47.05 -7.65 -41.02
C ALA A 278 -46.76 -6.17 -41.22
N LEU A 279 -45.56 -5.73 -40.83
CA LEU A 279 -45.19 -4.33 -41.02
C LEU A 279 -45.10 -3.97 -42.49
N PHE A 280 -44.74 -4.93 -43.34
CA PHE A 280 -44.64 -4.73 -44.78
C PHE A 280 -45.89 -5.17 -45.53
N ASN A 281 -46.69 -6.06 -44.95
CA ASN A 281 -47.90 -6.52 -45.63
C ASN A 281 -48.89 -5.38 -45.81
N LEU A 282 -48.93 -4.44 -44.86
CA LEU A 282 -49.83 -3.30 -44.99
C LEU A 282 -49.40 -2.40 -46.14
N GLU A 283 -48.10 -2.37 -46.45
CA GLU A 283 -47.56 -1.58 -47.54
C GLU A 283 -47.77 -2.22 -48.90
N GLY A 284 -48.28 -3.45 -48.96
CA GLY A 284 -48.48 -4.12 -50.23
C GLY A 284 -47.26 -4.85 -50.74
N VAL A 285 -46.39 -5.32 -49.85
CA VAL A 285 -45.17 -6.02 -50.22
C VAL A 285 -45.01 -7.23 -49.31
N ASP A 286 -44.45 -8.29 -49.87
CA ASP A 286 -44.21 -9.55 -49.18
C ASP A 286 -42.81 -9.57 -48.58
N LEU A 287 -42.60 -10.49 -47.64
CA LEU A 287 -41.33 -10.65 -46.97
C LEU A 287 -41.05 -12.14 -46.83
N GLU A 288 -39.76 -12.50 -46.78
CA GLU A 288 -39.35 -13.88 -46.66
C GLU A 288 -38.04 -13.96 -45.89
N PHE A 289 -37.85 -15.10 -45.21
CA PHE A 289 -36.63 -15.36 -44.45
C PHE A 289 -36.30 -16.83 -44.64
N ARG A 290 -35.19 -17.11 -45.32
CA ARG A 290 -34.78 -18.48 -45.55
C ARG A 290 -34.07 -19.04 -44.33
N ASP A 291 -33.99 -20.37 -44.26
CA ASP A 291 -33.37 -21.02 -43.11
C ASP A 291 -31.88 -20.71 -43.02
N GLU A 292 -31.22 -20.46 -44.16
CA GLU A 292 -29.81 -20.14 -44.12
C GLU A 292 -29.53 -18.82 -43.41
N ALA A 293 -30.52 -17.92 -43.36
CA ALA A 293 -30.38 -16.64 -42.69
C ALA A 293 -30.66 -16.74 -41.19
N LEU A 294 -31.49 -17.70 -40.78
CA LEU A 294 -31.83 -17.84 -39.37
C LEU A 294 -30.65 -18.35 -38.56
N ASP A 295 -30.03 -19.44 -39.01
CA ASP A 295 -28.90 -20.00 -38.26
C ASP A 295 -27.73 -19.01 -38.19
N ALA A 296 -27.54 -18.20 -39.23
CA ALA A 296 -26.47 -17.22 -39.20
C ALA A 296 -26.72 -16.18 -38.12
N ILE A 297 -27.98 -15.82 -37.89
CA ILE A 297 -28.32 -14.83 -36.88
C ILE A 297 -28.03 -15.36 -35.48
N ALA A 298 -28.21 -16.66 -35.25
CA ALA A 298 -27.98 -17.23 -33.93
C ALA A 298 -26.51 -17.13 -33.51
N LYS A 299 -25.60 -17.26 -34.47
CA LYS A 299 -24.18 -17.16 -34.14
C LYS A 299 -23.82 -15.76 -33.66
N LYS A 300 -24.41 -14.73 -34.27
CA LYS A 300 -24.14 -13.36 -33.87
C LYS A 300 -24.84 -13.00 -32.56
N ALA A 301 -25.98 -13.63 -32.28
CA ALA A 301 -26.71 -13.31 -31.05
C ALA A 301 -25.97 -13.80 -29.82
N MET A 302 -25.45 -15.02 -29.86
CA MET A 302 -24.73 -15.56 -28.70
C MET A 302 -23.46 -14.77 -28.42
N ALA A 303 -22.85 -14.18 -29.45
CA ALA A 303 -21.65 -13.39 -29.25
C ALA A 303 -21.93 -12.13 -28.46
N ARG A 304 -23.14 -11.56 -28.60
CA ARG A 304 -23.48 -10.35 -27.87
C ARG A 304 -23.67 -10.62 -26.38
N LYS A 305 -24.04 -11.84 -26.01
CA LYS A 305 -24.24 -12.22 -24.61
C LYS A 305 -25.32 -11.35 -23.96
N THR A 306 -26.47 -11.30 -24.62
CA THR A 306 -27.62 -10.53 -24.14
C THR A 306 -28.91 -11.33 -24.14
N GLY A 307 -28.99 -12.43 -24.87
CA GLY A 307 -30.17 -13.25 -24.92
C GLY A 307 -31.11 -12.86 -26.04
N ALA A 308 -32.33 -13.41 -25.95
CA ALA A 308 -33.34 -13.14 -26.95
C ALA A 308 -33.73 -11.66 -26.96
N ARG A 309 -33.57 -10.98 -25.83
CA ARG A 309 -33.91 -9.56 -25.75
C ARG A 309 -33.04 -8.73 -26.68
N GLY A 310 -31.78 -9.13 -26.87
CA GLY A 310 -30.86 -8.41 -27.74
C GLY A 310 -30.84 -8.96 -29.15
N LEU A 311 -31.90 -9.66 -29.54
CA LEU A 311 -31.97 -10.24 -30.87
C LEU A 311 -32.44 -9.24 -31.92
N ARG A 312 -33.29 -8.28 -31.52
CA ARG A 312 -33.79 -7.30 -32.48
C ARG A 312 -32.68 -6.42 -33.05
N SER A 313 -31.56 -6.28 -32.34
CA SER A 313 -30.46 -5.46 -32.84
C SER A 313 -29.89 -6.03 -34.14
N ILE A 314 -29.71 -7.35 -34.20
CA ILE A 314 -29.14 -7.98 -35.38
C ILE A 314 -30.10 -7.86 -36.56
N VAL A 315 -31.41 -7.89 -36.31
CA VAL A 315 -32.39 -7.84 -37.38
C VAL A 315 -32.45 -6.43 -37.98
N GLU A 316 -32.77 -5.44 -37.16
CA GLU A 316 -32.90 -4.08 -37.67
C GLU A 316 -31.58 -3.53 -38.19
N ALA A 317 -30.45 -4.01 -37.67
CA ALA A 317 -29.16 -3.54 -38.17
C ALA A 317 -28.95 -3.98 -39.61
N ALA A 318 -29.54 -5.11 -40.00
CA ALA A 318 -29.42 -5.63 -41.35
C ALA A 318 -30.47 -5.07 -42.30
N LEU A 319 -31.71 -4.89 -41.82
CA LEU A 319 -32.79 -4.38 -42.63
C LEU A 319 -32.89 -2.85 -42.60
N LEU A 320 -31.83 -2.17 -42.15
CA LEU A 320 -31.86 -0.71 -42.14
C LEU A 320 -31.93 -0.18 -43.57
N ASP A 321 -30.98 -0.59 -44.40
CA ASP A 321 -30.96 -0.17 -45.80
C ASP A 321 -32.17 -0.71 -46.54
N THR A 322 -32.56 -1.94 -46.22
CA THR A 322 -33.70 -2.58 -46.89
C THR A 322 -35.00 -1.83 -46.64
N MET A 323 -35.15 -1.24 -45.45
CA MET A 323 -36.37 -0.51 -45.11
C MET A 323 -36.30 0.95 -45.52
N TYR A 324 -35.12 1.57 -45.45
CA TYR A 324 -34.99 2.97 -45.83
C TYR A 324 -35.19 3.16 -47.33
N ASP A 325 -34.55 2.32 -48.14
CA ASP A 325 -34.67 2.42 -49.59
C ASP A 325 -36.04 2.00 -50.12
N LEU A 326 -36.68 1.03 -49.45
CA LEU A 326 -37.94 0.40 -49.85
C LEU A 326 -39.04 1.37 -50.31
N PRO A 327 -39.48 2.35 -49.51
CA PRO A 327 -40.56 3.24 -49.98
C PRO A 327 -40.32 3.88 -51.35
N SER A 328 -39.12 4.45 -51.57
CA SER A 328 -38.82 5.03 -52.88
C SER A 328 -38.92 3.98 -53.98
N MET A 329 -38.44 2.76 -53.70
CA MET A 329 -38.48 1.68 -54.66
C MET A 329 -39.91 1.31 -55.02
N GLU A 330 -40.13 1.01 -56.30
CA GLU A 330 -41.44 0.60 -56.80
C GLU A 330 -41.27 -0.64 -57.67
N ASP A 331 -42.35 -1.42 -57.78
CA ASP A 331 -42.43 -2.71 -58.45
C ASP A 331 -41.76 -3.83 -57.67
N VAL A 332 -41.44 -3.61 -56.39
CA VAL A 332 -40.78 -4.63 -55.56
C VAL A 332 -41.90 -5.42 -54.88
N GLU A 333 -42.37 -6.47 -55.56
CA GLU A 333 -43.44 -7.28 -55.02
C GLU A 333 -42.99 -8.10 -53.81
N LYS A 334 -41.80 -8.70 -53.88
CA LYS A 334 -41.27 -9.52 -52.80
C LYS A 334 -39.78 -9.25 -52.62
N VAL A 335 -39.32 -9.39 -51.38
CA VAL A 335 -37.91 -9.21 -51.01
C VAL A 335 -37.43 -10.51 -50.38
N VAL A 336 -36.27 -10.99 -50.81
CA VAL A 336 -35.66 -12.21 -50.31
C VAL A 336 -34.37 -11.86 -49.59
N ILE A 337 -34.17 -12.48 -48.43
CA ILE A 337 -32.99 -12.25 -47.59
C ILE A 337 -32.09 -13.48 -47.69
N ASP A 338 -30.91 -13.30 -48.26
CA ASP A 338 -29.93 -14.36 -48.38
C ASP A 338 -29.01 -14.38 -47.17
N GLU A 339 -28.24 -15.47 -47.03
CA GLU A 339 -27.30 -15.59 -45.92
C GLU A 339 -26.28 -14.46 -45.95
N SER A 340 -25.88 -14.04 -47.15
CA SER A 340 -24.91 -12.95 -47.29
C SER A 340 -25.43 -11.65 -46.68
N VAL A 341 -26.75 -11.45 -46.70
CA VAL A 341 -27.34 -10.23 -46.16
C VAL A 341 -26.97 -10.05 -44.69
N ILE A 342 -26.99 -11.13 -43.92
CA ILE A 342 -26.63 -11.04 -42.50
C ILE A 342 -25.20 -10.58 -42.35
N ASP A 343 -24.32 -11.05 -43.24
CA ASP A 343 -22.92 -10.62 -43.19
C ASP A 343 -22.80 -9.13 -43.46
N GLY A 344 -23.62 -8.61 -44.39
CA GLY A 344 -23.61 -7.21 -44.75
C GLY A 344 -22.80 -6.89 -45.99
N GLN A 345 -22.06 -7.87 -46.53
CA GLN A 345 -21.26 -7.61 -47.72
C GLN A 345 -22.12 -7.43 -48.96
N SER A 346 -23.17 -8.26 -49.09
CA SER A 346 -24.07 -8.23 -50.23
C SER A 346 -25.45 -7.77 -49.81
N GLU A 347 -26.04 -6.87 -50.60
CA GLU A 347 -27.36 -6.35 -50.33
C GLU A 347 -28.41 -7.42 -50.64
N PRO A 348 -29.59 -7.34 -50.01
CA PRO A 348 -30.63 -8.34 -50.30
C PRO A 348 -31.18 -8.20 -51.71
N LEU A 349 -31.52 -9.34 -52.30
CA LEU A 349 -32.04 -9.36 -53.66
C LEU A 349 -33.52 -8.97 -53.66
N LEU A 350 -33.92 -8.24 -54.69
CA LEU A 350 -35.28 -7.77 -54.87
C LEU A 350 -35.98 -8.59 -55.94
N ILE A 351 -37.26 -8.89 -55.71
CA ILE A 351 -38.08 -9.66 -56.64
C ILE A 351 -39.11 -8.73 -57.23
N TYR A 352 -39.16 -8.65 -58.55
CA TYR A 352 -40.10 -7.80 -59.27
C TYR A 352 -41.17 -8.63 -59.96
N SER B 1 -53.71 12.83 -46.16
CA SER B 1 -52.38 13.01 -46.74
C SER B 1 -51.57 11.72 -46.64
N ALA B 2 -50.29 11.82 -46.97
CA ALA B 2 -49.37 10.68 -46.92
C ALA B 2 -48.28 10.97 -45.90
N LEU B 3 -48.00 10.00 -45.04
CA LEU B 3 -46.98 10.16 -44.03
C LEU B 3 -45.61 10.32 -44.70
N PRO B 4 -44.73 11.23 -44.18
CA PRO B 4 -43.40 11.39 -44.81
C PRO B 4 -42.63 10.08 -44.94
N THR B 5 -41.63 10.08 -45.80
CA THR B 5 -40.81 8.91 -46.11
C THR B 5 -39.37 9.13 -45.66
N PRO B 6 -38.56 8.06 -45.62
CA PRO B 6 -37.17 8.23 -45.19
C PRO B 6 -36.37 9.18 -46.07
N HIS B 7 -36.66 9.22 -47.37
CA HIS B 7 -35.95 10.15 -48.24
C HIS B 7 -36.44 11.57 -48.04
N GLU B 8 -37.75 11.73 -47.82
CA GLU B 8 -38.32 13.06 -47.60
C GLU B 8 -37.94 13.59 -46.22
N ILE B 9 -37.97 12.73 -45.20
CA ILE B 9 -37.63 13.16 -43.85
C ILE B 9 -36.14 13.44 -43.74
N ARG B 10 -35.31 12.70 -44.48
CA ARG B 10 -33.87 12.91 -44.41
C ARG B 10 -33.48 14.18 -45.15
N ASN B 11 -34.19 14.51 -46.23
CA ASN B 11 -33.87 15.73 -46.97
C ASN B 11 -34.08 16.96 -46.10
N HIS B 12 -35.05 16.90 -45.17
CA HIS B 12 -35.27 18.02 -44.26
C HIS B 12 -34.16 18.10 -43.22
N LEU B 13 -33.71 16.96 -42.72
CA LEU B 13 -32.65 16.94 -41.73
C LEU B 13 -31.31 17.36 -42.34
N ASP B 14 -31.11 17.12 -43.63
CA ASP B 14 -29.86 17.49 -44.27
C ASP B 14 -29.65 19.00 -44.24
N ASP B 15 -30.73 19.77 -44.23
CA ASP B 15 -30.62 21.22 -44.17
C ASP B 15 -30.05 21.69 -42.84
N TYR B 16 -30.31 20.95 -41.76
CA TYR B 16 -29.85 21.31 -40.42
C TYR B 16 -28.72 20.44 -39.89
N VAL B 17 -28.44 19.29 -40.52
CA VAL B 17 -27.41 18.37 -40.06
C VAL B 17 -26.59 17.91 -41.27
N ILE B 18 -25.30 17.71 -41.05
CA ILE B 18 -24.37 17.29 -42.10
C ILE B 18 -23.41 16.25 -41.54
N GLY B 19 -23.04 15.29 -42.38
CA GLY B 19 -22.10 14.25 -42.01
C GLY B 19 -22.60 13.24 -41.01
N GLN B 20 -23.89 12.92 -41.05
CA GLN B 20 -24.50 11.95 -40.15
C GLN B 20 -25.38 10.99 -40.94
N GLU B 21 -24.86 10.50 -42.07
CA GLU B 21 -25.63 9.59 -42.92
C GLU B 21 -26.04 8.33 -42.17
N GLN B 22 -25.16 7.81 -41.30
CA GLN B 22 -25.50 6.61 -40.56
C GLN B 22 -26.60 6.87 -39.54
N ALA B 23 -26.51 7.99 -38.82
CA ALA B 23 -27.51 8.31 -37.81
C ALA B 23 -28.84 8.73 -38.42
N LYS B 24 -28.81 9.37 -39.59
CA LYS B 24 -30.03 9.84 -40.21
C LYS B 24 -30.90 8.67 -40.66
N LYS B 25 -30.30 7.61 -41.18
CA LYS B 25 -31.06 6.46 -41.63
C LYS B 25 -31.72 5.74 -40.45
N VAL B 26 -31.07 5.75 -39.29
CA VAL B 26 -31.62 5.05 -38.12
C VAL B 26 -32.87 5.76 -37.62
N LEU B 27 -32.81 7.09 -37.47
CA LEU B 27 -33.97 7.81 -36.99
C LEU B 27 -35.11 7.78 -38.01
N ALA B 28 -34.79 7.72 -39.30
CA ALA B 28 -35.84 7.68 -40.31
C ALA B 28 -36.65 6.39 -40.24
N VAL B 29 -35.98 5.25 -40.08
CA VAL B 29 -36.69 3.98 -40.00
C VAL B 29 -37.53 3.91 -38.72
N ALA B 30 -37.00 4.46 -37.63
CA ALA B 30 -37.73 4.42 -36.37
C ALA B 30 -39.00 5.25 -36.43
N VAL B 31 -38.88 6.51 -36.88
CA VAL B 31 -40.06 7.36 -36.98
C VAL B 31 -41.03 6.80 -38.00
N TYR B 32 -40.50 6.25 -39.10
CA TYR B 32 -41.36 5.65 -40.12
C TYR B 32 -42.11 4.46 -39.54
N ASN B 33 -41.39 3.55 -38.88
CA ASN B 33 -42.03 2.38 -38.29
C ASN B 33 -43.00 2.76 -37.18
N HIS B 34 -42.76 3.89 -36.51
CA HIS B 34 -43.65 4.31 -35.44
C HIS B 34 -45.02 4.66 -36.00
N TYR B 35 -45.06 5.36 -37.13
CA TYR B 35 -46.34 5.73 -37.74
C TYR B 35 -47.09 4.50 -38.23
N LYS B 36 -46.38 3.56 -38.87
CA LYS B 36 -47.02 2.34 -39.33
C LYS B 36 -47.51 1.53 -38.15
N ARG B 37 -46.71 1.47 -37.07
CA ARG B 37 -47.12 0.75 -35.87
C ARG B 37 -48.31 1.43 -35.21
N LEU B 38 -48.47 2.74 -35.41
CA LEU B 38 -49.57 3.48 -34.83
C LEU B 38 -50.82 3.39 -35.71
N ARG B 39 -50.64 3.19 -37.01
CA ARG B 39 -51.79 3.09 -37.91
C ARG B 39 -52.69 1.93 -37.55
N ASN B 40 -52.14 0.86 -36.99
CA ASN B 40 -52.90 -0.31 -36.59
C ASN B 40 -53.39 -0.12 -35.16
N GLY B 41 -54.70 0.10 -35.00
CA GLY B 41 -55.29 0.29 -33.70
C GLY B 41 -55.63 -1.02 -33.04
N ASP B 42 -54.61 -1.86 -32.83
CA ASP B 42 -54.69 -3.18 -32.22
C ASP B 42 -55.29 -4.22 -33.16
N THR B 43 -55.42 -3.90 -34.45
CA THR B 43 -55.95 -4.81 -35.46
C THR B 43 -54.85 -5.40 -36.35
N SER B 44 -53.58 -5.14 -36.04
CA SER B 44 -52.48 -5.67 -36.83
C SER B 44 -52.48 -7.19 -36.78
N ASN B 45 -52.17 -7.80 -37.93
CA ASN B 45 -52.10 -9.25 -37.99
C ASN B 45 -51.03 -9.79 -37.03
N GLY B 46 -49.89 -9.11 -36.98
CA GLY B 46 -48.84 -9.55 -36.06
C GLY B 46 -49.30 -9.44 -34.62
N VAL B 47 -48.98 -10.48 -33.84
CA VAL B 47 -49.35 -10.57 -32.44
C VAL B 47 -48.17 -10.06 -31.61
N GLU B 48 -48.42 -9.05 -30.78
CA GLU B 48 -47.40 -8.50 -29.90
C GLU B 48 -46.23 -7.90 -30.71
N LEU B 49 -46.58 -6.96 -31.60
CA LEU B 49 -45.57 -6.31 -32.43
C LEU B 49 -44.48 -5.70 -31.55
N GLY B 50 -43.24 -5.82 -32.02
CA GLY B 50 -42.11 -5.32 -31.27
C GLY B 50 -41.88 -3.83 -31.40
N LYS B 51 -41.09 -3.34 -30.44
CA LYS B 51 -40.66 -1.95 -30.38
C LYS B 51 -39.14 -1.95 -30.50
N SER B 52 -38.59 -0.84 -31.00
CA SER B 52 -37.14 -0.74 -31.19
C SER B 52 -36.68 0.67 -30.80
N ASN B 53 -36.04 0.76 -29.65
CA ASN B 53 -35.50 2.01 -29.17
C ASN B 53 -34.20 2.31 -29.91
N ILE B 54 -33.62 3.48 -29.66
CA ILE B 54 -32.38 3.90 -30.29
C ILE B 54 -31.44 4.40 -29.22
N LEU B 55 -30.16 4.12 -29.39
CA LEU B 55 -29.10 4.51 -28.45
C LEU B 55 -28.06 5.29 -29.24
N LEU B 56 -28.16 6.61 -29.21
CA LEU B 56 -27.21 7.45 -29.93
C LEU B 56 -25.93 7.60 -29.10
N ILE B 57 -24.79 7.49 -29.78
CA ILE B 57 -23.49 7.64 -29.15
C ILE B 57 -22.59 8.35 -30.14
N GLY B 58 -21.90 9.40 -29.69
CA GLY B 58 -21.03 10.15 -30.54
C GLY B 58 -20.09 11.04 -29.76
N PRO B 59 -19.14 11.68 -30.45
CA PRO B 59 -18.22 12.59 -29.75
C PRO B 59 -18.91 13.85 -29.28
N THR B 60 -18.16 14.74 -28.65
CA THR B 60 -18.73 15.99 -28.16
C THR B 60 -19.08 16.92 -29.32
N GLY B 61 -20.25 17.54 -29.23
CA GLY B 61 -20.69 18.46 -30.26
C GLY B 61 -20.88 17.83 -31.62
N SER B 62 -21.18 16.52 -31.66
CA SER B 62 -21.36 15.83 -32.93
C SER B 62 -22.71 16.13 -33.58
N GLY B 63 -23.71 16.53 -32.79
CA GLY B 63 -25.04 16.85 -33.31
C GLY B 63 -26.16 16.01 -32.73
N LYS B 64 -25.95 15.43 -31.55
CA LYS B 64 -26.99 14.62 -30.93
C LYS B 64 -28.17 15.49 -30.50
N THR B 65 -27.88 16.53 -29.71
CA THR B 65 -28.94 17.43 -29.26
C THR B 65 -29.60 18.14 -30.43
N LEU B 66 -28.86 18.37 -31.51
CA LEU B 66 -29.43 19.06 -32.66
C LEU B 66 -30.46 18.20 -33.37
N LEU B 67 -30.24 16.89 -33.43
CA LEU B 67 -31.19 16.02 -34.11
C LEU B 67 -32.51 15.95 -33.37
N ALA B 68 -32.46 15.88 -32.03
CA ALA B 68 -33.70 15.82 -31.25
C ALA B 68 -34.50 17.11 -31.38
N GLU B 69 -33.82 18.25 -31.50
CA GLU B 69 -34.53 19.52 -31.62
C GLU B 69 -35.16 19.66 -33.00
N THR B 70 -34.39 19.37 -34.05
CA THR B 70 -34.91 19.47 -35.41
C THR B 70 -36.00 18.44 -35.68
N LEU B 71 -35.92 17.28 -35.02
CA LEU B 71 -36.91 16.23 -35.24
C LEU B 71 -38.29 16.66 -34.76
N ALA B 72 -38.35 17.34 -33.61
CA ALA B 72 -39.64 17.75 -33.06
C ALA B 72 -40.36 18.75 -33.95
N ARG B 73 -39.62 19.52 -34.74
CA ARG B 73 -40.25 20.50 -35.63
C ARG B 73 -41.06 19.80 -36.71
N LEU B 74 -40.47 18.81 -37.36
CA LEU B 74 -41.14 18.07 -38.41
C LEU B 74 -42.04 16.96 -37.86
N LEU B 75 -41.83 16.53 -36.63
CA LEU B 75 -42.62 15.46 -36.02
C LEU B 75 -43.98 15.98 -35.61
N ASP B 76 -45.04 15.25 -35.98
CA ASP B 76 -46.40 15.64 -35.63
C ASP B 76 -46.77 15.14 -34.24
N VAL B 77 -46.46 13.89 -33.93
CA VAL B 77 -46.75 13.29 -32.63
C VAL B 77 -46.00 14.08 -31.56
N PRO B 78 -46.29 13.91 -30.27
CA PRO B 78 -45.58 14.68 -29.26
C PRO B 78 -44.15 14.19 -29.05
N PHE B 79 -43.32 15.11 -28.58
CA PHE B 79 -41.90 14.84 -28.34
C PHE B 79 -41.48 15.56 -27.06
N THR B 80 -40.52 14.97 -26.35
CA THR B 80 -39.99 15.53 -25.12
C THR B 80 -38.48 15.41 -25.11
N MET B 81 -37.85 16.33 -24.37
CA MET B 81 -36.39 16.38 -24.23
C MET B 81 -36.11 16.37 -22.72
N ALA B 82 -35.98 15.17 -22.16
CA ALA B 82 -35.73 15.00 -20.74
C ALA B 82 -34.23 14.90 -20.45
N ASP B 83 -33.90 14.73 -19.17
CA ASP B 83 -32.53 14.58 -18.70
C ASP B 83 -32.53 13.71 -17.46
N ALA B 84 -31.51 12.86 -17.33
CA ALA B 84 -31.35 12.01 -16.17
C ALA B 84 -30.49 12.64 -15.08
N THR B 85 -30.19 13.95 -15.21
CA THR B 85 -29.37 14.64 -14.23
C THR B 85 -30.04 14.72 -12.87
N THR B 86 -31.34 15.03 -12.84
CA THR B 86 -32.07 15.26 -11.60
C THR B 86 -32.85 14.05 -11.09
N LEU B 87 -33.01 13.00 -11.88
CA LEU B 87 -33.80 11.85 -11.43
C LEU B 87 -33.17 11.18 -10.21
N THR B 88 -34.01 10.93 -9.21
CA THR B 88 -33.63 10.28 -7.95
C THR B 88 -34.47 9.03 -7.79
N GLU B 89 -33.80 7.88 -7.67
CA GLU B 89 -34.49 6.60 -7.54
C GLU B 89 -35.14 6.45 -6.17
N ALA B 90 -36.18 5.61 -6.13
CA ALA B 90 -36.95 5.28 -4.93
C ALA B 90 -37.84 6.44 -4.47
N GLY B 91 -38.25 7.29 -5.40
CA GLY B 91 -39.13 8.40 -5.09
C GLY B 91 -38.64 9.31 -3.99
N TYR B 92 -37.37 9.71 -4.05
CA TYR B 92 -36.83 10.58 -3.03
C TYR B 92 -37.32 12.02 -3.26
N VAL B 93 -37.06 12.87 -2.27
CA VAL B 93 -37.48 14.27 -2.32
C VAL B 93 -36.93 14.98 -3.55
N GLY B 94 -35.80 14.54 -4.07
CA GLY B 94 -35.21 15.21 -5.22
C GLY B 94 -36.03 15.22 -6.50
N GLU B 95 -36.38 14.06 -7.03
CA GLU B 95 -37.15 13.98 -8.27
C GLU B 95 -37.61 12.54 -8.45
N ASP B 96 -38.57 12.34 -9.36
CA ASP B 96 -39.08 11.03 -9.70
C ASP B 96 -39.13 10.89 -11.22
N VAL B 97 -39.10 9.63 -11.67
CA VAL B 97 -39.12 9.33 -13.10
C VAL B 97 -40.40 9.82 -13.75
N GLU B 98 -41.51 9.85 -13.02
CA GLU B 98 -42.79 10.26 -13.59
C GLU B 98 -42.80 11.71 -14.05
N ASN B 99 -41.84 12.54 -13.62
CA ASN B 99 -41.81 13.94 -14.06
C ASN B 99 -41.64 14.06 -15.57
N ILE B 100 -40.95 13.09 -16.19
CA ILE B 100 -40.75 13.13 -17.63
C ILE B 100 -42.07 13.03 -18.37
N ILE B 101 -43.00 12.23 -17.83
CA ILE B 101 -44.29 12.03 -18.47
C ILE B 101 -45.16 13.28 -18.33
N GLN B 102 -45.12 13.93 -17.17
CA GLN B 102 -45.95 15.12 -16.99
C GLN B 102 -45.56 16.23 -17.95
N LYS B 103 -44.29 16.34 -18.31
CA LYS B 103 -43.89 17.34 -19.27
C LYS B 103 -44.46 17.04 -20.64
N LEU B 104 -44.62 15.76 -20.96
CA LEU B 104 -45.18 15.36 -22.26
C LEU B 104 -46.63 15.77 -22.39
N LEU B 105 -47.37 15.81 -21.28
CA LEU B 105 -48.78 16.19 -21.34
C LEU B 105 -48.95 17.65 -21.73
N GLN B 106 -47.95 18.49 -21.42
CA GLN B 106 -48.04 19.91 -21.79
C GLN B 106 -48.14 20.06 -23.30
N LYS B 107 -47.40 19.23 -24.05
CA LYS B 107 -47.45 19.27 -25.50
C LYS B 107 -48.68 18.56 -26.04
N SER B 108 -49.16 17.54 -25.32
CA SER B 108 -50.33 16.76 -25.69
C SER B 108 -51.61 17.30 -25.08
N ASP B 109 -51.51 18.23 -24.13
CA ASP B 109 -52.67 18.83 -23.47
C ASP B 109 -53.55 17.79 -22.77
N TYR B 110 -52.91 17.03 -21.89
CA TYR B 110 -53.56 16.00 -21.07
C TYR B 110 -54.43 15.07 -21.92
N ASP B 111 -53.78 14.38 -22.84
CA ASP B 111 -54.42 13.44 -23.75
C ASP B 111 -53.64 12.13 -23.67
N VAL B 112 -54.21 11.15 -22.96
CA VAL B 112 -53.54 9.87 -22.77
C VAL B 112 -53.40 9.12 -24.09
N GLN B 113 -54.49 9.06 -24.86
CA GLN B 113 -54.43 8.35 -26.13
C GLN B 113 -53.45 9.02 -27.09
N LYS B 114 -53.31 10.34 -27.01
CA LYS B 114 -52.36 11.07 -27.84
C LYS B 114 -50.96 11.05 -27.27
N ALA B 115 -50.81 10.76 -25.98
CA ALA B 115 -49.51 10.72 -25.33
C ALA B 115 -48.81 9.39 -25.49
N GLN B 116 -49.55 8.28 -25.54
CA GLN B 116 -48.93 6.97 -25.69
C GLN B 116 -48.22 6.84 -27.03
N ARG B 117 -48.65 7.60 -28.03
CA ARG B 117 -48.02 7.60 -29.35
C ARG B 117 -46.92 8.64 -29.46
N GLY B 118 -46.37 9.11 -28.33
CA GLY B 118 -45.32 10.10 -28.32
C GLY B 118 -43.93 9.49 -28.38
N ILE B 119 -42.95 10.37 -28.55
CA ILE B 119 -41.54 9.99 -28.62
C ILE B 119 -40.83 10.64 -27.44
N VAL B 120 -39.81 9.96 -26.93
CA VAL B 120 -39.05 10.42 -25.77
C VAL B 120 -37.57 10.43 -26.12
N TYR B 121 -36.87 11.45 -25.66
CA TYR B 121 -35.43 11.61 -25.85
C TYR B 121 -34.79 11.94 -24.51
N ILE B 122 -33.65 11.30 -24.22
CA ILE B 122 -32.92 11.53 -22.98
C ILE B 122 -31.45 11.72 -23.30
N ASP B 123 -30.85 12.71 -22.65
CA ASP B 123 -29.43 13.04 -22.78
C ASP B 123 -28.68 12.72 -21.50
N GLN B 124 -27.36 12.57 -21.64
CA GLN B 124 -26.47 12.33 -20.51
C GLN B 124 -26.79 11.02 -19.79
N ILE B 125 -27.08 9.98 -20.56
CA ILE B 125 -27.39 8.68 -19.98
C ILE B 125 -26.17 8.06 -19.29
N ASP B 126 -24.95 8.48 -19.67
CA ASP B 126 -23.73 7.95 -19.07
C ASP B 126 -23.54 8.35 -17.62
N LYS B 127 -24.28 9.35 -17.14
CA LYS B 127 -24.13 9.84 -15.77
C LYS B 127 -24.46 8.79 -14.71
N ILE B 128 -25.22 7.76 -15.05
CA ILE B 128 -25.64 6.75 -14.09
C ILE B 128 -24.84 5.45 -14.24
N SER B 129 -23.66 5.51 -14.84
CA SER B 129 -22.83 4.32 -15.00
C SER B 129 -21.99 4.05 -13.77
N ARG B 130 -21.72 2.76 -13.52
CA ARG B 130 -20.92 2.30 -12.38
C ARG B 130 -19.53 1.92 -12.88
N LYS B 131 -18.60 2.88 -12.77
CA LYS B 131 -17.22 2.72 -13.22
C LYS B 131 -16.52 1.50 -12.61
N SER B 132 -15.66 0.87 -13.42
CA SER B 132 -14.79 -0.26 -13.08
C SER B 132 -15.53 -1.57 -12.82
N ASP B 133 -16.75 -1.72 -13.35
CA ASP B 133 -17.52 -2.98 -13.27
C ASP B 133 -17.62 -3.53 -11.84
N ASN B 134 -17.98 -2.66 -10.90
CA ASN B 134 -18.21 -3.04 -9.50
C ASN B 134 -19.68 -2.72 -9.29
N PRO B 135 -20.57 -3.66 -8.83
CA PRO B 135 -21.98 -3.27 -8.73
C PRO B 135 -22.20 -2.12 -7.75
N SER B 136 -21.74 -2.27 -6.51
CA SER B 136 -21.76 -1.17 -5.55
C SER B 136 -21.12 -1.66 -4.26
N ILE B 137 -20.68 -0.71 -3.44
CA ILE B 137 -20.25 -0.99 -2.07
C ILE B 137 -20.97 -0.02 -1.14
N THR B 138 -21.57 1.03 -1.71
CA THR B 138 -22.35 2.05 -1.02
C THR B 138 -23.50 2.39 -1.96
N ARG B 139 -24.74 2.30 -1.46
CA ARG B 139 -25.88 2.58 -2.33
C ARG B 139 -25.81 4.00 -2.88
N ASP B 140 -26.08 4.12 -4.18
CA ASP B 140 -26.03 5.38 -4.92
C ASP B 140 -27.39 5.67 -5.52
N VAL B 141 -27.90 6.87 -5.27
CA VAL B 141 -29.22 7.27 -5.77
C VAL B 141 -29.20 7.47 -7.28
N SER B 142 -28.12 8.05 -7.81
CA SER B 142 -28.01 8.37 -9.23
C SER B 142 -27.19 7.38 -10.03
N GLY B 143 -26.79 6.25 -9.43
CA GLY B 143 -25.97 5.28 -10.14
C GLY B 143 -26.74 4.10 -10.69
N GLU B 144 -26.52 2.92 -10.12
CA GLU B 144 -27.18 1.71 -10.59
C GLU B 144 -28.67 1.72 -10.30
N GLY B 145 -29.10 2.41 -9.24
CA GLY B 145 -30.50 2.41 -8.89
C GLY B 145 -31.41 3.01 -9.95
N VAL B 146 -31.01 4.14 -10.54
CA VAL B 146 -31.86 4.78 -11.54
C VAL B 146 -32.01 3.89 -12.76
N GLN B 147 -31.00 3.08 -13.07
CA GLN B 147 -31.13 2.15 -14.19
C GLN B 147 -32.26 1.17 -13.94
N GLN B 148 -32.41 0.72 -12.69
CA GLN B 148 -33.49 -0.21 -12.35
C GLN B 148 -34.85 0.42 -12.60
N ALA B 149 -35.00 1.70 -12.26
CA ALA B 149 -36.27 2.39 -12.50
C ALA B 149 -36.54 2.50 -14.00
N LEU B 150 -35.49 2.75 -14.79
CA LEU B 150 -35.65 2.86 -16.22
C LEU B 150 -36.12 1.56 -16.84
N LEU B 151 -35.66 0.43 -16.30
CA LEU B 151 -36.04 -0.88 -16.85
C LEU B 151 -37.55 -1.05 -16.89
N LYS B 152 -38.25 -0.69 -15.81
CA LYS B 152 -39.70 -0.81 -15.81
C LYS B 152 -40.31 0.17 -16.81
N LEU B 153 -39.76 1.39 -16.87
CA LEU B 153 -40.27 2.42 -17.77
C LEU B 153 -40.22 2.00 -19.23
N ILE B 154 -39.28 1.14 -19.59
CA ILE B 154 -39.11 0.69 -20.97
C ILE B 154 -39.66 -0.73 -21.08
N GLU B 155 -40.20 -1.02 -22.26
CA GLU B 155 -40.83 -2.27 -22.71
C GLU B 155 -42.24 -2.44 -22.15
N GLY B 156 -42.75 -1.51 -21.33
CA GLY B 156 -44.12 -1.57 -20.85
C GLY B 156 -44.32 -1.60 -19.35
N THR B 157 -45.12 -0.68 -18.82
CA THR B 157 -45.44 -0.67 -17.39
C THR B 157 -46.53 0.35 -17.14
N VAL B 158 -47.08 0.29 -15.93
CA VAL B 158 -48.11 1.20 -15.45
C VAL B 158 -47.44 2.34 -14.70
N ALA B 159 -47.89 3.57 -14.96
CA ALA B 159 -47.34 4.72 -14.26
C ALA B 159 -48.45 5.72 -13.99
N ALA B 160 -48.23 6.55 -12.96
CA ALA B 160 -49.19 7.56 -12.53
C ALA B 160 -48.54 8.94 -12.55
N VAL B 161 -49.27 9.93 -13.05
CA VAL B 161 -48.81 11.32 -13.10
C VAL B 161 -49.88 12.22 -12.49
N PRO B 162 -49.53 13.28 -11.76
CA PRO B 162 -50.59 14.18 -11.25
C PRO B 162 -51.27 14.89 -12.42
N PRO B 163 -52.57 14.69 -12.63
CA PRO B 163 -53.17 15.36 -13.81
C PRO B 163 -53.20 16.87 -13.72
N GLN B 164 -53.73 17.44 -12.63
CA GLN B 164 -53.81 18.89 -12.46
C GLN B 164 -53.02 19.47 -11.29
N GLY B 165 -53.25 18.94 -10.09
CA GLY B 165 -52.65 19.44 -8.87
C GLY B 165 -52.13 18.41 -7.89
N GLY B 166 -50.87 18.55 -7.47
CA GLY B 166 -50.31 17.59 -6.52
C GLY B 166 -50.84 17.76 -5.10
N HIS B 169 -55.56 18.94 -4.09
CA HIS B 169 -56.44 17.87 -3.64
C HIS B 169 -55.54 16.72 -3.19
N PRO B 170 -55.94 15.96 -2.15
CA PRO B 170 -55.03 14.91 -1.65
C PRO B 170 -54.72 13.82 -2.65
N GLN B 171 -55.71 13.29 -3.37
CA GLN B 171 -55.48 12.22 -4.34
C GLN B 171 -55.44 12.74 -5.78
N GLN B 172 -56.46 13.50 -6.18
CA GLN B 172 -56.58 14.13 -7.49
C GLN B 172 -56.85 13.14 -8.63
N GLU B 173 -57.20 11.88 -8.33
CA GLU B 173 -57.51 10.91 -9.38
C GLU B 173 -56.41 10.76 -10.43
N PHE B 174 -55.22 10.31 -10.01
CA PHE B 174 -54.11 10.18 -10.94
C PHE B 174 -54.46 9.28 -12.12
N LEU B 175 -53.98 9.69 -13.30
CA LEU B 175 -54.21 8.99 -14.55
C LEU B 175 -53.16 7.92 -14.80
N GLN B 176 -53.61 6.79 -15.35
CA GLN B 176 -52.73 5.67 -15.69
C GLN B 176 -52.48 5.72 -17.19
N VAL B 177 -51.20 5.67 -17.59
CA VAL B 177 -50.80 5.74 -18.99
C VAL B 177 -49.80 4.65 -19.29
N ASP B 178 -50.08 3.87 -20.33
CA ASP B 178 -49.18 2.80 -20.76
C ASP B 178 -47.93 3.38 -21.39
N THR B 179 -46.86 2.59 -21.39
CA THR B 179 -45.57 3.00 -21.94
C THR B 179 -44.92 1.97 -22.85
N SER B 180 -45.57 0.83 -23.10
CA SER B 180 -44.95 -0.20 -23.94
C SER B 180 -44.81 0.25 -25.39
N LYS B 181 -45.71 1.13 -25.86
CA LYS B 181 -45.64 1.61 -27.24
C LYS B 181 -44.83 2.88 -27.41
N ILE B 182 -44.55 3.62 -26.34
CA ILE B 182 -43.79 4.86 -26.45
C ILE B 182 -42.35 4.55 -26.82
N LEU B 183 -41.81 5.33 -27.74
CA LEU B 183 -40.42 5.18 -28.18
C LEU B 183 -39.52 6.00 -27.27
N PHE B 184 -38.27 5.54 -27.12
CA PHE B 184 -37.30 6.19 -26.26
C PHE B 184 -35.95 6.25 -26.95
N ILE B 185 -35.34 7.44 -26.95
CA ILE B 185 -34.04 7.70 -27.56
C ILE B 185 -33.11 8.17 -26.46
N CYS B 186 -32.34 7.25 -25.88
CA CYS B 186 -31.40 7.58 -24.81
C CYS B 186 -30.00 7.58 -25.40
N GLY B 187 -29.40 8.76 -25.48
CA GLY B 187 -28.07 8.90 -26.03
C GLY B 187 -27.26 10.02 -25.42
N GLY B 188 -25.98 9.77 -25.19
CA GLY B 188 -25.09 10.75 -24.59
C GLY B 188 -23.66 10.41 -24.90
N ALA B 189 -22.82 11.44 -25.01
CA ALA B 189 -21.41 11.25 -25.32
C ALA B 189 -20.73 10.58 -24.14
N PHE B 190 -20.36 9.32 -24.30
CA PHE B 190 -19.73 8.57 -23.22
C PHE B 190 -18.27 8.95 -23.05
N ALA B 191 -17.85 9.07 -21.79
CA ALA B 191 -16.49 9.40 -21.42
C ALA B 191 -15.79 8.15 -20.92
N GLY B 192 -14.58 7.91 -21.41
CA GLY B 192 -13.82 6.75 -21.00
C GLY B 192 -14.24 5.46 -21.68
N LEU B 193 -15.17 5.50 -22.63
CA LEU B 193 -15.60 4.29 -23.32
C LEU B 193 -14.46 3.73 -24.17
N ASP B 194 -13.86 4.59 -25.00
CA ASP B 194 -12.73 4.21 -25.85
C ASP B 194 -11.68 3.37 -25.13
N LYS B 195 -11.43 3.66 -23.86
CA LYS B 195 -10.45 2.90 -23.11
C LYS B 195 -10.90 1.46 -22.90
N VAL B 196 -12.20 1.27 -22.62
CA VAL B 196 -12.72 -0.08 -22.41
C VAL B 196 -12.65 -0.88 -23.71
N ILE B 197 -13.03 -0.27 -24.83
CA ILE B 197 -13.00 -0.96 -26.11
C ILE B 197 -11.56 -1.21 -26.53
N SER B 198 -10.64 -0.31 -26.16
CA SER B 198 -9.24 -0.48 -26.53
C SER B 198 -8.65 -1.74 -25.92
N HIS B 199 -8.99 -2.02 -24.65
CA HIS B 199 -8.45 -3.19 -23.98
C HIS B 199 -8.83 -4.48 -24.70
N ARG B 200 -10.04 -4.53 -25.24
CA ARG B 200 -10.52 -5.73 -25.92
C ARG B 200 -9.81 -5.94 -27.26
N VAL B 201 -9.92 -4.98 -28.17
CA VAL B 201 -9.35 -5.15 -29.50
C VAL B 201 -7.83 -4.98 -29.59
N GLU B 202 -7.20 -4.24 -28.66
CA GLU B 202 -5.75 -4.06 -28.75
C GLU B 202 -5.01 -5.39 -28.56
N THR B 203 -5.48 -6.25 -27.65
CA THR B 203 -4.88 -7.56 -27.36
C THR B 203 -3.58 -7.43 -26.58
N GLY B 204 -3.40 -6.32 -25.86
CA GLY B 204 -2.21 -6.05 -25.11
C GLY B 204 -1.13 -5.40 -25.97
N SER B 205 -0.05 -4.98 -25.29
CA SER B 205 1.08 -4.31 -25.93
C SER B 205 2.36 -5.02 -25.48
N GLY B 206 2.75 -6.06 -26.21
CA GLY B 206 3.96 -6.77 -25.86
C GLY B 206 5.19 -5.91 -26.10
N ILE B 207 6.17 -6.04 -25.20
CA ILE B 207 7.41 -5.26 -25.28
C ILE B 207 8.43 -5.85 -26.24
N GLY B 208 8.24 -7.09 -26.69
CA GLY B 208 9.22 -7.73 -27.54
C GLY B 208 9.23 -7.23 -28.98
N PHE B 209 10.06 -7.90 -29.77
CA PHE B 209 10.24 -7.54 -31.18
C PHE B 209 8.97 -7.77 -31.99
N GLY B 210 8.39 -8.96 -31.91
CA GLY B 210 7.23 -9.28 -32.70
C GLY B 210 5.97 -8.53 -32.30
N ALA B 211 5.80 -8.26 -31.02
CA ALA B 211 4.59 -7.57 -30.57
C ALA B 211 4.56 -6.14 -31.10
N THR B 212 3.36 -5.68 -31.42
CA THR B 212 3.17 -4.32 -31.92
C THR B 212 3.32 -3.29 -30.81
N VAL B 213 4.18 -2.30 -31.04
CA VAL B 213 4.38 -1.19 -30.10
C VAL B 213 4.19 0.08 -30.90
N LYS B 214 2.97 0.61 -30.88
CA LYS B 214 2.58 1.82 -31.60
C LYS B 214 1.74 2.68 -30.67
N ALA B 215 2.07 3.97 -30.57
CA ALA B 215 1.28 4.85 -29.72
C ALA B 215 1.16 6.25 -30.30
N LYS B 216 -0.07 6.78 -30.24
CA LYS B 216 -0.48 8.12 -30.64
C LYS B 216 -0.56 8.35 -32.15
N SER B 217 -0.15 7.38 -32.96
CA SER B 217 -0.27 7.48 -34.42
C SER B 217 -1.22 6.45 -34.99
N ASP B 218 -1.00 5.18 -34.69
CA ASP B 218 -1.80 4.06 -35.14
C ASP B 218 -3.11 3.90 -34.38
N LYS B 219 -3.22 4.50 -33.18
CA LYS B 219 -4.42 4.32 -32.37
C LYS B 219 -5.67 4.73 -33.12
N ALA B 220 -6.73 3.96 -32.93
CA ALA B 220 -7.99 4.19 -33.60
C ALA B 220 -8.61 5.51 -33.19
N SER B 221 -9.37 6.09 -34.13
CA SER B 221 -10.07 7.33 -33.88
C SER B 221 -11.31 7.06 -33.03
N GLU B 222 -11.86 8.13 -32.46
CA GLU B 222 -13.03 7.99 -31.61
C GLU B 222 -14.19 7.36 -32.39
N GLY B 223 -14.44 7.86 -33.60
CA GLY B 223 -15.52 7.32 -34.40
C GLY B 223 -15.36 5.85 -34.73
N GLU B 224 -14.12 5.43 -35.05
CA GLU B 224 -13.87 4.03 -35.38
C GLU B 224 -14.17 3.12 -34.20
N LEU B 225 -13.74 3.52 -33.00
CA LEU B 225 -13.98 2.71 -31.81
C LEU B 225 -15.47 2.53 -31.56
N LEU B 226 -16.26 3.60 -31.72
CA LEU B 226 -17.69 3.54 -31.49
C LEU B 226 -18.35 2.53 -32.42
N ALA B 227 -17.96 2.51 -33.69
CA ALA B 227 -18.56 1.57 -34.64
C ALA B 227 -18.34 0.13 -34.21
N GLN B 228 -17.12 -0.18 -33.75
CA GLN B 228 -16.77 -1.52 -33.31
C GLN B 228 -17.46 -1.94 -32.01
N VAL B 229 -18.09 -1.02 -31.29
CA VAL B 229 -18.69 -1.35 -30.00
C VAL B 229 -19.77 -2.43 -30.11
N GLU B 230 -19.91 -3.20 -29.03
CA GLU B 230 -20.88 -4.27 -28.88
C GLU B 230 -21.49 -4.16 -27.48
N PRO B 231 -22.61 -4.82 -27.19
CA PRO B 231 -23.19 -4.71 -25.85
C PRO B 231 -22.28 -5.24 -24.75
N GLU B 232 -21.47 -6.27 -25.02
CA GLU B 232 -20.60 -6.81 -23.99
C GLU B 232 -19.56 -5.79 -23.53
N ASP B 233 -19.17 -4.85 -24.40
CA ASP B 233 -18.20 -3.83 -24.01
C ASP B 233 -18.79 -2.86 -23.00
N LEU B 234 -20.08 -2.56 -23.11
CA LEU B 234 -20.72 -1.63 -22.19
C LEU B 234 -20.83 -2.20 -20.79
N ILE B 235 -20.77 -3.52 -20.62
CA ILE B 235 -20.89 -4.11 -19.29
C ILE B 235 -19.69 -3.72 -18.44
N LYS B 236 -18.48 -3.78 -19.01
CA LYS B 236 -17.30 -3.37 -18.26
C LYS B 236 -17.31 -1.87 -17.99
N PHE B 237 -18.01 -1.11 -18.83
CA PHE B 237 -18.11 0.33 -18.62
C PHE B 237 -18.90 0.65 -17.37
N GLY B 238 -19.96 -0.11 -17.11
CA GLY B 238 -20.82 0.09 -15.96
C GLY B 238 -22.28 -0.14 -16.27
N LEU B 239 -22.65 -0.11 -17.55
CA LEU B 239 -24.04 -0.32 -17.91
C LEU B 239 -24.46 -1.76 -17.59
N ILE B 240 -25.72 -1.92 -17.21
CA ILE B 240 -26.26 -3.23 -16.86
C ILE B 240 -26.70 -3.89 -18.16
N PRO B 241 -26.55 -5.21 -18.34
CA PRO B 241 -26.98 -5.80 -19.62
C PRO B 241 -28.48 -5.71 -19.82
N GLU B 242 -29.26 -5.75 -18.72
CA GLU B 242 -30.71 -5.63 -18.83
C GLU B 242 -31.10 -4.33 -19.48
N PHE B 243 -30.45 -3.24 -19.09
CA PHE B 243 -30.75 -1.93 -19.67
C PHE B 243 -30.39 -1.87 -21.14
N ILE B 244 -29.28 -2.51 -21.52
CA ILE B 244 -28.86 -2.47 -22.92
C ILE B 244 -29.80 -3.30 -23.78
N GLY B 245 -30.39 -4.35 -23.24
CA GLY B 245 -31.33 -5.15 -24.01
C GLY B 245 -32.52 -4.36 -24.47
N ARG B 246 -32.94 -3.36 -23.69
CA ARG B 246 -34.07 -2.52 -24.04
C ARG B 246 -33.77 -1.58 -25.20
N LEU B 247 -32.50 -1.42 -25.58
CA LEU B 247 -32.08 -0.53 -26.67
C LEU B 247 -31.32 -1.36 -27.69
N PRO B 248 -32.01 -2.09 -28.58
CA PRO B 248 -31.27 -2.91 -29.55
C PRO B 248 -30.54 -2.07 -30.59
N VAL B 249 -31.17 -1.03 -31.13
CA VAL B 249 -30.53 -0.21 -32.15
C VAL B 249 -29.46 0.67 -31.50
N VAL B 250 -28.38 0.88 -32.24
CA VAL B 250 -27.26 1.69 -31.78
C VAL B 250 -26.76 2.51 -32.96
N ALA B 251 -26.53 3.81 -32.75
CA ALA B 251 -26.04 4.71 -33.78
C ALA B 251 -24.71 5.27 -33.32
N THR B 252 -23.68 5.06 -34.14
CA THR B 252 -22.32 5.50 -33.88
C THR B 252 -22.02 6.70 -34.78
N LEU B 253 -21.99 7.89 -34.21
CA LEU B 253 -21.74 9.09 -35.00
C LEU B 253 -20.25 9.29 -35.17
N ASN B 254 -19.86 9.79 -36.33
CA ASN B 254 -18.46 10.03 -36.66
C ASN B 254 -18.00 11.38 -36.15
N GLU B 255 -16.68 11.53 -36.09
CA GLU B 255 -16.07 12.78 -35.66
C GLU B 255 -16.14 13.78 -36.82
N LEU B 256 -16.19 15.06 -36.47
CA LEU B 256 -16.29 16.12 -37.47
C LEU B 256 -14.97 16.23 -38.22
N SER B 257 -14.95 15.74 -39.45
CA SER B 257 -13.75 15.80 -40.28
C SER B 257 -13.48 17.26 -40.67
N GLU B 258 -12.36 17.47 -41.35
CA GLU B 258 -11.99 18.82 -41.77
C GLU B 258 -12.97 19.36 -42.80
N GLU B 259 -13.24 18.60 -43.86
CA GLU B 259 -14.17 19.05 -44.88
C GLU B 259 -15.59 19.14 -44.34
N ALA B 260 -15.92 18.33 -43.33
CA ALA B 260 -17.27 18.36 -42.77
C ALA B 260 -17.56 19.70 -42.10
N LEU B 261 -16.57 20.28 -41.41
CA LEU B 261 -16.78 21.56 -40.75
C LEU B 261 -17.00 22.68 -41.74
N ILE B 262 -16.34 22.61 -42.91
CA ILE B 262 -16.49 23.68 -43.90
C ILE B 262 -17.92 23.72 -44.41
N GLN B 263 -18.54 22.54 -44.61
CA GLN B 263 -19.92 22.51 -45.08
C GLN B 263 -20.89 23.00 -44.02
N ILE B 264 -20.58 22.76 -42.75
CA ILE B 264 -21.48 23.17 -41.67
C ILE B 264 -21.55 24.69 -41.57
N LEU B 265 -20.50 25.40 -41.97
CA LEU B 265 -20.50 26.85 -41.87
C LEU B 265 -21.20 27.56 -43.00
N LYS B 266 -21.46 26.88 -44.13
CA LYS B 266 -22.10 27.49 -45.29
C LYS B 266 -23.49 26.94 -45.61
N GLU B 267 -23.62 25.62 -45.75
CA GLU B 267 -24.90 25.05 -46.16
C GLU B 267 -26.01 25.20 -45.12
N PRO B 268 -25.79 24.90 -43.85
CA PRO B 268 -26.89 25.03 -42.87
C PRO B 268 -27.42 26.45 -42.75
N LYS B 269 -28.73 26.54 -42.49
CA LYS B 269 -29.39 27.82 -42.33
C LYS B 269 -28.91 28.54 -41.07
N ASN B 270 -28.73 27.78 -39.98
CA ASN B 270 -28.33 28.32 -38.69
C ASN B 270 -26.81 28.33 -38.51
N ALA B 271 -26.05 28.34 -39.60
CA ALA B 271 -24.60 28.35 -39.49
C ALA B 271 -24.11 29.65 -38.87
N LEU B 272 -22.95 29.59 -38.21
CA LEU B 272 -22.40 30.76 -37.55
C LEU B 272 -22.07 31.87 -38.54
N THR B 273 -21.66 31.52 -39.76
CA THR B 273 -21.35 32.55 -40.75
C THR B 273 -22.57 33.41 -41.05
N LYS B 274 -23.75 32.78 -41.16
CA LYS B 274 -24.96 33.54 -41.41
C LYS B 274 -25.40 34.30 -40.17
N GLN B 275 -25.04 33.79 -38.97
CA GLN B 275 -25.41 34.45 -37.73
C GLN B 275 -24.68 35.78 -37.61
N TYR B 276 -23.35 35.76 -37.70
CA TYR B 276 -22.58 36.99 -37.60
C TYR B 276 -22.89 37.93 -38.75
N GLN B 277 -23.23 37.37 -39.93
CA GLN B 277 -23.60 38.20 -41.06
C GLN B 277 -24.83 39.03 -40.74
N ALA B 278 -25.76 38.45 -39.99
CA ALA B 278 -26.98 39.16 -39.60
C ALA B 278 -26.72 40.15 -38.47
N LEU B 279 -25.70 39.89 -37.65
CA LEU B 279 -25.39 40.80 -36.56
C LEU B 279 -24.93 42.15 -37.09
N PHE B 280 -24.19 42.15 -38.20
CA PHE B 280 -23.70 43.36 -38.82
C PHE B 280 -24.67 43.94 -39.84
N ASN B 281 -25.69 43.18 -40.25
CA ASN B 281 -26.65 43.72 -41.22
C ASN B 281 -27.40 44.90 -40.64
N LEU B 282 -27.75 44.84 -39.36
CA LEU B 282 -28.44 45.95 -38.72
C LEU B 282 -27.53 47.17 -38.61
N GLU B 283 -26.23 46.95 -38.51
CA GLU B 283 -25.25 48.04 -38.42
C GLU B 283 -24.90 48.64 -39.77
N GLY B 284 -25.52 48.20 -40.85
CA GLY B 284 -25.20 48.74 -42.16
C GLY B 284 -23.81 48.35 -42.64
N VAL B 285 -23.35 47.16 -42.24
CA VAL B 285 -22.03 46.66 -42.61
C VAL B 285 -22.17 45.20 -43.04
N ASP B 286 -21.47 44.85 -44.11
CA ASP B 286 -21.51 43.51 -44.67
C ASP B 286 -20.34 42.70 -44.10
N LEU B 287 -20.30 41.42 -44.43
CA LEU B 287 -19.25 40.53 -43.96
C LEU B 287 -18.95 39.49 -45.02
N GLU B 288 -17.73 38.97 -44.99
CA GLU B 288 -17.27 37.97 -45.94
C GLU B 288 -16.38 36.97 -45.24
N PHE B 289 -16.40 35.74 -45.73
CA PHE B 289 -15.57 34.65 -45.19
C PHE B 289 -15.14 33.81 -46.39
N ARG B 290 -13.91 34.02 -46.83
CA ARG B 290 -13.38 33.30 -47.97
C ARG B 290 -13.09 31.85 -47.61
N ASP B 291 -13.00 31.01 -48.63
CA ASP B 291 -12.75 29.58 -48.40
C ASP B 291 -11.39 29.34 -47.77
N GLU B 292 -10.40 30.18 -48.07
CA GLU B 292 -9.07 29.98 -47.49
C GLU B 292 -9.09 30.18 -45.98
N ALA B 293 -10.02 30.98 -45.46
CA ALA B 293 -10.11 31.19 -44.03
C ALA B 293 -10.76 30.02 -43.31
N LEU B 294 -11.71 29.36 -43.97
CA LEU B 294 -12.41 28.24 -43.34
C LEU B 294 -11.51 27.01 -43.26
N ASP B 295 -10.60 26.84 -44.20
CA ASP B 295 -9.71 25.69 -44.16
C ASP B 295 -8.79 25.76 -42.94
N ALA B 296 -8.31 26.97 -42.61
CA ALA B 296 -7.46 27.12 -41.45
C ALA B 296 -8.25 26.96 -40.16
N ILE B 297 -9.49 27.41 -40.15
CA ILE B 297 -10.32 27.31 -38.95
C ILE B 297 -10.62 25.86 -38.62
N ALA B 298 -10.79 25.02 -39.65
CA ALA B 298 -11.10 23.62 -39.40
C ALA B 298 -9.93 22.91 -38.71
N LYS B 299 -8.69 23.21 -39.13
CA LYS B 299 -7.54 22.58 -38.50
C LYS B 299 -7.39 23.01 -37.05
N LYS B 300 -7.80 24.24 -36.73
CA LYS B 300 -7.71 24.72 -35.35
C LYS B 300 -8.78 24.12 -34.46
N ALA B 301 -9.97 23.85 -35.03
CA ALA B 301 -11.05 23.29 -34.22
C ALA B 301 -10.74 21.87 -33.79
N MET B 302 -10.25 21.03 -34.72
CA MET B 302 -9.93 19.66 -34.35
C MET B 302 -8.83 19.60 -33.31
N ALA B 303 -7.93 20.59 -33.31
CA ALA B 303 -6.86 20.61 -32.32
C ALA B 303 -7.40 20.80 -30.91
N ARG B 304 -8.51 21.52 -30.77
CA ARG B 304 -9.11 21.76 -29.46
C ARG B 304 -9.78 20.52 -28.89
N LYS B 305 -10.15 19.56 -29.72
CA LYS B 305 -10.81 18.33 -29.26
C LYS B 305 -12.11 18.67 -28.54
N THR B 306 -12.93 19.51 -29.17
CA THR B 306 -14.20 19.95 -28.61
C THR B 306 -15.38 19.83 -29.55
N GLY B 307 -15.15 19.74 -30.86
CA GLY B 307 -16.23 19.60 -31.82
C GLY B 307 -16.66 20.94 -32.40
N ALA B 308 -17.84 20.92 -33.02
CA ALA B 308 -18.38 22.13 -33.63
C ALA B 308 -18.70 23.19 -32.59
N ARG B 309 -19.02 22.78 -31.36
CA ARG B 309 -19.35 23.75 -30.33
C ARG B 309 -18.14 24.59 -29.94
N GLY B 310 -16.93 24.10 -30.16
CA GLY B 310 -15.74 24.86 -29.85
C GLY B 310 -15.26 25.68 -31.02
N LEU B 311 -16.14 25.92 -32.01
CA LEU B 311 -15.76 26.71 -33.17
C LEU B 311 -15.90 28.20 -32.91
N ARG B 312 -16.84 28.60 -32.05
CA ARG B 312 -17.01 30.02 -31.76
C ARG B 312 -15.79 30.62 -31.08
N SER B 313 -15.02 29.78 -30.38
CA SER B 313 -13.82 30.27 -29.71
C SER B 313 -12.82 30.83 -30.71
N ILE B 314 -12.75 30.23 -31.90
CA ILE B 314 -11.81 30.68 -32.91
C ILE B 314 -12.35 31.92 -33.63
N VAL B 315 -13.65 31.98 -33.86
CA VAL B 315 -14.24 33.12 -34.56
C VAL B 315 -14.21 34.36 -33.70
N GLU B 316 -14.79 34.28 -32.49
CA GLU B 316 -14.86 35.44 -31.62
C GLU B 316 -13.47 35.90 -31.19
N ALA B 317 -12.50 34.99 -31.10
CA ALA B 317 -11.16 35.38 -30.71
C ALA B 317 -10.49 36.20 -31.80
N ALA B 318 -10.86 35.98 -33.06
CA ALA B 318 -10.27 36.72 -34.16
C ALA B 318 -10.96 38.05 -34.40
N LEU B 319 -12.29 38.07 -34.32
CA LEU B 319 -13.07 39.29 -34.55
C LEU B 319 -13.27 40.11 -33.27
N LEU B 320 -12.48 39.84 -32.23
CA LEU B 320 -12.61 40.59 -30.99
C LEU B 320 -12.23 42.06 -31.21
N ASP B 321 -11.10 42.29 -31.87
CA ASP B 321 -10.65 43.66 -32.13
C ASP B 321 -11.63 44.41 -33.01
N THR B 322 -12.14 43.77 -34.07
CA THR B 322 -13.07 44.41 -34.98
C THR B 322 -14.36 44.80 -34.25
N MET B 323 -14.94 43.87 -33.50
CA MET B 323 -16.20 44.14 -32.80
C MET B 323 -16.04 45.27 -31.79
N TYR B 324 -14.89 45.31 -31.09
CA TYR B 324 -14.68 46.35 -30.10
C TYR B 324 -14.63 47.73 -30.73
N ASP B 325 -13.96 47.85 -31.89
CA ASP B 325 -13.81 49.12 -32.58
C ASP B 325 -14.75 49.27 -33.78
N LEU B 326 -15.71 48.37 -33.97
CA LEU B 326 -16.61 48.50 -35.11
C LEU B 326 -17.62 49.62 -34.90
N PRO B 327 -18.43 49.65 -33.82
CA PRO B 327 -19.40 50.74 -33.68
C PRO B 327 -18.76 52.12 -33.67
N SER B 328 -17.59 52.26 -33.05
CA SER B 328 -16.92 53.56 -33.04
C SER B 328 -16.56 53.99 -34.45
N MET B 329 -16.13 53.06 -35.30
CA MET B 329 -15.77 53.37 -36.67
C MET B 329 -17.01 53.79 -37.46
N GLU B 330 -16.79 54.66 -38.44
CA GLU B 330 -17.85 55.19 -39.28
C GLU B 330 -17.49 55.00 -40.75
N ASP B 331 -18.51 55.03 -41.60
CA ASP B 331 -18.37 54.87 -43.03
C ASP B 331 -17.69 53.54 -43.38
N VAL B 332 -18.10 52.49 -42.70
CA VAL B 332 -17.60 51.13 -42.91
C VAL B 332 -18.74 50.33 -43.52
N GLU B 333 -18.57 49.88 -44.77
CA GLU B 333 -19.62 49.16 -45.48
C GLU B 333 -19.33 47.67 -45.69
N LYS B 334 -18.11 47.21 -45.50
CA LYS B 334 -17.82 45.80 -45.70
C LYS B 334 -16.55 45.41 -44.96
N VAL B 335 -16.53 44.17 -44.48
CA VAL B 335 -15.41 43.60 -43.74
C VAL B 335 -15.01 42.29 -44.40
N VAL B 336 -13.70 42.10 -44.57
CA VAL B 336 -13.15 40.88 -45.19
C VAL B 336 -12.18 40.26 -44.21
N ILE B 337 -12.30 38.95 -44.01
CA ILE B 337 -11.46 38.17 -43.11
C ILE B 337 -10.58 37.25 -43.95
N ASP B 338 -9.27 37.39 -43.81
CA ASP B 338 -8.31 36.57 -44.52
C ASP B 338 -7.81 35.44 -43.64
N GLU B 339 -7.03 34.54 -44.24
CA GLU B 339 -6.48 33.41 -43.50
C GLU B 339 -5.50 33.88 -42.44
N SER B 340 -4.71 34.91 -42.74
CA SER B 340 -3.73 35.42 -41.78
C SER B 340 -4.41 35.97 -40.54
N VAL B 341 -5.62 36.54 -40.70
CA VAL B 341 -6.34 37.12 -39.57
C VAL B 341 -6.59 36.07 -38.49
N ILE B 342 -6.87 34.83 -38.90
CA ILE B 342 -7.15 33.77 -37.93
C ILE B 342 -5.91 33.49 -37.09
N ASP B 343 -4.74 33.43 -37.72
CA ASP B 343 -3.52 33.16 -36.97
C ASP B 343 -3.17 34.31 -36.04
N GLY B 344 -3.58 35.53 -36.37
CA GLY B 344 -3.31 36.70 -35.58
C GLY B 344 -2.18 37.56 -36.08
N GLN B 345 -1.47 37.11 -37.13
CA GLN B 345 -0.36 37.88 -37.66
C GLN B 345 -0.83 39.19 -38.31
N SER B 346 -1.97 39.13 -39.00
CA SER B 346 -2.53 40.27 -39.70
C SER B 346 -3.79 40.77 -38.99
N GLU B 347 -4.34 41.85 -39.53
CA GLU B 347 -5.53 42.53 -39.03
C GLU B 347 -6.63 42.45 -40.09
N PRO B 348 -7.90 42.22 -39.71
CA PRO B 348 -8.95 42.13 -40.73
C PRO B 348 -9.10 43.43 -41.51
N LEU B 349 -9.25 43.27 -42.83
CA LEU B 349 -9.39 44.41 -43.73
C LEU B 349 -10.80 44.99 -43.66
N LEU B 350 -10.90 46.28 -43.92
CA LEU B 350 -12.16 47.00 -43.93
C LEU B 350 -12.26 47.78 -45.23
N ILE B 351 -13.49 48.02 -45.66
CA ILE B 351 -13.77 48.75 -46.90
C ILE B 351 -14.73 49.88 -46.59
N TYR B 352 -14.35 51.10 -46.95
CA TYR B 352 -15.15 52.29 -46.73
C TYR B 352 -15.93 52.63 -47.99
N GLY B 353 -16.90 53.53 -47.83
CA GLY B 353 -17.73 53.96 -48.94
C GLY B 353 -18.34 55.33 -48.73
N ALA C 2 -29.86 56.08 -26.37
CA ALA C 2 -29.45 54.98 -27.23
C ALA C 2 -28.70 53.93 -26.42
N LEU C 3 -28.20 52.91 -27.10
CA LEU C 3 -27.47 51.83 -26.45
C LEU C 3 -26.02 52.26 -26.18
N PRO C 4 -25.31 51.55 -25.30
CA PRO C 4 -23.92 51.91 -25.02
C PRO C 4 -23.01 51.35 -26.10
N THR C 5 -21.71 51.56 -25.92
CA THR C 5 -20.70 51.11 -26.86
C THR C 5 -19.53 50.51 -26.10
N PRO C 6 -18.68 49.73 -26.77
CA PRO C 6 -17.52 49.16 -26.05
C PRO C 6 -16.59 50.20 -25.48
N HIS C 7 -16.41 51.32 -26.18
CA HIS C 7 -15.55 52.38 -25.68
C HIS C 7 -16.14 53.04 -24.45
N GLU C 8 -17.46 53.21 -24.42
CA GLU C 8 -18.10 53.85 -23.28
C GLU C 8 -18.16 52.91 -22.08
N ILE C 9 -18.53 51.65 -22.30
CA ILE C 9 -18.59 50.71 -21.19
C ILE C 9 -17.19 50.43 -20.66
N ARG C 10 -16.17 50.44 -21.53
CA ARG C 10 -14.81 50.19 -21.06
C ARG C 10 -14.29 51.37 -20.27
N ASN C 11 -14.67 52.58 -20.66
CA ASN C 11 -14.23 53.77 -19.92
C ASN C 11 -14.77 53.74 -18.49
N HIS C 12 -15.94 53.14 -18.29
CA HIS C 12 -16.52 53.06 -16.96
C HIS C 12 -15.77 52.04 -16.10
N LEU C 13 -15.48 50.88 -16.68
CA LEU C 13 -14.77 49.84 -15.93
C LEU C 13 -13.35 50.25 -15.60
N ASP C 14 -12.73 51.11 -16.43
CA ASP C 14 -11.38 51.55 -16.15
C ASP C 14 -11.31 52.35 -14.86
N ASP C 15 -12.41 53.03 -14.51
CA ASP C 15 -12.44 53.80 -13.27
C ASP C 15 -12.33 52.91 -12.04
N TYR C 16 -12.82 51.68 -12.12
CA TYR C 16 -12.80 50.74 -11.02
C TYR C 16 -11.78 49.61 -11.19
N VAL C 17 -11.25 49.40 -12.38
CA VAL C 17 -10.29 48.34 -12.65
C VAL C 17 -9.12 48.92 -13.43
N ILE C 18 -7.91 48.46 -13.11
CA ILE C 18 -6.68 48.93 -13.74
C ILE C 18 -5.82 47.74 -14.11
N GLY C 19 -5.09 47.87 -15.22
CA GLY C 19 -4.17 46.84 -15.65
C GLY C 19 -4.76 45.59 -16.24
N GLN C 20 -5.94 45.66 -16.85
CA GLN C 20 -6.57 44.50 -17.48
C GLN C 20 -7.14 44.99 -18.82
N GLU C 21 -6.34 44.86 -19.87
CA GLU C 21 -6.73 45.30 -21.20
C GLU C 21 -7.58 44.26 -21.92
N GLN C 22 -7.06 43.04 -22.04
CA GLN C 22 -7.76 41.99 -22.77
C GLN C 22 -9.05 41.56 -22.07
N ALA C 23 -9.08 41.59 -20.74
CA ALA C 23 -10.28 41.16 -20.03
C ALA C 23 -11.44 42.12 -20.28
N LYS C 24 -11.18 43.42 -20.29
CA LYS C 24 -12.25 44.38 -20.50
C LYS C 24 -12.83 44.29 -21.91
N LYS C 25 -12.00 43.91 -22.88
CA LYS C 25 -12.48 43.81 -24.27
C LYS C 25 -13.49 42.69 -24.44
N VAL C 26 -13.26 41.55 -23.77
CA VAL C 26 -14.15 40.42 -23.91
C VAL C 26 -15.53 40.72 -23.33
N LEU C 27 -15.56 41.30 -22.14
CA LEU C 27 -16.84 41.60 -21.49
C LEU C 27 -17.61 42.69 -22.25
N ALA C 28 -16.91 43.66 -22.83
CA ALA C 28 -17.59 44.72 -23.56
C ALA C 28 -18.27 44.18 -24.81
N VAL C 29 -17.58 43.31 -25.56
CA VAL C 29 -18.17 42.75 -26.76
C VAL C 29 -19.34 41.85 -26.42
N ALA C 30 -19.23 41.08 -25.33
CA ALA C 30 -20.31 40.18 -24.95
C ALA C 30 -21.57 40.96 -24.55
N VAL C 31 -21.40 41.97 -23.69
CA VAL C 31 -22.55 42.78 -23.27
C VAL C 31 -23.10 43.55 -24.46
N TYR C 32 -22.22 44.11 -25.28
CA TYR C 32 -22.66 44.85 -26.46
C TYR C 32 -23.36 43.94 -27.45
N ASN C 33 -22.98 42.67 -27.50
CA ASN C 33 -23.60 41.71 -28.40
C ASN C 33 -24.86 41.09 -27.81
N HIS C 34 -25.00 41.10 -26.47
CA HIS C 34 -26.19 40.53 -25.87
C HIS C 34 -27.43 41.33 -26.22
N TYR C 35 -27.31 42.66 -26.25
CA TYR C 35 -28.45 43.49 -26.63
C TYR C 35 -28.84 43.26 -28.07
N LYS C 36 -27.86 42.97 -28.93
CA LYS C 36 -28.12 42.73 -30.34
C LYS C 36 -28.88 41.43 -30.56
N ARG C 37 -28.49 40.38 -29.86
CA ARG C 37 -29.13 39.08 -30.02
C ARG C 37 -30.59 39.13 -29.59
N LEU C 38 -30.86 39.69 -28.41
CA LEU C 38 -32.24 39.75 -27.93
C LEU C 38 -33.07 40.71 -28.77
N ARG C 39 -32.50 41.84 -29.18
CA ARG C 39 -33.24 42.80 -29.99
C ARG C 39 -33.60 42.20 -31.35
N ASN C 40 -32.71 41.37 -31.91
CA ASN C 40 -32.92 40.73 -33.19
C ASN C 40 -33.69 39.41 -33.08
N GLY C 41 -34.06 38.99 -31.87
CA GLY C 41 -34.77 37.74 -31.69
C GLY C 41 -36.18 37.84 -32.22
N ASP C 42 -36.53 36.97 -33.18
CA ASP C 42 -37.84 36.88 -33.85
C ASP C 42 -38.03 37.96 -34.90
N THR C 43 -37.02 38.79 -35.18
CA THR C 43 -37.09 39.84 -36.18
C THR C 43 -36.01 39.72 -37.25
N SER C 44 -35.01 38.87 -37.06
CA SER C 44 -33.92 38.66 -38.00
C SER C 44 -34.11 37.34 -38.73
N ASN C 45 -33.86 37.35 -40.04
CA ASN C 45 -34.02 36.13 -40.82
C ASN C 45 -33.01 35.06 -40.43
N GLY C 46 -31.88 35.46 -39.84
CA GLY C 46 -30.89 34.51 -39.37
C GLY C 46 -31.33 34.02 -38.01
N VAL C 47 -32.36 33.18 -37.99
CA VAL C 47 -32.95 32.67 -36.76
C VAL C 47 -32.01 31.71 -36.07
N GLU C 48 -32.31 31.41 -34.79
CA GLU C 48 -31.50 30.52 -33.97
C GLU C 48 -30.08 31.06 -33.80
N LEU C 49 -30.02 32.34 -33.40
CA LEU C 49 -28.74 33.00 -33.17
C LEU C 49 -27.93 32.23 -32.13
N GLY C 50 -26.63 32.13 -32.36
CA GLY C 50 -25.77 31.41 -31.45
C GLY C 50 -25.51 32.20 -30.19
N LYS C 51 -24.85 31.52 -29.25
CA LYS C 51 -24.50 32.09 -27.96
C LYS C 51 -23.03 31.82 -27.68
N SER C 52 -22.42 32.72 -26.91
CA SER C 52 -21.01 32.60 -26.56
C SER C 52 -20.81 33.10 -25.14
N ASN C 53 -20.67 32.16 -24.21
CA ASN C 53 -20.43 32.47 -22.82
C ASN C 53 -18.97 32.87 -22.63
N ILE C 54 -18.59 33.20 -21.40
CA ILE C 54 -17.23 33.65 -21.08
C ILE C 54 -16.70 32.86 -19.90
N LEU C 55 -15.42 32.50 -19.97
CA LEU C 55 -14.72 31.77 -18.92
C LEU C 55 -13.49 32.58 -18.53
N LEU C 56 -13.54 33.28 -17.41
CA LEU C 56 -12.42 34.09 -16.95
C LEU C 56 -11.45 33.23 -16.16
N ILE C 57 -10.16 33.56 -16.28
CA ILE C 57 -9.09 32.84 -15.59
C ILE C 57 -7.98 33.83 -15.29
N GLY C 58 -7.45 33.73 -14.08
CA GLY C 58 -6.37 34.58 -13.66
C GLY C 58 -5.91 34.25 -12.25
N PRO C 59 -4.78 34.81 -11.82
CA PRO C 59 -4.31 34.52 -10.45
C PRO C 59 -5.21 35.14 -9.39
N THR C 60 -4.87 34.92 -8.13
CA THR C 60 -5.66 35.47 -7.04
C THR C 60 -5.47 36.98 -6.95
N GLY C 61 -6.53 37.67 -6.54
CA GLY C 61 -6.47 39.12 -6.40
C GLY C 61 -6.26 39.84 -7.70
N SER C 62 -6.69 39.26 -8.81
CA SER C 62 -6.52 39.87 -10.12
C SER C 62 -7.67 40.79 -10.52
N GLY C 63 -8.83 40.66 -9.88
CA GLY C 63 -9.98 41.47 -10.16
C GLY C 63 -11.16 40.75 -10.78
N LYS C 64 -11.23 39.42 -10.66
CA LYS C 64 -12.34 38.68 -11.24
C LYS C 64 -13.64 39.02 -10.52
N THR C 65 -13.67 38.85 -9.20
CA THR C 65 -14.86 39.17 -8.44
C THR C 65 -15.17 40.66 -8.45
N LEU C 66 -14.15 41.50 -8.66
CA LEU C 66 -14.37 42.94 -8.70
C LEU C 66 -15.11 43.35 -9.96
N LEU C 67 -14.83 42.68 -11.09
CA LEU C 67 -15.48 43.03 -12.34
C LEU C 67 -16.98 42.72 -12.29
N ALA C 68 -17.36 41.62 -11.63
CA ALA C 68 -18.78 41.28 -11.56
C ALA C 68 -19.55 42.30 -10.73
N GLU C 69 -18.93 42.83 -9.68
CA GLU C 69 -19.61 43.81 -8.84
C GLU C 69 -19.72 45.15 -9.55
N THR C 70 -18.61 45.61 -10.15
CA THR C 70 -18.62 46.89 -10.85
C THR C 70 -19.54 46.85 -12.07
N LEU C 71 -19.68 45.68 -12.70
CA LEU C 71 -20.52 45.56 -13.88
C LEU C 71 -21.99 45.78 -13.53
N ALA C 72 -22.41 45.30 -12.36
CA ALA C 72 -23.81 45.46 -11.95
C ALA C 72 -24.18 46.92 -11.74
N ARG C 73 -23.20 47.77 -11.39
CA ARG C 73 -23.49 49.18 -11.16
C ARG C 73 -24.00 49.86 -12.43
N LEU C 74 -23.35 49.59 -13.56
CA LEU C 74 -23.71 50.21 -14.83
C LEU C 74 -24.68 49.36 -15.65
N LEU C 75 -24.78 48.07 -15.38
CA LEU C 75 -25.67 47.21 -16.16
C LEU C 75 -27.13 47.44 -15.80
N ASP C 76 -27.99 47.47 -16.82
CA ASP C 76 -29.42 47.67 -16.65
C ASP C 76 -30.17 46.36 -16.42
N VAL C 77 -29.93 45.35 -17.24
CA VAL C 77 -30.60 44.05 -17.14
C VAL C 77 -30.23 43.42 -15.80
N PRO C 78 -31.00 42.46 -15.28
CA PRO C 78 -30.66 41.87 -13.99
C PRO C 78 -29.35 41.12 -14.02
N PHE C 79 -28.76 40.98 -12.84
CA PHE C 79 -27.47 40.32 -12.65
C PHE C 79 -27.45 39.67 -11.28
N THR C 80 -26.72 38.57 -11.18
CA THR C 80 -26.60 37.82 -9.93
C THR C 80 -25.16 37.39 -9.74
N MET C 81 -24.84 36.94 -8.52
CA MET C 81 -23.50 36.47 -8.15
C MET C 81 -23.65 35.21 -7.31
N ALA C 82 -23.61 34.06 -7.97
CA ALA C 82 -23.74 32.76 -7.34
C ALA C 82 -22.36 32.13 -7.17
N ASP C 83 -22.33 30.91 -6.62
CA ASP C 83 -21.08 30.20 -6.40
C ASP C 83 -21.26 28.70 -6.66
N ALA C 84 -20.25 28.12 -7.31
CA ALA C 84 -20.24 26.70 -7.65
C ALA C 84 -20.08 25.83 -6.42
N THR C 85 -19.32 26.30 -5.42
CA THR C 85 -18.99 25.49 -4.25
C THR C 85 -20.23 24.98 -3.52
N THR C 86 -21.27 25.79 -3.43
CA THR C 86 -22.47 25.39 -2.70
C THR C 86 -23.43 24.53 -3.51
N LEU C 87 -23.24 24.40 -4.82
CA LEU C 87 -24.15 23.60 -5.61
C LEU C 87 -23.94 22.11 -5.37
N THR C 88 -25.01 21.33 -5.55
CA THR C 88 -24.96 19.89 -5.39
C THR C 88 -25.80 19.24 -6.49
N GLU C 89 -25.25 18.21 -7.12
CA GLU C 89 -25.92 17.50 -8.20
C GLU C 89 -26.90 16.44 -7.70
N ALA C 90 -27.93 16.19 -8.52
CA ALA C 90 -28.96 15.18 -8.26
C ALA C 90 -29.71 15.36 -6.95
N GLY C 91 -30.12 16.60 -6.66
CA GLY C 91 -30.92 16.90 -5.48
C GLY C 91 -30.44 16.36 -4.15
N TYR C 92 -29.19 16.63 -3.82
CA TYR C 92 -28.59 16.17 -2.57
C TYR C 92 -28.78 17.25 -1.50
N VAL C 93 -28.10 17.08 -0.36
CA VAL C 93 -28.25 17.93 0.83
C VAL C 93 -28.12 19.42 0.50
N GLY C 94 -27.20 19.78 -0.40
CA GLY C 94 -27.01 21.18 -0.72
C GLY C 94 -28.02 21.71 -1.73
N GLU C 95 -27.84 22.97 -2.09
CA GLU C 95 -28.75 23.62 -3.03
C GLU C 95 -28.59 23.04 -4.43
N ASP C 96 -29.64 23.17 -5.22
CA ASP C 96 -29.66 22.67 -6.58
C ASP C 96 -29.38 23.78 -7.59
N VAL C 97 -29.10 23.36 -8.82
CA VAL C 97 -28.84 24.29 -9.92
C VAL C 97 -29.96 25.32 -10.06
N GLU C 98 -31.21 24.87 -9.93
CA GLU C 98 -32.37 25.74 -10.06
C GLU C 98 -32.33 26.94 -9.11
N ASN C 99 -31.62 26.83 -7.99
CA ASN C 99 -31.55 27.94 -7.06
C ASN C 99 -30.88 29.16 -7.68
N ILE C 100 -30.01 28.95 -8.66
CA ILE C 100 -29.36 30.06 -9.34
C ILE C 100 -30.39 30.93 -10.03
N ILE C 101 -31.35 30.32 -10.72
CA ILE C 101 -32.40 31.06 -11.41
C ILE C 101 -33.32 31.72 -10.40
N GLN C 102 -33.55 31.09 -9.25
CA GLN C 102 -34.44 31.66 -8.25
C GLN C 102 -33.88 32.96 -7.72
N LYS C 103 -32.56 33.03 -7.52
CA LYS C 103 -31.95 34.27 -7.03
C LYS C 103 -32.12 35.39 -8.05
N LEU C 104 -32.17 35.04 -9.33
CA LEU C 104 -32.33 36.06 -10.37
C LEU C 104 -33.70 36.74 -10.28
N LEU C 105 -34.74 35.96 -9.96
CA LEU C 105 -36.07 36.54 -9.86
C LEU C 105 -36.21 37.48 -8.67
N GLN C 106 -35.42 37.26 -7.61
CA GLN C 106 -35.50 38.14 -6.45
C GLN C 106 -35.12 39.55 -6.82
N LYS C 107 -34.09 39.69 -7.66
CA LYS C 107 -33.65 41.00 -8.12
C LYS C 107 -34.51 41.51 -9.27
N SER C 108 -35.12 40.60 -10.03
CA SER C 108 -35.99 40.95 -11.14
C SER C 108 -37.44 41.14 -10.74
N ASP C 109 -37.79 40.90 -9.48
CA ASP C 109 -39.16 41.04 -8.99
C ASP C 109 -40.11 40.07 -9.68
N TYR C 110 -39.62 38.86 -9.93
CA TYR C 110 -40.41 37.79 -10.55
C TYR C 110 -40.89 38.18 -11.95
N ASP C 111 -40.05 38.89 -12.69
CA ASP C 111 -40.35 39.30 -14.06
C ASP C 111 -39.69 38.28 -14.98
N VAL C 112 -40.50 37.32 -15.45
CA VAL C 112 -39.98 36.26 -16.31
C VAL C 112 -39.47 36.83 -17.63
N GLN C 113 -40.21 37.76 -18.23
CA GLN C 113 -39.76 38.34 -19.48
C GLN C 113 -38.47 39.13 -19.29
N LYS C 114 -38.30 39.72 -18.11
CA LYS C 114 -37.08 40.46 -17.79
C LYS C 114 -36.00 39.55 -17.23
N ALA C 115 -36.35 38.34 -16.79
CA ALA C 115 -35.38 37.41 -16.23
C ALA C 115 -34.65 36.64 -17.32
N GLN C 116 -35.33 36.31 -18.41
CA GLN C 116 -34.70 35.55 -19.48
C GLN C 116 -33.58 36.34 -20.15
N ARG C 117 -33.68 37.66 -20.16
CA ARG C 117 -32.67 38.53 -20.75
C ARG C 117 -31.60 38.94 -19.75
N GLY C 118 -31.51 38.26 -18.61
CA GLY C 118 -30.53 38.61 -17.60
C GLY C 118 -29.19 37.95 -17.83
N ILE C 119 -28.24 38.31 -16.96
CA ILE C 119 -26.88 37.80 -16.98
C ILE C 119 -26.64 37.08 -15.66
N VAL C 120 -25.78 36.06 -15.71
CA VAL C 120 -25.45 35.26 -14.54
C VAL C 120 -23.94 35.14 -14.43
N TYR C 121 -23.44 35.16 -13.19
CA TYR C 121 -22.02 35.07 -12.89
C TYR C 121 -21.80 34.01 -11.84
N ILE C 122 -20.70 33.27 -11.97
CA ILE C 122 -20.31 32.22 -11.05
C ILE C 122 -18.86 32.47 -10.65
N ASP C 123 -18.56 32.23 -9.37
CA ASP C 123 -17.21 32.42 -8.84
C ASP C 123 -16.72 31.09 -8.28
N GLN C 124 -15.39 30.94 -8.28
CA GLN C 124 -14.74 29.73 -7.78
C GLN C 124 -15.21 28.49 -8.54
N ILE C 125 -15.08 28.54 -9.86
CA ILE C 125 -15.47 27.43 -10.70
C ILE C 125 -14.50 26.25 -10.60
N ASP C 126 -13.27 26.51 -10.15
CA ASP C 126 -12.27 25.44 -10.02
C ASP C 126 -12.62 24.42 -8.95
N LYS C 127 -13.49 24.77 -8.00
CA LYS C 127 -13.81 23.84 -6.92
C LYS C 127 -14.52 22.58 -7.41
N ILE C 128 -15.19 22.63 -8.56
CA ILE C 128 -15.88 21.46 -9.09
C ILE C 128 -15.02 20.63 -10.03
N SER C 129 -13.79 21.05 -10.30
CA SER C 129 -12.91 20.30 -11.19
C SER C 129 -12.57 18.94 -10.59
N ARG C 130 -12.48 17.94 -11.46
CA ARG C 130 -12.11 16.60 -11.03
C ARG C 130 -10.67 16.62 -10.52
N LYS C 131 -10.45 15.97 -9.38
CA LYS C 131 -9.12 15.95 -8.80
C LYS C 131 -8.13 15.24 -9.72
N SER C 132 -8.56 14.14 -10.33
CA SER C 132 -7.73 13.37 -11.26
C SER C 132 -8.23 13.58 -12.70
N ASP C 133 -7.33 13.35 -13.65
CA ASP C 133 -7.68 13.50 -15.06
C ASP C 133 -8.74 12.49 -15.46
N ASN C 134 -8.58 11.23 -15.04
CA ASN C 134 -9.54 10.20 -15.38
C ASN C 134 -10.82 10.36 -14.55
N PRO C 135 -11.97 9.97 -15.08
CA PRO C 135 -13.22 10.13 -14.32
C PRO C 135 -13.18 9.31 -13.04
N SER C 136 -13.70 9.90 -11.96
CA SER C 136 -13.69 9.26 -10.66
C SER C 136 -14.49 7.96 -10.69
N ILE C 137 -13.90 6.92 -10.09
CA ILE C 137 -14.53 5.61 -10.06
C ILE C 137 -15.84 5.66 -9.26
N THR C 138 -15.83 6.36 -8.13
CA THR C 138 -16.99 6.49 -7.26
C THR C 138 -17.69 7.81 -7.53
N ARG C 139 -18.93 7.91 -7.03
CA ARG C 139 -19.73 9.10 -7.24
C ARG C 139 -19.16 10.29 -6.49
N ASP C 140 -19.34 11.48 -7.08
CA ASP C 140 -18.88 12.73 -6.52
C ASP C 140 -20.08 13.66 -6.37
N VAL C 141 -20.11 14.38 -5.26
CA VAL C 141 -21.20 15.30 -4.92
C VAL C 141 -20.84 16.75 -5.19
N SER C 142 -19.54 17.08 -5.14
CA SER C 142 -19.06 18.45 -5.33
C SER C 142 -18.10 18.60 -6.50
N GLY C 143 -18.08 17.64 -7.43
CA GLY C 143 -17.18 17.69 -8.57
C GLY C 143 -17.84 17.59 -9.92
N GLU C 144 -17.39 16.61 -10.71
CA GLU C 144 -17.86 16.34 -12.08
C GLU C 144 -19.37 16.43 -12.25
N GLY C 145 -20.12 15.92 -11.27
CA GLY C 145 -21.58 15.94 -11.37
C GLY C 145 -22.15 17.33 -11.56
N VAL C 146 -21.51 18.34 -10.97
CA VAL C 146 -22.03 19.70 -11.13
C VAL C 146 -21.91 20.14 -12.58
N GLN C 147 -20.81 19.79 -13.23
CA GLN C 147 -20.64 20.13 -14.64
C GLN C 147 -21.71 19.48 -15.49
N GLN C 148 -22.04 18.22 -15.18
CA GLN C 148 -23.05 17.50 -15.95
C GLN C 148 -24.40 18.21 -15.91
N ALA C 149 -24.81 18.70 -14.75
CA ALA C 149 -26.10 19.36 -14.63
C ALA C 149 -26.14 20.71 -15.32
N LEU C 150 -25.00 21.36 -15.50
CA LEU C 150 -24.96 22.67 -16.14
C LEU C 150 -25.02 22.61 -17.65
N LEU C 151 -24.64 21.48 -18.26
CA LEU C 151 -24.64 21.33 -19.71
C LEU C 151 -25.95 21.77 -20.35
N LYS C 152 -27.06 21.13 -19.94
CA LYS C 152 -28.35 21.49 -20.50
C LYS C 152 -28.79 22.88 -20.09
N LEU C 153 -28.23 23.42 -19.00
CA LEU C 153 -28.60 24.75 -18.55
C LEU C 153 -28.01 25.82 -19.46
N ILE C 154 -26.71 25.72 -19.75
CA ILE C 154 -26.04 26.73 -20.57
C ILE C 154 -26.57 26.71 -21.99
N GLU C 155 -26.53 25.55 -22.65
CA GLU C 155 -27.05 25.41 -24.01
C GLU C 155 -28.47 25.98 -24.12
N GLY C 156 -29.34 25.55 -23.21
CA GLY C 156 -30.70 26.03 -23.16
C GLY C 156 -31.69 24.95 -22.70
N THR C 157 -32.42 25.18 -21.61
CA THR C 157 -33.39 24.20 -21.12
C THR C 157 -34.44 24.85 -20.22
N VAL C 158 -35.57 24.18 -20.07
CA VAL C 158 -36.64 24.69 -19.20
C VAL C 158 -36.22 24.55 -17.75
N ALA C 159 -36.72 25.42 -16.88
CA ALA C 159 -36.35 25.38 -15.47
C ALA C 159 -37.54 25.51 -14.53
N ALA C 160 -37.39 25.00 -13.31
CA ALA C 160 -38.44 25.07 -12.29
C ALA C 160 -38.00 26.06 -11.23
N VAL C 161 -38.89 27.00 -10.91
CA VAL C 161 -38.59 28.05 -9.93
C VAL C 161 -39.75 28.22 -8.96
N PRO C 162 -39.60 27.95 -7.66
CA PRO C 162 -40.72 28.18 -6.74
C PRO C 162 -41.05 29.66 -6.66
N PRO C 163 -42.24 30.09 -7.11
CA PRO C 163 -42.51 31.54 -7.12
C PRO C 163 -42.50 32.21 -5.75
N GLN C 164 -43.24 31.68 -4.77
CA GLN C 164 -43.25 32.31 -3.45
C GLN C 164 -43.57 31.30 -2.36
N GLY C 165 -42.86 31.41 -1.26
CA GLY C 165 -43.06 30.57 -0.08
C GLY C 165 -42.96 29.09 -0.33
N GLY C 166 -42.04 28.65 -1.18
CA GLY C 166 -41.88 27.23 -1.44
C GLY C 166 -40.46 26.85 -1.78
N ARG C 167 -40.17 25.57 -1.58
CA ARG C 167 -38.88 24.97 -1.93
C ARG C 167 -39.07 23.95 -3.05
N LYS C 168 -39.99 23.01 -2.87
CA LYS C 168 -40.30 21.96 -3.83
C LYS C 168 -41.82 21.86 -3.93
N HIS C 169 -42.28 21.11 -4.93
CA HIS C 169 -43.70 20.85 -5.25
C HIS C 169 -44.72 21.00 -4.11
N GLN C 172 -46.95 23.79 -5.13
CA GLN C 172 -47.40 23.25 -6.41
C GLN C 172 -47.59 24.38 -7.43
N GLU C 173 -46.48 24.98 -7.82
CA GLU C 173 -46.50 26.07 -8.80
C GLU C 173 -45.10 26.20 -9.37
N PHE C 174 -44.98 26.10 -10.69
CA PHE C 174 -43.70 26.19 -11.38
C PHE C 174 -43.81 27.15 -12.55
N LEU C 175 -42.82 28.04 -12.66
CA LEU C 175 -42.75 29.02 -13.74
C LEU C 175 -41.67 28.57 -14.71
N GLN C 176 -42.03 28.48 -15.99
CA GLN C 176 -41.07 28.05 -16.99
C GLN C 176 -40.25 29.25 -17.46
N VAL C 177 -38.94 29.05 -17.56
CA VAL C 177 -38.02 30.10 -17.99
C VAL C 177 -36.96 29.44 -18.87
N ASP C 178 -36.91 29.71 -20.20
CA ASP C 178 -35.90 29.16 -21.08
C ASP C 178 -34.54 29.70 -20.68
N THR C 179 -33.48 29.05 -21.16
CA THR C 179 -32.12 29.45 -20.82
C THR C 179 -31.20 29.44 -22.04
N SER C 180 -31.75 29.34 -23.26
CA SER C 180 -30.90 29.36 -24.44
C SER C 180 -30.29 30.73 -24.66
N LYS C 181 -30.98 31.79 -24.24
CA LYS C 181 -30.49 33.16 -24.41
C LYS C 181 -29.84 33.73 -23.16
N ILE C 182 -29.88 33.04 -22.03
CA ILE C 182 -29.28 33.55 -20.81
C ILE C 182 -27.76 33.41 -20.89
N LEU C 183 -27.06 34.46 -20.48
CA LEU C 183 -25.61 34.48 -20.47
C LEU C 183 -25.09 33.94 -19.14
N PHE C 184 -23.91 33.32 -19.19
CA PHE C 184 -23.24 32.78 -18.01
C PHE C 184 -21.79 33.23 -18.07
N ILE C 185 -21.29 33.78 -16.97
CA ILE C 185 -19.92 34.25 -16.88
C ILE C 185 -19.26 33.48 -15.75
N CYS C 186 -18.58 32.40 -16.09
CA CYS C 186 -17.88 31.58 -15.12
C CYS C 186 -16.46 32.09 -14.94
N GLY C 187 -15.95 31.99 -13.72
CA GLY C 187 -14.61 32.44 -13.43
C GLY C 187 -14.05 31.77 -12.19
N GLY C 188 -12.74 31.55 -12.21
CA GLY C 188 -12.06 30.93 -11.09
C GLY C 188 -10.57 30.83 -11.29
N ALA C 189 -9.81 31.03 -10.22
CA ALA C 189 -8.35 30.95 -10.28
C ALA C 189 -7.96 29.49 -10.15
N PHE C 190 -7.76 28.84 -11.29
CA PHE C 190 -7.38 27.42 -11.28
C PHE C 190 -5.98 27.27 -10.70
N ALA C 191 -5.90 26.56 -9.57
CA ALA C 191 -4.64 26.33 -8.89
C ALA C 191 -3.95 25.09 -9.45
N GLY C 192 -2.65 25.20 -9.70
CA GLY C 192 -1.88 24.10 -10.21
C GLY C 192 -1.89 23.93 -11.72
N LEU C 193 -2.62 24.78 -12.44
CA LEU C 193 -2.67 24.65 -13.90
C LEU C 193 -1.33 24.95 -14.55
N ASP C 194 -0.44 25.68 -13.87
CA ASP C 194 0.86 25.99 -14.45
C ASP C 194 1.69 24.73 -14.64
N LYS C 195 1.57 23.78 -13.71
CA LYS C 195 2.34 22.54 -13.82
C LYS C 195 1.91 21.71 -15.02
N VAL C 196 0.61 21.70 -15.31
CA VAL C 196 0.09 20.91 -16.42
C VAL C 196 0.56 21.48 -17.75
N ILE C 197 0.52 22.80 -17.90
CA ILE C 197 0.92 23.41 -19.16
C ILE C 197 2.41 23.27 -19.39
N SER C 198 3.21 23.24 -18.33
CA SER C 198 4.65 23.11 -18.50
C SER C 198 5.02 21.77 -19.10
N HIS C 199 4.41 20.69 -18.62
CA HIS C 199 4.67 19.36 -19.17
C HIS C 199 4.33 19.32 -20.65
N ARG C 200 3.24 19.98 -21.04
CA ARG C 200 2.77 20.02 -22.41
C ARG C 200 3.58 20.95 -23.30
N VAL C 201 4.07 22.06 -22.76
CA VAL C 201 4.78 23.07 -23.55
C VAL C 201 6.30 22.90 -23.50
N GLU C 202 6.87 22.76 -22.30
CA GLU C 202 8.33 22.61 -22.22
C GLU C 202 8.78 21.32 -22.88
N THR C 203 8.18 20.20 -22.50
CA THR C 203 8.46 18.88 -23.06
C THR C 203 9.88 18.39 -22.81
N GLY C 204 10.66 19.04 -21.96
CA GLY C 204 12.01 18.59 -21.73
C GLY C 204 12.05 17.24 -21.04
N SER C 205 11.59 17.22 -19.79
CA SER C 205 11.51 16.01 -18.94
C SER C 205 12.74 15.12 -19.09
N GLY C 206 13.92 15.70 -18.87
CA GLY C 206 15.15 14.94 -19.01
C GLY C 206 16.26 15.44 -18.12
N ILE C 207 17.26 14.58 -17.95
CA ILE C 207 18.42 14.85 -17.12
C ILE C 207 19.72 14.83 -17.91
N GLY C 208 19.78 14.11 -19.03
CA GLY C 208 20.99 13.96 -19.80
C GLY C 208 21.47 15.22 -20.49
N PHE C 209 22.53 15.04 -21.28
CA PHE C 209 23.16 16.14 -22.01
C PHE C 209 22.22 16.76 -23.02
N GLY C 210 21.63 15.93 -23.89
CA GLY C 210 20.76 16.46 -24.93
C GLY C 210 19.52 17.12 -24.36
N ALA C 211 18.97 16.57 -23.29
CA ALA C 211 17.79 17.18 -22.69
C ALA C 211 18.14 18.53 -22.10
N THR C 212 17.21 19.48 -22.22
CA THR C 212 17.41 20.83 -21.72
C THR C 212 16.94 20.95 -20.28
N VAL C 213 17.71 21.67 -19.48
CA VAL C 213 17.40 21.92 -18.07
C VAL C 213 17.25 23.43 -17.94
N LYS C 214 16.01 23.91 -17.92
CA LYS C 214 15.73 25.32 -17.77
C LYS C 214 16.33 25.88 -16.50
N ALA C 215 17.03 27.01 -16.63
CA ALA C 215 17.65 27.68 -15.50
C ALA C 215 16.60 28.02 -14.44
N LYS C 216 16.90 27.68 -13.20
CA LYS C 216 16.00 27.94 -12.08
C LYS C 216 15.52 29.40 -12.03
N SER C 217 14.22 29.56 -11.77
CA SER C 217 13.54 30.84 -11.59
C SER C 217 13.55 31.75 -12.82
N ASP C 218 13.67 31.22 -14.03
CA ASP C 218 13.54 32.05 -15.24
C ASP C 218 12.69 31.31 -16.27
N LYS C 219 11.59 30.71 -15.81
CA LYS C 219 10.74 29.91 -16.68
C LYS C 219 9.33 29.84 -16.11
N ALA C 220 8.40 29.44 -16.98
CA ALA C 220 7.00 29.25 -16.64
C ALA C 220 6.41 30.47 -15.93
N SER C 221 6.59 31.64 -16.52
CA SER C 221 6.02 32.85 -15.96
C SER C 221 4.51 32.74 -16.08
N GLU C 222 3.82 32.81 -14.94
CA GLU C 222 2.36 32.67 -14.89
C GLU C 222 1.65 33.53 -15.94
N GLY C 223 2.11 34.77 -16.12
CA GLY C 223 1.47 35.63 -17.10
C GLY C 223 1.60 35.10 -18.52
N GLU C 224 2.80 34.71 -18.91
CA GLU C 224 3.04 34.18 -20.25
C GLU C 224 2.59 32.74 -20.41
N LEU C 225 2.37 32.01 -19.31
CA LEU C 225 1.98 30.62 -19.41
C LEU C 225 0.48 30.45 -19.64
N LEU C 226 -0.34 31.24 -18.96
CA LEU C 226 -1.79 31.12 -19.15
C LEU C 226 -2.20 31.52 -20.56
N ALA C 227 -1.44 32.40 -21.20
CA ALA C 227 -1.77 32.82 -22.57
C ALA C 227 -1.77 31.64 -23.54
N GLN C 228 -0.93 30.65 -23.30
CA GLN C 228 -0.83 29.47 -24.15
C GLN C 228 -1.82 28.38 -23.75
N VAL C 229 -2.84 28.72 -22.96
CA VAL C 229 -3.80 27.70 -22.53
C VAL C 229 -4.69 27.29 -23.70
N GLU C 230 -5.17 26.06 -23.64
CA GLU C 230 -6.06 25.49 -24.64
C GLU C 230 -7.08 24.60 -23.93
N PRO C 231 -8.18 24.21 -24.58
CA PRO C 231 -9.15 23.34 -23.90
C PRO C 231 -8.58 21.99 -23.52
N GLU C 232 -7.63 21.46 -24.31
CA GLU C 232 -7.03 20.17 -23.99
C GLU C 232 -6.28 20.22 -22.66
N ASP C 233 -5.75 21.40 -22.30
CA ASP C 233 -5.04 21.54 -21.03
C ASP C 233 -5.99 21.36 -19.85
N LEU C 234 -7.20 21.89 -19.98
CA LEU C 234 -8.17 21.79 -18.89
C LEU C 234 -8.67 20.36 -18.69
N ILE C 235 -8.57 19.51 -19.71
CA ILE C 235 -9.01 18.13 -19.54
C ILE C 235 -8.11 17.42 -18.56
N LYS C 236 -6.79 17.66 -18.64
CA LYS C 236 -5.86 17.07 -17.68
C LYS C 236 -6.05 17.67 -16.30
N PHE C 237 -6.61 18.88 -16.22
CA PHE C 237 -6.87 19.50 -14.93
C PHE C 237 -8.01 18.80 -14.22
N GLY C 238 -9.01 18.35 -14.96
CA GLY C 238 -10.15 17.66 -14.40
C GLY C 238 -11.48 18.00 -15.06
N LEU C 239 -11.55 19.12 -15.78
CA LEU C 239 -12.79 19.49 -16.44
C LEU C 239 -13.09 18.53 -17.58
N ILE C 240 -14.38 18.38 -17.87
CA ILE C 240 -14.84 17.48 -18.93
C ILE C 240 -14.91 18.28 -20.23
N PRO C 241 -14.61 17.69 -21.40
CA PRO C 241 -14.71 18.47 -22.63
C PRO C 241 -16.10 18.96 -22.94
N GLU C 242 -17.13 18.20 -22.54
CA GLU C 242 -18.51 18.62 -22.80
C GLU C 242 -18.84 19.93 -22.10
N PHE C 243 -18.24 20.18 -20.94
CA PHE C 243 -18.49 21.43 -20.23
C PHE C 243 -17.79 22.60 -20.89
N ILE C 244 -16.54 22.41 -21.29
CA ILE C 244 -15.78 23.49 -21.90
C ILE C 244 -16.37 23.85 -23.27
N GLY C 245 -16.98 22.88 -23.95
CA GLY C 245 -17.59 23.18 -25.23
C GLY C 245 -18.72 24.18 -25.10
N ARG C 246 -19.38 24.23 -23.94
CA ARG C 246 -20.45 25.19 -23.72
C ARG C 246 -19.92 26.60 -23.55
N LEU C 247 -18.63 26.77 -23.22
CA LEU C 247 -18.00 28.07 -23.03
C LEU C 247 -16.86 28.20 -24.05
N PRO C 248 -17.16 28.64 -25.28
CA PRO C 248 -16.08 28.77 -26.26
C PRO C 248 -15.08 29.86 -25.92
N VAL C 249 -15.55 31.04 -25.50
CA VAL C 249 -14.63 32.14 -25.23
C VAL C 249 -13.83 31.86 -23.97
N VAL C 250 -12.58 32.31 -23.97
CA VAL C 250 -11.65 32.17 -22.86
C VAL C 250 -10.87 33.47 -22.75
N ALA C 251 -10.64 33.91 -21.51
CA ALA C 251 -9.92 35.14 -21.24
C ALA C 251 -8.75 34.83 -20.32
N THR C 252 -7.56 35.24 -20.74
CA THR C 252 -6.32 35.03 -20.01
C THR C 252 -5.89 36.36 -19.39
N LEU C 253 -5.88 36.42 -18.06
CA LEU C 253 -5.49 37.63 -17.37
C LEU C 253 -3.99 37.58 -17.07
N ASN C 254 -3.48 38.67 -16.49
CA ASN C 254 -2.07 38.80 -16.15
C ASN C 254 -1.92 39.10 -14.67
N GLU C 255 -0.76 38.74 -14.13
CA GLU C 255 -0.47 39.01 -12.73
C GLU C 255 -0.19 40.50 -12.55
N LEU C 256 -0.50 41.00 -11.36
CA LEU C 256 -0.33 42.42 -11.09
C LEU C 256 1.12 42.85 -11.21
N SER C 257 1.35 43.85 -12.06
CA SER C 257 2.67 44.43 -12.25
C SER C 257 3.00 45.35 -11.09
N GLU C 258 4.31 45.54 -10.83
CA GLU C 258 4.72 46.45 -9.77
C GLU C 258 4.19 47.86 -10.02
N GLU C 259 4.27 48.32 -11.27
CA GLU C 259 3.76 49.64 -11.61
C GLU C 259 2.24 49.71 -11.48
N ALA C 260 1.57 48.57 -11.69
CA ALA C 260 0.11 48.56 -11.60
C ALA C 260 -0.37 48.81 -10.19
N LEU C 261 0.34 48.23 -9.20
CA LEU C 261 -0.06 48.42 -7.81
C LEU C 261 0.01 49.88 -7.39
N ILE C 262 0.97 50.64 -7.94
CA ILE C 262 1.08 52.04 -7.60
C ILE C 262 -0.13 52.80 -8.14
N GLN C 263 -0.60 52.42 -9.33
CA GLN C 263 -1.76 53.08 -9.93
C GLN C 263 -3.06 52.65 -9.26
N ILE C 264 -3.13 51.42 -8.76
CA ILE C 264 -4.35 50.93 -8.13
C ILE C 264 -4.65 51.69 -6.85
N LEU C 265 -3.63 52.21 -6.18
CA LEU C 265 -3.82 52.95 -4.95
C LEU C 265 -4.16 54.43 -5.16
N LYS C 266 -3.93 54.96 -6.36
CA LYS C 266 -4.15 56.37 -6.66
C LYS C 266 -5.26 56.62 -7.66
N GLU C 267 -5.25 55.98 -8.83
CA GLU C 267 -6.24 56.27 -9.86
C GLU C 267 -7.65 55.82 -9.50
N PRO C 268 -7.89 54.60 -9.01
CA PRO C 268 -9.28 54.21 -8.70
C PRO C 268 -9.88 55.04 -7.58
N LYS C 269 -11.21 55.05 -7.56
CA LYS C 269 -11.96 55.78 -6.54
C LYS C 269 -12.06 54.99 -5.24
N ASN C 270 -12.17 53.66 -5.32
CA ASN C 270 -12.30 52.80 -4.15
C ASN C 270 -10.95 52.24 -3.69
N ALA C 271 -9.86 52.95 -3.95
CA ALA C 271 -8.56 52.48 -3.54
C ALA C 271 -8.45 52.47 -2.02
N LEU C 272 -7.50 51.67 -1.52
CA LEU C 272 -7.31 51.58 -0.07
C LEU C 272 -6.85 52.90 0.52
N THR C 273 -6.03 53.65 -0.22
CA THR C 273 -5.57 54.94 0.27
C THR C 273 -6.75 55.88 0.49
N LYS C 274 -7.71 55.88 -0.44
CA LYS C 274 -8.88 56.72 -0.29
C LYS C 274 -9.79 56.21 0.82
N GLN C 275 -9.79 54.90 1.06
CA GLN C 275 -10.62 54.33 2.11
C GLN C 275 -10.13 54.77 3.48
N TYR C 276 -8.83 54.61 3.74
CA TYR C 276 -8.28 55.02 5.03
C TYR C 276 -8.37 56.53 5.21
N GLN C 277 -8.26 57.29 4.12
CA GLN C 277 -8.39 58.73 4.20
C GLN C 277 -9.77 59.12 4.72
N ALA C 278 -10.80 58.39 4.29
CA ALA C 278 -12.15 58.65 4.76
C ALA C 278 -12.34 58.13 6.18
N LEU C 279 -11.59 57.11 6.56
CA LEU C 279 -11.71 56.57 7.91
C LEU C 279 -11.26 57.61 8.94
N PHE C 280 -10.23 58.38 8.60
CA PHE C 280 -9.74 59.43 9.48
C PHE C 280 -10.40 60.78 9.24
N ASN C 281 -11.10 60.94 8.12
CA ASN C 281 -11.78 62.20 7.84
C ASN C 281 -12.84 62.49 8.89
N LEU C 282 -13.57 61.46 9.32
CA LEU C 282 -14.59 61.67 10.35
C LEU C 282 -13.94 62.00 11.69
N GLU C 283 -12.71 61.54 11.90
CA GLU C 283 -11.96 61.79 13.13
C GLU C 283 -11.31 63.17 13.16
N GLY C 284 -11.55 64.02 12.16
CA GLY C 284 -10.92 65.32 12.13
C GLY C 284 -9.42 65.24 11.93
N VAL C 285 -8.96 64.23 11.19
CA VAL C 285 -7.55 64.02 10.92
C VAL C 285 -7.38 63.69 9.44
N ASP C 286 -6.36 64.30 8.82
CA ASP C 286 -6.07 64.08 7.41
C ASP C 286 -5.10 62.92 7.28
N LEU C 287 -4.65 62.66 6.05
CA LEU C 287 -3.70 61.58 5.81
C LEU C 287 -2.93 61.89 4.54
N GLU C 288 -1.73 61.31 4.44
CA GLU C 288 -0.85 61.53 3.30
C GLU C 288 -0.15 60.23 2.94
N PHE C 289 0.10 60.05 1.65
CA PHE C 289 0.77 58.86 1.12
C PHE C 289 1.66 59.32 -0.02
N ARG C 290 2.95 59.50 0.28
CA ARG C 290 3.91 59.95 -0.72
C ARG C 290 4.29 58.81 -1.66
N ASP C 291 4.76 59.20 -2.85
CA ASP C 291 5.14 58.22 -3.87
C ASP C 291 6.32 57.37 -3.41
N GLU C 292 7.17 57.90 -2.53
CA GLU C 292 8.32 57.14 -2.06
C GLU C 292 7.90 55.92 -1.26
N ALA C 293 6.70 55.91 -0.70
CA ALA C 293 6.20 54.79 0.08
C ALA C 293 5.43 53.78 -0.76
N LEU C 294 4.77 54.24 -1.83
CA LEU C 294 4.01 53.35 -2.68
C LEU C 294 4.90 52.37 -3.42
N ASP C 295 5.97 52.88 -4.05
CA ASP C 295 6.87 52.01 -4.80
C ASP C 295 7.55 50.99 -3.90
N ALA C 296 7.79 51.34 -2.64
CA ALA C 296 8.42 50.38 -1.72
C ALA C 296 7.44 49.29 -1.33
N ILE C 297 6.15 49.63 -1.20
CA ILE C 297 5.14 48.64 -0.84
C ILE C 297 4.96 47.61 -1.94
N ALA C 298 5.20 48.01 -3.19
CA ALA C 298 5.01 47.08 -4.31
C ALA C 298 5.94 45.88 -4.23
N LYS C 299 7.19 46.10 -3.81
CA LYS C 299 8.11 44.98 -3.71
C LYS C 299 7.69 44.01 -2.61
N LYS C 300 7.13 44.53 -1.53
CA LYS C 300 6.68 43.68 -0.44
C LYS C 300 5.47 42.86 -0.84
N ALA C 301 4.51 43.49 -1.54
CA ALA C 301 3.30 42.80 -1.95
C ALA C 301 3.61 41.65 -2.91
N MET C 302 4.44 41.92 -3.92
CA MET C 302 4.76 40.87 -4.90
C MET C 302 5.46 39.70 -4.25
N ALA C 303 6.23 39.94 -3.19
CA ALA C 303 6.91 38.84 -2.51
C ALA C 303 5.91 37.88 -1.87
N ARG C 304 4.76 38.41 -1.44
CA ARG C 304 3.75 37.57 -0.82
C ARG C 304 3.09 36.63 -1.82
N LYS C 305 3.04 37.02 -3.10
CA LYS C 305 2.43 36.22 -4.16
C LYS C 305 0.95 35.94 -3.87
N THR C 306 0.28 36.86 -3.18
CA THR C 306 -1.12 36.74 -2.84
C THR C 306 -2.04 37.58 -3.71
N GLY C 307 -1.53 38.66 -4.29
CA GLY C 307 -2.30 39.54 -5.14
C GLY C 307 -2.57 40.88 -4.48
N ALA C 308 -3.49 41.63 -5.08
CA ALA C 308 -3.85 42.94 -4.57
C ALA C 308 -4.45 42.86 -3.18
N ARG C 309 -5.11 41.75 -2.86
CA ARG C 309 -5.73 41.59 -1.55
C ARG C 309 -4.72 41.43 -0.43
N GLY C 310 -3.45 41.14 -0.75
CA GLY C 310 -2.43 40.99 0.26
C GLY C 310 -1.71 42.29 0.56
N LEU C 311 -2.35 43.41 0.27
CA LEU C 311 -1.77 44.72 0.49
C LEU C 311 -2.09 45.27 1.88
N ARG C 312 -3.28 44.95 2.40
CA ARG C 312 -3.66 45.44 3.73
C ARG C 312 -2.70 44.97 4.81
N SER C 313 -2.11 43.78 4.63
CA SER C 313 -1.17 43.27 5.62
C SER C 313 0.05 44.17 5.74
N ILE C 314 0.46 44.78 4.64
CA ILE C 314 1.61 45.69 4.65
C ILE C 314 1.22 47.03 5.26
N VAL C 315 -0.01 47.47 5.01
CA VAL C 315 -0.46 48.77 5.51
C VAL C 315 -0.85 48.68 6.98
N GLU C 316 -1.76 47.77 7.33
CA GLU C 316 -2.23 47.68 8.71
C GLU C 316 -1.12 47.29 9.66
N ALA C 317 -0.14 46.49 9.22
CA ALA C 317 0.96 46.13 10.10
C ALA C 317 1.81 47.35 10.44
N ALA C 318 1.88 48.32 9.52
CA ALA C 318 2.66 49.53 9.75
C ALA C 318 1.92 50.54 10.60
N LEU C 319 0.61 50.72 10.35
CA LEU C 319 -0.20 51.68 11.08
C LEU C 319 -0.87 51.08 12.31
N LEU C 320 -0.41 49.93 12.78
CA LEU C 320 -1.01 49.31 13.96
C LEU C 320 -0.79 50.19 15.18
N ASP C 321 0.48 50.49 15.49
CA ASP C 321 0.81 51.34 16.63
C ASP C 321 0.16 52.72 16.50
N THR C 322 0.16 53.29 15.30
CA THR C 322 -0.39 54.62 15.09
C THR C 322 -1.89 54.65 15.37
N MET C 323 -2.64 53.71 14.80
CA MET C 323 -4.08 53.69 15.02
C MET C 323 -4.43 53.38 16.47
N TYR C 324 -3.62 52.53 17.12
CA TYR C 324 -3.90 52.16 18.51
C TYR C 324 -3.77 53.37 19.45
N ASP C 325 -2.92 54.34 19.11
CA ASP C 325 -2.68 55.51 19.94
C ASP C 325 -3.30 56.80 19.42
N LEU C 326 -3.69 56.86 18.16
CA LEU C 326 -4.26 58.09 17.60
C LEU C 326 -5.53 58.56 18.31
N PRO C 327 -6.51 57.70 18.60
CA PRO C 327 -7.72 58.21 19.27
C PRO C 327 -7.45 58.82 20.63
N SER C 328 -6.55 58.23 21.42
CA SER C 328 -6.24 58.80 22.72
C SER C 328 -5.58 60.17 22.57
N MET C 329 -4.75 60.33 21.55
CA MET C 329 -4.08 61.60 21.32
C MET C 329 -5.09 62.66 20.91
N GLU C 330 -4.77 63.92 21.25
CA GLU C 330 -5.62 65.06 20.96
C GLU C 330 -4.81 66.12 20.22
N ASP C 331 -5.55 66.99 19.53
CA ASP C 331 -4.95 68.08 18.75
C ASP C 331 -4.05 67.53 17.64
N VAL C 332 -4.52 66.48 16.98
CA VAL C 332 -3.81 65.85 15.87
C VAL C 332 -4.64 66.12 14.61
N GLU C 333 -4.05 66.86 13.66
CA GLU C 333 -4.73 67.24 12.44
C GLU C 333 -4.24 66.54 11.17
N LYS C 334 -3.01 66.04 11.14
CA LYS C 334 -2.50 65.39 9.94
C LYS C 334 -1.43 64.38 10.30
N VAL C 335 -1.38 63.31 9.51
CA VAL C 335 -0.43 62.21 9.68
C VAL C 335 0.29 61.99 8.35
N VAL C 336 1.61 61.77 8.43
CA VAL C 336 2.45 61.52 7.26
C VAL C 336 3.18 60.21 7.48
N ILE C 337 3.20 59.38 6.43
CA ILE C 337 3.82 58.06 6.46
C ILE C 337 4.88 58.03 5.37
N ASP C 338 6.15 58.18 5.76
CA ASP C 338 7.24 58.15 4.78
C ASP C 338 7.63 56.70 4.47
N GLU C 339 8.54 56.56 3.51
CA GLU C 339 8.99 55.23 3.08
C GLU C 339 9.62 54.45 4.23
N SER C 340 10.39 55.12 5.09
CA SER C 340 11.06 54.43 6.19
C SER C 340 10.07 53.69 7.09
N VAL C 341 8.93 54.31 7.37
CA VAL C 341 7.90 53.71 8.22
C VAL C 341 7.53 52.32 7.71
N ILE C 342 7.46 52.15 6.39
CA ILE C 342 7.11 50.86 5.80
C ILE C 342 8.14 49.81 6.17
N ASP C 343 9.43 50.17 6.10
CA ASP C 343 10.47 49.22 6.43
C ASP C 343 10.50 48.88 7.92
N GLY C 344 10.00 49.77 8.77
CA GLY C 344 9.96 49.54 10.20
C GLY C 344 11.10 50.16 10.98
N GLN C 345 11.98 50.92 10.34
CA GLN C 345 13.12 51.55 10.99
C GLN C 345 12.82 52.94 11.51
N SER C 346 11.60 53.45 11.32
CA SER C 346 11.22 54.79 11.75
C SER C 346 9.77 54.77 12.20
N GLU C 347 9.31 55.92 12.71
CA GLU C 347 7.98 56.13 13.22
C GLU C 347 7.28 57.22 12.41
N PRO C 348 5.98 57.08 12.10
CA PRO C 348 5.32 58.12 11.29
C PRO C 348 5.29 59.47 11.97
N LEU C 349 5.57 60.50 11.18
CA LEU C 349 5.55 61.88 11.67
C LEU C 349 4.12 62.33 11.89
N LEU C 350 3.90 63.09 12.96
CA LEU C 350 2.59 63.60 13.33
C LEU C 350 2.61 65.11 13.35
N ILE C 351 1.51 65.72 12.92
CA ILE C 351 1.35 67.17 12.85
C ILE C 351 0.22 67.55 13.80
N TYR C 352 0.49 68.50 14.69
CA TYR C 352 -0.46 68.98 15.66
C TYR C 352 -0.94 70.37 15.28
N GLY C 353 -2.14 70.72 15.75
CA GLY C 353 -2.73 72.01 15.47
C GLY C 353 -2.22 73.10 16.39
N SER D 1 -22.69 60.18 22.30
CA SER D 1 -22.30 58.95 21.65
C SER D 1 -20.78 58.83 21.57
N ALA D 2 -20.15 58.67 22.73
CA ALA D 2 -18.69 58.54 22.83
C ALA D 2 -18.34 57.05 22.89
N LEU D 3 -17.65 56.57 21.86
CA LEU D 3 -17.25 55.18 21.80
C LEU D 3 -15.97 54.97 22.60
N PRO D 4 -15.68 53.74 23.03
CA PRO D 4 -14.44 53.49 23.76
C PRO D 4 -13.23 53.68 22.87
N THR D 5 -12.06 53.71 23.50
CA THR D 5 -10.78 53.87 22.84
C THR D 5 -9.93 52.61 23.00
N PRO D 6 -8.87 52.45 22.21
CA PRO D 6 -8.04 51.25 22.37
C PRO D 6 -7.41 51.13 23.75
N HIS D 7 -6.99 52.24 24.34
CA HIS D 7 -6.39 52.22 25.66
C HIS D 7 -7.38 51.73 26.71
N GLU D 8 -8.67 52.05 26.56
CA GLU D 8 -9.66 51.65 27.53
C GLU D 8 -9.98 50.17 27.44
N ILE D 9 -10.21 49.67 26.21
CA ILE D 9 -10.52 48.26 26.04
C ILE D 9 -9.30 47.40 26.34
N ARG D 10 -8.09 47.92 26.09
CA ARG D 10 -6.90 47.15 26.39
C ARG D 10 -6.74 46.97 27.89
N ASN D 11 -7.18 47.96 28.67
CA ASN D 11 -7.12 47.84 30.12
C ASN D 11 -8.01 46.70 30.60
N HIS D 12 -9.14 46.49 29.92
CA HIS D 12 -10.05 45.40 30.29
C HIS D 12 -9.41 44.05 29.99
N LEU D 13 -8.91 43.87 28.76
CA LEU D 13 -8.28 42.61 28.41
C LEU D 13 -7.00 42.37 29.18
N ASP D 14 -6.31 43.45 29.58
CA ASP D 14 -5.08 43.29 30.36
C ASP D 14 -5.39 42.69 31.73
N ASP D 15 -6.60 42.93 32.25
CA ASP D 15 -6.99 42.36 33.52
C ASP D 15 -7.13 40.85 33.44
N TYR D 16 -7.44 40.32 32.24
CA TYR D 16 -7.63 38.90 32.03
C TYR D 16 -6.49 38.24 31.27
N VAL D 17 -5.61 39.00 30.62
CA VAL D 17 -4.50 38.46 29.85
C VAL D 17 -3.23 39.22 30.21
N ILE D 18 -2.10 38.52 30.16
CA ILE D 18 -0.80 39.08 30.49
C ILE D 18 0.22 38.66 29.44
N GLY D 19 1.14 39.56 29.12
CA GLY D 19 2.19 39.28 28.17
C GLY D 19 1.76 39.06 26.74
N GLN D 20 0.72 39.78 26.28
CA GLN D 20 0.21 39.69 24.92
C GLN D 20 0.00 41.09 24.36
N GLU D 21 0.99 41.96 24.57
CA GLU D 21 0.89 43.34 24.12
C GLU D 21 0.78 43.42 22.60
N GLN D 22 1.46 42.53 21.88
CA GLN D 22 1.42 42.57 20.43
C GLN D 22 0.06 42.12 19.91
N ALA D 23 -0.54 41.11 20.52
CA ALA D 23 -1.83 40.60 20.07
C ALA D 23 -2.99 41.49 20.48
N LYS D 24 -2.90 42.11 21.66
CA LYS D 24 -4.00 42.95 22.12
C LYS D 24 -4.16 44.21 21.26
N LYS D 25 -3.06 44.72 20.70
CA LYS D 25 -3.15 45.91 19.87
C LYS D 25 -3.97 45.64 18.60
N VAL D 26 -3.82 44.45 18.03
CA VAL D 26 -4.53 44.12 16.79
C VAL D 26 -6.04 44.05 17.06
N LEU D 27 -6.44 43.36 18.12
CA LEU D 27 -7.86 43.26 18.43
C LEU D 27 -8.46 44.61 18.77
N ALA D 28 -7.66 45.49 19.39
CA ALA D 28 -8.14 46.81 19.74
C ALA D 28 -8.39 47.66 18.51
N VAL D 29 -7.47 47.64 17.56
CA VAL D 29 -7.62 48.45 16.35
C VAL D 29 -8.78 47.93 15.49
N ALA D 30 -8.92 46.61 15.41
CA ALA D 30 -10.01 46.04 14.61
C ALA D 30 -11.37 46.36 15.22
N VAL D 31 -11.52 46.12 16.53
CA VAL D 31 -12.79 46.42 17.17
C VAL D 31 -13.08 47.92 17.12
N TYR D 32 -12.04 48.73 17.29
CA TYR D 32 -12.22 50.18 17.21
C TYR D 32 -12.66 50.60 15.83
N ASN D 33 -11.95 50.14 14.80
CA ASN D 33 -12.29 50.48 13.42
C ASN D 33 -13.57 49.82 12.95
N HIS D 34 -13.98 48.71 13.58
CA HIS D 34 -15.22 48.06 13.17
C HIS D 34 -16.42 48.95 13.43
N TYR D 35 -16.40 49.71 14.54
CA TYR D 35 -17.50 50.61 14.83
C TYR D 35 -17.53 51.78 13.86
N LYS D 36 -16.37 52.19 13.35
CA LYS D 36 -16.33 53.30 12.40
C LYS D 36 -17.01 52.92 11.09
N ARG D 37 -16.69 51.74 10.56
CA ARG D 37 -17.34 51.29 9.33
C ARG D 37 -18.82 51.07 9.55
N LEU D 38 -19.22 50.73 10.79
CA LEU D 38 -20.61 50.53 11.12
C LEU D 38 -21.32 51.87 11.26
N ARG D 39 -20.66 52.84 11.89
CA ARG D 39 -21.23 54.17 12.10
C ARG D 39 -21.69 54.79 10.78
N ASN D 40 -20.92 54.58 9.71
CA ASN D 40 -21.29 55.14 8.42
C ASN D 40 -22.58 54.51 7.91
N GLY D 41 -23.44 55.35 7.34
CA GLY D 41 -24.71 54.93 6.77
C GLY D 41 -24.77 55.36 5.31
N ASP D 42 -23.63 55.26 4.63
CA ASP D 42 -23.47 55.66 3.23
C ASP D 42 -23.58 57.17 3.07
N THR D 43 -23.17 57.90 4.09
CA THR D 43 -23.18 59.36 4.11
C THR D 43 -21.78 59.94 3.90
N SER D 44 -20.81 59.13 3.48
CA SER D 44 -19.44 59.53 3.28
C SER D 44 -19.05 59.34 1.82
N ASN D 45 -18.09 60.15 1.37
CA ASN D 45 -17.63 60.06 -0.01
C ASN D 45 -17.04 58.68 -0.32
N GLY D 46 -16.26 58.14 0.62
CA GLY D 46 -15.65 56.83 0.41
C GLY D 46 -16.68 55.75 0.23
N VAL D 47 -16.46 54.89 -0.76
CA VAL D 47 -17.35 53.79 -1.07
C VAL D 47 -16.54 52.49 -1.01
N GLU D 48 -17.25 51.38 -0.76
CA GLU D 48 -16.63 50.05 -0.67
C GLU D 48 -15.48 50.06 0.32
N LEU D 49 -15.73 50.66 1.49
CA LEU D 49 -14.74 50.73 2.56
C LEU D 49 -14.13 49.36 2.80
N GLY D 50 -12.82 49.33 3.02
CA GLY D 50 -12.15 48.07 3.18
C GLY D 50 -12.42 47.38 4.51
N LYS D 51 -12.15 46.09 4.50
CA LYS D 51 -12.29 45.22 5.65
C LYS D 51 -10.92 44.62 5.96
N SER D 52 -10.68 44.27 7.21
CA SER D 52 -9.40 43.69 7.62
C SER D 52 -9.65 42.65 8.70
N ASN D 53 -9.64 41.38 8.32
CA ASN D 53 -9.81 40.30 9.27
C ASN D 53 -8.53 40.13 10.07
N ILE D 54 -8.53 39.19 11.01
CA ILE D 54 -7.39 38.92 11.86
C ILE D 54 -7.11 37.42 11.87
N LEU D 55 -5.83 37.05 11.92
CA LEU D 55 -5.39 35.66 11.98
C LEU D 55 -4.49 35.53 13.21
N LEU D 56 -5.02 34.95 14.29
CA LEU D 56 -4.23 34.78 15.50
C LEU D 56 -3.45 33.48 15.43
N ILE D 57 -2.17 33.55 15.77
CA ILE D 57 -1.28 32.39 15.78
C ILE D 57 -0.49 32.42 17.08
N GLY D 58 -0.44 31.30 17.77
CA GLY D 58 0.32 31.22 18.99
C GLY D 58 0.57 29.79 19.44
N PRO D 59 1.38 29.61 20.49
CA PRO D 59 1.63 28.25 20.97
C PRO D 59 0.40 27.69 21.68
N THR D 60 0.52 26.46 22.18
CA THR D 60 -0.60 25.85 22.88
C THR D 60 -0.80 26.49 24.25
N GLY D 61 -2.05 26.71 24.61
CA GLY D 61 -2.38 27.28 25.91
C GLY D 61 -1.86 28.68 26.14
N SER D 62 -1.53 29.42 25.10
CA SER D 62 -1.02 30.77 25.28
C SER D 62 -2.10 31.80 25.58
N GLY D 63 -3.37 31.46 25.38
CA GLY D 63 -4.48 32.36 25.66
C GLY D 63 -5.26 32.85 24.47
N LYS D 64 -5.21 32.16 23.32
CA LYS D 64 -5.95 32.60 22.15
C LYS D 64 -7.45 32.53 22.40
N THR D 65 -7.94 31.36 22.84
CA THR D 65 -9.36 31.19 23.09
C THR D 65 -9.84 32.08 24.23
N LEU D 66 -8.96 32.43 25.17
CA LEU D 66 -9.37 33.25 26.29
C LEU D 66 -9.60 34.70 25.86
N LEU D 67 -8.85 35.19 24.88
CA LEU D 67 -9.05 36.57 24.43
C LEU D 67 -10.42 36.76 23.81
N ALA D 68 -10.85 35.82 22.98
CA ALA D 68 -12.15 35.92 22.34
C ALA D 68 -13.29 35.80 23.35
N GLU D 69 -13.09 35.05 24.42
CA GLU D 69 -14.16 34.86 25.40
C GLU D 69 -14.37 36.13 26.23
N THR D 70 -13.28 36.69 26.78
CA THR D 70 -13.41 37.89 27.58
C THR D 70 -13.84 39.08 26.73
N LEU D 71 -13.51 39.07 25.44
CA LEU D 71 -13.89 40.17 24.56
C LEU D 71 -15.40 40.31 24.45
N ALA D 72 -16.11 39.17 24.38
CA ALA D 72 -17.56 39.22 24.21
C ALA D 72 -18.27 39.84 25.41
N ARG D 73 -17.67 39.80 26.60
CA ARG D 73 -18.33 40.39 27.76
C ARG D 73 -18.49 41.89 27.62
N LEU D 74 -17.37 42.61 27.46
CA LEU D 74 -17.41 44.05 27.29
C LEU D 74 -17.95 44.48 25.93
N LEU D 75 -18.14 43.57 25.00
CA LEU D 75 -18.62 43.91 23.67
C LEU D 75 -20.12 44.09 23.64
N ASP D 76 -20.58 45.21 23.07
CA ASP D 76 -22.01 45.47 22.94
C ASP D 76 -22.60 44.68 21.77
N VAL D 77 -21.95 44.76 20.61
CA VAL D 77 -22.38 44.04 19.41
C VAL D 77 -22.30 42.55 19.69
N PRO D 78 -23.04 41.70 18.98
CA PRO D 78 -22.99 40.26 19.27
C PRO D 78 -21.62 39.67 19.00
N PHE D 79 -21.47 38.41 19.44
CA PHE D 79 -20.23 37.66 19.28
C PHE D 79 -20.55 36.19 19.34
N THR D 80 -19.71 35.38 18.70
CA THR D 80 -19.89 33.93 18.67
C THR D 80 -18.54 33.25 18.73
N MET D 81 -18.57 31.95 19.04
CA MET D 81 -17.38 31.10 19.08
C MET D 81 -17.80 29.80 18.40
N ALA D 82 -17.56 29.73 17.10
CA ALA D 82 -17.93 28.56 16.30
C ALA D 82 -16.73 27.64 16.10
N ASP D 83 -16.88 26.39 16.52
CA ASP D 83 -15.84 25.40 16.30
C ASP D 83 -15.72 25.10 14.80
N ALA D 84 -14.48 25.06 14.31
CA ALA D 84 -14.22 24.74 12.91
C ALA D 84 -13.81 23.29 12.69
N THR D 85 -13.63 22.51 13.75
CA THR D 85 -13.23 21.11 13.59
C THR D 85 -14.33 20.31 12.89
N THR D 86 -15.59 20.62 13.18
CA THR D 86 -16.71 19.89 12.63
C THR D 86 -17.20 20.42 11.29
N LEU D 87 -16.62 21.51 10.78
CA LEU D 87 -17.05 22.04 9.50
C LEU D 87 -16.69 21.06 8.38
N THR D 88 -17.63 20.91 7.44
CA THR D 88 -17.47 20.04 6.28
C THR D 88 -17.87 20.81 5.03
N GLU D 89 -17.29 20.40 3.90
CA GLU D 89 -17.58 21.04 2.63
C GLU D 89 -19.06 20.89 2.32
N ALA D 90 -19.71 22.02 2.01
CA ALA D 90 -21.14 22.03 1.72
C ALA D 90 -21.45 21.04 0.61
N GLY D 91 -22.51 20.26 0.81
CA GLY D 91 -22.87 19.18 -0.09
C GLY D 91 -22.63 17.82 0.52
N TYR D 92 -22.30 17.75 1.81
CA TYR D 92 -22.00 16.49 2.48
C TYR D 92 -22.76 16.41 3.80
N VAL D 93 -22.78 15.19 4.32
CA VAL D 93 -23.57 14.83 5.51
C VAL D 93 -23.09 15.56 6.77
N GLY D 94 -21.77 15.66 6.97
CA GLY D 94 -21.28 16.13 8.26
C GLY D 94 -21.70 17.53 8.67
N GLU D 95 -21.41 18.54 7.87
CA GLU D 95 -21.78 19.89 8.28
C GLU D 95 -21.76 20.84 7.09
N ASP D 96 -22.35 22.02 7.29
CA ASP D 96 -22.39 23.10 6.32
C ASP D 96 -21.83 24.37 6.95
N VAL D 97 -21.35 25.27 6.09
CA VAL D 97 -20.81 26.55 6.54
C VAL D 97 -21.90 27.46 7.09
N GLU D 98 -23.14 27.26 6.62
CA GLU D 98 -24.26 28.11 7.01
C GLU D 98 -24.52 28.07 8.51
N ASN D 99 -24.26 26.91 9.14
CA ASN D 99 -24.51 26.72 10.57
C ASN D 99 -23.93 27.86 11.43
N ILE D 100 -22.77 28.40 11.05
CA ILE D 100 -22.15 29.49 11.80
C ILE D 100 -23.10 30.67 11.94
N ILE D 101 -23.70 31.08 10.82
CA ILE D 101 -24.61 32.22 10.79
C ILE D 101 -25.77 32.02 11.77
N GLN D 102 -26.38 30.84 11.74
CA GLN D 102 -27.53 30.55 12.60
C GLN D 102 -27.21 30.81 14.07
N LYS D 103 -25.99 30.50 14.50
CA LYS D 103 -25.60 30.76 15.89
C LYS D 103 -25.62 32.25 16.18
N LEU D 104 -25.10 33.06 15.25
CA LEU D 104 -25.03 34.50 15.43
C LEU D 104 -26.42 35.12 15.64
N LEU D 105 -27.43 34.58 14.96
CA LEU D 105 -28.76 35.18 15.09
C LEU D 105 -29.39 34.89 16.46
N GLN D 106 -29.05 33.75 17.08
CA GLN D 106 -29.59 33.46 18.40
C GLN D 106 -29.12 34.50 19.41
N LYS D 107 -27.88 34.95 19.28
CA LYS D 107 -27.34 35.96 20.20
C LYS D 107 -27.93 37.33 19.93
N SER D 108 -28.22 37.65 18.67
CA SER D 108 -28.76 38.93 18.27
C SER D 108 -30.27 38.96 18.23
N ASP D 109 -30.94 37.86 18.58
CA ASP D 109 -32.40 37.76 18.60
C ASP D 109 -32.96 37.84 17.18
N TYR D 110 -32.27 37.21 16.24
CA TYR D 110 -32.71 37.14 14.85
C TYR D 110 -32.84 38.53 14.22
N ASP D 111 -31.93 39.42 14.61
CA ASP D 111 -31.87 40.79 14.11
C ASP D 111 -30.89 40.81 12.94
N VAL D 112 -31.41 40.82 11.72
CA VAL D 112 -30.55 40.81 10.55
C VAL D 112 -29.74 42.10 10.47
N GLN D 113 -30.40 43.26 10.63
CA GLN D 113 -29.68 44.53 10.59
C GLN D 113 -28.67 44.63 11.73
N LYS D 114 -28.93 43.95 12.85
CA LYS D 114 -28.02 43.96 13.99
C LYS D 114 -27.00 42.83 13.94
N ALA D 115 -27.27 41.76 13.18
CA ALA D 115 -26.33 40.66 13.07
C ALA D 115 -25.25 40.93 12.04
N GLN D 116 -25.55 41.72 11.01
CA GLN D 116 -24.56 42.01 9.99
C GLN D 116 -23.37 42.78 10.56
N ARG D 117 -23.57 43.53 11.65
CA ARG D 117 -22.50 44.27 12.29
C ARG D 117 -21.87 43.50 13.45
N GLY D 118 -22.13 42.20 13.54
CA GLY D 118 -21.58 41.38 14.58
C GLY D 118 -20.16 40.96 14.29
N ILE D 119 -19.59 40.20 15.22
CA ILE D 119 -18.23 39.69 15.12
C ILE D 119 -18.31 38.17 15.19
N VAL D 120 -17.37 37.52 14.51
CA VAL D 120 -17.31 36.07 14.44
C VAL D 120 -15.90 35.62 14.80
N TYR D 121 -15.80 34.51 15.53
CA TYR D 121 -14.54 33.93 15.93
C TYR D 121 -14.55 32.45 15.58
N ILE D 122 -13.41 31.96 15.14
CA ILE D 122 -13.22 30.57 14.77
C ILE D 122 -12.00 30.04 15.51
N ASP D 123 -12.09 28.80 15.96
CA ASP D 123 -11.00 28.15 16.69
C ASP D 123 -10.60 26.87 15.98
N GLN D 124 -9.36 26.46 16.24
CA GLN D 124 -8.78 25.25 15.65
C GLN D 124 -8.86 25.29 14.12
N ILE D 125 -8.21 26.31 13.55
CA ILE D 125 -8.20 26.47 12.10
C ILE D 125 -7.16 25.56 11.46
N ASP D 126 -6.14 25.15 12.20
CA ASP D 126 -5.12 24.25 11.67
C ASP D 126 -5.68 22.87 11.38
N LYS D 127 -6.83 22.52 11.97
CA LYS D 127 -7.42 21.22 11.78
C LYS D 127 -7.79 20.97 10.31
N ILE D 128 -8.09 22.02 9.55
CA ILE D 128 -8.46 21.86 8.16
C ILE D 128 -7.31 22.12 7.21
N SER D 129 -6.13 22.53 7.72
CA SER D 129 -4.99 22.70 6.84
C SER D 129 -4.51 21.33 6.42
N ARG D 130 -4.73 20.98 5.16
CA ARG D 130 -4.29 19.67 4.66
C ARG D 130 -2.79 19.70 4.39
N LYS D 131 -2.07 18.72 4.93
CA LYS D 131 -0.65 18.58 4.65
C LYS D 131 -0.52 17.42 3.68
N SER D 132 -0.17 17.72 2.44
CA SER D 132 -0.04 16.71 1.40
C SER D 132 0.44 17.42 0.14
N ASP D 133 0.73 16.63 -0.88
CA ASP D 133 1.05 17.17 -2.19
C ASP D 133 -0.29 17.50 -2.84
N ASN D 134 -0.27 17.98 -4.09
CA ASN D 134 -1.53 18.26 -4.79
C ASN D 134 -2.44 17.03 -4.70
N PRO D 135 -3.68 17.15 -4.19
CA PRO D 135 -4.49 15.92 -4.04
C PRO D 135 -5.23 15.45 -5.28
N SER D 136 -4.47 14.87 -6.21
CA SER D 136 -5.07 14.34 -7.43
C SER D 136 -5.85 13.06 -7.16
N ILE D 137 -5.34 12.21 -6.25
CA ILE D 137 -5.94 10.91 -6.00
C ILE D 137 -7.33 11.04 -5.35
N THR D 138 -7.47 11.91 -4.35
CA THR D 138 -8.75 12.01 -3.63
C THR D 138 -9.10 13.46 -3.29
N ARG D 139 -10.38 13.66 -3.04
CA ARG D 139 -10.96 14.95 -2.68
C ARG D 139 -11.24 14.96 -1.19
N ASP D 140 -10.76 16.01 -0.51
CA ASP D 140 -10.94 16.13 0.94
C ASP D 140 -12.20 16.94 1.25
N VAL D 141 -13.06 16.35 2.08
CA VAL D 141 -14.31 17.03 2.47
C VAL D 141 -14.14 17.97 3.66
N SER D 142 -13.04 17.86 4.40
CA SER D 142 -12.78 18.70 5.56
C SER D 142 -11.53 19.56 5.40
N GLY D 143 -10.72 19.32 4.38
CA GLY D 143 -9.50 20.05 4.16
C GLY D 143 -9.65 21.21 3.21
N GLU D 144 -8.97 21.09 2.06
CA GLU D 144 -8.96 22.13 1.03
C GLU D 144 -10.36 22.58 0.65
N GLY D 145 -11.32 21.67 0.62
CA GLY D 145 -12.68 22.03 0.25
C GLY D 145 -13.33 23.02 1.20
N VAL D 146 -13.17 22.80 2.51
CA VAL D 146 -13.78 23.68 3.49
C VAL D 146 -13.23 25.10 3.37
N GLN D 147 -11.93 25.24 3.14
CA GLN D 147 -11.33 26.56 3.03
C GLN D 147 -11.90 27.32 1.84
N GLN D 148 -12.10 26.64 0.71
CA GLN D 148 -12.66 27.30 -0.46
C GLN D 148 -14.07 27.80 -0.18
N ALA D 149 -14.88 26.99 0.52
CA ALA D 149 -16.24 27.39 0.84
C ALA D 149 -16.26 28.66 1.68
N LEU D 150 -15.29 28.80 2.59
CA LEU D 150 -15.23 29.98 3.45
C LEU D 150 -14.97 31.24 2.64
N LEU D 151 -14.26 31.13 1.52
CA LEU D 151 -13.95 32.30 0.70
C LEU D 151 -15.22 33.03 0.29
N LYS D 152 -16.24 32.29 -0.13
CA LYS D 152 -17.49 32.94 -0.53
C LYS D 152 -18.15 33.63 0.66
N LEU D 153 -18.05 33.01 1.84
CA LEU D 153 -18.64 33.60 3.04
C LEU D 153 -18.05 34.95 3.37
N ILE D 154 -16.78 35.16 3.02
CA ILE D 154 -16.08 36.40 3.33
C ILE D 154 -16.02 37.23 2.05
N GLU D 155 -15.70 38.52 2.21
CA GLU D 155 -15.59 39.53 1.17
C GLU D 155 -16.93 39.94 0.57
N GLY D 156 -18.06 39.36 1.00
CA GLY D 156 -19.36 39.76 0.52
C GLY D 156 -20.14 38.67 -0.20
N THR D 157 -21.32 38.33 0.31
CA THR D 157 -22.18 37.34 -0.32
C THR D 157 -23.54 37.38 0.35
N VAL D 158 -24.42 36.48 -0.08
CA VAL D 158 -25.76 36.34 0.48
C VAL D 158 -25.98 34.85 0.71
N ALA D 159 -26.32 34.48 1.94
CA ALA D 159 -26.54 33.08 2.30
C ALA D 159 -28.00 32.85 2.69
N ALA D 160 -28.29 31.61 3.09
CA ALA D 160 -29.62 31.18 3.50
C ALA D 160 -29.54 30.55 4.88
N VAL D 161 -30.40 30.99 5.79
CA VAL D 161 -30.45 30.44 7.15
C VAL D 161 -31.90 30.16 7.54
N PRO D 162 -32.20 29.03 8.18
CA PRO D 162 -33.58 28.77 8.58
C PRO D 162 -34.03 29.72 9.68
N PRO D 163 -35.34 29.98 9.80
CA PRO D 163 -35.81 30.86 10.87
C PRO D 163 -35.86 30.11 12.20
N GLN D 164 -34.71 30.01 12.87
CA GLN D 164 -34.54 29.26 14.12
C GLN D 164 -34.56 27.76 13.89
N GLY D 165 -34.29 27.32 12.67
CA GLY D 165 -34.29 25.93 12.28
C GLY D 165 -35.59 25.47 11.64
N GLY D 166 -36.62 26.31 11.64
CA GLY D 166 -37.89 25.98 11.02
C GLY D 166 -38.88 25.40 12.01
N ARG D 167 -40.07 26.00 12.12
CA ARG D 167 -41.07 25.44 13.02
C ARG D 167 -41.51 24.07 12.50
N GLN D 171 -42.91 25.83 6.30
CA GLN D 171 -42.57 27.21 5.87
C GLN D 171 -41.68 27.14 4.61
N GLN D 172 -40.60 26.36 4.67
CA GLN D 172 -39.64 26.16 3.55
C GLN D 172 -39.15 27.52 3.02
N GLU D 173 -38.80 28.44 3.91
CA GLU D 173 -38.30 29.80 3.54
C GLU D 173 -36.99 30.09 4.31
N PHE D 174 -36.15 30.97 3.77
CA PHE D 174 -34.85 31.38 4.36
C PHE D 174 -34.72 32.91 4.31
N LEU D 175 -33.85 33.47 5.17
CA LEU D 175 -33.58 34.93 5.25
C LEU D 175 -32.18 35.21 4.68
N GLN D 176 -32.02 36.30 3.92
CA GLN D 176 -30.75 36.68 3.30
C GLN D 176 -30.04 37.68 4.19
N VAL D 177 -28.78 37.42 4.50
CA VAL D 177 -27.96 38.27 5.36
C VAL D 177 -26.61 38.49 4.71
N ASP D 178 -26.29 39.73 4.38
CA ASP D 178 -24.99 40.03 3.80
C ASP D 178 -23.90 39.78 4.83
N THR D 179 -22.67 39.59 4.33
CA THR D 179 -21.52 39.34 5.20
C THR D 179 -20.30 40.15 4.79
N SER D 180 -20.47 41.19 3.97
CA SER D 180 -19.32 41.99 3.56
C SER D 180 -18.76 42.79 4.74
N LYS D 181 -19.63 43.24 5.63
CA LYS D 181 -19.25 44.02 6.79
C LYS D 181 -18.92 43.17 8.02
N ILE D 182 -19.15 41.87 7.97
CA ILE D 182 -18.88 41.02 9.13
C ILE D 182 -17.39 40.73 9.22
N LEU D 183 -16.86 40.85 10.44
CA LEU D 183 -15.45 40.58 10.72
C LEU D 183 -15.27 39.13 11.13
N PHE D 184 -14.11 38.58 10.80
CA PHE D 184 -13.76 37.20 11.12
C PHE D 184 -12.41 37.18 11.81
N ILE D 185 -12.31 36.38 12.88
CA ILE D 185 -11.06 36.22 13.64
C ILE D 185 -10.80 34.73 13.73
N CYS D 186 -9.99 34.21 12.80
CA CYS D 186 -9.62 32.82 12.78
C CYS D 186 -8.32 32.62 13.57
N GLY D 187 -8.27 31.55 14.35
CA GLY D 187 -7.08 31.28 15.14
C GLY D 187 -6.90 29.82 15.53
N GLY D 188 -5.70 29.31 15.33
CA GLY D 188 -5.38 27.94 15.68
C GLY D 188 -3.89 27.71 15.76
N ALA D 189 -3.45 26.98 16.78
CA ALA D 189 -2.03 26.70 16.94
C ALA D 189 -1.56 25.78 15.82
N PHE D 190 -0.77 26.32 14.90
CA PHE D 190 -0.25 25.55 13.78
C PHE D 190 0.93 24.72 14.28
N ALA D 191 0.76 23.40 14.34
CA ALA D 191 1.81 22.51 14.80
C ALA D 191 2.76 22.19 13.66
N GLY D 192 4.06 22.29 13.93
CA GLY D 192 5.08 22.01 12.95
C GLY D 192 5.46 23.18 12.07
N LEU D 193 4.90 24.36 12.29
CA LEU D 193 5.24 25.52 11.48
C LEU D 193 6.68 25.97 11.66
N ASP D 194 7.32 25.58 12.77
CA ASP D 194 8.69 25.98 13.01
C ASP D 194 9.67 25.29 12.07
N LYS D 195 9.39 24.03 11.71
CA LYS D 195 10.32 23.29 10.87
C LYS D 195 10.38 23.85 9.45
N VAL D 196 9.24 24.25 8.89
CA VAL D 196 9.24 24.80 7.54
C VAL D 196 9.93 26.16 7.50
N ILE D 197 9.72 26.98 8.53
CA ILE D 197 10.34 28.29 8.57
C ILE D 197 11.85 28.18 8.72
N SER D 198 12.33 27.13 9.39
CA SER D 198 13.76 26.98 9.62
C SER D 198 14.52 26.78 8.31
N HIS D 199 13.92 26.06 7.36
CA HIS D 199 14.59 25.84 6.09
C HIS D 199 14.79 27.16 5.36
N ARG D 200 13.79 28.05 5.43
CA ARG D 200 13.87 29.35 4.78
C ARG D 200 14.90 30.26 5.44
N VAL D 201 15.12 30.12 6.75
CA VAL D 201 16.01 31.01 7.48
C VAL D 201 17.39 30.42 7.77
N GLU D 202 17.53 29.09 7.81
CA GLU D 202 18.86 28.54 8.07
C GLU D 202 19.70 28.59 6.79
N THR D 203 19.09 28.26 5.66
CA THR D 203 19.68 28.31 4.32
C THR D 203 20.69 27.22 4.01
N GLY D 204 21.03 26.35 4.96
CA GLY D 204 22.01 25.32 4.65
C GLY D 204 22.02 24.06 5.50
N SER D 205 22.32 22.95 4.84
CA SER D 205 22.48 21.66 5.51
C SER D 205 23.82 21.61 6.23
N GLY D 206 24.88 22.00 5.53
CA GLY D 206 26.24 22.05 6.03
C GLY D 206 26.99 20.75 6.22
N ILE D 207 26.92 19.86 5.22
CA ILE D 207 27.71 18.63 5.24
C ILE D 207 29.04 18.84 4.53
N GLY D 208 29.22 19.96 3.82
CA GLY D 208 30.44 20.24 3.08
C GLY D 208 31.46 21.05 3.86
N PHE D 209 32.67 21.08 3.30
CA PHE D 209 33.79 21.79 3.92
C PHE D 209 33.50 23.27 4.06
N GLY D 210 33.08 23.92 2.97
CA GLY D 210 32.84 25.35 2.99
C GLY D 210 31.66 25.77 3.84
N ALA D 211 30.54 25.07 3.71
CA ALA D 211 29.32 25.42 4.43
C ALA D 211 29.51 25.40 5.94
N THR D 212 29.00 26.45 6.60
CA THR D 212 29.07 26.62 8.04
C THR D 212 28.06 25.72 8.74
N VAL D 213 28.36 25.40 10.00
CA VAL D 213 27.54 24.49 10.80
C VAL D 213 27.43 25.00 12.23
N LYS D 214 26.23 25.43 12.61
CA LYS D 214 25.91 25.84 13.98
C LYS D 214 24.64 25.06 14.31
N ALA D 215 24.83 23.85 14.82
CA ALA D 215 23.69 22.97 15.12
C ALA D 215 22.85 23.48 16.29
N LYS D 216 23.51 23.82 17.41
CA LYS D 216 22.82 24.25 18.62
C LYS D 216 23.19 25.65 19.10
N SER D 217 24.36 26.16 18.72
CA SER D 217 24.74 27.50 19.16
C SER D 217 23.80 28.56 18.58
N ASP D 218 23.50 28.44 17.28
CA ASP D 218 22.63 29.39 16.58
C ASP D 218 21.24 28.81 16.30
N LYS D 219 20.86 27.72 16.98
CA LYS D 219 19.54 27.11 16.75
C LYS D 219 18.43 28.14 16.95
N ALA D 220 17.51 28.17 16.00
CA ALA D 220 16.40 29.11 16.03
C ALA D 220 15.51 28.92 17.27
N SER D 221 15.06 30.04 17.83
CA SER D 221 14.15 30.04 18.96
C SER D 221 12.74 30.06 18.41
N GLU D 222 11.86 29.23 18.99
CA GLU D 222 10.50 29.12 18.47
C GLU D 222 9.75 30.44 18.53
N GLY D 223 9.88 31.18 19.64
CA GLY D 223 9.22 32.47 19.75
C GLY D 223 9.58 33.43 18.64
N GLU D 224 10.88 33.72 18.54
CA GLU D 224 11.38 34.62 17.50
C GLU D 224 10.99 34.15 16.10
N LEU D 225 11.03 32.84 15.87
CA LEU D 225 10.76 32.30 14.54
C LEU D 225 9.37 32.65 14.04
N LEU D 226 8.35 32.59 14.90
CA LEU D 226 7.01 32.91 14.44
C LEU D 226 6.88 34.36 14.00
N ALA D 227 7.68 35.25 14.59
CA ALA D 227 7.66 36.65 14.19
C ALA D 227 8.03 36.83 12.73
N GLN D 228 8.89 35.95 12.21
CA GLN D 228 9.37 35.99 10.84
C GLN D 228 8.46 35.25 9.86
N VAL D 229 7.21 34.97 10.25
CA VAL D 229 6.32 34.25 9.36
C VAL D 229 5.88 35.14 8.21
N GLU D 230 5.41 34.50 7.15
CA GLU D 230 4.96 35.20 5.95
C GLU D 230 3.92 34.33 5.27
N PRO D 231 3.16 34.89 4.33
CA PRO D 231 2.13 34.06 3.66
C PRO D 231 2.70 32.91 2.87
N GLU D 232 3.87 33.08 2.23
CA GLU D 232 4.45 32.00 1.46
C GLU D 232 4.79 30.80 2.34
N ASP D 233 5.11 31.03 3.62
CA ASP D 233 5.41 29.93 4.51
C ASP D 233 4.18 29.08 4.77
N LEU D 234 3.01 29.70 4.84
CA LEU D 234 1.77 28.98 5.09
C LEU D 234 1.34 28.12 3.91
N ILE D 235 1.76 28.45 2.70
CA ILE D 235 1.37 27.64 1.54
C ILE D 235 1.96 26.25 1.66
N LYS D 236 3.22 26.16 2.10
CA LYS D 236 3.85 24.86 2.31
C LYS D 236 3.12 24.07 3.39
N PHE D 237 2.60 24.77 4.40
CA PHE D 237 1.90 24.10 5.49
C PHE D 237 0.61 23.45 5.02
N GLY D 238 -0.07 24.04 4.04
CA GLY D 238 -1.32 23.50 3.54
C GLY D 238 -2.37 24.54 3.21
N LEU D 239 -2.22 25.75 3.73
CA LEU D 239 -3.20 26.79 3.44
C LEU D 239 -3.11 27.21 1.98
N ILE D 240 -4.23 27.69 1.46
CA ILE D 240 -4.34 28.13 0.07
C ILE D 240 -4.05 29.61 0.03
N PRO D 241 -3.43 30.16 -1.04
CA PRO D 241 -3.21 31.62 -1.04
C PRO D 241 -4.50 32.41 -1.03
N GLU D 242 -5.54 31.89 -1.69
CA GLU D 242 -6.84 32.56 -1.71
C GLU D 242 -7.39 32.73 -0.30
N PHE D 243 -7.11 31.79 0.59
CA PHE D 243 -7.61 31.86 1.96
C PHE D 243 -6.85 32.89 2.77
N ILE D 244 -5.54 32.98 2.57
CA ILE D 244 -4.73 33.93 3.33
C ILE D 244 -4.99 35.35 2.88
N GLY D 245 -5.28 35.56 1.59
CA GLY D 245 -5.55 36.90 1.11
C GLY D 245 -6.74 37.54 1.78
N ARG D 246 -7.71 36.73 2.21
CA ARG D 246 -8.88 37.26 2.92
C ARG D 246 -8.52 37.67 4.34
N LEU D 247 -7.38 37.23 4.87
CA LEU D 247 -6.92 37.51 6.23
C LEU D 247 -5.55 38.18 6.14
N PRO D 248 -5.48 39.47 5.81
CA PRO D 248 -4.17 40.12 5.70
C PRO D 248 -3.43 40.24 7.02
N VAL D 249 -4.13 40.67 8.07
CA VAL D 249 -3.48 40.87 9.36
C VAL D 249 -3.13 39.53 9.98
N VAL D 250 -1.99 39.50 10.68
CA VAL D 250 -1.49 38.30 11.35
C VAL D 250 -0.99 38.72 12.73
N ALA D 251 -1.28 37.90 13.73
CA ALA D 251 -0.86 38.13 15.10
C ALA D 251 -0.10 36.92 15.61
N THR D 252 1.15 37.15 16.01
CA THR D 252 2.03 36.12 16.55
C THR D 252 2.13 36.30 18.05
N LEU D 253 1.98 35.21 18.80
CA LEU D 253 2.05 35.23 20.25
C LEU D 253 3.30 34.53 20.75
N ASN D 254 3.89 35.07 21.80
CA ASN D 254 5.09 34.52 22.42
C ASN D 254 4.73 33.44 23.42
N GLU D 255 5.71 32.59 23.72
CA GLU D 255 5.51 31.52 24.68
C GLU D 255 5.61 32.07 26.10
N LEU D 256 5.03 31.34 27.04
CA LEU D 256 5.04 31.76 28.43
C LEU D 256 6.47 31.77 28.99
N SER D 257 6.69 32.68 29.94
CA SER D 257 7.97 32.86 30.60
C SER D 257 7.79 32.70 32.10
N GLU D 258 8.88 32.29 32.76
CA GLU D 258 8.87 32.08 34.21
C GLU D 258 8.30 33.28 34.96
N GLU D 259 8.61 34.49 34.49
CA GLU D 259 8.09 35.69 35.14
C GLU D 259 6.61 35.88 34.84
N ALA D 260 6.20 35.56 33.61
CA ALA D 260 4.81 35.73 33.22
C ALA D 260 3.88 34.78 33.97
N LEU D 261 4.36 33.56 34.26
CA LEU D 261 3.51 32.60 34.96
C LEU D 261 3.17 33.06 36.37
N ILE D 262 4.09 33.76 37.03
CA ILE D 262 3.82 34.22 38.39
C ILE D 262 2.72 35.27 38.38
N GLN D 263 2.73 36.15 37.37
CA GLN D 263 1.71 37.18 37.30
C GLN D 263 0.33 36.60 36.97
N ILE D 264 0.29 35.48 36.25
CA ILE D 264 -0.98 34.87 35.89
C ILE D 264 -1.72 34.38 37.12
N LEU D 265 -1.01 33.97 38.16
CA LEU D 265 -1.64 33.48 39.37
C LEU D 265 -2.06 34.58 40.34
N LYS D 266 -1.59 35.81 40.15
CA LYS D 266 -1.91 36.91 41.07
C LYS D 266 -2.74 38.02 40.46
N GLU D 267 -2.34 38.56 39.31
CA GLU D 267 -3.08 39.69 38.75
C GLU D 267 -4.45 39.31 38.20
N PRO D 268 -4.61 38.28 37.38
CA PRO D 268 -5.95 37.96 36.86
C PRO D 268 -6.92 37.58 37.97
N LYS D 269 -8.18 38.02 37.80
CA LYS D 269 -9.22 37.69 38.77
C LYS D 269 -9.62 36.22 38.68
N ASN D 270 -9.52 35.63 37.48
CA ASN D 270 -9.86 34.23 37.26
C ASN D 270 -8.67 33.29 37.43
N ALA D 271 -7.66 33.71 38.19
CA ALA D 271 -6.48 32.88 38.39
C ALA D 271 -6.83 31.63 39.18
N LEU D 272 -6.04 30.57 38.96
CA LEU D 272 -6.28 29.31 39.65
C LEU D 272 -6.07 29.44 41.15
N THR D 273 -5.17 30.33 41.57
CA THR D 273 -4.94 30.51 43.00
C THR D 273 -6.20 31.05 43.67
N LYS D 274 -6.83 32.05 43.05
CA LYS D 274 -8.06 32.60 43.62
C LYS D 274 -9.21 31.60 43.53
N GLN D 275 -9.15 30.67 42.57
CA GLN D 275 -10.20 29.66 42.46
C GLN D 275 -10.21 28.76 43.68
N TYR D 276 -9.05 28.21 44.04
CA TYR D 276 -8.97 27.35 45.22
C TYR D 276 -9.22 28.15 46.49
N GLN D 277 -8.88 29.44 46.49
CA GLN D 277 -9.14 30.28 47.66
C GLN D 277 -10.63 30.33 47.95
N ALA D 278 -11.45 30.40 46.89
CA ALA D 278 -12.90 30.43 47.06
C ALA D 278 -13.45 29.03 47.31
N LEU D 279 -12.76 28.00 46.84
CA LEU D 279 -13.20 26.63 47.06
C LEU D 279 -13.22 26.30 48.54
N PHE D 280 -12.24 26.80 49.28
CA PHE D 280 -12.16 26.57 50.72
C PHE D 280 -12.88 27.64 51.53
N ASN D 281 -13.21 28.79 50.94
CA ASN D 281 -13.90 29.83 51.68
C ASN D 281 -15.27 29.35 52.14
N LEU D 282 -15.95 28.58 51.30
CA LEU D 282 -17.25 28.04 51.69
C LEU D 282 -17.10 27.07 52.85
N GLU D 283 -15.97 26.37 52.91
CA GLU D 283 -15.67 25.41 53.97
C GLU D 283 -15.21 26.08 55.26
N GLY D 284 -15.02 27.40 55.26
CA GLY D 284 -14.56 28.07 56.45
C GLY D 284 -13.08 27.90 56.71
N VAL D 285 -12.28 27.81 55.65
CA VAL D 285 -10.84 27.63 55.75
C VAL D 285 -10.16 28.62 54.80
N ASP D 286 -9.03 29.16 55.24
CA ASP D 286 -8.26 30.11 54.46
C ASP D 286 -7.17 29.40 53.68
N LEU D 287 -6.75 30.01 52.58
CA LEU D 287 -5.71 29.48 51.72
C LEU D 287 -4.63 30.53 51.50
N GLU D 288 -3.39 30.08 51.37
CA GLU D 288 -2.26 30.95 51.16
C GLU D 288 -1.30 30.31 50.17
N PHE D 289 -0.55 31.16 49.46
CA PHE D 289 0.42 30.71 48.46
C PHE D 289 1.62 31.64 48.55
N ARG D 290 2.74 31.13 49.04
CA ARG D 290 3.95 31.93 49.17
C ARG D 290 4.68 32.01 47.84
N ASP D 291 5.52 33.05 47.72
CA ASP D 291 6.26 33.27 46.49
C ASP D 291 7.26 32.15 46.22
N GLU D 292 7.78 31.51 47.26
CA GLU D 292 8.74 30.43 47.06
C GLU D 292 8.12 29.27 46.30
N ALA D 293 6.82 29.04 46.48
CA ALA D 293 6.15 27.94 45.78
C ALA D 293 5.86 28.28 44.33
N LEU D 294 5.64 29.56 44.03
CA LEU D 294 5.31 29.96 42.65
C LEU D 294 6.52 29.79 41.73
N ASP D 295 7.71 30.11 42.22
CA ASP D 295 8.90 29.98 41.38
C ASP D 295 9.17 28.53 41.01
N ALA D 296 8.87 27.60 41.93
CA ALA D 296 9.08 26.19 41.64
C ALA D 296 8.02 25.68 40.65
N ILE D 297 6.80 26.18 40.75
CA ILE D 297 5.72 25.75 39.86
C ILE D 297 6.01 26.19 38.43
N ALA D 298 6.62 27.37 38.25
CA ALA D 298 6.90 27.85 36.91
C ALA D 298 7.90 26.95 36.18
N LYS D 299 8.92 26.49 36.89
CA LYS D 299 9.92 25.62 36.26
C LYS D 299 9.31 24.28 35.88
N LYS D 300 8.41 23.76 36.72
CA LYS D 300 7.79 22.47 36.42
C LYS D 300 6.82 22.57 35.25
N ALA D 301 6.18 23.72 35.06
CA ALA D 301 5.22 23.88 33.98
C ALA D 301 5.90 24.03 32.62
N MET D 302 7.02 24.76 32.58
CA MET D 302 7.71 24.95 31.30
C MET D 302 8.26 23.63 30.76
N ALA D 303 8.67 22.73 31.65
CA ALA D 303 9.20 21.44 31.22
C ALA D 303 8.12 20.59 30.57
N ARG D 304 6.86 20.76 30.97
CA ARG D 304 5.78 19.97 30.41
C ARG D 304 5.46 20.34 28.96
N LYS D 305 5.84 21.54 28.52
CA LYS D 305 5.59 21.99 27.15
C LYS D 305 4.09 22.00 26.85
N THR D 306 3.31 22.55 27.78
CA THR D 306 1.87 22.65 27.66
C THR D 306 1.31 24.05 27.85
N GLY D 307 2.03 24.94 28.53
CA GLY D 307 1.56 26.30 28.74
C GLY D 307 0.77 26.46 30.02
N ALA D 308 -0.06 27.51 30.03
CA ALA D 308 -0.86 27.82 31.20
C ALA D 308 -1.84 26.70 31.53
N ARG D 309 -2.32 25.97 30.52
CA ARG D 309 -3.26 24.89 30.77
C ARG D 309 -2.63 23.72 31.51
N GLY D 310 -1.30 23.59 31.46
CA GLY D 310 -0.62 22.51 32.14
C GLY D 310 -0.20 22.86 33.55
N LEU D 311 -0.87 23.85 34.16
CA LEU D 311 -0.55 24.27 35.51
C LEU D 311 -1.39 23.56 36.56
N ARG D 312 -2.65 23.25 36.26
CA ARG D 312 -3.50 22.57 37.23
C ARG D 312 -2.93 21.22 37.62
N SER D 313 -2.22 20.55 36.71
CA SER D 313 -1.62 19.26 37.04
C SER D 313 -0.57 19.40 38.14
N ILE D 314 0.11 20.55 38.18
CA ILE D 314 1.12 20.78 39.20
C ILE D 314 0.47 21.07 40.55
N VAL D 315 -0.66 21.76 40.54
CA VAL D 315 -1.33 22.14 41.79
C VAL D 315 -2.13 20.99 42.36
N GLU D 316 -3.08 20.46 41.57
CA GLU D 316 -3.95 19.40 42.08
C GLU D 316 -3.19 18.14 42.43
N ALA D 317 -2.07 17.86 41.74
CA ALA D 317 -1.30 16.66 42.09
C ALA D 317 -0.65 16.80 43.45
N ALA D 318 -0.35 18.04 43.87
CA ALA D 318 0.27 18.27 45.16
C ALA D 318 -0.74 18.29 46.30
N LEU D 319 -1.88 18.95 46.08
CA LEU D 319 -2.92 19.08 47.10
C LEU D 319 -3.93 17.94 47.07
N LEU D 320 -3.57 16.80 46.47
CA LEU D 320 -4.49 15.66 46.43
C LEU D 320 -4.73 15.11 47.82
N ASP D 321 -3.66 14.71 48.50
CA ASP D 321 -3.76 14.16 49.85
C ASP D 321 -4.43 15.15 50.80
N THR D 322 -4.07 16.43 50.71
CA THR D 322 -4.63 17.43 51.60
C THR D 322 -6.14 17.59 51.40
N MET D 323 -6.57 17.67 50.14
CA MET D 323 -7.99 17.84 49.86
C MET D 323 -8.79 16.60 50.24
N TYR D 324 -8.19 15.42 50.11
CA TYR D 324 -8.90 14.18 50.41
C TYR D 324 -9.33 14.10 51.87
N ASP D 325 -8.52 14.61 52.79
CA ASP D 325 -8.83 14.56 54.22
C ASP D 325 -9.07 15.93 54.84
N LEU D 326 -9.37 16.95 54.03
CA LEU D 326 -9.64 18.28 54.59
C LEU D 326 -11.03 18.38 55.20
N PRO D 327 -12.11 17.87 54.57
CA PRO D 327 -13.42 18.01 55.20
C PRO D 327 -13.54 17.29 56.54
N SER D 328 -12.98 16.08 56.64
CA SER D 328 -13.03 15.33 57.89
C SER D 328 -12.41 16.11 59.03
N MET D 329 -11.32 16.83 58.75
CA MET D 329 -10.65 17.60 59.79
C MET D 329 -11.55 18.72 60.29
N GLU D 330 -11.38 19.05 61.56
CA GLU D 330 -12.17 20.09 62.24
C GLU D 330 -11.25 21.11 62.89
N ASP D 331 -11.77 22.33 63.05
CA ASP D 331 -11.08 23.44 63.66
C ASP D 331 -9.92 23.96 62.82
N VAL D 332 -9.86 23.59 61.54
CA VAL D 332 -8.79 24.05 60.65
C VAL D 332 -9.29 25.30 59.95
N GLU D 333 -8.60 26.43 60.16
CA GLU D 333 -8.98 27.71 59.59
C GLU D 333 -8.04 28.24 58.51
N LYS D 334 -6.79 27.78 58.46
CA LYS D 334 -5.85 28.28 57.47
C LYS D 334 -4.88 27.18 57.05
N VAL D 335 -4.44 27.27 55.79
CA VAL D 335 -3.50 26.32 55.21
C VAL D 335 -2.39 27.10 54.54
N VAL D 336 -1.15 26.61 54.70
CA VAL D 336 0.04 27.23 54.12
C VAL D 336 0.74 26.19 53.27
N ILE D 337 1.12 26.59 52.05
CA ILE D 337 1.82 25.73 51.11
C ILE D 337 3.22 26.28 50.89
N ASP D 338 4.22 25.51 51.26
CA ASP D 338 5.62 25.90 51.13
C ASP D 338 6.22 25.30 49.86
N GLU D 339 7.42 25.81 49.51
CA GLU D 339 8.14 25.32 48.33
C GLU D 339 8.36 23.81 48.41
N SER D 340 8.65 23.31 49.61
CA SER D 340 8.88 21.88 49.79
C SER D 340 7.65 21.06 49.42
N VAL D 341 6.46 21.62 49.64
CA VAL D 341 5.22 20.91 49.34
C VAL D 341 5.15 20.58 47.84
N ILE D 342 5.58 21.52 47.00
CA ILE D 342 5.56 21.28 45.56
C ILE D 342 6.55 20.18 45.20
N ASP D 343 7.73 20.20 45.82
CA ASP D 343 8.73 19.18 45.56
C ASP D 343 8.27 17.81 46.04
N GLY D 344 7.43 17.77 47.08
CA GLY D 344 6.95 16.53 47.64
C GLY D 344 7.74 16.02 48.82
N GLN D 345 8.81 16.70 49.22
CA GLN D 345 9.62 16.25 50.35
C GLN D 345 8.83 16.34 51.66
N SER D 346 8.11 17.45 51.85
CA SER D 346 7.32 17.69 53.05
C SER D 346 5.84 17.79 52.68
N GLU D 347 5.02 18.04 53.71
CA GLU D 347 3.58 18.17 53.57
C GLU D 347 3.15 19.60 53.88
N PRO D 348 1.98 20.03 53.39
CA PRO D 348 1.54 21.40 53.65
C PRO D 348 1.13 21.59 55.11
N LEU D 349 1.71 22.60 55.74
CA LEU D 349 1.39 22.90 57.13
C LEU D 349 -0.07 23.31 57.26
N LEU D 350 -0.71 22.82 58.33
CA LEU D 350 -2.10 23.11 58.63
C LEU D 350 -2.18 23.90 59.92
N ILE D 351 -3.11 24.85 59.96
CA ILE D 351 -3.33 25.72 61.13
C ILE D 351 -4.65 25.34 61.77
N TYR D 352 -4.71 25.48 63.09
CA TYR D 352 -5.88 25.14 63.88
C TYR D 352 -6.37 26.40 64.60
N GLY D 353 -7.67 26.66 64.49
CA GLY D 353 -8.27 27.82 65.11
C GLY D 353 -8.72 27.55 66.54
N ALA E 2 -26.49 18.14 53.17
CA ALA E 2 -25.18 17.60 53.51
C ALA E 2 -24.68 16.67 52.41
N LEU E 3 -23.61 17.07 51.75
CA LEU E 3 -23.02 16.29 50.67
C LEU E 3 -22.06 15.25 51.22
N PRO E 4 -21.78 14.17 50.49
CA PRO E 4 -20.85 13.17 51.00
C PRO E 4 -19.42 13.70 50.98
N THR E 5 -18.60 13.14 51.85
CA THR E 5 -17.19 13.51 51.99
C THR E 5 -16.32 12.55 51.21
N PRO E 6 -15.04 12.90 51.00
CA PRO E 6 -14.15 11.96 50.30
C PRO E 6 -13.95 10.66 51.05
N HIS E 7 -13.97 10.70 52.38
CA HIS E 7 -13.83 9.48 53.15
C HIS E 7 -15.06 8.60 53.03
N GLU E 8 -16.25 9.23 53.02
CA GLU E 8 -17.49 8.47 52.92
C GLU E 8 -17.60 7.80 51.55
N ILE E 9 -17.31 8.54 50.48
CA ILE E 9 -17.39 7.98 49.14
C ILE E 9 -16.31 6.92 48.93
N ARG E 10 -15.17 7.08 49.59
CA ARG E 10 -14.09 6.10 49.44
C ARG E 10 -14.50 4.76 50.03
N ASN E 11 -15.14 4.78 51.21
CA ASN E 11 -15.60 3.54 51.82
C ASN E 11 -16.66 2.88 50.96
N HIS E 12 -17.45 3.67 50.24
CA HIS E 12 -18.46 3.12 49.35
C HIS E 12 -17.81 2.36 48.20
N LEU E 13 -16.69 2.87 47.71
CA LEU E 13 -15.96 2.24 46.62
C LEU E 13 -15.15 1.05 47.08
N ASP E 14 -14.77 1.01 48.37
CA ASP E 14 -14.00 -0.12 48.88
C ASP E 14 -14.80 -1.42 48.80
N ASP E 15 -16.13 -1.32 48.87
CA ASP E 15 -16.99 -2.50 48.78
C ASP E 15 -17.10 -3.05 47.36
N TYR E 16 -16.49 -2.38 46.37
CA TYR E 16 -16.53 -2.84 44.99
C TYR E 16 -15.16 -2.83 44.31
N VAL E 17 -14.12 -2.32 44.96
CA VAL E 17 -12.78 -2.28 44.40
C VAL E 17 -11.78 -2.69 45.48
N ILE E 18 -10.75 -3.42 45.07
CA ILE E 18 -9.70 -3.88 45.96
C ILE E 18 -8.35 -3.56 45.33
N GLY E 19 -7.39 -3.18 46.16
CA GLY E 19 -6.05 -2.90 45.69
C GLY E 19 -5.88 -1.65 44.84
N GLN E 20 -6.60 -0.58 45.16
CA GLN E 20 -6.47 0.67 44.40
C GLN E 20 -6.68 1.82 45.38
N GLU E 21 -5.57 2.37 45.87
CA GLU E 21 -5.58 3.49 46.81
C GLU E 21 -5.41 4.84 46.13
N GLN E 22 -4.43 4.96 45.24
CA GLN E 22 -4.16 6.23 44.58
C GLN E 22 -5.29 6.62 43.64
N ALA E 23 -5.90 5.64 42.96
CA ALA E 23 -6.96 5.99 42.01
C ALA E 23 -8.22 6.45 42.73
N LYS E 24 -8.52 5.87 43.88
CA LYS E 24 -9.72 6.27 44.62
C LYS E 24 -9.60 7.72 45.10
N LYS E 25 -8.40 8.13 45.52
CA LYS E 25 -8.20 9.49 45.99
C LYS E 25 -8.46 10.53 44.91
N VAL E 26 -8.13 10.20 43.66
CA VAL E 26 -8.30 11.16 42.58
C VAL E 26 -9.78 11.37 42.27
N LEU E 27 -10.53 10.29 42.11
CA LEU E 27 -11.95 10.41 41.80
C LEU E 27 -12.71 11.03 42.97
N ALA E 28 -12.31 10.70 44.20
CA ALA E 28 -13.00 11.25 45.36
C ALA E 28 -12.78 12.75 45.48
N VAL E 29 -11.54 13.20 45.33
CA VAL E 29 -11.26 14.63 45.41
C VAL E 29 -11.84 15.36 44.22
N ALA E 30 -11.79 14.73 43.04
CA ALA E 30 -12.30 15.38 41.84
C ALA E 30 -13.82 15.51 41.88
N VAL E 31 -14.52 14.42 42.22
CA VAL E 31 -15.97 14.46 42.28
C VAL E 31 -16.44 15.42 43.37
N TYR E 32 -15.71 15.46 44.49
CA TYR E 32 -16.06 16.38 45.58
C TYR E 32 -15.98 17.82 45.10
N ASN E 33 -14.90 18.17 44.40
CA ASN E 33 -14.74 19.51 43.89
C ASN E 33 -15.80 19.83 42.83
N HIS E 34 -16.30 18.81 42.14
CA HIS E 34 -17.32 19.03 41.12
C HIS E 34 -18.59 19.60 41.73
N TYR E 35 -18.98 19.10 42.90
CA TYR E 35 -20.19 19.61 43.55
C TYR E 35 -20.00 21.05 44.00
N LYS E 36 -18.79 21.38 44.47
CA LYS E 36 -18.53 22.75 44.90
C LYS E 36 -18.56 23.70 43.71
N ARG E 37 -17.98 23.29 42.58
CA ARG E 37 -18.00 24.12 41.39
C ARG E 37 -19.43 24.35 40.91
N LEU E 38 -20.31 23.38 41.14
CA LEU E 38 -21.71 23.51 40.76
C LEU E 38 -22.48 24.37 41.76
N ARG E 39 -22.17 24.20 43.05
CA ARG E 39 -22.86 24.96 44.09
C ARG E 39 -22.64 26.46 43.93
N ASN E 40 -21.52 26.86 43.35
CA ASN E 40 -21.17 28.26 43.13
C ASN E 40 -20.97 28.45 41.63
N GLY E 41 -22.04 28.81 40.93
CA GLY E 41 -21.99 29.04 39.50
C GLY E 41 -21.47 30.44 39.20
N ASP E 42 -20.25 30.72 39.64
CA ASP E 42 -19.61 32.03 39.47
C ASP E 42 -20.47 33.15 40.07
N THR E 43 -21.23 32.84 41.12
CA THR E 43 -22.06 33.82 41.82
C THR E 43 -21.44 34.31 43.12
N SER E 44 -20.56 33.51 43.72
CA SER E 44 -19.88 33.86 44.95
C SER E 44 -18.69 34.77 44.60
N ASN E 45 -17.83 35.04 45.59
CA ASN E 45 -16.66 35.87 45.34
C ASN E 45 -15.73 35.21 44.33
N GLY E 46 -15.72 33.88 44.28
CA GLY E 46 -14.89 33.18 43.31
C GLY E 46 -15.56 33.20 41.96
N VAL E 47 -14.99 33.96 41.04
CA VAL E 47 -15.52 34.12 39.70
C VAL E 47 -14.70 33.30 38.72
N GLU E 48 -15.37 32.79 37.68
CA GLU E 48 -14.74 32.00 36.63
C GLU E 48 -14.02 30.78 37.19
N LEU E 49 -14.80 29.90 37.83
CA LEU E 49 -14.25 28.68 38.39
C LEU E 49 -13.87 27.73 37.26
N GLY E 50 -12.61 27.32 37.25
CA GLY E 50 -12.09 26.47 36.21
C GLY E 50 -12.60 25.04 36.33
N LYS E 51 -11.97 24.17 35.55
CA LYS E 51 -12.32 22.76 35.49
C LYS E 51 -11.05 21.93 35.40
N SER E 52 -11.13 20.71 35.94
CA SER E 52 -10.00 19.78 35.96
C SER E 52 -10.51 18.39 35.69
N ASN E 53 -10.23 17.87 34.49
CA ASN E 53 -10.65 16.54 34.12
C ASN E 53 -9.66 15.51 34.67
N ILE E 54 -9.94 14.24 34.42
CA ILE E 54 -9.14 13.14 34.93
C ILE E 54 -8.72 12.22 33.79
N LEU E 55 -7.51 11.68 33.91
CA LEU E 55 -6.95 10.75 32.93
C LEU E 55 -6.49 9.50 33.67
N LEU E 56 -7.24 8.41 33.51
CA LEU E 56 -6.92 7.14 34.16
C LEU E 56 -6.04 6.30 33.25
N ILE E 57 -4.97 5.76 33.81
CA ILE E 57 -4.05 4.90 33.07
C ILE E 57 -3.79 3.66 33.90
N GLY E 58 -3.90 2.50 33.28
CA GLY E 58 -3.65 1.24 33.93
C GLY E 58 -3.84 0.09 32.97
N PRO E 59 -3.39 -1.12 33.33
CA PRO E 59 -3.59 -2.26 32.44
C PRO E 59 -5.07 -2.58 32.30
N THR E 60 -5.36 -3.50 31.39
CA THR E 60 -6.72 -3.94 31.16
C THR E 60 -7.19 -4.89 32.25
N GLY E 61 -8.50 -4.89 32.48
CA GLY E 61 -9.06 -5.78 33.49
C GLY E 61 -8.68 -5.44 34.91
N SER E 62 -8.42 -4.16 35.20
CA SER E 62 -8.08 -3.66 36.53
C SER E 62 -9.25 -3.03 37.29
N GLY E 63 -10.32 -2.64 36.59
CA GLY E 63 -11.48 -1.98 37.19
C GLY E 63 -11.73 -0.57 36.76
N LYS E 64 -11.15 -0.16 35.62
CA LYS E 64 -11.40 1.20 35.15
C LYS E 64 -12.87 1.36 34.78
N THR E 65 -13.41 0.40 34.02
CA THR E 65 -14.83 0.43 33.69
C THR E 65 -15.69 0.24 34.93
N LEU E 66 -15.15 -0.44 35.94
CA LEU E 66 -15.89 -0.70 37.17
C LEU E 66 -16.10 0.59 37.96
N LEU E 67 -15.07 1.43 38.02
CA LEU E 67 -15.15 2.67 38.79
C LEU E 67 -16.19 3.61 38.20
N ALA E 68 -16.33 3.62 36.87
CA ALA E 68 -17.28 4.54 36.24
C ALA E 68 -18.72 4.14 36.54
N GLU E 69 -19.01 2.84 36.60
CA GLU E 69 -20.37 2.39 36.86
C GLU E 69 -20.74 2.48 38.33
N THR E 70 -19.88 1.96 39.21
CA THR E 70 -20.16 1.99 40.63
C THR E 70 -20.24 3.41 41.18
N LEU E 71 -19.46 4.34 40.61
CA LEU E 71 -19.49 5.72 41.08
C LEU E 71 -20.83 6.38 40.83
N ALA E 72 -21.51 6.01 39.74
CA ALA E 72 -22.80 6.60 39.41
C ALA E 72 -23.89 6.23 40.42
N ARG E 73 -23.73 5.12 41.14
CA ARG E 73 -24.75 4.68 42.08
C ARG E 73 -24.95 5.67 43.21
N LEU E 74 -23.86 6.07 43.88
CA LEU E 74 -23.94 6.97 45.01
C LEU E 74 -23.89 8.45 44.62
N LEU E 75 -23.55 8.77 43.37
CA LEU E 75 -23.47 10.17 42.96
C LEU E 75 -24.86 10.79 42.83
N ASP E 76 -25.77 10.10 42.16
CA ASP E 76 -27.16 10.48 41.90
C ASP E 76 -27.31 11.55 40.82
N VAL E 77 -26.22 12.08 40.27
CA VAL E 77 -26.31 13.05 39.18
C VAL E 77 -26.35 12.20 37.91
N PRO E 78 -26.76 12.70 36.76
CA PRO E 78 -26.77 11.83 35.57
C PRO E 78 -25.37 11.42 35.16
N PHE E 79 -25.25 10.18 34.73
CA PHE E 79 -23.99 9.59 34.29
C PHE E 79 -24.24 8.82 33.00
N THR E 80 -23.22 8.73 32.16
CA THR E 80 -23.31 7.99 30.92
C THR E 80 -21.98 7.30 30.65
N MET E 81 -21.94 6.53 29.57
CA MET E 81 -20.74 5.79 29.18
C MET E 81 -20.79 5.59 27.68
N ALA E 82 -19.82 6.15 26.97
CA ALA E 82 -19.70 6.03 25.53
C ALA E 82 -18.38 5.38 25.17
N ASP E 83 -18.23 5.04 23.89
CA ASP E 83 -17.03 4.39 23.38
C ASP E 83 -16.31 5.29 22.39
N ALA E 84 -15.01 5.49 22.62
CA ALA E 84 -14.19 6.29 21.73
C ALA E 84 -13.94 5.62 20.40
N THR E 85 -14.02 4.28 20.34
CA THR E 85 -13.77 3.56 19.10
C THR E 85 -14.75 3.98 18.01
N THR E 86 -15.99 4.27 18.39
CA THR E 86 -17.02 4.66 17.42
C THR E 86 -16.98 6.18 17.23
N LEU E 87 -15.89 6.63 16.61
CA LEU E 87 -15.70 8.05 16.34
C LEU E 87 -14.73 8.21 15.18
N THR E 88 -14.85 9.34 14.49
CA THR E 88 -14.02 9.70 13.34
C THR E 88 -14.17 11.20 13.13
N GLU E 89 -13.40 11.73 12.19
CA GLU E 89 -13.47 13.15 11.88
C GLU E 89 -14.78 13.49 11.16
N ALA E 90 -15.21 14.74 11.33
CA ALA E 90 -16.42 15.23 10.70
C ALA E 90 -16.39 15.05 9.19
N GLY E 91 -17.55 14.70 8.63
CA GLY E 91 -17.68 14.45 7.20
C GLY E 91 -17.66 13.00 6.81
N TYR E 92 -17.46 12.09 7.76
CA TYR E 92 -17.43 10.67 7.53
C TYR E 92 -18.56 10.03 8.33
N VAL E 93 -19.12 8.95 7.79
CA VAL E 93 -20.27 8.28 8.41
C VAL E 93 -19.98 7.88 9.84
N GLY E 94 -18.74 7.47 10.13
CA GLY E 94 -18.40 7.06 11.48
C GLY E 94 -18.57 8.15 12.51
N GLU E 95 -18.16 9.38 12.17
CA GLU E 95 -18.22 10.50 13.10
C GLU E 95 -19.63 10.73 13.64
N ASP E 96 -19.77 10.55 14.95
CA ASP E 96 -21.00 10.75 15.70
C ASP E 96 -20.66 11.49 16.99
N VAL E 97 -19.80 12.52 16.91
CA VAL E 97 -19.32 13.22 18.10
C VAL E 97 -20.46 13.81 18.91
N GLU E 98 -21.57 14.17 18.26
CA GLU E 98 -22.71 14.71 19.01
C GLU E 98 -23.41 13.64 19.84
N ASN E 99 -23.30 12.36 19.46
CA ASN E 99 -23.99 11.30 20.18
C ASN E 99 -23.63 11.23 21.66
N ILE E 100 -22.38 11.55 22.03
CA ILE E 100 -21.98 11.48 23.43
C ILE E 100 -22.85 12.40 24.28
N ILE E 101 -23.03 13.64 23.82
CA ILE E 101 -23.91 14.56 24.54
C ILE E 101 -25.34 14.05 24.48
N GLN E 102 -25.74 13.52 23.32
CA GLN E 102 -27.09 12.99 23.14
C GLN E 102 -27.39 11.90 24.16
N LYS E 103 -26.46 10.96 24.34
CA LYS E 103 -26.63 9.87 25.31
C LYS E 103 -26.95 10.41 26.70
N LEU E 104 -26.16 11.39 27.15
CA LEU E 104 -26.36 12.01 28.45
C LEU E 104 -27.80 12.46 28.68
N LEU E 105 -28.45 12.98 27.65
CA LEU E 105 -29.82 13.45 27.81
C LEU E 105 -30.79 12.28 27.99
N GLN E 106 -30.48 11.11 27.44
CA GLN E 106 -31.36 9.96 27.61
C GLN E 106 -31.45 9.58 29.09
N LYS E 107 -30.33 9.70 29.80
CA LYS E 107 -30.28 9.38 31.23
C LYS E 107 -30.93 10.47 32.07
N SER E 108 -30.87 11.72 31.61
CA SER E 108 -31.43 12.86 32.33
C SER E 108 -32.87 13.18 31.91
N ASP E 109 -33.44 12.42 30.96
CA ASP E 109 -34.82 12.61 30.51
C ASP E 109 -34.99 13.95 29.78
N TYR E 110 -33.99 14.32 28.98
CA TYR E 110 -34.01 15.55 28.20
C TYR E 110 -34.19 16.77 29.10
N ASP E 111 -33.24 16.92 30.03
CA ASP E 111 -33.21 18.03 30.98
C ASP E 111 -31.85 18.71 30.77
N VAL E 112 -31.87 19.80 30.01
CA VAL E 112 -30.63 20.52 29.71
C VAL E 112 -30.01 21.10 30.98
N GLN E 113 -30.84 21.66 31.87
CA GLN E 113 -30.31 22.23 33.09
C GLN E 113 -29.69 21.16 33.98
N LYS E 114 -30.16 19.92 33.87
CA LYS E 114 -29.63 18.82 34.68
C LYS E 114 -28.53 18.06 33.96
N ALA E 115 -28.51 18.08 32.63
CA ALA E 115 -27.47 17.37 31.90
C ALA E 115 -26.12 18.08 32.00
N GLN E 116 -26.13 19.41 32.07
CA GLN E 116 -24.88 20.16 32.19
C GLN E 116 -24.17 19.83 33.50
N ARG E 117 -24.93 19.45 34.53
CA ARG E 117 -24.39 19.12 35.83
C ARG E 117 -24.01 17.64 35.96
N GLY E 118 -24.00 16.89 34.86
CA GLY E 118 -23.67 15.48 34.91
C GLY E 118 -22.18 15.20 34.76
N ILE E 119 -21.88 13.91 34.69
CA ILE E 119 -20.52 13.41 34.54
C ILE E 119 -20.50 12.45 33.36
N VAL E 120 -19.36 12.42 32.66
CA VAL E 120 -19.19 11.58 31.47
C VAL E 120 -17.86 10.84 31.59
N TYR E 121 -17.83 9.62 31.04
CA TYR E 121 -16.66 8.76 31.06
C TYR E 121 -16.40 8.23 29.66
N ILE E 122 -15.13 8.09 29.33
CA ILE E 122 -14.67 7.59 28.04
C ILE E 122 -13.72 6.43 28.28
N ASP E 123 -13.80 5.40 27.43
CA ASP E 123 -12.97 4.21 27.54
C ASP E 123 -12.24 3.98 26.24
N GLN E 124 -11.06 3.37 26.34
CA GLN E 124 -10.20 3.05 25.20
C GLN E 124 -9.83 4.31 24.44
N ILE E 125 -9.19 5.24 25.15
CA ILE E 125 -8.78 6.50 24.55
C ILE E 125 -7.52 6.32 23.70
N ASP E 126 -6.64 5.38 24.07
CA ASP E 126 -5.40 5.16 23.32
C ASP E 126 -5.63 4.73 21.88
N LYS E 127 -6.83 4.23 21.55
CA LYS E 127 -7.10 3.76 20.20
C LYS E 127 -6.94 4.85 19.13
N ILE E 128 -6.92 6.13 19.50
CA ILE E 128 -6.81 7.20 18.53
C ILE E 128 -5.44 7.89 18.59
N SER E 129 -4.42 7.21 19.10
CA SER E 129 -3.09 7.79 19.13
C SER E 129 -2.49 7.74 17.72
N ARG E 130 -1.89 8.84 17.30
CA ARG E 130 -1.27 8.87 15.99
C ARG E 130 -0.07 7.91 15.94
N LYS E 131 0.14 7.32 14.77
CA LYS E 131 1.23 6.39 14.55
C LYS E 131 2.47 7.02 13.93
N SER E 132 2.46 8.35 13.75
CA SER E 132 3.57 9.08 13.14
C SER E 132 3.99 8.46 11.81
N ASP E 133 3.00 8.26 10.94
CA ASP E 133 3.22 7.67 9.62
C ASP E 133 3.18 8.76 8.55
N SER E 136 2.84 14.72 7.97
CA SER E 136 2.34 13.42 7.54
C SER E 136 2.10 13.40 6.03
N ILE E 137 2.12 12.19 5.45
CA ILE E 137 1.91 12.00 4.02
C ILE E 137 0.50 11.54 3.70
N THR E 138 -0.39 11.45 4.70
CA THR E 138 -1.75 11.00 4.49
C THR E 138 -2.66 11.69 5.51
N ARG E 139 -3.96 11.59 5.27
CA ARG E 139 -4.97 12.17 6.15
C ARG E 139 -5.63 11.01 6.91
N ASP E 140 -5.69 11.14 8.23
CA ASP E 140 -6.23 10.10 9.10
C ASP E 140 -7.63 10.48 9.58
N VAL E 141 -8.63 9.69 9.16
CA VAL E 141 -9.98 9.91 9.62
C VAL E 141 -10.10 9.49 11.08
N SER E 142 -9.36 8.46 11.47
CA SER E 142 -9.31 7.93 12.82
C SER E 142 -7.89 8.15 13.34
N GLY E 143 -7.79 8.54 14.61
CA GLY E 143 -6.50 8.86 15.19
C GLY E 143 -6.41 10.33 15.55
N GLU E 144 -5.25 10.94 15.31
CA GLU E 144 -4.99 12.35 15.63
C GLU E 144 -6.17 13.25 15.29
N GLY E 145 -6.68 13.15 14.05
CA GLY E 145 -7.84 13.89 13.61
C GLY E 145 -8.99 13.94 14.61
N VAL E 146 -9.25 12.81 15.26
CA VAL E 146 -10.34 12.74 16.23
C VAL E 146 -10.04 13.59 17.45
N GLN E 147 -8.78 13.61 17.89
CA GLN E 147 -8.41 14.38 19.07
C GLN E 147 -8.64 15.87 18.87
N GLN E 148 -8.32 16.38 17.68
CA GLN E 148 -8.51 17.80 17.39
C GLN E 148 -9.96 18.24 17.59
N ALA E 149 -10.92 17.37 17.30
CA ALA E 149 -12.33 17.72 17.46
C ALA E 149 -12.74 17.80 18.92
N LEU E 150 -12.12 17.00 19.78
CA LEU E 150 -12.47 16.98 21.19
C LEU E 150 -11.94 18.16 21.97
N LEU E 151 -10.90 18.84 21.46
CA LEU E 151 -10.30 19.99 22.13
C LEU E 151 -11.35 21.02 22.56
N LYS E 152 -12.10 21.54 21.59
CA LYS E 152 -13.10 22.55 21.90
C LYS E 152 -14.22 21.99 22.78
N LEU E 153 -14.53 20.70 22.64
CA LEU E 153 -15.61 20.11 23.42
C LEU E 153 -15.27 20.07 24.91
N ILE E 154 -14.03 19.78 25.26
CA ILE E 154 -13.65 19.69 26.68
C ILE E 154 -13.64 21.08 27.30
N GLU E 155 -12.82 21.98 26.76
CA GLU E 155 -12.71 23.37 27.22
C GLU E 155 -14.08 23.99 27.51
N GLY E 156 -15.02 23.84 26.59
CA GLY E 156 -16.36 24.37 26.71
C GLY E 156 -16.82 25.08 25.46
N THR E 157 -18.01 24.74 25.01
CA THR E 157 -18.63 25.30 23.82
C THR E 157 -20.09 24.88 23.85
N VAL E 158 -20.83 25.20 22.79
CA VAL E 158 -22.25 24.85 22.69
C VAL E 158 -22.40 23.99 21.44
N ALA E 159 -22.39 22.68 21.63
CA ALA E 159 -22.60 21.74 20.54
C ALA E 159 -24.07 21.69 20.17
N ALA E 160 -24.35 21.27 18.93
CA ALA E 160 -25.71 21.13 18.45
C ALA E 160 -26.09 19.66 18.57
N VAL E 161 -27.22 19.39 19.21
CA VAL E 161 -27.71 18.03 19.44
C VAL E 161 -29.06 17.87 18.76
N PRO E 162 -29.26 16.87 17.92
CA PRO E 162 -30.61 16.66 17.36
C PRO E 162 -31.56 16.27 18.48
N PRO E 163 -32.74 16.90 18.58
CA PRO E 163 -33.64 16.56 19.70
C PRO E 163 -34.02 15.07 19.70
N GLN E 164 -33.75 14.42 20.83
CA GLN E 164 -34.00 12.99 21.03
C GLN E 164 -33.40 12.17 19.89
N GLY E 165 -32.22 12.58 19.45
CA GLY E 165 -31.50 11.95 18.37
C GLY E 165 -31.99 12.29 16.99
N GLY E 166 -33.04 13.11 16.86
CA GLY E 166 -33.54 13.53 15.57
C GLY E 166 -34.61 12.60 15.03
N ARG E 167 -35.79 13.14 14.70
CA ARG E 167 -36.84 12.29 14.14
C ARG E 167 -36.51 11.91 12.70
N LYS E 168 -36.20 12.91 11.87
CA LYS E 168 -35.91 12.79 10.43
C LYS E 168 -35.44 14.15 9.96
N HIS E 169 -35.07 14.26 8.69
CA HIS E 169 -34.57 15.53 8.14
C HIS E 169 -35.57 16.70 8.20
N PRO E 170 -36.89 16.52 8.04
CA PRO E 170 -37.81 17.68 8.04
C PRO E 170 -37.71 18.65 9.23
N GLN E 171 -37.43 18.18 10.44
CA GLN E 171 -37.39 19.09 11.59
C GLN E 171 -36.34 20.18 11.42
N GLN E 172 -35.12 19.81 11.06
CA GLN E 172 -34.04 20.76 10.79
C GLN E 172 -33.74 21.68 11.99
N GLU E 173 -34.02 21.23 13.21
CA GLU E 173 -33.73 21.99 14.42
C GLU E 173 -32.77 21.21 15.30
N PHE E 174 -32.05 21.92 16.16
CA PHE E 174 -31.08 21.31 17.05
C PHE E 174 -31.22 21.88 18.46
N LEU E 175 -30.58 21.21 19.40
CA LEU E 175 -30.56 21.57 20.81
C LEU E 175 -29.18 22.08 21.19
N GLN E 176 -29.13 23.27 21.79
CA GLN E 176 -27.88 23.88 22.22
C GLN E 176 -27.73 23.65 23.72
N VAL E 177 -26.65 22.96 24.11
CA VAL E 177 -26.38 22.61 25.50
C VAL E 177 -24.94 22.99 25.84
N ASP E 178 -24.78 23.93 26.77
CA ASP E 178 -23.44 24.33 27.22
C ASP E 178 -22.68 23.11 27.71
N THR E 179 -21.36 23.12 27.52
CA THR E 179 -20.50 22.01 27.92
C THR E 179 -19.28 22.45 28.72
N SER E 180 -19.17 23.72 29.09
CA SER E 180 -18.03 24.17 29.87
C SER E 180 -18.00 23.53 31.26
N LYS E 181 -19.18 23.28 31.84
CA LYS E 181 -19.29 22.72 33.18
C LYS E 181 -19.28 21.19 33.21
N ILE E 182 -19.39 20.52 32.07
CA ILE E 182 -19.44 19.06 32.05
C ILE E 182 -18.03 18.50 32.22
N LEU E 183 -17.92 17.47 33.04
CA LEU E 183 -16.66 16.79 33.32
C LEU E 183 -16.50 15.59 32.39
N PHE E 184 -15.25 15.25 32.09
CA PHE E 184 -14.92 14.11 31.26
C PHE E 184 -13.81 13.33 31.95
N ILE E 185 -13.95 12.00 31.95
CA ILE E 185 -12.97 11.11 32.58
C ILE E 185 -12.54 10.10 31.52
N CYS E 186 -11.44 10.38 30.84
CA CYS E 186 -10.91 9.50 29.81
C CYS E 186 -9.99 8.48 30.46
N GLY E 187 -10.11 7.23 30.04
CA GLY E 187 -9.28 6.17 30.58
C GLY E 187 -9.09 5.05 29.57
N GLY E 188 -7.98 4.34 29.70
CA GLY E 188 -7.70 3.24 28.81
C GLY E 188 -6.29 2.70 28.96
N ALA E 189 -6.07 1.46 28.53
CA ALA E 189 -4.76 0.84 28.58
C ALA E 189 -3.89 1.37 27.47
N PHE E 190 -2.61 1.58 27.78
CA PHE E 190 -1.64 2.11 26.82
C PHE E 190 -0.53 1.06 26.65
N ALA E 191 -0.68 0.23 25.62
CA ALA E 191 0.30 -0.80 25.32
C ALA E 191 1.54 -0.18 24.70
N GLY E 192 2.70 -0.57 25.19
CA GLY E 192 3.95 -0.05 24.67
C GLY E 192 4.38 1.28 25.25
N LEU E 193 3.52 1.92 26.05
CA LEU E 193 3.88 3.22 26.61
C LEU E 193 5.05 3.11 27.56
N ASP E 194 4.98 2.18 28.52
CA ASP E 194 6.04 1.94 29.49
C ASP E 194 7.43 1.89 28.84
N LYS E 195 7.52 1.25 27.67
CA LYS E 195 8.80 1.20 26.96
C LYS E 195 9.28 2.59 26.60
N VAL E 196 8.36 3.45 26.14
CA VAL E 196 8.74 4.81 25.76
C VAL E 196 9.23 5.59 26.96
N ILE E 197 8.50 5.49 28.09
CA ILE E 197 8.91 6.21 29.28
C ILE E 197 10.21 5.64 29.83
N SER E 198 10.34 4.31 29.81
CA SER E 198 11.54 3.65 30.32
C SER E 198 12.78 4.10 29.58
N HIS E 199 12.70 4.15 28.25
CA HIS E 199 13.85 4.57 27.45
C HIS E 199 14.28 5.98 27.79
N ARG E 200 13.32 6.89 27.98
CA ARG E 200 13.65 8.28 28.27
C ARG E 200 14.16 8.44 29.70
N VAL E 201 13.42 7.92 30.68
CA VAL E 201 13.79 8.10 32.08
C VAL E 201 15.02 7.28 32.44
N GLU E 202 15.08 6.00 32.05
CA GLU E 202 16.18 5.14 32.48
C GLU E 202 17.37 5.13 31.54
N THR E 203 17.93 6.29 31.21
CA THR E 203 19.18 6.32 30.45
C THR E 203 19.80 7.72 30.45
N GLY E 204 21.10 7.77 30.68
CA GLY E 204 21.88 8.99 30.59
C GLY E 204 23.26 8.71 30.03
N SER E 205 23.42 7.55 29.37
CA SER E 205 24.73 7.08 28.96
C SER E 205 24.91 6.85 27.45
N GLY E 206 26.16 7.05 27.03
CA GLY E 206 26.58 6.77 25.69
C GLY E 206 27.13 5.35 25.62
N ILE E 207 27.46 4.91 24.42
CA ILE E 207 27.98 3.55 24.21
C ILE E 207 29.50 3.49 24.17
N GLY E 208 30.19 4.63 24.09
CA GLY E 208 31.64 4.62 24.01
C GLY E 208 32.36 4.38 25.33
N PHE E 209 33.68 4.43 25.24
CA PHE E 209 34.55 4.21 26.39
C PHE E 209 34.41 5.32 27.43
N GLY E 210 34.56 6.58 27.00
CA GLY E 210 34.53 7.69 27.93
C GLY E 210 33.19 7.94 28.60
N ALA E 211 32.10 7.72 27.87
CA ALA E 211 30.79 7.97 28.44
C ALA E 211 30.51 7.04 29.62
N THR E 212 30.01 7.62 30.70
CA THR E 212 29.67 6.87 31.90
C THR E 212 28.40 6.07 31.64
N VAL E 213 28.26 4.94 32.34
CA VAL E 213 27.13 4.04 32.15
C VAL E 213 26.24 4.08 33.39
N LYS E 214 24.97 4.43 33.17
CA LYS E 214 23.97 4.49 34.22
C LYS E 214 23.39 3.11 34.48
N ALA E 215 23.49 2.64 35.72
CA ALA E 215 22.92 1.36 36.11
C ALA E 215 21.50 1.62 36.58
N LYS E 216 20.52 1.09 35.86
CA LYS E 216 19.12 1.33 36.20
C LYS E 216 18.26 0.27 35.53
N SER E 217 16.95 0.33 35.81
CA SER E 217 15.94 -0.58 35.26
C SER E 217 16.22 -2.03 35.65
N ASP E 218 16.47 -2.25 36.94
CA ASP E 218 16.70 -3.62 37.41
C ASP E 218 15.44 -4.46 37.26
N LYS E 219 14.29 -3.87 37.58
CA LYS E 219 12.99 -4.51 37.51
C LYS E 219 12.09 -3.72 36.57
N ALA E 220 11.08 -4.40 36.02
CA ALA E 220 10.15 -3.74 35.12
C ALA E 220 9.42 -2.60 35.84
N SER E 221 8.81 -2.92 36.98
CA SER E 221 8.11 -1.93 37.81
C SER E 221 7.05 -1.16 37.01
N GLU E 222 6.07 -1.90 36.49
CA GLU E 222 5.03 -1.28 35.67
C GLU E 222 4.22 -0.28 36.49
N GLY E 223 3.93 -0.62 37.75
CA GLY E 223 3.17 0.30 38.58
C GLY E 223 3.96 1.53 38.96
N GLU E 224 5.22 1.33 39.38
CA GLU E 224 6.06 2.44 39.79
C GLU E 224 6.61 3.24 38.61
N LEU E 225 6.58 2.69 37.40
CA LEU E 225 7.10 3.40 36.24
C LEU E 225 6.07 4.37 35.67
N LEU E 226 4.80 3.95 35.63
CA LEU E 226 3.76 4.82 35.11
C LEU E 226 3.57 6.03 36.01
N ALA E 227 3.89 5.91 37.30
CA ALA E 227 3.78 7.04 38.21
C ALA E 227 4.70 8.18 37.79
N GLN E 228 5.82 7.85 37.13
CA GLN E 228 6.79 8.83 36.66
C GLN E 228 6.44 9.38 35.28
N VAL E 229 5.21 9.20 34.82
CA VAL E 229 4.83 9.68 33.50
C VAL E 229 4.73 11.21 33.52
N GLU E 230 4.70 11.79 32.32
CA GLU E 230 4.63 13.23 32.14
C GLU E 230 4.00 13.49 30.79
N PRO E 231 3.60 14.75 30.53
CA PRO E 231 2.99 15.02 29.22
C PRO E 231 3.93 14.84 28.05
N GLU E 232 5.20 15.23 28.20
CA GLU E 232 6.15 15.07 27.10
C GLU E 232 6.33 13.61 26.71
N ASP E 233 6.19 12.70 27.67
CA ASP E 233 6.29 11.28 27.36
C ASP E 233 5.15 10.83 26.45
N LEU E 234 3.98 11.44 26.61
CA LEU E 234 2.82 11.08 25.79
C LEU E 234 2.92 11.62 24.37
N ILE E 235 3.68 12.70 24.15
CA ILE E 235 3.80 13.25 22.81
C ILE E 235 4.50 12.25 21.90
N LYS E 236 5.54 11.59 22.42
CA LYS E 236 6.23 10.57 21.65
C LYS E 236 5.31 9.39 21.36
N PHE E 237 4.42 9.07 22.31
CA PHE E 237 3.48 7.98 22.11
C PHE E 237 2.54 8.26 20.94
N GLY E 238 2.16 9.53 20.77
CA GLY E 238 1.27 9.91 19.69
C GLY E 238 0.24 10.96 20.05
N LEU E 239 -0.01 11.18 21.33
CA LEU E 239 -0.99 12.18 21.73
C LEU E 239 -0.48 13.57 21.41
N ILE E 240 -1.42 14.51 21.29
CA ILE E 240 -1.12 15.89 20.94
C ILE E 240 -0.95 16.67 22.24
N PRO E 241 -0.08 17.68 22.32
CA PRO E 241 0.04 18.43 23.59
C PRO E 241 -1.24 19.15 23.96
N GLU E 242 -1.99 19.64 22.98
CA GLU E 242 -3.22 20.36 23.27
C GLU E 242 -4.23 19.47 23.97
N PHE E 243 -4.36 18.22 23.52
CA PHE E 243 -5.31 17.30 24.14
C PHE E 243 -4.92 17.01 25.58
N ILE E 244 -3.62 16.89 25.85
CA ILE E 244 -3.17 16.62 27.21
C ILE E 244 -3.42 17.81 28.12
N GLY E 245 -3.34 19.03 27.57
CA GLY E 245 -3.59 20.21 28.38
C GLY E 245 -5.01 20.24 28.92
N ARG E 246 -5.96 19.68 28.16
CA ARG E 246 -7.35 19.63 28.63
C ARG E 246 -7.52 18.65 29.78
N LEU E 247 -6.58 17.73 29.97
CA LEU E 247 -6.62 16.72 31.03
C LEU E 247 -5.37 16.90 31.90
N PRO E 248 -5.39 17.85 32.84
CA PRO E 248 -4.19 18.05 33.66
C PRO E 248 -3.95 16.93 34.66
N VAL E 249 -4.99 16.41 35.30
CA VAL E 249 -4.81 15.38 36.30
C VAL E 249 -4.52 14.05 35.62
N VAL E 250 -3.70 13.23 36.29
CA VAL E 250 -3.30 11.93 35.80
C VAL E 250 -3.41 10.95 36.97
N ALA E 251 -3.72 9.70 36.64
CA ALA E 251 -3.86 8.64 37.62
C ALA E 251 -3.18 7.38 37.11
N THR E 252 -2.43 6.73 37.99
CA THR E 252 -1.70 5.50 37.67
C THR E 252 -2.29 4.38 38.50
N LEU E 253 -2.79 3.35 37.83
CA LEU E 253 -3.40 2.20 38.48
C LEU E 253 -2.39 1.06 38.59
N ASN E 254 -2.09 0.66 39.82
CA ASN E 254 -1.18 -0.45 40.02
C ASN E 254 -1.79 -1.73 39.47
N GLU E 255 -0.95 -2.60 38.93
CA GLU E 255 -1.44 -3.83 38.35
C GLU E 255 -1.92 -4.78 39.44
N LEU E 256 -2.43 -5.93 39.03
CA LEU E 256 -2.93 -6.94 39.95
C LEU E 256 -1.81 -7.83 40.46
N SER E 257 -2.02 -8.37 41.67
CA SER E 257 -1.08 -9.28 42.32
C SER E 257 -1.80 -10.58 42.63
N GLU E 258 -1.02 -11.60 43.02
CA GLU E 258 -1.60 -12.89 43.35
C GLU E 258 -2.51 -12.80 44.57
N GLU E 259 -2.00 -12.23 45.67
CA GLU E 259 -2.80 -12.10 46.88
C GLU E 259 -3.98 -11.15 46.67
N ALA E 260 -3.85 -10.20 45.75
CA ALA E 260 -4.94 -9.27 45.49
C ALA E 260 -6.18 -9.98 44.97
N LEU E 261 -5.97 -11.03 44.17
CA LEU E 261 -7.09 -11.77 43.61
C LEU E 261 -7.91 -12.45 44.70
N ILE E 262 -7.25 -12.97 45.73
CA ILE E 262 -7.96 -13.65 46.80
C ILE E 262 -8.86 -12.66 47.54
N GLN E 263 -8.38 -11.44 47.76
CA GLN E 263 -9.20 -10.44 48.42
C GLN E 263 -10.40 -10.03 47.57
N ILE E 264 -10.24 -10.06 46.25
CA ILE E 264 -11.32 -9.68 45.35
C ILE E 264 -12.47 -10.65 45.42
N LEU E 265 -12.21 -11.92 45.72
CA LEU E 265 -13.25 -12.93 45.79
C LEU E 265 -13.95 -13.03 47.14
N LYS E 266 -13.48 -12.34 48.17
CA LYS E 266 -14.06 -12.41 49.51
C LYS E 266 -14.64 -11.10 50.02
N GLU E 267 -13.89 -10.00 49.90
CA GLU E 267 -14.35 -8.73 50.47
C GLU E 267 -15.49 -8.08 49.69
N PRO E 268 -15.40 -7.86 48.37
CA PRO E 268 -16.49 -7.17 47.68
C PRO E 268 -17.75 -8.00 47.56
N LYS E 269 -18.88 -7.30 47.56
CA LYS E 269 -20.18 -7.96 47.42
C LYS E 269 -20.34 -8.57 46.03
N ASN E 270 -19.67 -8.02 45.03
CA ASN E 270 -19.75 -8.50 43.66
C ASN E 270 -18.77 -9.64 43.37
N ALA E 271 -18.21 -10.26 44.41
CA ALA E 271 -17.29 -11.37 44.20
C ALA E 271 -18.02 -12.55 43.58
N LEU E 272 -17.32 -13.28 42.72
CA LEU E 272 -17.94 -14.43 42.06
C LEU E 272 -18.33 -15.50 43.07
N THR E 273 -17.59 -15.60 44.17
CA THR E 273 -17.94 -16.58 45.20
C THR E 273 -19.32 -16.27 45.76
N LYS E 274 -19.63 -15.00 45.98
CA LYS E 274 -20.94 -14.63 46.48
C LYS E 274 -22.01 -14.82 45.41
N GLN E 275 -21.64 -14.68 44.14
CA GLN E 275 -22.62 -14.87 43.07
C GLN E 275 -23.07 -16.32 43.00
N TYR E 276 -22.11 -17.25 42.95
CA TYR E 276 -22.45 -18.67 42.90
C TYR E 276 -23.07 -19.12 44.21
N GLN E 277 -22.68 -18.50 45.33
CA GLN E 277 -23.28 -18.85 46.62
C GLN E 277 -24.77 -18.58 46.61
N ALA E 278 -25.18 -17.45 46.01
CA ALA E 278 -26.60 -17.14 45.91
C ALA E 278 -27.28 -17.95 44.83
N LEU E 279 -26.52 -18.39 43.82
CA LEU E 279 -27.09 -19.21 42.76
C LEU E 279 -27.62 -20.53 43.31
N PHE E 280 -26.95 -21.08 44.32
CA PHE E 280 -27.36 -22.32 44.97
C PHE E 280 -28.26 -22.06 46.18
N ASN E 281 -28.33 -20.83 46.66
CA ASN E 281 -29.18 -20.53 47.81
C ASN E 281 -30.64 -20.75 47.47
N LEU E 282 -31.04 -20.45 46.24
CA LEU E 282 -32.44 -20.66 45.84
C LEU E 282 -32.79 -22.15 45.87
N GLU E 283 -31.81 -23.01 45.63
CA GLU E 283 -32.02 -24.45 45.66
C GLU E 283 -31.95 -25.04 47.06
N GLY E 284 -31.79 -24.20 48.09
CA GLY E 284 -31.70 -24.71 49.44
C GLY E 284 -30.42 -25.49 49.68
N VAL E 285 -29.31 -25.03 49.10
CA VAL E 285 -28.02 -25.70 49.22
C VAL E 285 -26.96 -24.65 49.55
N ASP E 286 -25.99 -25.06 50.36
CA ASP E 286 -24.89 -24.23 50.80
C ASP E 286 -23.68 -24.46 49.90
N LEU E 287 -22.79 -23.45 49.88
CA LEU E 287 -21.57 -23.51 49.09
C LEU E 287 -20.40 -23.03 49.94
N GLU E 288 -19.22 -23.53 49.62
CA GLU E 288 -17.99 -23.17 50.35
C GLU E 288 -16.84 -23.03 49.38
N PHE E 289 -15.86 -22.21 49.77
CA PHE E 289 -14.66 -22.00 48.97
C PHE E 289 -13.50 -21.82 49.96
N ARG E 290 -12.68 -22.84 50.09
CA ARG E 290 -11.55 -22.79 51.01
C ARG E 290 -10.37 -22.04 50.39
N ASP E 291 -9.50 -21.53 51.25
CA ASP E 291 -8.32 -20.79 50.78
C ASP E 291 -7.40 -21.69 49.97
N GLU E 292 -7.40 -22.99 50.23
CA GLU E 292 -6.54 -23.91 49.49
C GLU E 292 -6.86 -23.91 48.00
N ALA E 293 -8.11 -23.59 47.64
CA ALA E 293 -8.53 -23.53 46.25
C ALA E 293 -8.35 -22.14 45.64
N LEU E 294 -8.53 -21.08 46.44
CA LEU E 294 -8.41 -19.73 45.92
C LEU E 294 -6.98 -19.39 45.53
N ASP E 295 -6.01 -19.73 46.39
CA ASP E 295 -4.62 -19.43 46.08
C ASP E 295 -4.15 -20.17 44.83
N ALA E 296 -4.70 -21.35 44.57
CA ALA E 296 -4.32 -22.10 43.38
C ALA E 296 -4.91 -21.45 42.13
N ILE E 297 -6.12 -20.90 42.25
CA ILE E 297 -6.76 -20.25 41.12
C ILE E 297 -5.97 -19.01 40.70
N ALA E 298 -5.37 -18.31 41.66
CA ALA E 298 -4.61 -17.11 41.36
C ALA E 298 -3.40 -17.45 40.50
N LYS E 299 -2.76 -18.60 40.75
CA LYS E 299 -1.61 -18.98 39.95
C LYS E 299 -2.03 -19.27 38.52
N LYS E 300 -3.21 -19.87 38.35
CA LYS E 300 -3.73 -20.16 37.02
C LYS E 300 -3.96 -18.87 36.23
N ALA E 301 -4.54 -17.86 36.90
CA ALA E 301 -4.85 -16.60 36.22
C ALA E 301 -3.60 -15.90 35.74
N MET E 302 -2.59 -15.75 36.60
CA MET E 302 -1.38 -15.06 36.18
C MET E 302 -0.66 -15.84 35.09
N ALA E 303 -0.79 -17.16 35.10
CA ALA E 303 -0.19 -17.96 34.03
C ALA E 303 -0.86 -17.66 32.70
N ARG E 304 -2.18 -17.43 32.72
CA ARG E 304 -2.95 -17.14 31.52
C ARG E 304 -2.68 -15.74 30.97
N LYS E 305 -2.16 -14.82 31.78
CA LYS E 305 -1.92 -13.44 31.37
C LYS E 305 -3.21 -12.79 30.86
N THR E 306 -4.32 -13.13 31.52
CA THR E 306 -5.64 -12.62 31.20
C THR E 306 -6.18 -11.64 32.24
N GLY E 307 -5.68 -11.68 33.46
CA GLY E 307 -6.16 -10.80 34.51
C GLY E 307 -7.40 -11.33 35.19
N ALA E 308 -7.98 -10.47 36.03
CA ALA E 308 -9.17 -10.84 36.79
C ALA E 308 -10.40 -11.06 35.91
N ARG E 309 -10.43 -10.50 34.71
CA ARG E 309 -11.60 -10.67 33.85
C ARG E 309 -11.75 -12.12 33.40
N GLY E 310 -10.63 -12.80 33.13
CA GLY E 310 -10.68 -14.18 32.69
C GLY E 310 -10.50 -15.16 33.83
N LEU E 311 -11.06 -14.82 35.00
CA LEU E 311 -10.99 -15.68 36.16
C LEU E 311 -12.15 -16.66 36.24
N ARG E 312 -13.28 -16.31 35.63
CA ARG E 312 -14.45 -17.18 35.66
C ARG E 312 -14.19 -18.51 34.97
N SER E 313 -13.45 -18.49 33.86
CA SER E 313 -13.15 -19.71 33.10
C SER E 313 -12.53 -20.80 33.96
N ILE E 314 -11.76 -20.41 34.98
CA ILE E 314 -11.14 -21.41 35.84
C ILE E 314 -12.15 -21.97 36.82
N VAL E 315 -13.09 -21.14 37.27
CA VAL E 315 -14.10 -21.59 38.23
C VAL E 315 -15.16 -22.44 37.55
N GLU E 316 -15.78 -21.91 36.50
CA GLU E 316 -16.85 -22.63 35.82
C GLU E 316 -16.36 -23.94 35.21
N ALA E 317 -15.09 -24.00 34.80
CA ALA E 317 -14.56 -25.24 34.23
C ALA E 317 -14.55 -26.36 35.25
N ALA E 318 -14.42 -26.03 36.54
CA ALA E 318 -14.39 -27.02 37.61
C ALA E 318 -15.78 -27.41 38.08
N LEU E 319 -16.70 -26.45 38.18
CA LEU E 319 -18.05 -26.70 38.65
C LEU E 319 -19.03 -27.04 37.53
N LEU E 320 -18.52 -27.46 36.37
CA LEU E 320 -19.40 -27.81 35.26
C LEU E 320 -20.19 -29.07 35.56
N ASP E 321 -19.49 -30.16 35.88
CA ASP E 321 -20.19 -31.42 36.14
C ASP E 321 -21.04 -31.35 37.41
N THR E 322 -20.60 -30.59 38.41
CA THR E 322 -21.38 -30.46 39.64
C THR E 322 -22.70 -29.76 39.37
N MET E 323 -22.64 -28.64 38.64
CA MET E 323 -23.85 -27.89 38.31
C MET E 323 -24.77 -28.68 37.39
N TYR E 324 -24.19 -29.44 36.46
CA TYR E 324 -24.98 -30.19 35.50
C TYR E 324 -25.90 -31.19 36.18
N ASP E 325 -25.44 -31.85 37.24
CA ASP E 325 -26.25 -32.83 37.96
C ASP E 325 -26.72 -32.33 39.32
N LEU E 326 -26.73 -31.01 39.53
CA LEU E 326 -27.20 -30.47 40.80
C LEU E 326 -28.73 -30.45 40.90
N PRO E 327 -29.48 -29.97 39.89
CA PRO E 327 -30.94 -29.97 40.02
C PRO E 327 -31.55 -31.33 40.23
N SER E 328 -31.09 -32.35 39.50
CA SER E 328 -31.64 -33.69 39.67
C SER E 328 -31.30 -34.26 41.03
N MET E 329 -30.13 -33.92 41.57
CA MET E 329 -29.75 -34.41 42.88
C MET E 329 -30.66 -33.82 43.94
N GLU E 330 -30.99 -34.63 44.94
CA GLU E 330 -31.85 -34.23 46.04
C GLU E 330 -31.20 -34.62 47.35
N ASP E 331 -31.68 -33.98 48.43
CA ASP E 331 -31.19 -34.23 49.79
C ASP E 331 -29.74 -33.78 49.97
N VAL E 332 -29.29 -32.81 49.16
CA VAL E 332 -27.93 -32.28 49.22
C VAL E 332 -28.01 -30.88 49.80
N GLU E 333 -27.26 -30.64 50.89
CA GLU E 333 -27.25 -29.36 51.58
C GLU E 333 -25.93 -28.61 51.54
N LYS E 334 -24.84 -29.23 51.10
CA LYS E 334 -23.56 -28.51 51.09
C LYS E 334 -22.64 -29.11 50.03
N VAL E 335 -21.79 -28.25 49.48
CA VAL E 335 -20.81 -28.60 48.46
C VAL E 335 -19.48 -27.94 48.84
N VAL E 336 -18.40 -28.72 48.86
CA VAL E 336 -17.07 -28.23 49.20
C VAL E 336 -16.14 -28.48 48.03
N ILE E 337 -15.37 -27.45 47.67
CA ILE E 337 -14.42 -27.48 46.57
C ILE E 337 -13.02 -27.44 47.16
N ASP E 338 -12.27 -28.53 47.01
CA ASP E 338 -10.91 -28.62 47.50
C ASP E 338 -9.91 -28.21 46.42
N GLU E 339 -8.62 -28.23 46.78
CA GLU E 339 -7.58 -27.86 45.82
C GLU E 339 -7.45 -28.90 44.72
N SER E 340 -7.65 -30.18 45.05
CA SER E 340 -7.56 -31.25 44.06
C SER E 340 -8.58 -31.06 42.95
N VAL E 341 -9.76 -30.53 43.29
CA VAL E 341 -10.82 -30.34 42.30
C VAL E 341 -10.36 -29.41 41.19
N ILE E 342 -9.56 -28.39 41.52
CA ILE E 342 -9.09 -27.46 40.50
C ILE E 342 -8.18 -28.19 39.52
N ASP E 343 -7.29 -29.04 40.01
CA ASP E 343 -6.42 -29.79 39.13
C ASP E 343 -7.21 -30.80 38.31
N GLY E 344 -8.35 -31.27 38.84
CA GLY E 344 -9.21 -32.22 38.17
C GLY E 344 -9.03 -33.65 38.62
N GLN E 345 -8.05 -33.93 39.48
CA GLN E 345 -7.83 -35.30 39.95
C GLN E 345 -9.03 -35.80 40.74
N SER E 346 -9.63 -34.95 41.57
CA SER E 346 -10.77 -35.30 42.40
C SER E 346 -12.00 -34.50 41.98
N GLU E 347 -13.12 -34.82 42.62
CA GLU E 347 -14.41 -34.19 42.42
C GLU E 347 -14.84 -33.47 43.70
N PRO E 348 -15.62 -32.39 43.60
CA PRO E 348 -16.03 -31.69 44.83
C PRO E 348 -16.85 -32.59 45.75
N LEU E 349 -16.57 -32.47 47.05
CA LEU E 349 -17.25 -33.26 48.06
C LEU E 349 -18.64 -32.71 48.31
N LEU E 350 -19.64 -33.58 48.22
CA LEU E 350 -21.03 -33.23 48.43
C LEU E 350 -21.53 -33.88 49.71
N ILE E 351 -22.25 -33.09 50.52
CA ILE E 351 -22.79 -33.53 51.80
C ILE E 351 -24.29 -33.66 51.65
N TYR E 352 -24.83 -34.77 52.13
CA TYR E 352 -26.26 -35.04 52.05
C TYR E 352 -26.95 -34.69 53.36
N LEU F 3 -37.46 -22.79 34.00
CA LEU F 3 -38.19 -24.02 34.31
C LEU F 3 -37.48 -25.33 33.90
N PRO F 4 -36.92 -25.42 32.70
CA PRO F 4 -36.24 -26.66 32.31
C PRO F 4 -35.00 -26.91 33.18
N THR F 5 -34.40 -28.07 32.97
CA THR F 5 -33.21 -28.52 33.68
C THR F 5 -32.15 -28.96 32.70
N PRO F 6 -30.90 -29.11 33.14
CA PRO F 6 -29.86 -29.55 32.20
C PRO F 6 -30.09 -30.93 31.64
N HIS F 7 -30.69 -31.84 32.42
CA HIS F 7 -30.94 -33.19 31.91
C HIS F 7 -32.06 -33.19 30.89
N GLU F 8 -33.11 -32.40 31.13
CA GLU F 8 -34.22 -32.35 30.20
C GLU F 8 -33.80 -31.72 28.88
N ILE F 9 -33.07 -30.61 28.94
CA ILE F 9 -32.63 -29.95 27.71
C ILE F 9 -31.61 -30.79 26.99
N ARG F 10 -30.82 -31.58 27.72
CA ARG F 10 -29.84 -32.46 27.08
C ARG F 10 -30.51 -33.45 26.15
N ASN F 11 -31.63 -34.03 26.60
CA ASN F 11 -32.34 -35.01 25.78
C ASN F 11 -32.92 -34.34 24.55
N HIS F 12 -33.51 -33.15 24.71
CA HIS F 12 -34.06 -32.45 23.55
C HIS F 12 -32.97 -32.10 22.56
N LEU F 13 -31.82 -31.62 23.07
CA LEU F 13 -30.69 -31.32 22.20
C LEU F 13 -30.19 -32.59 21.52
N ASP F 14 -30.13 -33.69 22.27
CA ASP F 14 -29.69 -34.97 21.71
C ASP F 14 -30.59 -35.40 20.56
N ASP F 15 -31.89 -35.13 20.67
CA ASP F 15 -32.84 -35.53 19.62
C ASP F 15 -32.48 -34.91 18.27
N TYR F 16 -31.99 -33.67 18.27
CA TYR F 16 -31.66 -32.96 17.04
C TYR F 16 -30.15 -32.88 16.76
N VAL F 17 -29.30 -33.15 17.75
CA VAL F 17 -27.86 -33.10 17.58
C VAL F 17 -27.25 -34.36 18.18
N ILE F 18 -26.16 -34.82 17.57
CA ILE F 18 -25.48 -36.03 18.02
C ILE F 18 -23.98 -35.87 17.75
N GLY F 19 -23.20 -36.75 18.38
CA GLY F 19 -21.75 -36.75 18.27
C GLY F 19 -21.05 -35.64 19.00
N GLN F 20 -21.76 -34.82 19.77
CA GLN F 20 -21.17 -33.72 20.54
C GLN F 20 -21.75 -33.84 21.95
N GLU F 21 -21.04 -34.58 22.82
CA GLU F 21 -21.50 -34.78 24.18
C GLU F 21 -21.04 -33.68 25.13
N GLN F 22 -19.77 -33.30 25.04
CA GLN F 22 -19.25 -32.24 25.92
C GLN F 22 -19.92 -30.91 25.64
N ALA F 23 -20.24 -30.63 24.38
CA ALA F 23 -20.86 -29.36 24.03
C ALA F 23 -22.26 -29.23 24.64
N LYS F 24 -22.97 -30.34 24.82
CA LYS F 24 -24.31 -30.27 25.39
C LYS F 24 -24.27 -29.84 26.85
N LYS F 25 -23.37 -30.43 27.63
CA LYS F 25 -23.27 -30.06 29.04
C LYS F 25 -22.83 -28.62 29.23
N VAL F 26 -21.99 -28.12 28.32
CA VAL F 26 -21.53 -26.74 28.44
C VAL F 26 -22.68 -25.76 28.22
N LEU F 27 -23.40 -25.91 27.11
CA LEU F 27 -24.50 -25.01 26.82
C LEU F 27 -25.67 -25.21 27.77
N ALA F 28 -25.87 -26.43 28.27
CA ALA F 28 -26.98 -26.69 29.17
C ALA F 28 -26.80 -25.93 30.48
N VAL F 29 -25.67 -26.12 31.15
CA VAL F 29 -25.43 -25.43 32.41
C VAL F 29 -25.29 -23.93 32.20
N ALA F 30 -24.74 -23.51 31.07
CA ALA F 30 -24.58 -22.09 30.80
C ALA F 30 -25.94 -21.41 30.64
N VAL F 31 -26.78 -21.94 29.75
CA VAL F 31 -28.09 -21.37 29.53
C VAL F 31 -28.96 -21.54 30.76
N TYR F 32 -28.79 -22.64 31.50
CA TYR F 32 -29.59 -22.86 32.69
C TYR F 32 -29.31 -21.78 33.74
N ASN F 33 -28.04 -21.59 34.08
CA ASN F 33 -27.69 -20.57 35.06
C ASN F 33 -27.93 -19.16 34.54
N HIS F 34 -27.84 -18.97 33.22
CA HIS F 34 -28.06 -17.65 32.66
C HIS F 34 -29.50 -17.18 32.88
N TYR F 35 -30.47 -18.04 32.58
CA TYR F 35 -31.87 -17.68 32.77
C TYR F 35 -32.27 -17.70 34.23
N LYS F 36 -31.56 -18.45 35.07
CA LYS F 36 -31.84 -18.43 36.50
C LYS F 36 -31.61 -17.04 37.06
N ARG F 37 -30.58 -16.36 36.54
CA ARG F 37 -30.27 -15.00 36.97
C ARG F 37 -31.36 -14.02 36.56
N LEU F 38 -32.07 -14.31 35.47
CA LEU F 38 -33.13 -13.39 35.03
C LEU F 38 -34.39 -13.56 35.88
N ARG F 39 -34.74 -14.79 36.23
CA ARG F 39 -35.92 -15.02 37.06
C ARG F 39 -35.75 -14.42 38.44
N ASN F 40 -34.61 -14.71 39.09
CA ASN F 40 -34.34 -14.18 40.42
C ASN F 40 -33.93 -12.72 40.38
N GLY F 41 -33.37 -12.26 39.27
CA GLY F 41 -32.92 -10.88 39.18
C GLY F 41 -31.83 -10.63 40.21
N ASP F 42 -31.97 -9.52 40.95
CA ASP F 42 -31.02 -9.15 42.00
C ASP F 42 -31.75 -8.93 43.31
N THR F 43 -32.76 -9.77 43.60
CA THR F 43 -33.49 -9.65 44.86
C THR F 43 -32.70 -10.22 46.03
N SER F 44 -31.76 -11.12 45.78
CA SER F 44 -30.93 -11.70 46.81
C SER F 44 -29.85 -10.71 47.26
N ASN F 45 -29.15 -11.09 48.34
CA ASN F 45 -28.05 -10.28 48.85
C ASN F 45 -27.08 -9.88 47.74
N GLY F 46 -26.72 -10.84 46.89
CA GLY F 46 -25.84 -10.55 45.79
C GLY F 46 -26.53 -9.63 44.78
N VAL F 47 -25.78 -8.64 44.30
CA VAL F 47 -26.29 -7.67 43.34
C VAL F 47 -25.34 -7.64 42.15
N GLU F 48 -25.88 -7.23 41.00
CA GLU F 48 -25.16 -7.12 39.72
C GLU F 48 -24.48 -8.43 39.35
N LEU F 49 -25.28 -9.50 39.34
CA LEU F 49 -24.80 -10.83 38.97
C LEU F 49 -24.15 -10.81 37.59
N GLY F 50 -22.87 -11.16 37.53
CA GLY F 50 -22.16 -11.13 36.28
C GLY F 50 -22.65 -12.16 35.29
N LYS F 51 -22.47 -11.83 34.01
CA LYS F 51 -22.88 -12.68 32.90
C LYS F 51 -21.73 -13.57 32.46
N SER F 52 -22.07 -14.78 32.00
CA SER F 52 -21.10 -15.75 31.50
C SER F 52 -21.37 -15.95 30.01
N ASN F 53 -20.43 -15.55 29.17
CA ASN F 53 -20.52 -15.67 27.72
C ASN F 53 -20.02 -17.03 27.28
N ILE F 54 -20.32 -17.38 26.03
CA ILE F 54 -19.97 -18.67 25.44
C ILE F 54 -19.22 -18.44 24.13
N LEU F 55 -18.17 -19.22 23.92
CA LEU F 55 -17.32 -19.15 22.74
C LEU F 55 -17.15 -20.56 22.19
N LEU F 56 -17.67 -20.79 20.99
CA LEU F 56 -17.61 -22.10 20.34
C LEU F 56 -16.51 -22.13 19.30
N ILE F 57 -15.79 -23.25 19.25
CA ILE F 57 -14.72 -23.47 18.28
C ILE F 57 -14.86 -24.89 17.78
N GLY F 58 -15.04 -25.05 16.46
CA GLY F 58 -15.18 -26.35 15.87
C GLY F 58 -15.06 -26.33 14.36
N PRO F 59 -15.04 -27.50 13.73
CA PRO F 59 -14.95 -27.55 12.27
C PRO F 59 -16.19 -26.96 11.62
N THR F 60 -16.08 -26.76 10.31
CA THR F 60 -17.20 -26.21 9.55
C THR F 60 -18.28 -27.26 9.34
N GLY F 61 -19.53 -26.82 9.39
CA GLY F 61 -20.65 -27.74 9.21
C GLY F 61 -20.78 -28.77 10.31
N SER F 62 -20.27 -28.47 11.50
CA SER F 62 -20.30 -29.39 12.63
C SER F 62 -21.52 -29.21 13.52
N GLY F 63 -22.56 -28.52 13.04
CA GLY F 63 -23.76 -28.32 13.82
C GLY F 63 -23.70 -27.21 14.84
N LYS F 64 -22.76 -26.27 14.70
CA LYS F 64 -22.68 -25.15 15.64
C LYS F 64 -23.95 -24.31 15.57
N THR F 65 -24.42 -24.01 14.37
CA THR F 65 -25.62 -23.21 14.20
C THR F 65 -26.86 -23.99 14.62
N LEU F 66 -26.86 -25.31 14.41
CA LEU F 66 -28.03 -26.11 14.78
C LEU F 66 -28.26 -26.09 16.27
N LEU F 67 -27.19 -26.10 17.07
CA LEU F 67 -27.34 -26.08 18.52
C LEU F 67 -28.03 -24.79 18.96
N ALA F 68 -27.73 -23.67 18.31
CA ALA F 68 -28.34 -22.40 18.66
C ALA F 68 -29.76 -22.28 18.09
N GLU F 69 -30.01 -22.89 16.94
CA GLU F 69 -31.34 -22.84 16.33
C GLU F 69 -32.31 -23.73 17.08
N THR F 70 -31.91 -24.97 17.35
CA THR F 70 -32.78 -25.90 18.09
C THR F 70 -33.06 -25.37 19.49
N LEU F 71 -32.09 -24.68 20.09
CA LEU F 71 -32.28 -24.13 21.42
C LEU F 71 -33.36 -23.06 21.43
N ALA F 72 -33.41 -22.23 20.38
CA ALA F 72 -34.42 -21.17 20.31
C ALA F 72 -35.82 -21.74 20.17
N ARG F 73 -35.97 -22.90 19.54
CA ARG F 73 -37.29 -23.50 19.37
C ARG F 73 -37.84 -23.96 20.72
N LEU F 74 -37.03 -24.69 21.49
CA LEU F 74 -37.47 -25.17 22.78
C LEU F 74 -37.54 -24.03 23.79
N LEU F 75 -36.51 -23.18 23.81
CA LEU F 75 -36.50 -22.05 24.73
C LEU F 75 -37.59 -21.02 24.40
N ASP F 76 -37.88 -20.83 23.11
CA ASP F 76 -38.91 -19.93 22.57
C ASP F 76 -38.47 -18.47 22.58
N VAL F 77 -37.26 -18.14 23.03
CA VAL F 77 -36.79 -16.76 23.07
C VAL F 77 -36.34 -16.34 21.68
N PRO F 78 -36.30 -15.05 21.36
CA PRO F 78 -35.87 -14.65 20.01
C PRO F 78 -34.41 -14.96 19.77
N PHE F 79 -34.10 -15.28 18.51
CA PHE F 79 -32.75 -15.64 18.10
C PHE F 79 -32.41 -14.96 16.78
N THR F 80 -31.14 -14.65 16.61
CA THR F 80 -30.61 -14.02 15.40
C THR F 80 -29.30 -14.68 15.02
N MET F 81 -28.98 -14.63 13.72
CA MET F 81 -27.77 -15.23 13.17
C MET F 81 -26.98 -14.16 12.41
N ALA F 82 -26.08 -13.50 13.13
CA ALA F 82 -25.24 -12.44 12.58
C ALA F 82 -23.90 -13.01 12.09
N ASP F 83 -23.35 -12.37 11.06
CA ASP F 83 -22.07 -12.74 10.47
C ASP F 83 -21.10 -11.58 10.62
N ALA F 84 -19.89 -11.87 11.09
CA ALA F 84 -18.87 -10.86 11.32
C ALA F 84 -17.96 -10.59 10.14
N THR F 85 -18.15 -11.27 9.00
CA THR F 85 -17.27 -11.02 7.86
C THR F 85 -17.45 -9.60 7.33
N THR F 86 -18.70 -9.16 7.19
CA THR F 86 -19.00 -7.82 6.67
C THR F 86 -18.55 -6.72 7.62
N LEU F 87 -18.55 -7.00 8.93
CA LEU F 87 -18.20 -6.02 9.96
C LEU F 87 -16.91 -5.27 9.67
N THR F 88 -16.95 -3.96 9.87
CA THR F 88 -15.84 -3.05 9.63
C THR F 88 -15.60 -2.21 10.88
N GLU F 89 -14.45 -1.55 10.92
CA GLU F 89 -14.00 -0.81 12.10
C GLU F 89 -14.55 0.60 12.21
N ALA F 90 -15.68 0.71 12.90
CA ALA F 90 -16.28 1.99 13.29
C ALA F 90 -16.40 3.12 12.25
N GLY F 91 -17.17 2.92 11.18
CA GLY F 91 -17.37 3.99 10.21
C GLY F 91 -16.92 3.73 8.79
N TYR F 92 -16.54 2.51 8.41
CA TYR F 92 -16.06 2.26 7.06
C TYR F 92 -17.20 1.74 6.18
N VAL F 93 -16.88 1.62 4.89
CA VAL F 93 -17.85 1.28 3.85
C VAL F 93 -18.60 -0.02 4.16
N GLY F 94 -17.91 -1.02 4.72
CA GLY F 94 -18.55 -2.32 4.87
C GLY F 94 -19.72 -2.37 5.84
N GLU F 95 -19.50 -2.01 7.11
CA GLU F 95 -20.60 -2.13 8.07
C GLU F 95 -20.24 -1.39 9.36
N ASP F 96 -21.22 -1.30 10.25
CA ASP F 96 -21.06 -0.76 11.59
C ASP F 96 -21.73 -1.73 12.56
N VAL F 97 -21.27 -1.72 13.81
CA VAL F 97 -21.80 -2.65 14.81
C VAL F 97 -23.26 -2.36 15.18
N GLU F 98 -23.76 -1.15 14.93
CA GLU F 98 -25.12 -0.79 15.31
C GLU F 98 -26.18 -1.71 14.72
N ASN F 99 -25.95 -2.19 13.49
CA ASN F 99 -26.94 -3.05 12.82
C ASN F 99 -27.28 -4.30 13.63
N ILE F 100 -26.32 -4.86 14.34
CA ILE F 100 -26.55 -6.09 15.11
C ILE F 100 -27.63 -5.88 16.16
N ILE F 101 -27.64 -4.72 16.82
CA ILE F 101 -28.59 -4.48 17.89
C ILE F 101 -30.04 -4.52 17.38
N GLN F 102 -30.30 -3.91 16.23
CA GLN F 102 -31.66 -3.89 15.71
C GLN F 102 -32.12 -5.29 15.26
N LYS F 103 -31.19 -6.08 14.72
CA LYS F 103 -31.51 -7.43 14.24
C LYS F 103 -32.25 -8.26 15.29
N LEU F 104 -31.79 -8.22 16.54
CA LEU F 104 -32.45 -9.01 17.58
C LEU F 104 -33.87 -8.51 17.81
N LEU F 105 -34.07 -7.20 17.86
CA LEU F 105 -35.40 -6.66 18.05
C LEU F 105 -36.31 -7.03 16.89
N GLN F 106 -35.74 -7.14 15.69
CA GLN F 106 -36.49 -7.48 14.49
C GLN F 106 -37.28 -8.78 14.58
N LYS F 107 -36.98 -9.66 15.54
CA LYS F 107 -37.73 -10.91 15.64
C LYS F 107 -39.20 -10.62 15.96
N SER F 108 -39.45 -9.79 16.97
CA SER F 108 -40.80 -9.41 17.36
C SER F 108 -41.10 -7.94 17.08
N ASP F 109 -40.07 -7.11 16.85
CA ASP F 109 -40.16 -5.69 16.55
C ASP F 109 -40.71 -4.84 17.70
N TYR F 110 -40.99 -5.43 18.86
CA TYR F 110 -41.51 -4.69 20.01
C TYR F 110 -41.04 -5.46 21.24
N ASP F 111 -40.01 -4.96 21.91
CA ASP F 111 -39.45 -5.64 23.07
C ASP F 111 -38.85 -4.63 24.03
N VAL F 112 -39.41 -4.56 25.24
CA VAL F 112 -38.90 -3.70 26.31
C VAL F 112 -38.23 -4.54 27.38
N GLN F 113 -38.98 -5.47 27.98
CA GLN F 113 -38.48 -6.40 28.99
C GLN F 113 -38.45 -7.82 28.47
N LYS F 114 -38.37 -8.00 27.14
CA LYS F 114 -38.39 -9.30 26.48
C LYS F 114 -37.17 -9.56 25.60
N ALA F 115 -36.55 -8.52 25.04
CA ALA F 115 -35.38 -8.73 24.20
C ALA F 115 -34.10 -8.86 25.02
N GLN F 116 -34.12 -8.44 26.28
CA GLN F 116 -32.94 -8.57 27.13
C GLN F 116 -32.57 -10.03 27.35
N ARG F 117 -33.58 -10.92 27.35
CA ARG F 117 -33.39 -12.35 27.56
C ARG F 117 -33.08 -13.10 26.27
N GLY F 118 -32.86 -12.40 25.15
CA GLY F 118 -32.61 -13.07 23.90
C GLY F 118 -31.17 -13.54 23.76
N ILE F 119 -30.94 -14.29 22.68
CA ILE F 119 -29.64 -14.89 22.38
C ILE F 119 -29.18 -14.41 21.00
N VAL F 120 -27.86 -14.35 20.82
CA VAL F 120 -27.24 -13.92 19.58
C VAL F 120 -26.12 -14.88 19.22
N TYR F 121 -25.96 -15.12 17.92
CA TYR F 121 -24.94 -15.99 17.37
C TYR F 121 -24.07 -15.22 16.38
N ILE F 122 -22.77 -15.52 16.36
CA ILE F 122 -21.83 -14.87 15.45
C ILE F 122 -21.09 -15.98 14.71
N ASP F 123 -20.86 -15.76 13.42
CA ASP F 123 -20.17 -16.71 12.55
C ASP F 123 -18.88 -16.10 12.00
N GLN F 124 -17.90 -16.98 11.75
CA GLN F 124 -16.62 -16.59 11.17
C GLN F 124 -15.89 -15.56 12.02
N ILE F 125 -15.71 -15.88 13.30
CA ILE F 125 -15.03 -14.97 14.22
C ILE F 125 -13.53 -14.91 13.92
N ASP F 126 -12.96 -15.98 13.35
CA ASP F 126 -11.52 -15.97 13.07
C ASP F 126 -11.13 -15.02 11.94
N LYS F 127 -12.08 -14.63 11.10
CA LYS F 127 -11.78 -13.74 9.97
C LYS F 127 -11.28 -12.37 10.41
N ILE F 128 -11.56 -11.97 11.65
CA ILE F 128 -11.15 -10.66 12.16
C ILE F 128 -9.86 -10.76 12.99
N SER F 129 -9.11 -11.86 12.85
CA SER F 129 -7.85 -12.03 13.54
C SER F 129 -6.92 -10.86 13.25
N ARG F 130 -6.17 -10.43 14.27
CA ARG F 130 -5.29 -9.27 14.13
C ARG F 130 -4.15 -9.59 13.18
N LYS F 131 -4.20 -8.99 11.99
CA LYS F 131 -3.13 -9.14 11.01
C LYS F 131 -1.90 -8.39 11.49
N SER F 132 -0.76 -9.06 11.49
CA SER F 132 0.51 -8.48 11.94
C SER F 132 1.48 -8.50 10.76
N ASP F 133 1.45 -7.42 9.97
CA ASP F 133 2.31 -7.28 8.80
C ASP F 133 3.31 -6.15 9.05
N ASP F 140 -5.72 -1.04 11.14
CA ASP F 140 -6.43 -1.97 10.29
C ASP F 140 -7.93 -1.93 10.57
N VAL F 141 -8.73 -2.04 9.51
CA VAL F 141 -10.18 -2.01 9.62
C VAL F 141 -10.80 -3.41 9.65
N SER F 142 -10.02 -4.45 9.35
CA SER F 142 -10.45 -5.84 9.35
C SER F 142 -9.96 -6.59 10.57
N GLY F 143 -8.76 -6.26 11.03
CA GLY F 143 -8.10 -6.90 12.15
C GLY F 143 -8.55 -6.45 13.53
N GLU F 144 -7.56 -6.31 14.42
CA GLU F 144 -7.76 -5.97 15.83
C GLU F 144 -8.81 -4.90 16.09
N GLY F 145 -8.77 -3.80 15.34
CA GLY F 145 -9.72 -2.70 15.49
C GLY F 145 -11.19 -3.08 15.68
N VAL F 146 -11.63 -4.13 15.00
CA VAL F 146 -13.01 -4.58 15.13
C VAL F 146 -13.28 -5.13 16.52
N GLN F 147 -12.32 -5.88 17.06
CA GLN F 147 -12.50 -6.49 18.38
C GLN F 147 -12.70 -5.44 19.47
N GLN F 148 -11.95 -4.34 19.40
CA GLN F 148 -12.06 -3.28 20.40
C GLN F 148 -13.48 -2.74 20.53
N ALA F 149 -14.22 -2.69 19.41
CA ALA F 149 -15.58 -2.17 19.46
C ALA F 149 -16.54 -3.13 20.13
N LEU F 150 -16.32 -4.43 20.00
CA LEU F 150 -17.23 -5.42 20.58
C LEU F 150 -17.05 -5.59 22.09
N LEU F 151 -15.92 -5.17 22.65
CA LEU F 151 -15.67 -5.28 24.09
C LEU F 151 -16.80 -4.66 24.90
N LYS F 152 -17.07 -3.37 24.67
CA LYS F 152 -18.12 -2.69 25.41
C LYS F 152 -19.50 -3.27 25.12
N LEU F 153 -19.70 -3.79 23.91
CA LEU F 153 -21.00 -4.35 23.55
C LEU F 153 -21.31 -5.59 24.39
N ILE F 154 -20.36 -6.51 24.48
CA ILE F 154 -20.59 -7.74 25.22
C ILE F 154 -20.69 -7.46 26.72
N GLU F 155 -19.87 -6.54 27.23
CA GLU F 155 -19.89 -6.22 28.65
C GLU F 155 -21.24 -5.68 29.13
N GLY F 156 -22.12 -5.25 28.23
CA GLY F 156 -23.42 -4.74 28.59
C GLY F 156 -23.49 -3.23 28.47
N THR F 157 -24.48 -2.74 27.75
CA THR F 157 -24.67 -1.29 27.57
C THR F 157 -26.08 -1.10 27.01
N VAL F 158 -26.40 0.15 26.63
CA VAL F 158 -27.69 0.49 26.07
C VAL F 158 -27.44 1.26 24.78
N ALA F 159 -28.19 0.90 23.73
CA ALA F 159 -28.11 1.54 22.42
C ALA F 159 -29.48 2.05 22.03
N ALA F 160 -29.53 3.24 21.45
CA ALA F 160 -30.80 3.79 20.98
C ALA F 160 -31.26 2.98 19.78
N VAL F 161 -32.53 2.59 19.77
CA VAL F 161 -33.09 1.80 18.68
C VAL F 161 -34.47 2.30 18.28
N PRO F 162 -34.68 2.85 17.08
CA PRO F 162 -36.05 3.23 16.69
C PRO F 162 -36.94 2.00 16.61
N PRO F 163 -38.00 1.90 17.43
CA PRO F 163 -38.82 0.69 17.34
C PRO F 163 -39.66 0.70 16.07
N GLN F 164 -39.48 -0.33 15.25
CA GLN F 164 -40.16 -0.54 13.96
C GLN F 164 -39.68 0.43 12.89
N GLY F 165 -38.76 1.35 13.20
CA GLY F 165 -38.30 2.32 12.24
C GLY F 165 -39.13 3.59 12.21
N GLY F 166 -40.35 3.54 12.75
CA GLY F 166 -41.25 4.68 12.78
C GLY F 166 -42.03 4.77 11.50
N GLN F 171 -42.96 10.17 15.92
CA GLN F 171 -42.47 9.61 17.19
C GLN F 171 -41.40 10.47 17.88
N GLN F 172 -40.37 10.90 17.16
CA GLN F 172 -39.30 11.75 17.72
C GLN F 172 -38.67 11.11 18.96
N GLU F 173 -38.62 9.77 19.03
CA GLU F 173 -38.05 9.10 20.19
C GLU F 173 -37.33 7.82 19.79
N PHE F 174 -36.56 7.30 20.74
CA PHE F 174 -35.80 6.06 20.61
C PHE F 174 -35.93 5.30 21.91
N LEU F 175 -35.89 3.97 21.83
CA LEU F 175 -36.02 3.11 23.00
C LEU F 175 -34.65 2.61 23.45
N GLN F 176 -34.47 2.53 24.76
CA GLN F 176 -33.26 2.04 25.39
C GLN F 176 -33.44 0.59 25.76
N VAL F 177 -32.48 -0.26 25.38
CA VAL F 177 -32.52 -1.68 25.68
C VAL F 177 -31.17 -2.11 26.23
N ASP F 178 -31.20 -2.76 27.40
CA ASP F 178 -29.99 -3.25 28.03
C ASP F 178 -29.43 -4.43 27.25
N THR F 179 -28.13 -4.67 27.42
CA THR F 179 -27.46 -5.79 26.75
C THR F 179 -26.59 -6.61 27.69
N SER F 180 -26.51 -6.26 28.97
CA SER F 180 -25.78 -7.10 29.91
C SER F 180 -26.48 -8.44 30.04
N LYS F 181 -27.81 -8.38 30.18
CA LYS F 181 -28.64 -9.58 30.27
C LYS F 181 -28.51 -10.46 29.04
N ILE F 182 -28.33 -9.86 27.86
CA ILE F 182 -28.31 -10.60 26.61
C ILE F 182 -27.04 -11.42 26.50
N LEU F 183 -27.18 -12.73 26.38
CA LEU F 183 -26.08 -13.66 26.22
C LEU F 183 -25.63 -13.67 24.76
N PHE F 184 -24.31 -13.86 24.57
CA PHE F 184 -23.71 -13.92 23.25
C PHE F 184 -22.98 -15.24 23.08
N ILE F 185 -23.08 -15.81 21.88
CA ILE F 185 -22.42 -17.08 21.54
C ILE F 185 -21.63 -16.82 20.27
N CYS F 186 -20.32 -16.62 20.41
CA CYS F 186 -19.45 -16.37 19.27
C CYS F 186 -19.03 -17.70 18.67
N GLY F 187 -19.68 -18.09 17.57
CA GLY F 187 -19.35 -19.32 16.89
C GLY F 187 -18.32 -19.08 15.80
N GLY F 188 -17.58 -20.13 15.47
CA GLY F 188 -16.57 -20.02 14.43
C GLY F 188 -15.70 -21.25 14.37
N ALA F 189 -14.89 -21.28 13.32
CA ALA F 189 -13.94 -22.36 13.06
C ALA F 189 -12.55 -21.75 12.99
N PHE F 190 -11.59 -22.37 13.68
CA PHE F 190 -10.22 -21.90 13.74
C PHE F 190 -9.33 -22.91 13.01
N ALA F 191 -9.18 -22.71 11.70
CA ALA F 191 -8.34 -23.57 10.88
C ALA F 191 -6.87 -23.29 11.15
N GLY F 192 -6.07 -24.34 11.15
CA GLY F 192 -4.65 -24.23 11.40
C GLY F 192 -4.28 -24.09 12.86
N LEU F 193 -5.26 -24.03 13.76
CA LEU F 193 -4.98 -23.91 15.19
C LEU F 193 -4.30 -25.17 15.76
N ASP F 194 -4.33 -26.28 15.03
CA ASP F 194 -3.70 -27.50 15.53
C ASP F 194 -2.19 -27.36 15.60
N LYS F 195 -1.59 -26.66 14.65
CA LYS F 195 -0.14 -26.50 14.64
C LYS F 195 0.34 -25.66 15.83
N VAL F 196 -0.45 -24.65 16.21
CA VAL F 196 -0.05 -23.80 17.33
C VAL F 196 -0.06 -24.58 18.63
N ILE F 197 -1.13 -25.34 18.87
CA ILE F 197 -1.25 -26.09 20.12
C ILE F 197 -0.37 -27.34 20.10
N SER F 198 -0.12 -27.93 18.93
CA SER F 198 0.68 -29.15 18.87
C SER F 198 2.09 -28.92 19.37
N HIS F 199 2.73 -27.85 18.88
CA HIS F 199 4.10 -27.56 19.32
C HIS F 199 4.15 -27.18 20.80
N ARG F 200 3.05 -26.63 21.32
CA ARG F 200 3.02 -26.18 22.71
C ARG F 200 2.80 -27.32 23.71
N VAL F 201 1.88 -28.25 23.40
CA VAL F 201 1.46 -29.28 24.35
C VAL F 201 1.92 -30.68 23.95
N GLU F 202 1.51 -31.15 22.77
CA GLU F 202 1.80 -32.55 22.46
C GLU F 202 3.22 -32.79 21.96
N THR F 203 3.60 -32.18 20.84
CA THR F 203 4.95 -32.41 20.32
C THR F 203 5.22 -31.47 19.16
N GLY F 204 6.49 -31.12 18.98
CA GLY F 204 6.93 -30.33 17.85
C GLY F 204 7.29 -31.35 16.79
N SER F 205 6.53 -31.43 15.71
CA SER F 205 6.76 -32.46 14.71
C SER F 205 6.01 -32.10 13.43
N GLY F 206 5.99 -33.03 12.46
CA GLY F 206 5.34 -32.85 11.19
C GLY F 206 6.28 -32.66 10.02
N ILE F 207 7.51 -32.21 10.25
CA ILE F 207 8.48 -31.97 9.19
C ILE F 207 9.71 -32.86 9.29
N GLY F 208 10.09 -33.35 10.47
CA GLY F 208 11.28 -34.16 10.60
C GLY F 208 11.06 -35.65 10.33
N PHE F 209 12.17 -36.39 10.35
CA PHE F 209 12.11 -37.82 10.09
C PHE F 209 11.49 -38.55 11.28
N GLY F 210 12.11 -38.42 12.45
CA GLY F 210 11.56 -39.04 13.64
C GLY F 210 10.26 -38.41 14.05
N ALA F 211 10.09 -37.12 13.76
CA ALA F 211 8.86 -36.40 14.09
C ALA F 211 7.67 -37.03 13.37
N THR F 212 6.55 -37.11 14.09
CA THR F 212 5.33 -37.68 13.52
C THR F 212 4.81 -36.82 12.38
N VAL F 213 4.56 -37.45 11.24
CA VAL F 213 4.01 -36.79 10.06
C VAL F 213 2.51 -36.63 10.29
N LYS F 214 1.84 -35.78 9.49
CA LYS F 214 0.40 -35.61 9.60
C LYS F 214 -0.30 -36.69 8.77
N ALA F 215 0.03 -37.96 9.04
CA ALA F 215 -0.57 -39.07 8.31
C ALA F 215 -2.06 -39.20 8.62
N LYS F 216 -2.44 -38.98 9.89
CA LYS F 216 -3.81 -39.15 10.33
C LYS F 216 -4.66 -37.91 10.05
N SER F 217 -4.75 -37.58 8.76
CA SER F 217 -5.57 -36.44 8.36
C SER F 217 -7.04 -36.74 8.62
N ASP F 218 -7.49 -37.94 8.26
CA ASP F 218 -8.85 -38.40 8.48
C ASP F 218 -8.90 -39.70 9.29
N LYS F 219 -7.77 -40.36 9.50
CA LYS F 219 -7.74 -41.60 10.29
C LYS F 219 -8.03 -41.33 11.76
N ALA F 220 -7.51 -40.23 12.29
CA ALA F 220 -7.66 -39.82 13.68
C ALA F 220 -8.28 -38.44 13.71
N SER F 221 -8.88 -38.10 14.85
CA SER F 221 -9.58 -36.83 15.00
C SER F 221 -8.68 -35.78 15.65
N GLU F 222 -8.63 -34.60 15.03
CA GLU F 222 -7.89 -33.47 15.59
C GLU F 222 -8.53 -32.95 16.86
N GLY F 223 -9.85 -33.18 17.02
CA GLY F 223 -10.63 -32.76 18.16
C GLY F 223 -9.97 -32.95 19.53
N GLU F 224 -9.43 -34.14 19.76
CA GLU F 224 -8.77 -34.45 21.03
C GLU F 224 -7.73 -33.38 21.40
N LEU F 225 -7.01 -32.87 20.40
CA LEU F 225 -6.04 -31.81 20.67
C LEU F 225 -6.74 -30.52 21.06
N LEU F 226 -7.86 -30.21 20.39
CA LEU F 226 -8.62 -29.00 20.69
C LEU F 226 -9.16 -29.00 22.12
N ALA F 227 -9.35 -30.18 22.71
CA ALA F 227 -9.86 -30.25 24.08
C ALA F 227 -8.89 -29.61 25.06
N GLN F 228 -7.59 -29.71 24.78
CA GLN F 228 -6.56 -29.12 25.61
C GLN F 228 -6.27 -27.67 25.24
N VAL F 229 -7.20 -27.01 24.55
CA VAL F 229 -7.02 -25.62 24.15
C VAL F 229 -7.14 -24.71 25.36
N GLU F 230 -6.39 -23.62 25.33
CA GLU F 230 -6.36 -22.63 26.40
C GLU F 230 -6.38 -21.25 25.77
N PRO F 231 -6.70 -20.21 26.56
CA PRO F 231 -6.74 -18.86 25.99
C PRO F 231 -5.38 -18.37 25.53
N GLU F 232 -4.30 -18.84 26.14
CA GLU F 232 -2.97 -18.38 25.73
C GLU F 232 -2.67 -18.75 24.28
N ASP F 233 -3.17 -19.90 23.82
CA ASP F 233 -2.96 -20.29 22.44
C ASP F 233 -3.74 -19.39 21.49
N LEU F 234 -4.91 -18.94 21.92
CA LEU F 234 -5.74 -18.05 21.11
C LEU F 234 -5.07 -16.71 20.86
N ILE F 235 -4.16 -16.29 21.75
CA ILE F 235 -3.49 -15.00 21.57
C ILE F 235 -2.57 -15.06 20.36
N LYS F 236 -1.86 -16.18 20.19
CA LYS F 236 -0.99 -16.33 19.04
C LYS F 236 -1.79 -16.39 17.75
N PHE F 237 -3.04 -16.85 17.82
CA PHE F 237 -3.89 -16.91 16.63
C PHE F 237 -4.17 -15.52 16.11
N GLY F 238 -4.31 -14.54 17.00
CA GLY F 238 -4.57 -13.17 16.62
C GLY F 238 -5.55 -12.43 17.51
N LEU F 239 -6.35 -13.18 18.27
CA LEU F 239 -7.31 -12.53 19.15
C LEU F 239 -6.62 -11.76 20.26
N ILE F 240 -7.37 -10.86 20.89
CA ILE F 240 -6.89 -10.05 22.00
C ILE F 240 -7.21 -10.81 23.28
N PRO F 241 -6.30 -10.90 24.26
CA PRO F 241 -6.67 -11.61 25.50
C PRO F 241 -7.83 -10.96 26.21
N GLU F 242 -7.94 -9.62 26.13
CA GLU F 242 -9.04 -8.91 26.76
C GLU F 242 -10.37 -9.34 26.16
N PHE F 243 -10.38 -9.67 24.87
CA PHE F 243 -11.60 -10.11 24.21
C PHE F 243 -11.98 -11.51 24.65
N ILE F 244 -10.98 -12.38 24.86
CA ILE F 244 -11.25 -13.75 25.26
C ILE F 244 -11.63 -13.82 26.73
N GLY F 245 -11.16 -12.86 27.54
CA GLY F 245 -11.50 -12.85 28.95
C GLY F 245 -12.99 -12.71 29.18
N ARG F 246 -13.68 -11.99 28.28
CA ARG F 246 -15.11 -11.80 28.42
C ARG F 246 -15.90 -13.07 28.11
N LEU F 247 -15.28 -14.07 27.48
CA LEU F 247 -15.92 -15.33 27.10
C LEU F 247 -15.20 -16.48 27.81
N PRO F 248 -15.44 -16.66 29.12
CA PRO F 248 -14.74 -17.74 29.83
C PRO F 248 -15.18 -19.13 29.43
N VAL F 249 -16.45 -19.33 29.09
CA VAL F 249 -16.92 -20.65 28.69
C VAL F 249 -16.33 -21.02 27.33
N VAL F 250 -15.97 -22.29 27.16
CA VAL F 250 -15.38 -22.80 25.94
C VAL F 250 -16.05 -24.12 25.56
N ALA F 251 -16.39 -24.26 24.28
CA ALA F 251 -17.02 -25.47 23.74
C ALA F 251 -16.19 -25.92 22.55
N THR F 252 -15.88 -27.21 22.49
CA THR F 252 -15.03 -27.77 21.46
C THR F 252 -15.67 -28.99 20.79
N LEU F 253 -16.11 -28.83 19.54
CA LEU F 253 -16.63 -29.96 18.79
C LEU F 253 -15.45 -30.78 18.29
N ASN F 254 -15.55 -32.10 18.35
CA ASN F 254 -14.38 -32.91 17.95
C ASN F 254 -14.28 -33.10 16.44
N GLU F 255 -15.27 -33.73 15.81
CA GLU F 255 -15.22 -33.97 14.36
C GLU F 255 -16.63 -34.39 13.92
N LEU F 256 -16.76 -34.79 12.66
CA LEU F 256 -17.94 -35.38 12.06
C LEU F 256 -17.52 -36.78 11.61
N SER F 257 -18.41 -37.76 11.73
CA SER F 257 -18.10 -39.14 11.42
C SER F 257 -19.01 -39.71 10.36
N GLU F 258 -18.46 -40.65 9.57
CA GLU F 258 -19.22 -41.28 8.50
C GLU F 258 -20.41 -42.04 9.07
N GLU F 259 -20.19 -42.81 10.14
CA GLU F 259 -21.31 -43.53 10.75
C GLU F 259 -22.29 -42.55 11.38
N ALA F 260 -21.79 -41.41 11.87
CA ALA F 260 -22.67 -40.39 12.44
C ALA F 260 -23.61 -39.86 11.37
N LEU F 261 -23.11 -39.69 10.15
CA LEU F 261 -23.97 -39.21 9.06
C LEU F 261 -25.10 -40.17 8.81
N ILE F 262 -24.85 -41.47 8.96
CA ILE F 262 -25.92 -42.45 8.81
C ILE F 262 -26.90 -42.31 9.95
N GLN F 263 -26.39 -42.01 11.15
CA GLN F 263 -27.25 -41.79 12.31
C GLN F 263 -27.97 -40.46 12.20
N ILE F 264 -27.34 -39.47 11.57
CA ILE F 264 -27.94 -38.16 11.41
C ILE F 264 -29.22 -38.27 10.57
N LEU F 265 -29.25 -39.22 9.63
CA LEU F 265 -30.43 -39.41 8.80
C LEU F 265 -31.44 -40.38 9.41
N LYS F 266 -31.10 -41.05 10.51
CA LYS F 266 -31.99 -42.02 11.14
C LYS F 266 -32.41 -41.65 12.56
N GLU F 267 -31.45 -41.25 13.41
CA GLU F 267 -31.81 -40.93 14.80
C GLU F 267 -32.64 -39.66 14.92
N PRO F 268 -32.26 -38.53 14.31
CA PRO F 268 -33.09 -37.32 14.45
C PRO F 268 -34.46 -37.48 13.82
N LYS F 269 -35.48 -37.00 14.53
CA LYS F 269 -36.84 -37.08 14.01
C LYS F 269 -37.01 -36.19 12.78
N ASN F 270 -36.23 -35.12 12.67
CA ASN F 270 -36.28 -34.21 11.54
C ASN F 270 -35.28 -34.58 10.45
N ALA F 271 -34.88 -35.85 10.37
CA ALA F 271 -33.94 -36.27 9.36
C ALA F 271 -34.56 -36.13 7.98
N LEU F 272 -33.71 -35.89 6.97
CA LEU F 272 -34.21 -35.74 5.61
C LEU F 272 -34.83 -37.03 5.09
N THR F 273 -34.30 -38.17 5.51
CA THR F 273 -34.86 -39.45 5.10
C THR F 273 -36.31 -39.58 5.55
N LYS F 274 -36.62 -39.06 6.73
CA LYS F 274 -37.96 -39.14 7.28
C LYS F 274 -38.92 -38.15 6.63
N GLN F 275 -38.42 -37.03 6.08
CA GLN F 275 -39.31 -36.08 5.44
C GLN F 275 -39.93 -36.68 4.19
N TYR F 276 -39.12 -37.32 3.35
CA TYR F 276 -39.65 -37.95 2.14
C TYR F 276 -40.56 -39.11 2.51
N GLN F 277 -40.26 -39.81 3.60
CA GLN F 277 -41.12 -40.92 4.03
C GLN F 277 -42.50 -40.41 4.37
N ALA F 278 -42.60 -39.25 5.03
CA ALA F 278 -43.88 -38.67 5.39
C ALA F 278 -44.59 -38.06 4.20
N LEU F 279 -43.82 -37.62 3.19
CA LEU F 279 -44.42 -37.01 2.00
C LEU F 279 -45.29 -38.01 1.27
N PHE F 280 -44.82 -39.26 1.13
CA PHE F 280 -45.56 -40.28 0.42
C PHE F 280 -46.56 -41.03 1.28
N ASN F 281 -46.56 -40.83 2.61
CA ASN F 281 -47.53 -41.53 3.45
C ASN F 281 -48.95 -41.10 3.09
N LEU F 282 -49.18 -39.80 2.92
CA LEU F 282 -50.51 -39.34 2.53
C LEU F 282 -50.85 -39.79 1.11
N GLU F 283 -49.82 -39.95 0.27
CA GLU F 283 -50.03 -40.42 -1.10
C GLU F 283 -50.40 -41.90 -1.15
N GLY F 284 -50.17 -42.64 -0.07
CA GLY F 284 -50.48 -44.05 -0.07
C GLY F 284 -49.39 -44.91 -0.68
N VAL F 285 -48.13 -44.49 -0.54
CA VAL F 285 -46.98 -45.21 -1.09
C VAL F 285 -45.91 -45.30 -0.01
N ASP F 286 -45.20 -46.42 -0.01
CA ASP F 286 -44.13 -46.68 0.95
C ASP F 286 -42.79 -46.20 0.39
N LEU F 287 -41.90 -45.82 1.31
CA LEU F 287 -40.56 -45.36 0.96
C LEU F 287 -39.55 -46.17 1.77
N GLU F 288 -38.35 -46.31 1.20
CA GLU F 288 -37.29 -47.09 1.82
C GLU F 288 -35.94 -46.46 1.52
N PHE F 289 -35.00 -46.65 2.46
CA PHE F 289 -33.65 -46.14 2.35
C PHE F 289 -32.74 -47.18 3.00
N ARG F 290 -32.05 -47.96 2.16
CA ARG F 290 -31.18 -49.01 2.67
C ARG F 290 -29.88 -48.44 3.20
N ASP F 291 -29.25 -49.19 4.10
CA ASP F 291 -27.98 -48.77 4.69
C ASP F 291 -26.87 -48.70 3.64
N GLU F 292 -26.96 -49.51 2.59
CA GLU F 292 -25.93 -49.51 1.54
C GLU F 292 -25.95 -48.23 0.73
N ALA F 293 -27.01 -47.42 0.81
CA ALA F 293 -27.11 -46.17 0.08
C ALA F 293 -26.63 -44.98 0.89
N LEU F 294 -26.75 -45.04 2.22
CA LEU F 294 -26.35 -43.93 3.07
C LEU F 294 -24.84 -43.81 3.20
N ASP F 295 -24.12 -44.94 3.22
CA ASP F 295 -22.67 -44.88 3.36
C ASP F 295 -22.03 -44.16 2.18
N ALA F 296 -22.61 -44.30 0.99
CA ALA F 296 -22.07 -43.64 -0.19
C ALA F 296 -22.19 -42.12 -0.07
N ILE F 297 -23.27 -41.63 0.55
CA ILE F 297 -23.45 -40.19 0.71
C ILE F 297 -22.37 -39.63 1.61
N ALA F 298 -21.89 -40.41 2.58
CA ALA F 298 -20.84 -39.93 3.47
C ALA F 298 -19.54 -39.66 2.70
N LYS F 299 -19.22 -40.54 1.75
CA LYS F 299 -18.00 -40.36 0.98
C LYS F 299 -18.09 -39.11 0.10
N LYS F 300 -19.24 -38.90 -0.54
CA LYS F 300 -19.41 -37.72 -1.38
C LYS F 300 -19.40 -36.45 -0.55
N ALA F 301 -19.91 -36.50 0.68
CA ALA F 301 -19.93 -35.32 1.54
C ALA F 301 -18.53 -34.91 1.92
N MET F 302 -17.71 -35.86 2.38
CA MET F 302 -16.33 -35.55 2.76
C MET F 302 -15.50 -35.15 1.54
N ALA F 303 -15.86 -35.67 0.36
CA ALA F 303 -15.12 -35.35 -0.85
C ALA F 303 -15.22 -33.87 -1.19
N ARG F 304 -16.35 -33.23 -0.89
CA ARG F 304 -16.55 -31.83 -1.19
C ARG F 304 -16.16 -30.90 -0.04
N LYS F 305 -15.61 -31.46 1.06
CA LYS F 305 -15.17 -30.68 2.22
C LYS F 305 -16.22 -29.68 2.69
N THR F 306 -17.48 -30.13 2.74
CA THR F 306 -18.59 -29.28 3.17
C THR F 306 -19.34 -29.83 4.38
N GLY F 307 -19.22 -31.11 4.69
CA GLY F 307 -19.90 -31.66 5.85
C GLY F 307 -21.35 -32.01 5.55
N ALA F 308 -22.20 -31.82 6.55
CA ALA F 308 -23.62 -32.09 6.42
C ALA F 308 -24.34 -31.02 5.62
N ARG F 309 -23.74 -29.84 5.43
CA ARG F 309 -24.41 -28.78 4.69
C ARG F 309 -24.59 -29.14 3.22
N GLY F 310 -23.62 -29.85 2.64
CA GLY F 310 -23.72 -30.25 1.25
C GLY F 310 -24.36 -31.62 1.07
N LEU F 311 -25.45 -31.86 1.82
CA LEU F 311 -26.15 -33.13 1.77
C LEU F 311 -27.40 -33.11 0.89
N ARG F 312 -28.18 -32.03 0.95
CA ARG F 312 -29.41 -31.96 0.16
C ARG F 312 -29.11 -31.99 -1.34
N SER F 313 -27.97 -31.45 -1.75
CA SER F 313 -27.60 -31.44 -3.17
C SER F 313 -27.48 -32.86 -3.70
N ILE F 314 -26.99 -33.78 -2.87
CA ILE F 314 -26.81 -35.17 -3.29
C ILE F 314 -28.15 -35.90 -3.30
N VAL F 315 -29.02 -35.61 -2.34
CA VAL F 315 -30.31 -36.28 -2.25
C VAL F 315 -31.27 -35.77 -3.32
N GLU F 316 -31.47 -34.46 -3.38
CA GLU F 316 -32.42 -33.89 -4.34
C GLU F 316 -32.01 -34.17 -5.78
N ALA F 317 -30.71 -34.21 -6.06
CA ALA F 317 -30.28 -34.48 -7.42
C ALA F 317 -30.53 -35.93 -7.82
N ALA F 318 -30.51 -36.84 -6.84
CA ALA F 318 -30.75 -38.25 -7.13
C ALA F 318 -32.23 -38.56 -7.30
N LEU F 319 -33.09 -37.98 -6.46
CA LEU F 319 -34.52 -38.23 -6.49
C LEU F 319 -35.30 -37.29 -7.41
N LEU F 320 -34.63 -36.53 -8.26
CA LEU F 320 -35.35 -35.63 -9.16
C LEU F 320 -36.19 -36.42 -10.16
N ASP F 321 -35.61 -37.48 -10.73
CA ASP F 321 -36.33 -38.29 -11.70
C ASP F 321 -37.47 -39.07 -11.05
N THR F 322 -37.21 -39.67 -9.89
CA THR F 322 -38.23 -40.47 -9.21
C THR F 322 -39.41 -39.61 -8.77
N MET F 323 -39.15 -38.46 -8.17
CA MET F 323 -40.23 -37.60 -7.69
C MET F 323 -41.05 -37.05 -8.85
N TYR F 324 -40.39 -36.68 -9.94
CA TYR F 324 -41.11 -36.13 -11.09
C TYR F 324 -42.05 -37.17 -11.71
N ASP F 325 -41.64 -38.44 -11.73
CA ASP F 325 -42.42 -39.51 -12.32
C ASP F 325 -43.33 -40.23 -11.34
N LEU F 326 -43.21 -39.98 -10.05
CA LEU F 326 -44.07 -40.69 -9.09
C LEU F 326 -45.56 -40.37 -9.24
N PRO F 327 -46.00 -39.12 -9.44
CA PRO F 327 -47.44 -38.91 -9.63
C PRO F 327 -47.95 -39.56 -10.90
N SER F 328 -47.18 -39.45 -11.99
CA SER F 328 -47.58 -40.06 -13.25
C SER F 328 -47.70 -41.58 -13.11
N MET F 329 -46.77 -42.21 -12.40
CA MET F 329 -46.80 -43.65 -12.24
C MET F 329 -47.92 -44.06 -11.29
N GLU F 330 -48.49 -45.23 -11.54
CA GLU F 330 -49.61 -45.77 -10.79
C GLU F 330 -49.32 -47.21 -10.39
N ASP F 331 -50.02 -47.65 -9.33
CA ASP F 331 -49.90 -49.01 -8.80
C ASP F 331 -48.47 -49.29 -8.31
N VAL F 332 -47.82 -48.26 -7.76
CA VAL F 332 -46.48 -48.36 -7.19
C VAL F 332 -46.63 -48.10 -5.70
N GLU F 333 -46.35 -49.12 -4.88
CA GLU F 333 -46.47 -49.01 -3.44
C GLU F 333 -45.16 -48.89 -2.68
N LYS F 334 -44.02 -49.21 -3.30
CA LYS F 334 -42.72 -49.13 -2.62
C LYS F 334 -41.65 -48.64 -3.57
N VAL F 335 -40.63 -48.02 -3.00
CA VAL F 335 -39.47 -47.51 -3.73
C VAL F 335 -38.21 -47.99 -3.01
N VAL F 336 -37.26 -48.53 -3.77
CA VAL F 336 -36.00 -49.04 -3.23
C VAL F 336 -34.86 -48.26 -3.86
N ILE F 337 -33.91 -47.82 -3.04
CA ILE F 337 -32.74 -47.07 -3.48
C ILE F 337 -31.51 -47.92 -3.19
N ASP F 338 -30.59 -47.96 -4.15
CA ASP F 338 -29.36 -48.74 -4.07
C ASP F 338 -28.15 -47.82 -4.15
N GLU F 339 -27.00 -48.37 -3.76
CA GLU F 339 -25.75 -47.61 -3.80
C GLU F 339 -25.39 -47.19 -5.22
N SER F 340 -25.67 -48.06 -6.19
CA SER F 340 -25.37 -47.76 -7.60
C SER F 340 -26.14 -46.52 -8.05
N VAL F 341 -27.37 -46.35 -7.58
CA VAL F 341 -28.19 -45.21 -7.98
C VAL F 341 -27.53 -43.90 -7.54
N ILE F 342 -26.94 -43.89 -6.34
CA ILE F 342 -26.28 -42.68 -5.86
C ILE F 342 -25.14 -42.29 -6.79
N ASP F 343 -24.41 -43.27 -7.30
CA ASP F 343 -23.33 -42.98 -8.23
C ASP F 343 -23.87 -42.42 -9.53
N GLY F 344 -25.08 -42.83 -9.92
CA GLY F 344 -25.74 -42.39 -11.13
C GLY F 344 -25.71 -43.38 -12.27
N GLN F 345 -25.12 -44.54 -12.08
CA GLN F 345 -25.07 -45.57 -13.12
C GLN F 345 -26.31 -46.46 -13.14
N SER F 346 -27.17 -46.38 -12.12
CA SER F 346 -28.35 -47.22 -12.02
C SER F 346 -29.58 -46.37 -11.72
N GLU F 347 -30.75 -46.97 -11.95
CA GLU F 347 -32.07 -46.39 -11.72
C GLU F 347 -32.73 -47.11 -10.54
N PRO F 348 -33.38 -46.41 -9.62
CA PRO F 348 -33.96 -47.10 -8.46
C PRO F 348 -35.04 -48.10 -8.86
N LEU F 349 -35.09 -49.20 -8.11
CA LEU F 349 -36.07 -50.25 -8.34
C LEU F 349 -37.44 -49.81 -7.88
N LEU F 350 -38.47 -50.21 -8.63
CA LEU F 350 -39.85 -49.88 -8.34
C LEU F 350 -40.63 -51.18 -8.13
N ILE F 351 -41.42 -51.23 -7.07
CA ILE F 351 -42.22 -52.40 -6.72
C ILE F 351 -43.68 -52.02 -6.84
N TYR F 352 -44.47 -52.87 -7.49
CA TYR F 352 -45.89 -52.64 -7.69
C TYR F 352 -46.72 -53.44 -6.68
N LEU G 16 22.12 -14.90 -12.11
CA LEU G 16 20.90 -14.14 -11.89
C LEU G 16 19.67 -15.04 -11.99
N VAL G 17 18.67 -14.77 -11.17
CA VAL G 17 17.42 -15.53 -11.14
C VAL G 17 16.27 -14.57 -11.38
N PRO G 18 15.40 -14.79 -12.37
CA PRO G 18 14.28 -13.87 -12.56
C PRO G 18 13.24 -14.01 -11.47
N MET G 19 12.58 -12.88 -11.17
CA MET G 19 11.54 -12.82 -10.15
C MET G 19 10.17 -12.79 -10.82
N VAL G 20 9.21 -13.50 -10.22
CA VAL G 20 7.85 -13.59 -10.73
C VAL G 20 6.89 -13.15 -9.63
N ILE G 21 5.65 -12.85 -10.05
CA ILE G 21 4.59 -12.40 -9.16
C ILE G 21 3.48 -13.44 -9.17
N GLU G 22 3.14 -13.95 -7.98
CA GLU G 22 2.07 -14.93 -7.80
C GLU G 22 0.84 -14.20 -7.28
N GLN G 23 -0.15 -14.04 -8.15
CA GLN G 23 -1.39 -13.36 -7.79
C GLN G 23 -2.22 -14.20 -6.83
N THR G 24 -2.43 -13.69 -5.62
CA THR G 24 -3.20 -14.37 -4.59
C THR G 24 -4.26 -13.41 -4.06
N SER G 25 -5.26 -14.00 -3.38
CA SER G 25 -6.35 -13.19 -2.84
C SER G 25 -5.86 -12.20 -1.79
N ARG G 26 -4.91 -12.62 -0.94
CA ARG G 26 -4.39 -11.74 0.09
C ARG G 26 -3.70 -10.52 -0.52
N GLY G 27 -2.89 -10.74 -1.55
CA GLY G 27 -2.17 -9.66 -2.19
C GLY G 27 -1.17 -10.20 -3.17
N GLU G 28 -0.28 -9.32 -3.61
CA GLU G 28 0.78 -9.67 -4.55
C GLU G 28 2.05 -10.02 -3.80
N ARG G 29 2.74 -11.07 -4.24
CA ARG G 29 3.99 -11.52 -3.65
C ARG G 29 4.99 -11.80 -4.75
N SER G 30 6.25 -11.50 -4.47
CA SER G 30 7.34 -11.69 -5.42
C SER G 30 8.13 -12.94 -5.04
N PHE G 31 8.35 -13.82 -6.04
CA PHE G 31 9.05 -15.07 -5.86
C PHE G 31 10.09 -15.27 -6.94
N ASP G 32 11.13 -16.03 -6.59
CA ASP G 32 12.13 -16.42 -7.56
C ASP G 32 11.56 -17.57 -8.39
N ILE G 33 12.13 -17.79 -9.57
CA ILE G 33 11.60 -18.84 -10.44
C ILE G 33 11.73 -20.22 -9.80
N TYR G 34 12.79 -20.46 -9.04
CA TYR G 34 12.95 -21.77 -8.41
C TYR G 34 11.98 -21.95 -7.25
N SER G 35 11.69 -20.88 -6.51
CA SER G 35 10.80 -20.99 -5.37
C SER G 35 9.34 -21.16 -5.79
N ARG G 36 8.96 -20.58 -6.92
CA ARG G 36 7.59 -20.72 -7.39
C ARG G 36 7.25 -22.17 -7.68
N LEU G 37 8.15 -22.89 -8.36
CA LEU G 37 7.89 -24.28 -8.66
C LEU G 37 7.92 -25.15 -7.41
N LEU G 38 8.69 -24.74 -6.40
CA LEU G 38 8.72 -25.49 -5.15
C LEU G 38 7.35 -25.49 -4.49
N LYS G 39 6.59 -24.41 -4.67
CA LYS G 39 5.25 -24.32 -4.10
C LYS G 39 4.33 -25.39 -4.69
N GLU G 40 4.60 -25.84 -5.91
CA GLU G 40 3.81 -26.84 -6.60
C GLU G 40 4.39 -28.25 -6.49
N ARG G 41 5.23 -28.49 -5.49
CA ARG G 41 5.84 -29.81 -5.27
C ARG G 41 6.73 -30.21 -6.44
N VAL G 42 7.64 -29.32 -6.81
CA VAL G 42 8.58 -29.53 -7.90
C VAL G 42 9.97 -29.16 -7.40
N ILE G 43 10.92 -30.09 -7.57
CA ILE G 43 12.30 -29.90 -7.15
C ILE G 43 13.20 -30.08 -8.36
N PHE G 44 14.27 -29.28 -8.42
CA PHE G 44 15.24 -29.31 -9.51
C PHE G 44 16.56 -29.90 -9.04
N LEU G 45 17.07 -30.85 -9.80
CA LEU G 45 18.37 -31.49 -9.52
C LEU G 45 19.27 -31.10 -10.70
N THR G 46 20.14 -30.12 -10.48
CA THR G 46 21.04 -29.61 -11.50
C THR G 46 22.49 -29.76 -11.08
N GLY G 47 23.34 -30.04 -12.07
CA GLY G 47 24.76 -30.18 -11.87
C GLY G 47 25.18 -31.47 -11.18
N GLN G 48 26.43 -31.47 -10.76
CA GLN G 48 27.02 -32.62 -10.08
C GLN G 48 26.38 -32.84 -8.72
N VAL G 49 26.25 -34.11 -8.35
CA VAL G 49 25.66 -34.50 -7.08
C VAL G 49 26.76 -34.48 -6.02
N GLU G 50 26.62 -33.58 -5.05
CA GLU G 50 27.59 -33.40 -3.97
C GLU G 50 26.83 -33.39 -2.65
N ASP G 51 27.59 -33.24 -1.56
CA ASP G 51 27.00 -33.24 -0.23
C ASP G 51 26.14 -32.02 0.02
N HIS G 52 26.52 -30.87 -0.51
CA HIS G 52 25.73 -29.66 -0.29
C HIS G 52 24.47 -29.65 -1.15
N MET G 53 24.60 -29.98 -2.44
CA MET G 53 23.43 -30.01 -3.31
C MET G 53 22.47 -31.12 -2.92
N ALA G 54 23.00 -32.25 -2.46
CA ALA G 54 22.13 -33.36 -2.07
C ALA G 54 21.39 -33.04 -0.78
N ASN G 55 22.08 -32.42 0.18
CA ASN G 55 21.44 -32.07 1.46
C ASN G 55 20.37 -31.01 1.28
N LEU G 56 20.42 -30.22 0.20
CA LEU G 56 19.43 -29.19 -0.02
C LEU G 56 18.12 -29.78 -0.54
N ILE G 57 18.21 -30.78 -1.41
CA ILE G 57 17.01 -31.41 -1.96
C ILE G 57 16.27 -32.19 -0.89
N VAL G 58 17.00 -32.79 0.06
CA VAL G 58 16.35 -33.56 1.11
C VAL G 58 15.45 -32.67 1.95
N ALA G 59 15.91 -31.45 2.26
CA ALA G 59 15.09 -30.53 3.04
C ALA G 59 13.83 -30.12 2.28
N GLN G 60 13.92 -30.07 0.94
CA GLN G 60 12.77 -29.70 0.14
C GLN G 60 11.70 -30.79 0.20
N MET G 61 12.10 -32.05 0.11
CA MET G 61 11.15 -33.16 0.15
C MET G 61 10.41 -33.18 1.48
N LEU G 62 11.12 -33.02 2.59
CA LEU G 62 10.49 -33.03 3.90
C LEU G 62 9.49 -31.89 4.03
N PHE G 63 9.83 -30.72 3.51
CA PHE G 63 8.92 -29.58 3.59
C PHE G 63 7.62 -29.85 2.86
N LEU G 64 7.70 -30.53 1.71
CA LEU G 64 6.48 -30.84 0.95
C LEU G 64 5.68 -31.93 1.64
N GLU G 65 6.37 -32.85 2.34
CA GLU G 65 5.67 -33.91 3.05
C GLU G 65 4.74 -33.34 4.11
N ALA G 66 5.23 -32.35 4.87
CA ALA G 66 4.41 -31.76 5.93
C ALA G 66 3.25 -30.96 5.36
N GLU G 67 3.47 -30.24 4.25
CA GLU G 67 2.39 -29.46 3.67
C GLU G 67 1.27 -30.36 3.16
N ASN G 68 1.63 -31.44 2.46
CA ASN G 68 0.64 -32.38 1.96
C ASN G 68 1.29 -33.76 1.80
N PRO G 69 0.89 -34.78 2.57
CA PRO G 69 1.48 -36.11 2.40
C PRO G 69 0.80 -36.99 1.36
N GLU G 70 -0.26 -36.51 0.70
CA GLU G 70 -1.03 -37.29 -0.27
C GLU G 70 -0.88 -36.80 -1.71
N LYS G 71 -0.08 -35.76 -1.97
CA LYS G 71 0.10 -35.24 -3.32
C LYS G 71 1.44 -35.69 -3.89
N ASP G 72 1.42 -36.07 -5.16
CA ASP G 72 2.63 -36.54 -5.82
C ASP G 72 3.66 -35.44 -5.97
N ILE G 73 4.92 -35.81 -5.80
CA ILE G 73 6.06 -34.92 -5.95
C ILE G 73 6.73 -35.20 -7.29
N TYR G 74 7.21 -34.16 -7.96
CA TYR G 74 7.88 -34.28 -9.25
C TYR G 74 9.33 -33.85 -9.10
N LEU G 75 10.24 -34.69 -9.55
CA LEU G 75 11.68 -34.46 -9.49
C LEU G 75 12.26 -34.46 -10.91
N TYR G 76 12.70 -33.30 -11.37
CA TYR G 76 13.33 -33.20 -12.69
C TYR G 76 14.83 -33.31 -12.50
N ILE G 77 15.46 -34.24 -13.22
CA ILE G 77 16.89 -34.52 -13.08
C ILE G 77 17.62 -34.20 -14.37
N ASN G 78 18.64 -33.35 -14.27
CA ASN G 78 19.55 -33.03 -15.37
C ASN G 78 20.90 -32.92 -14.67
N SER G 79 21.66 -34.03 -14.67
CA SER G 79 22.94 -34.07 -13.97
C SER G 79 23.92 -35.07 -14.55
N PRO G 80 25.22 -34.75 -14.61
CA PRO G 80 26.20 -35.74 -15.09
C PRO G 80 26.68 -36.71 -14.03
N GLY G 81 26.00 -36.76 -12.88
CA GLY G 81 26.36 -37.62 -11.78
C GLY G 81 27.36 -36.98 -10.85
N GLY G 82 27.83 -37.79 -9.89
CA GLY G 82 28.76 -37.30 -8.91
C GLY G 82 29.09 -38.30 -7.82
N VAL G 83 29.13 -37.82 -6.58
CA VAL G 83 29.43 -38.67 -5.43
C VAL G 83 28.29 -39.66 -5.20
N ILE G 84 28.65 -40.88 -4.81
CA ILE G 84 27.66 -41.92 -4.56
C ILE G 84 26.96 -41.70 -3.22
N THR G 85 27.73 -41.46 -2.16
CA THR G 85 27.15 -41.28 -0.84
C THR G 85 26.17 -40.11 -0.80
N ALA G 86 26.43 -39.07 -1.59
CA ALA G 86 25.51 -37.93 -1.62
C ALA G 86 24.19 -38.32 -2.28
N GLY G 87 24.24 -39.19 -3.28
CA GLY G 87 23.03 -39.60 -3.97
C GLY G 87 22.19 -40.61 -3.20
N MET G 88 22.83 -41.47 -2.42
CA MET G 88 22.06 -42.48 -1.68
C MET G 88 21.20 -41.87 -0.59
N SER G 89 21.55 -40.68 -0.11
CA SER G 89 20.73 -40.02 0.90
C SER G 89 19.38 -39.63 0.32
N ILE G 90 19.35 -39.29 -0.97
CA ILE G 90 18.11 -38.92 -1.64
C ILE G 90 17.26 -40.15 -1.90
N TYR G 91 17.90 -41.26 -2.31
CA TYR G 91 17.17 -42.47 -2.62
C TYR G 91 16.44 -43.01 -1.39
N ASP G 92 17.12 -43.07 -0.24
CA ASP G 92 16.48 -43.55 0.97
C ASP G 92 15.35 -42.64 1.40
N THR G 93 15.50 -41.34 1.17
CA THR G 93 14.44 -40.40 1.54
C THR G 93 13.19 -40.60 0.71
N MET G 94 13.35 -40.81 -0.60
CA MET G 94 12.19 -41.01 -1.46
C MET G 94 11.40 -42.25 -1.06
N GLN G 95 12.08 -43.31 -0.63
CA GLN G 95 11.40 -44.54 -0.24
C GLN G 95 10.78 -44.43 1.14
N PHE G 96 11.38 -43.62 2.03
CA PHE G 96 10.85 -43.49 3.38
C PHE G 96 9.53 -42.73 3.39
N ILE G 97 9.48 -41.57 2.74
CA ILE G 97 8.27 -40.76 2.74
C ILE G 97 7.15 -41.46 1.96
N LYS G 98 5.91 -41.18 2.36
CA LYS G 98 4.70 -41.74 1.77
C LYS G 98 4.40 -41.24 0.36
N PRO G 99 4.54 -39.94 0.05
CA PRO G 99 4.23 -39.47 -1.30
C PRO G 99 5.06 -40.16 -2.38
N ASP G 100 4.45 -40.29 -3.56
CA ASP G 100 5.11 -40.91 -4.70
C ASP G 100 5.97 -39.86 -5.40
N VAL G 101 7.28 -40.10 -5.42
CA VAL G 101 8.22 -39.15 -6.02
C VAL G 101 8.33 -39.49 -7.51
N SER G 102 7.69 -38.69 -8.34
CA SER G 102 7.76 -38.86 -9.78
C SER G 102 9.09 -38.30 -10.28
N THR G 103 9.73 -39.03 -11.18
CA THR G 103 11.03 -38.63 -11.73
C THR G 103 10.93 -38.43 -13.23
N ILE G 104 11.64 -37.42 -13.73
CA ILE G 104 11.70 -37.08 -15.14
C ILE G 104 13.16 -36.80 -15.49
N CYS G 105 13.58 -37.27 -16.67
CA CYS G 105 14.95 -37.09 -17.13
C CYS G 105 14.98 -36.02 -18.21
N MET G 106 15.76 -34.96 -17.95
CA MET G 106 15.92 -33.85 -18.88
C MET G 106 17.41 -33.71 -19.22
N GLY G 107 17.73 -33.81 -20.50
CA GLY G 107 19.10 -33.67 -20.95
C GLY G 107 19.96 -34.90 -20.80
N GLN G 108 20.31 -35.27 -19.56
CA GLN G 108 21.16 -36.43 -19.34
C GLN G 108 20.95 -36.96 -17.94
N ALA G 109 21.24 -38.26 -17.78
CA ALA G 109 21.12 -38.96 -16.50
C ALA G 109 22.28 -39.96 -16.42
N ALA G 110 23.29 -39.62 -15.64
CA ALA G 110 24.47 -40.47 -15.50
C ALA G 110 24.18 -41.59 -14.51
N SER G 111 25.24 -42.33 -14.14
CA SER G 111 25.17 -43.45 -13.21
C SER G 111 24.29 -43.18 -11.99
N MET G 112 24.61 -42.12 -11.24
CA MET G 112 23.80 -41.83 -10.06
C MET G 112 22.50 -41.13 -10.43
N GLY G 113 22.50 -40.32 -11.49
CA GLY G 113 21.27 -39.69 -11.93
C GLY G 113 20.27 -40.71 -12.41
N ALA G 114 20.77 -41.81 -13.00
CA ALA G 114 19.90 -42.88 -13.46
C ALA G 114 19.35 -43.67 -12.29
N PHE G 115 20.12 -43.81 -11.22
CA PHE G 115 19.66 -44.57 -10.06
C PHE G 115 18.53 -43.85 -9.36
N LEU G 116 18.59 -42.52 -9.29
CA LEU G 116 17.50 -41.77 -8.68
C LEU G 116 16.31 -41.70 -9.63
N LEU G 117 16.55 -41.80 -10.93
CA LEU G 117 15.48 -41.79 -11.91
C LEU G 117 14.62 -43.03 -11.79
N THR G 118 15.25 -44.21 -11.84
CA THR G 118 14.53 -45.47 -11.73
C THR G 118 13.96 -45.69 -10.34
N ALA G 119 14.49 -45.02 -9.32
CA ALA G 119 14.01 -45.20 -7.95
C ALA G 119 12.67 -44.52 -7.70
N GLY G 120 12.15 -43.77 -8.67
CA GLY G 120 10.86 -43.13 -8.51
C GLY G 120 9.75 -44.15 -8.38
N ALA G 121 8.55 -43.64 -8.13
CA ALA G 121 7.39 -44.51 -7.98
C ALA G 121 7.08 -45.21 -9.28
N LYS G 122 6.74 -46.49 -9.18
CA LYS G 122 6.41 -47.29 -10.35
C LYS G 122 5.18 -46.72 -11.04
N GLY G 123 5.26 -46.57 -12.36
CA GLY G 123 4.17 -46.01 -13.14
C GLY G 123 4.20 -44.51 -13.29
N LYS G 124 5.09 -43.82 -12.58
CA LYS G 124 5.21 -42.37 -12.62
C LYS G 124 6.62 -41.94 -12.99
N ARG G 125 7.27 -42.71 -13.85
CA ARG G 125 8.63 -42.42 -14.33
C ARG G 125 8.56 -42.14 -15.81
N PHE G 126 9.15 -41.02 -16.24
CA PHE G 126 9.14 -40.61 -17.63
C PHE G 126 10.52 -40.14 -18.07
N CYS G 127 10.72 -40.17 -19.39
CA CYS G 127 11.96 -39.77 -20.03
C CYS G 127 11.60 -38.98 -21.29
N LEU G 128 12.31 -37.89 -21.54
CA LEU G 128 12.00 -37.06 -22.69
C LEU G 128 12.40 -37.78 -23.98
N PRO G 129 11.74 -37.44 -25.11
CA PRO G 129 12.05 -38.13 -26.38
C PRO G 129 13.51 -38.12 -26.79
N ASN G 130 14.26 -37.06 -26.45
CA ASN G 130 15.66 -36.94 -26.82
C ASN G 130 16.60 -37.06 -25.62
N SER G 131 16.09 -37.46 -24.46
CA SER G 131 16.95 -37.61 -23.30
C SER G 131 17.86 -38.82 -23.49
N ARG G 132 18.91 -38.88 -22.66
CA ARG G 132 19.88 -39.96 -22.72
C ARG G 132 20.28 -40.37 -21.31
N VAL G 133 20.36 -41.68 -21.08
CA VAL G 133 20.75 -42.25 -19.81
C VAL G 133 22.06 -43.00 -20.01
N MET G 134 22.94 -42.94 -19.01
CA MET G 134 24.21 -43.64 -19.04
C MET G 134 24.43 -44.30 -17.70
N ILE G 135 24.91 -45.55 -17.73
CA ILE G 135 25.17 -46.34 -16.53
C ILE G 135 26.52 -47.00 -16.64
N HIS G 136 27.27 -47.01 -15.55
CA HIS G 136 28.58 -47.66 -15.49
C HIS G 136 28.79 -48.12 -14.05
N GLN G 137 30.00 -48.60 -13.76
CA GLN G 137 30.28 -49.10 -12.42
C GLN G 137 30.86 -47.98 -11.55
N PRO G 138 30.86 -48.15 -10.23
CA PRO G 138 31.42 -47.11 -9.36
C PRO G 138 32.90 -46.88 -9.63
N LEU G 139 33.31 -45.63 -9.47
CA LEU G 139 34.70 -45.22 -9.65
C LEU G 139 35.32 -44.88 -8.31
N GLY G 140 36.61 -45.16 -8.19
CA GLY G 140 37.31 -44.87 -6.96
C GLY G 140 38.80 -44.92 -7.14
N GLY G 141 39.49 -45.02 -6.02
CA GLY G 141 40.94 -45.09 -5.99
C GLY G 141 41.47 -44.83 -4.61
N TYR G 142 42.70 -45.29 -4.38
CA TYR G 142 43.33 -45.10 -3.09
C TYR G 142 44.84 -45.19 -3.26
N GLN G 143 45.56 -44.55 -2.34
CA GLN G 143 47.02 -44.57 -2.32
C GLN G 143 47.45 -44.78 -0.89
N GLY G 144 48.26 -45.82 -0.67
CA GLY G 144 48.73 -46.11 0.68
C GLY G 144 49.27 -47.53 0.75
N GLN G 145 49.27 -48.06 1.97
CA GLN G 145 49.73 -49.42 2.21
C GLN G 145 48.79 -50.42 1.55
N ALA G 146 49.32 -51.63 1.33
CA ALA G 146 48.51 -52.67 0.70
C ALA G 146 47.33 -53.07 1.59
N THR G 147 47.52 -53.02 2.91
CA THR G 147 46.43 -53.39 3.82
C THR G 147 45.27 -52.42 3.69
N ASP G 148 45.56 -51.13 3.49
CA ASP G 148 44.50 -50.14 3.36
C ASP G 148 43.81 -50.23 2.00
N ILE G 149 44.56 -50.60 0.96
CA ILE G 149 43.96 -50.72 -0.37
C ILE G 149 42.93 -51.85 -0.38
N GLU G 150 43.22 -52.93 0.34
CA GLU G 150 42.28 -54.06 0.40
C GLU G 150 40.99 -53.65 1.08
N ILE G 151 41.06 -52.77 2.08
CA ILE G 151 39.85 -52.36 2.79
C ILE G 151 38.97 -51.51 1.88
N HIS G 152 39.56 -50.50 1.24
CA HIS G 152 38.77 -49.63 0.37
C HIS G 152 38.28 -50.38 -0.86
N ALA G 153 38.98 -51.45 -1.27
CA ALA G 153 38.54 -52.22 -2.43
C ALA G 153 37.31 -53.05 -2.07
N ARG G 154 37.30 -53.65 -0.88
CA ARG G 154 36.15 -54.43 -0.44
C ARG G 154 34.92 -53.55 -0.27
N GLU G 155 35.11 -52.31 0.19
CA GLU G 155 33.98 -51.40 0.41
C GLU G 155 33.33 -51.00 -0.90
N ILE G 156 34.13 -50.58 -1.88
CA ILE G 156 33.55 -50.17 -3.16
C ILE G 156 32.93 -51.37 -3.88
N LEU G 157 33.41 -52.58 -3.59
CA LEU G 157 32.82 -53.76 -4.22
C LEU G 157 31.43 -54.02 -3.66
N LYS G 158 31.23 -53.78 -2.36
CA LYS G 158 29.92 -53.95 -1.76
C LYS G 158 28.93 -52.96 -2.34
N VAL G 159 29.36 -51.71 -2.54
CA VAL G 159 28.50 -50.69 -3.11
C VAL G 159 28.08 -51.07 -4.51
N LYS G 160 29.03 -51.54 -5.34
CA LYS G 160 28.70 -51.97 -6.69
C LYS G 160 27.67 -53.09 -6.66
N GLY G 161 27.84 -54.05 -5.75
CA GLY G 161 26.87 -55.12 -5.63
C GLY G 161 25.54 -54.60 -5.11
N ARG G 162 25.59 -53.66 -4.16
CA ARG G 162 24.36 -53.10 -3.61
C ARG G 162 23.65 -52.24 -4.64
N MET G 163 24.40 -51.48 -5.43
CA MET G 163 23.78 -50.63 -6.43
C MET G 163 23.16 -51.45 -7.55
N ASN G 164 23.71 -52.64 -7.83
CA ASN G 164 23.13 -53.49 -8.87
C ASN G 164 21.89 -54.19 -8.35
N GLU G 165 21.88 -54.56 -7.07
CA GLU G 165 20.72 -55.21 -6.48
C GLU G 165 19.50 -54.29 -6.51
N LEU G 166 19.70 -53.03 -6.13
CA LEU G 166 18.59 -52.08 -6.12
C LEU G 166 18.14 -51.73 -7.54
N MET G 167 19.09 -51.65 -8.47
CA MET G 167 18.75 -51.35 -9.85
C MET G 167 17.83 -52.42 -10.43
N ALA G 168 18.08 -53.68 -10.08
CA ALA G 168 17.26 -54.78 -10.56
C ALA G 168 15.86 -54.73 -9.94
N LEU G 169 15.78 -54.32 -8.67
CA LEU G 169 14.48 -54.26 -7.98
C LEU G 169 13.52 -53.30 -8.67
N HIS G 170 14.00 -52.11 -9.07
CA HIS G 170 13.12 -51.14 -9.69
C HIS G 170 12.96 -51.39 -11.19
N THR G 171 14.04 -51.80 -11.86
CA THR G 171 13.97 -52.08 -13.28
C THR G 171 13.31 -53.42 -13.58
N GLY G 172 13.29 -54.33 -12.60
CA GLY G 172 12.71 -55.64 -12.79
C GLY G 172 13.62 -56.66 -13.44
N GLN G 173 14.73 -56.23 -14.03
CA GLN G 173 15.66 -57.17 -14.65
C GLN G 173 16.31 -58.05 -13.58
N SER G 174 17.07 -59.02 -14.04
CA SER G 174 17.77 -59.93 -13.14
C SER G 174 19.12 -59.32 -12.73
N LEU G 175 19.62 -59.77 -11.58
CA LEU G 175 20.90 -59.26 -11.10
C LEU G 175 22.04 -59.61 -12.05
N GLU G 176 21.94 -60.77 -12.72
CA GLU G 176 22.98 -61.17 -13.65
C GLU G 176 23.05 -60.23 -14.84
N GLN G 177 21.89 -59.74 -15.31
CA GLN G 177 21.86 -58.84 -16.45
C GLN G 177 22.46 -57.49 -16.09
N ILE G 178 22.16 -56.98 -14.90
CA ILE G 178 22.70 -55.68 -14.49
C ILE G 178 24.21 -55.75 -14.35
N GLU G 179 24.74 -56.89 -13.90
CA GLU G 179 26.18 -57.03 -13.75
C GLU G 179 26.89 -56.96 -15.09
N ARG G 180 26.32 -57.59 -16.12
CA ARG G 180 26.96 -57.58 -17.44
C ARG G 180 26.80 -56.21 -18.11
N ASP G 181 25.65 -55.58 -17.96
CA ASP G 181 25.40 -54.28 -18.58
C ASP G 181 26.12 -53.13 -17.90
N THR G 182 26.48 -53.28 -16.61
CA THR G 182 27.14 -52.22 -15.87
C THR G 182 28.66 -52.40 -15.79
N GLU G 183 29.22 -53.38 -16.49
CA GLU G 183 30.67 -53.56 -16.45
C GLU G 183 31.38 -52.37 -17.10
N ARG G 184 30.77 -51.77 -18.12
CA ARG G 184 31.33 -50.62 -18.82
C ARG G 184 30.20 -49.64 -19.09
N ASP G 185 30.57 -48.47 -19.61
CA ASP G 185 29.57 -47.44 -19.92
C ASP G 185 28.58 -47.96 -20.94
N ARG G 186 27.29 -47.73 -20.68
CA ARG G 186 26.21 -48.18 -21.55
C ARG G 186 25.20 -47.07 -21.69
N PHE G 187 25.04 -46.53 -22.91
CA PHE G 187 24.08 -45.47 -23.17
C PHE G 187 22.77 -46.09 -23.62
N LEU G 188 21.66 -45.55 -23.12
CA LEU G 188 20.32 -46.03 -23.43
C LEU G 188 19.46 -44.88 -23.92
N SER G 189 18.94 -45.02 -25.14
CA SER G 189 18.08 -44.00 -25.70
C SER G 189 16.74 -44.01 -24.96
N ALA G 190 15.89 -43.03 -25.28
CA ALA G 190 14.59 -42.95 -24.63
C ALA G 190 13.70 -44.16 -24.92
N PRO G 191 13.61 -44.68 -26.16
CA PRO G 191 12.77 -45.87 -26.37
C PRO G 191 13.31 -47.09 -25.65
N GLU G 192 14.63 -47.27 -25.65
CA GLU G 192 15.23 -48.44 -25.00
C GLU G 192 15.01 -48.42 -23.49
N ALA G 193 14.93 -47.23 -22.89
CA ALA G 193 14.72 -47.16 -21.45
C ALA G 193 13.37 -47.74 -21.06
N VAL G 194 12.35 -47.53 -21.90
CA VAL G 194 11.03 -48.09 -21.62
C VAL G 194 11.08 -49.61 -21.74
N GLU G 195 11.72 -50.11 -22.80
CA GLU G 195 11.85 -51.55 -23.00
C GLU G 195 12.69 -52.19 -21.90
N TYR G 196 13.58 -51.42 -21.28
CA TYR G 196 14.46 -51.90 -20.23
C TYR G 196 13.84 -51.85 -18.84
N GLY G 197 12.61 -51.34 -18.70
CA GLY G 197 12.00 -51.25 -17.39
C GLY G 197 12.46 -50.08 -16.55
N LEU G 198 13.36 -49.25 -17.08
CA LEU G 198 13.86 -48.11 -16.32
C LEU G 198 12.79 -47.05 -16.14
N VAL G 199 11.94 -46.84 -17.15
CA VAL G 199 10.88 -45.85 -17.12
C VAL G 199 9.59 -46.50 -17.59
N ASP G 200 8.50 -45.73 -17.51
CA ASP G 200 7.17 -46.19 -17.87
C ASP G 200 6.68 -45.70 -19.23
N SER G 201 6.93 -44.44 -19.57
CA SER G 201 6.45 -43.89 -20.84
C SER G 201 7.29 -42.67 -21.21
N ILE G 202 6.91 -42.00 -22.30
CA ILE G 202 7.59 -40.82 -22.81
C ILE G 202 6.57 -39.70 -22.93
N LEU G 203 6.95 -38.51 -22.48
CA LEU G 203 6.09 -37.33 -22.52
C LEU G 203 6.40 -36.51 -23.78
N THR G 204 5.98 -37.07 -24.92
CA THR G 204 6.22 -36.41 -26.20
C THR G 204 5.46 -35.09 -26.29
N HIS G 205 4.13 -35.15 -26.17
CA HIS G 205 3.27 -33.98 -26.26
C HIS G 205 2.34 -33.94 -25.04
N ARG G 206 1.73 -32.77 -24.84
CA ARG G 206 0.80 -32.56 -23.74
C ARG G 206 -0.61 -32.84 -24.24
N ASN G 207 -1.23 -33.88 -23.69
CA ASN G 207 -2.59 -34.28 -24.07
C ASN G 207 -3.60 -33.83 -23.02
N LEU H 16 25.68 -5.60 -12.76
CA LEU H 16 24.53 -4.83 -12.29
C LEU H 16 23.36 -4.96 -13.25
N VAL H 17 22.15 -4.95 -12.70
CA VAL H 17 20.91 -5.05 -13.46
C VAL H 17 20.07 -3.83 -13.13
N PRO H 18 19.62 -3.03 -14.11
CA PRO H 18 18.79 -1.87 -13.76
C PRO H 18 17.40 -2.29 -13.31
N MET H 19 16.84 -1.48 -12.42
CA MET H 19 15.50 -1.71 -11.89
C MET H 19 14.51 -0.76 -12.55
N VAL H 20 13.32 -1.26 -12.85
CA VAL H 20 12.27 -0.48 -13.49
C VAL H 20 11.01 -0.55 -12.64
N ILE H 21 10.10 0.39 -12.91
CA ILE H 21 8.82 0.50 -12.21
C ILE H 21 7.70 0.25 -13.20
N GLU H 22 6.86 -0.74 -12.88
CA GLU H 22 5.71 -1.09 -13.72
C GLU H 22 4.47 -0.48 -13.08
N GLN H 23 3.96 0.58 -13.71
CA GLN H 23 2.78 1.28 -13.20
C GLN H 23 1.54 0.42 -13.37
N THR H 24 0.92 0.06 -12.24
CA THR H 24 -0.29 -0.76 -12.24
C THR H 24 -1.35 -0.08 -11.38
N SER H 25 -2.60 -0.51 -11.56
CA SER H 25 -3.71 0.06 -10.82
C SER H 25 -3.56 -0.18 -9.32
N ARG H 26 -3.10 -1.37 -8.94
CA ARG H 26 -2.94 -1.69 -7.53
C ARG H 26 -1.91 -0.77 -6.87
N GLY H 27 -0.79 -0.53 -7.55
CA GLY H 27 0.24 0.32 -7.02
C GLY H 27 1.48 0.24 -7.88
N GLU H 28 2.58 0.76 -7.35
CA GLU H 28 3.87 0.73 -8.03
C GLU H 28 4.66 -0.48 -7.54
N ARG H 29 5.32 -1.14 -8.48
CA ARG H 29 6.12 -2.32 -8.19
C ARG H 29 7.46 -2.18 -8.89
N SER H 30 8.52 -2.66 -8.23
CA SER H 30 9.87 -2.58 -8.76
C SER H 30 10.29 -3.94 -9.31
N PHE H 31 10.79 -3.94 -10.54
CA PHE H 31 11.21 -5.14 -11.23
C PHE H 31 12.58 -4.96 -11.86
N ASP H 32 13.30 -6.08 -12.00
CA ASP H 32 14.55 -6.06 -12.73
C ASP H 32 14.21 -6.10 -14.22
N ILE H 33 15.17 -5.67 -15.05
CA ILE H 33 14.89 -5.60 -16.48
C ILE H 33 14.60 -6.97 -17.06
N TYR H 34 15.25 -8.02 -16.55
CA TYR H 34 14.99 -9.35 -17.07
C TYR H 34 13.64 -9.89 -16.61
N SER H 35 13.22 -9.55 -15.39
CA SER H 35 11.94 -10.03 -14.89
C SER H 35 10.78 -9.32 -15.54
N ARG H 36 10.95 -8.06 -15.92
CA ARG H 36 9.88 -7.33 -16.58
C ARG H 36 9.51 -7.97 -17.91
N LEU H 37 10.52 -8.34 -18.69
CA LEU H 37 10.27 -8.98 -19.98
C LEU H 37 9.68 -10.37 -19.79
N LEU H 38 10.02 -11.04 -18.68
CA LEU H 38 9.47 -12.36 -18.43
C LEU H 38 7.96 -12.30 -18.28
N LYS H 39 7.45 -11.19 -17.73
CA LYS H 39 6.01 -11.03 -17.58
C LYS H 39 5.30 -11.00 -18.92
N GLU H 40 6.01 -10.59 -19.98
CA GLU H 40 5.46 -10.50 -21.33
C GLU H 40 5.82 -11.72 -22.18
N ARG H 41 6.16 -12.84 -21.55
CA ARG H 41 6.49 -14.08 -22.27
C ARG H 41 7.73 -13.91 -23.15
N VAL H 42 8.80 -13.40 -22.56
CA VAL H 42 10.07 -13.20 -23.24
C VAL H 42 11.18 -13.78 -22.37
N ILE H 43 12.00 -14.64 -22.96
CA ILE H 43 13.10 -15.31 -22.29
C ILE H 43 14.39 -14.99 -23.04
N PHE H 44 15.47 -14.81 -22.28
CA PHE H 44 16.78 -14.49 -22.84
C PHE H 44 17.72 -15.68 -22.70
N LEU H 45 18.39 -16.03 -23.80
CA LEU H 45 19.38 -17.10 -23.85
C LEU H 45 20.71 -16.42 -24.15
N THR H 46 21.53 -16.22 -23.13
CA THR H 46 22.80 -15.55 -23.26
C THR H 46 23.95 -16.45 -22.82
N GLY H 47 25.09 -16.30 -23.50
CA GLY H 47 26.29 -17.04 -23.21
C GLY H 47 26.24 -18.51 -23.62
N GLN H 48 27.22 -19.24 -23.11
CA GLN H 48 27.35 -20.66 -23.39
C GLN H 48 26.20 -21.44 -22.78
N VAL H 49 25.78 -22.49 -23.49
CA VAL H 49 24.69 -23.35 -23.04
C VAL H 49 25.29 -24.42 -22.14
N GLU H 50 24.91 -24.39 -20.87
CA GLU H 50 25.39 -25.31 -19.85
C GLU H 50 24.20 -25.88 -19.09
N ASP H 51 24.50 -26.76 -18.13
CA ASP H 51 23.45 -27.41 -17.36
C ASP H 51 22.72 -26.43 -16.45
N HIS H 52 23.43 -25.43 -15.90
CA HIS H 52 22.79 -24.49 -15.00
C HIS H 52 21.95 -23.48 -15.79
N MET H 53 22.51 -22.91 -16.85
CA MET H 53 21.76 -21.94 -17.64
C MET H 53 20.59 -22.59 -18.35
N ALA H 54 20.75 -23.84 -18.78
CA ALA H 54 19.67 -24.52 -19.49
C ALA H 54 18.52 -24.87 -18.55
N ASN H 55 18.85 -25.34 -17.34
CA ASN H 55 17.81 -25.70 -16.38
C ASN H 55 17.02 -24.49 -15.91
N LEU H 56 17.57 -23.28 -16.03
CA LEU H 56 16.86 -22.09 -15.62
C LEU H 56 15.80 -21.69 -16.65
N ILE H 57 16.13 -21.84 -17.94
CA ILE H 57 15.20 -21.47 -18.99
C ILE H 57 14.02 -22.41 -19.02
N VAL H 58 14.23 -23.69 -18.69
CA VAL H 58 13.14 -24.66 -18.68
C VAL H 58 12.08 -24.26 -17.66
N ALA H 59 12.51 -23.80 -16.48
CA ALA H 59 11.55 -23.37 -15.47
C ALA H 59 10.78 -22.15 -15.93
N GLN H 60 11.40 -21.29 -16.75
CA GLN H 60 10.71 -20.11 -17.25
C GLN H 60 9.62 -20.50 -18.23
N MET H 61 9.91 -21.45 -19.13
CA MET H 61 8.92 -21.89 -20.11
C MET H 61 7.71 -22.51 -19.42
N LEU H 62 7.94 -23.37 -18.43
CA LEU H 62 6.85 -24.00 -17.72
C LEU H 62 6.00 -22.96 -16.99
N PHE H 63 6.63 -21.95 -16.41
CA PHE H 63 5.88 -20.91 -15.72
C PHE H 63 4.97 -20.15 -16.68
N LEU H 64 5.44 -19.90 -17.90
CA LEU H 64 4.62 -19.19 -18.87
C LEU H 64 3.50 -20.07 -19.39
N GLU H 65 3.74 -21.37 -19.47
CA GLU H 65 2.70 -22.30 -19.92
C GLU H 65 1.49 -22.24 -19.00
N ALA H 66 1.73 -22.23 -17.68
CA ALA H 66 0.64 -22.20 -16.72
C ALA H 66 -0.09 -20.87 -16.75
N GLU H 67 0.65 -19.76 -16.90
CA GLU H 67 0.00 -18.46 -16.93
C GLU H 67 -0.91 -18.32 -18.14
N ASN H 68 -0.44 -18.72 -19.31
CA ASN H 68 -1.25 -18.66 -20.53
C ASN H 68 -0.79 -19.72 -21.52
N PRO H 69 -1.60 -20.74 -21.85
CA PRO H 69 -1.16 -21.72 -22.85
C PRO H 69 -1.48 -21.36 -24.30
N GLU H 70 -2.12 -20.22 -24.54
CA GLU H 70 -2.51 -19.80 -25.88
C GLU H 70 -1.75 -18.59 -26.41
N LYS H 71 -0.81 -18.03 -25.65
CA LYS H 71 -0.05 -16.86 -26.07
C LYS H 71 1.33 -17.27 -26.55
N ASP H 72 1.78 -16.65 -27.64
CA ASP H 72 3.08 -16.96 -28.22
C ASP H 72 4.21 -16.51 -27.29
N ILE H 73 5.27 -17.33 -27.25
CA ILE H 73 6.47 -17.07 -26.48
C ILE H 73 7.55 -16.61 -27.44
N TYR H 74 8.39 -15.66 -27.00
CA TYR H 74 9.48 -15.15 -27.81
C TYR H 74 10.79 -15.50 -27.11
N LEU H 75 11.70 -16.12 -27.86
CA LEU H 75 13.01 -16.55 -27.36
C LEU H 75 14.12 -15.87 -28.15
N TYR H 76 14.86 -14.97 -27.50
CA TYR H 76 15.98 -14.29 -28.14
C TYR H 76 17.24 -15.08 -27.80
N ILE H 77 17.99 -15.46 -28.82
CA ILE H 77 19.20 -16.28 -28.67
C ILE H 77 20.43 -15.50 -29.13
N ASN H 78 21.41 -15.39 -28.25
CA ASN H 78 22.71 -14.79 -28.55
C ASN H 78 23.67 -15.67 -27.76
N SER H 79 24.23 -16.69 -28.44
CA SER H 79 25.10 -17.65 -27.77
C SER H 79 26.11 -18.31 -28.70
N PRO H 80 27.35 -18.54 -28.26
CA PRO H 80 28.31 -19.25 -29.10
C PRO H 80 28.21 -20.77 -29.01
N GLY H 81 27.12 -21.28 -28.44
CA GLY H 81 26.91 -22.70 -28.27
C GLY H 81 27.52 -23.24 -26.99
N GLY H 82 27.46 -24.55 -26.86
CA GLY H 82 27.99 -25.21 -25.67
C GLY H 82 27.73 -26.70 -25.63
N VAL H 83 27.33 -27.18 -24.45
CA VAL H 83 27.06 -28.60 -24.26
C VAL H 83 25.81 -28.99 -25.05
N ILE H 84 25.83 -30.19 -25.62
CA ILE H 84 24.70 -30.67 -26.41
C ILE H 84 23.56 -31.12 -25.51
N THR H 85 23.85 -31.94 -24.51
CA THR H 85 22.81 -32.45 -23.61
C THR H 85 22.05 -31.33 -22.92
N ALA H 86 22.72 -30.22 -22.62
CA ALA H 86 22.05 -29.09 -22.00
C ALA H 86 21.07 -28.44 -22.96
N GLY H 87 21.42 -28.42 -24.25
CA GLY H 87 20.55 -27.81 -25.25
C GLY H 87 19.38 -28.67 -25.64
N MET H 88 19.53 -29.99 -25.63
CA MET H 88 18.43 -30.86 -26.02
C MET H 88 17.29 -30.83 -25.02
N SER H 89 17.55 -30.45 -23.77
CA SER H 89 16.48 -30.34 -22.79
C SER H 89 15.55 -29.20 -23.15
N ILE H 90 16.09 -28.14 -23.76
CA ILE H 90 15.29 -26.99 -24.17
C ILE H 90 14.48 -27.33 -25.41
N TYR H 91 15.08 -28.06 -26.35
CA TYR H 91 14.40 -28.41 -27.59
C TYR H 91 13.16 -29.26 -27.32
N ASP H 92 13.29 -30.29 -26.47
CA ASP H 92 12.15 -31.13 -26.17
C ASP H 92 11.05 -30.35 -25.46
N THR H 93 11.43 -29.37 -24.63
CA THR H 93 10.44 -28.58 -23.92
C THR H 93 9.62 -27.72 -24.88
N MET H 94 10.27 -27.09 -25.85
CA MET H 94 9.56 -26.25 -26.80
C MET H 94 8.54 -27.05 -27.60
N GLN H 95 8.88 -28.29 -27.95
CA GLN H 95 7.96 -29.13 -28.72
C GLN H 95 6.85 -29.70 -27.86
N PHE H 96 7.12 -29.95 -26.57
CA PHE H 96 6.11 -30.52 -25.69
C PHE H 96 4.99 -29.53 -25.41
N ILE H 97 5.32 -28.31 -25.00
CA ILE H 97 4.30 -27.34 -24.65
C ILE H 97 3.52 -26.92 -25.90
N LYS H 98 2.26 -26.56 -25.67
CA LYS H 98 1.32 -26.12 -26.70
C LYS H 98 1.66 -24.76 -27.32
N PRO H 99 2.05 -23.74 -26.54
CA PRO H 99 2.36 -22.44 -27.15
C PRO H 99 3.47 -22.51 -28.19
N ASP H 100 3.37 -21.62 -29.17
CA ASP H 100 4.35 -21.53 -30.25
C ASP H 100 5.53 -20.69 -29.77
N VAL H 101 6.70 -21.31 -29.68
CA VAL H 101 7.91 -20.64 -29.21
C VAL H 101 8.57 -19.94 -30.39
N SER H 102 8.41 -18.62 -30.47
CA SER H 102 9.04 -17.84 -31.52
C SER H 102 10.51 -17.64 -31.16
N THR H 103 11.38 -17.79 -32.16
CA THR H 103 12.82 -17.65 -31.97
C THR H 103 13.37 -16.52 -32.82
N ILE H 104 14.34 -15.79 -32.26
CA ILE H 104 15.01 -14.69 -32.92
C ILE H 104 16.50 -14.84 -32.67
N CYS H 105 17.32 -14.59 -33.69
CA CYS H 105 18.76 -14.69 -33.58
C CYS H 105 19.36 -13.30 -33.51
N MET H 106 20.07 -13.02 -32.43
CA MET H 106 20.72 -11.74 -32.20
C MET H 106 22.22 -11.97 -32.02
N GLY H 107 23.02 -11.35 -32.88
CA GLY H 107 24.45 -11.48 -32.79
C GLY H 107 25.02 -12.74 -33.42
N GLN H 108 24.79 -13.90 -32.80
CA GLN H 108 25.33 -15.14 -33.34
C GLN H 108 24.51 -16.32 -32.85
N ALA H 109 24.55 -17.40 -33.63
CA ALA H 109 23.85 -18.64 -33.33
C ALA H 109 24.75 -19.79 -33.78
N ALA H 110 25.40 -20.44 -32.83
CA ALA H 110 26.32 -21.53 -33.13
C ALA H 110 25.55 -22.82 -33.38
N SER H 111 26.28 -23.93 -33.48
CA SER H 111 25.74 -25.27 -33.72
C SER H 111 24.49 -25.58 -32.89
N MET H 112 24.61 -25.48 -31.57
CA MET H 112 23.45 -25.78 -30.73
C MET H 112 22.47 -24.62 -30.70
N GLY H 113 22.97 -23.38 -30.78
CA GLY H 113 22.07 -22.25 -30.84
C GLY H 113 21.25 -22.25 -32.10
N ALA H 114 21.82 -22.78 -33.20
CA ALA H 114 21.10 -22.87 -34.46
C ALA H 114 20.05 -23.96 -34.42
N PHE H 115 20.30 -25.03 -33.67
CA PHE H 115 19.32 -26.12 -33.60
C PHE H 115 18.08 -25.67 -32.84
N LEU H 116 18.26 -24.86 -31.79
CA LEU H 116 17.11 -24.34 -31.07
C LEU H 116 16.44 -23.24 -31.86
N LEU H 117 17.19 -22.55 -32.71
CA LEU H 117 16.62 -21.49 -33.54
C LEU H 117 15.64 -22.06 -34.55
N THR H 118 16.09 -23.04 -35.33
CA THR H 118 15.24 -23.68 -36.33
C THR H 118 14.14 -24.52 -35.70
N ALA H 119 14.30 -24.94 -34.44
CA ALA H 119 13.30 -25.74 -33.78
C ALA H 119 12.06 -24.95 -33.37
N GLY H 120 12.06 -23.63 -33.54
CA GLY H 120 10.90 -22.84 -33.21
C GLY H 120 9.72 -23.19 -34.09
N ALA H 121 8.58 -22.57 -33.77
CA ALA H 121 7.37 -22.81 -34.55
C ALA H 121 7.54 -22.31 -35.98
N LYS H 122 7.05 -23.10 -36.93
CA LYS H 122 7.14 -22.71 -38.33
C LYS H 122 6.36 -21.44 -38.59
N GLY H 123 6.99 -20.50 -39.31
CA GLY H 123 6.36 -19.24 -39.61
C GLY H 123 6.62 -18.15 -38.58
N LYS H 124 7.22 -18.49 -37.44
CA LYS H 124 7.50 -17.53 -36.37
C LYS H 124 8.98 -17.54 -36.00
N ARG H 125 9.84 -17.75 -37.00
CA ARG H 125 11.28 -17.77 -36.85
C ARG H 125 11.86 -16.59 -37.62
N PHE H 126 12.70 -15.79 -36.97
CA PHE H 126 13.29 -14.62 -37.59
C PHE H 126 14.78 -14.55 -37.28
N CYS H 127 15.48 -13.79 -38.13
CA CYS H 127 16.92 -13.57 -38.02
C CYS H 127 17.18 -12.11 -38.34
N LEU H 128 18.06 -11.47 -37.58
CA LEU H 128 18.33 -10.07 -37.80
C LEU H 128 19.11 -9.87 -39.10
N PRO H 129 19.02 -8.68 -39.73
CA PRO H 129 19.71 -8.46 -41.00
C PRO H 129 21.21 -8.71 -40.98
N ASN H 130 21.88 -8.50 -39.84
CA ASN H 130 23.32 -8.69 -39.72
C ASN H 130 23.68 -9.88 -38.84
N SER H 131 22.71 -10.71 -38.48
CA SER H 131 23.01 -11.86 -37.65
C SER H 131 23.79 -12.90 -38.47
N ARG H 132 24.38 -13.85 -37.76
CA ARG H 132 25.17 -14.90 -38.40
C ARG H 132 24.92 -16.23 -37.69
N VAL H 133 24.76 -17.28 -38.47
CA VAL H 133 24.54 -18.63 -37.99
C VAL H 133 25.73 -19.48 -38.40
N MET H 134 26.13 -20.40 -37.52
CA MET H 134 27.24 -21.31 -37.79
C MET H 134 26.82 -22.70 -37.36
N ILE H 135 27.14 -23.69 -38.20
CA ILE H 135 26.80 -25.08 -37.94
C ILE H 135 28.02 -25.95 -38.22
N HIS H 136 28.24 -26.93 -37.36
CA HIS H 136 29.33 -27.89 -37.52
C HIS H 136 28.90 -29.20 -36.86
N GLN H 137 29.80 -30.16 -36.77
CA GLN H 137 29.46 -31.46 -36.21
C GLN H 137 29.72 -31.47 -34.71
N PRO H 138 29.14 -32.42 -33.97
CA PRO H 138 29.38 -32.47 -32.52
C PRO H 138 30.86 -32.68 -32.21
N LEU H 139 31.29 -32.09 -31.10
CA LEU H 139 32.66 -32.20 -30.63
C LEU H 139 32.71 -33.06 -29.39
N GLY H 140 33.82 -33.79 -29.24
CA GLY H 140 33.97 -34.66 -28.09
C GLY H 140 35.39 -35.11 -27.93
N GLY H 141 35.55 -36.16 -27.13
CA GLY H 141 36.84 -36.75 -26.89
C GLY H 141 36.79 -37.67 -25.70
N TYR H 142 37.76 -38.59 -25.64
CA TYR H 142 37.84 -39.54 -24.55
C TYR H 142 39.27 -40.04 -24.43
N GLN H 143 39.63 -40.48 -23.23
CA GLN H 143 40.94 -41.04 -22.95
C GLN H 143 40.74 -42.29 -22.11
N GLY H 144 41.28 -43.41 -22.58
CA GLY H 144 41.14 -44.66 -21.86
C GLY H 144 41.44 -45.84 -22.76
N GLN H 145 40.90 -46.99 -22.37
CA GLN H 145 41.09 -48.22 -23.14
C GLN H 145 40.39 -48.12 -24.49
N ALA H 146 40.84 -48.96 -25.43
CA ALA H 146 40.26 -48.97 -26.76
C ALA H 146 38.80 -49.40 -26.72
N THR H 147 38.44 -50.29 -25.80
CA THR H 147 37.05 -50.73 -25.70
C THR H 147 36.13 -49.59 -25.31
N ASP H 148 36.60 -48.70 -24.43
CA ASP H 148 35.79 -47.58 -24.00
C ASP H 148 35.69 -46.50 -25.08
N ILE H 149 36.74 -46.33 -25.88
CA ILE H 149 36.70 -45.33 -26.95
C ILE H 149 35.66 -45.71 -27.98
N GLU H 150 35.53 -47.01 -28.27
CA GLU H 150 34.54 -47.47 -29.23
C GLU H 150 33.12 -47.18 -28.75
N ILE H 151 32.89 -47.28 -27.44
CA ILE H 151 31.55 -47.03 -26.90
C ILE H 151 31.19 -45.56 -27.04
N HIS H 152 32.08 -44.67 -26.59
CA HIS H 152 31.80 -43.24 -26.70
C HIS H 152 31.77 -42.78 -28.14
N ALA H 153 32.45 -43.50 -29.04
CA ALA H 153 32.43 -43.11 -30.45
C ALA H 153 31.08 -43.45 -31.07
N ARG H 154 30.53 -44.61 -30.74
CA ARG H 154 29.21 -44.99 -31.26
C ARG H 154 28.13 -44.06 -30.74
N GLU H 155 28.27 -43.59 -29.50
CA GLU H 155 27.26 -42.70 -28.92
C GLU H 155 27.25 -41.34 -29.61
N ILE H 156 28.43 -40.73 -29.76
CA ILE H 156 28.47 -39.42 -30.40
C ILE H 156 28.07 -39.52 -31.87
N LEU H 157 28.22 -40.70 -32.48
CA LEU H 157 27.80 -40.86 -33.87
C LEU H 157 26.28 -40.86 -33.94
N LYS H 158 25.62 -41.46 -32.96
CA LYS H 158 24.16 -41.46 -32.94
C LYS H 158 23.61 -40.06 -32.78
N VAL H 159 24.25 -39.26 -31.92
CA VAL H 159 23.82 -37.88 -31.71
C VAL H 159 23.96 -37.09 -32.99
N LYS H 160 25.09 -37.24 -33.68
CA LYS H 160 25.30 -36.54 -34.95
C LYS H 160 24.23 -36.93 -35.95
N GLY H 161 23.90 -38.21 -36.03
CA GLY H 161 22.84 -38.65 -36.93
C GLY H 161 21.49 -38.13 -36.49
N ARG H 162 21.25 -38.13 -35.17
CA ARG H 162 19.98 -37.65 -34.64
C ARG H 162 19.83 -36.15 -34.84
N MET H 163 20.93 -35.40 -34.65
CA MET H 163 20.85 -33.96 -34.82
C MET H 163 20.63 -33.57 -36.28
N ASN H 164 21.10 -34.39 -37.21
CA ASN H 164 20.89 -34.10 -38.62
C ASN H 164 19.46 -34.43 -39.04
N GLU H 165 18.90 -35.49 -38.46
CA GLU H 165 17.52 -35.86 -38.79
C GLU H 165 16.55 -34.77 -38.37
N LEU H 166 16.72 -34.22 -37.17
CA LEU H 166 15.82 -33.18 -36.70
C LEU H 166 16.05 -31.87 -37.45
N MET H 167 17.30 -31.59 -37.82
CA MET H 167 17.59 -30.38 -38.58
C MET H 167 16.86 -30.41 -39.92
N ALA H 168 16.81 -31.58 -40.55
CA ALA H 168 16.12 -31.73 -41.82
C ALA H 168 14.62 -31.58 -41.65
N LEU H 169 14.09 -32.08 -40.53
CA LEU H 169 12.66 -32.03 -40.28
C LEU H 169 12.14 -30.59 -40.24
N HIS H 170 12.87 -29.70 -39.54
CA HIS H 170 12.41 -28.31 -39.43
C HIS H 170 12.84 -27.47 -40.62
N THR H 171 14.05 -27.71 -41.15
CA THR H 171 14.52 -26.95 -42.30
C THR H 171 13.90 -27.43 -43.60
N GLY H 172 13.38 -28.66 -43.64
CA GLY H 172 12.79 -29.21 -44.83
C GLY H 172 13.76 -29.82 -45.82
N GLN H 173 15.07 -29.57 -45.65
CA GLN H 173 16.06 -30.13 -46.55
C GLN H 173 16.13 -31.65 -46.36
N SER H 174 16.89 -32.30 -47.22
CA SER H 174 17.07 -33.75 -47.14
C SER H 174 18.18 -34.07 -46.16
N LEU H 175 18.13 -35.29 -45.62
CA LEU H 175 19.17 -35.71 -44.68
C LEU H 175 20.54 -35.76 -45.32
N GLU H 176 20.59 -36.10 -46.62
CA GLU H 176 21.87 -36.16 -47.31
C GLU H 176 22.52 -34.79 -47.41
N GLN H 177 21.72 -33.75 -47.61
CA GLN H 177 22.26 -32.40 -47.73
C GLN H 177 22.82 -31.92 -46.41
N ILE H 178 22.13 -32.20 -45.30
CA ILE H 178 22.59 -31.76 -43.99
C ILE H 178 23.91 -32.45 -43.64
N GLU H 179 24.08 -33.71 -44.05
CA GLU H 179 25.31 -34.43 -43.73
C GLU H 179 26.51 -33.79 -44.41
N ARG H 180 26.36 -33.37 -45.66
CA ARG H 180 27.48 -32.77 -46.38
C ARG H 180 27.77 -31.36 -45.86
N ASP H 181 26.73 -30.59 -45.53
CA ASP H 181 26.92 -29.23 -45.06
C ASP H 181 27.44 -29.16 -43.62
N THR H 182 27.22 -30.20 -42.82
CA THR H 182 27.67 -30.21 -41.42
C THR H 182 28.98 -30.96 -41.22
N GLU H 183 29.64 -31.39 -42.30
CA GLU H 183 30.91 -32.09 -42.14
C GLU H 183 31.98 -31.17 -41.56
N ARG H 184 31.91 -29.87 -41.89
CA ARG H 184 32.84 -28.87 -41.41
C ARG H 184 32.05 -27.61 -41.08
N ASP H 185 32.73 -26.64 -40.49
CA ASP H 185 32.07 -25.40 -40.13
C ASP H 185 31.52 -24.71 -41.37
N ARG H 186 30.28 -24.23 -41.27
CA ARG H 186 29.60 -23.57 -42.37
C ARG H 186 28.85 -22.35 -41.83
N PHE H 187 29.26 -21.16 -42.25
CA PHE H 187 28.62 -19.93 -41.82
C PHE H 187 27.54 -19.56 -42.83
N LEU H 188 26.39 -19.12 -42.33
CA LEU H 188 25.25 -18.75 -43.16
C LEU H 188 24.79 -17.34 -42.79
N SER H 189 24.80 -16.44 -43.76
CA SER H 189 24.32 -15.09 -43.53
C SER H 189 22.81 -15.09 -43.34
N ALA H 190 22.28 -13.93 -42.98
CA ALA H 190 20.83 -13.81 -42.78
C ALA H 190 20.03 -14.08 -44.05
N PRO H 191 20.40 -13.55 -45.23
CA PRO H 191 19.60 -13.87 -46.42
C PRO H 191 19.64 -15.34 -46.80
N GLU H 192 20.82 -15.97 -46.70
CA GLU H 192 20.97 -17.37 -47.07
C GLU H 192 20.14 -18.27 -46.16
N ALA H 193 19.95 -17.88 -44.90
CA ALA H 193 19.18 -18.71 -43.97
C ALA H 193 17.73 -18.85 -44.41
N VAL H 194 17.16 -17.79 -45.00
CA VAL H 194 15.77 -17.85 -45.46
C VAL H 194 15.67 -18.83 -46.62
N GLU H 195 16.59 -18.73 -47.58
CA GLU H 195 16.61 -19.64 -48.72
C GLU H 195 16.86 -21.07 -48.28
N TYR H 196 17.53 -21.27 -47.16
CA TYR H 196 17.88 -22.59 -46.65
C TYR H 196 16.78 -23.21 -45.79
N GLY H 197 15.67 -22.50 -45.56
CA GLY H 197 14.60 -23.05 -44.75
C GLY H 197 14.83 -22.97 -43.26
N LEU H 198 15.95 -22.40 -42.81
CA LEU H 198 16.24 -22.30 -41.39
C LEU H 198 15.31 -21.31 -40.69
N VAL H 199 14.97 -20.21 -41.38
CA VAL H 199 14.11 -19.18 -40.83
C VAL H 199 13.05 -18.83 -41.88
N ASP H 200 12.11 -17.97 -41.47
CA ASP H 200 10.99 -17.57 -42.31
C ASP H 200 11.14 -16.18 -42.92
N SER H 201 11.63 -15.20 -42.19
CA SER H 201 11.77 -13.85 -42.73
C SER H 201 12.80 -13.08 -41.91
N ILE H 202 12.96 -11.80 -42.22
CA ILE H 202 13.90 -10.91 -41.55
C ILE H 202 13.15 -9.70 -41.03
N LEU H 203 13.43 -9.32 -39.79
CA LEU H 203 12.78 -8.18 -39.13
C LEU H 203 13.65 -6.94 -39.29
N THR H 204 13.69 -6.42 -40.53
CA THR H 204 14.51 -5.25 -40.82
C THR H 204 14.02 -4.02 -40.06
N HIS H 205 12.77 -3.63 -40.31
CA HIS H 205 12.18 -2.46 -39.66
C HIS H 205 10.83 -2.83 -39.06
N ARG H 206 10.34 -1.94 -38.19
CA ARG H 206 9.06 -2.13 -37.53
C ARG H 206 7.99 -1.41 -38.35
N ASN H 207 7.06 -2.19 -38.92
CA ASN H 207 5.98 -1.63 -39.73
C ASN H 207 4.68 -1.57 -38.94
N LEU I 16 30.49 -0.32 -5.70
CA LEU I 16 29.35 0.29 -5.04
C LEU I 16 28.61 1.22 -6.00
N VAL I 17 27.29 1.31 -5.83
CA VAL I 17 26.43 2.15 -6.64
C VAL I 17 25.69 3.11 -5.69
N PRO I 18 25.77 4.42 -5.88
CA PRO I 18 25.03 5.31 -4.97
C PRO I 18 23.53 5.24 -5.21
N MET I 19 22.79 5.45 -4.13
CA MET I 19 21.32 5.45 -4.17
C MET I 19 20.82 6.89 -4.12
N VAL I 20 19.77 7.17 -4.90
CA VAL I 20 19.15 8.49 -4.95
C VAL I 20 17.67 8.36 -4.65
N ILE I 21 17.05 9.49 -4.32
CA ILE I 21 15.63 9.57 -3.99
C ILE I 21 14.93 10.40 -5.05
N GLU I 22 13.93 9.81 -5.69
CA GLU I 22 13.13 10.48 -6.71
C GLU I 22 11.82 10.91 -6.05
N GLN I 23 11.67 12.21 -5.80
CA GLN I 23 10.47 12.73 -5.17
C GLN I 23 9.31 12.69 -6.17
N THR I 24 8.28 11.90 -5.83
CA THR I 24 7.10 11.74 -6.67
C THR I 24 5.86 11.97 -5.85
N SER I 25 4.75 12.22 -6.56
CA SER I 25 3.48 12.46 -5.88
C SER I 25 3.01 11.25 -5.09
N ARG I 26 3.22 10.05 -5.62
CA ARG I 26 2.78 8.85 -4.92
C ARG I 26 3.52 8.68 -3.60
N GLY I 27 4.82 8.92 -3.60
CA GLY I 27 5.61 8.79 -2.39
C GLY I 27 7.08 8.91 -2.73
N GLU I 28 7.91 8.54 -1.75
CA GLU I 28 9.35 8.56 -1.95
C GLU I 28 9.82 7.18 -2.37
N ARG I 29 10.74 7.14 -3.33
CA ARG I 29 11.29 5.90 -3.85
C ARG I 29 12.80 6.02 -3.93
N SER I 30 13.49 4.91 -3.64
CA SER I 30 14.94 4.86 -3.67
C SER I 30 15.37 4.15 -4.94
N PHE I 31 16.28 4.77 -5.69
CA PHE I 31 16.77 4.25 -6.96
C PHE I 31 18.28 4.30 -7.03
N ASP I 32 18.84 3.38 -7.81
CA ASP I 32 20.26 3.40 -8.08
C ASP I 32 20.53 4.46 -9.14
N ILE I 33 21.77 4.92 -9.21
CA ILE I 33 22.11 6.00 -10.15
C ILE I 33 21.87 5.55 -11.59
N TYR I 34 22.13 4.28 -11.90
CA TYR I 34 21.93 3.81 -13.27
C TYR I 34 20.45 3.67 -13.60
N SER I 35 19.63 3.26 -12.64
CA SER I 35 18.21 3.07 -12.90
C SER I 35 17.48 4.39 -13.03
N ARG I 36 17.93 5.42 -12.32
CA ARG I 36 17.28 6.72 -12.39
C ARG I 36 17.39 7.30 -13.80
N LEU I 37 18.57 7.21 -14.40
CA LEU I 37 18.75 7.75 -15.75
C LEU I 37 17.99 6.93 -16.78
N LEU I 38 17.79 5.63 -16.52
CA LEU I 38 17.03 4.81 -17.45
C LEU I 38 15.59 5.31 -17.57
N LYS I 39 15.05 5.84 -16.48
CA LYS I 39 13.70 6.38 -16.50
C LYS I 39 13.59 7.56 -17.46
N GLU I 40 14.70 8.27 -17.70
CA GLU I 40 14.73 9.42 -18.59
C GLU I 40 15.26 9.06 -19.97
N ARG I 41 15.20 7.78 -20.36
CA ARG I 41 15.64 7.32 -21.67
C ARG I 41 17.13 7.56 -21.90
N VAL I 42 17.93 7.11 -20.93
CA VAL I 42 19.39 7.22 -20.99
C VAL I 42 19.99 5.86 -20.67
N ILE I 43 20.86 5.38 -21.55
CA ILE I 43 21.53 4.08 -21.40
C ILE I 43 23.04 4.32 -21.43
N PHE I 44 23.76 3.56 -20.62
CA PHE I 44 25.22 3.65 -20.52
C PHE I 44 25.87 2.43 -21.14
N LEU I 45 26.85 2.66 -22.02
CA LEU I 45 27.63 1.60 -22.66
C LEU I 45 29.05 1.79 -22.13
N THR I 46 29.44 0.98 -21.16
CA THR I 46 30.74 1.05 -20.51
C THR I 46 31.50 -0.25 -20.66
N GLY I 47 32.82 -0.13 -20.80
CA GLY I 47 33.70 -1.27 -20.91
C GLY I 47 33.63 -2.01 -22.24
N GLN I 48 34.23 -3.19 -22.22
CA GLN I 48 34.29 -4.03 -23.40
C GLN I 48 32.91 -4.54 -23.79
N VAL I 49 32.69 -4.67 -25.09
CA VAL I 49 31.43 -5.14 -25.64
C VAL I 49 31.49 -6.67 -25.68
N GLU I 50 30.64 -7.30 -24.89
CA GLU I 50 30.57 -8.75 -24.79
C GLU I 50 29.11 -9.19 -24.93
N ASP I 51 28.90 -10.51 -24.87
CA ASP I 51 27.56 -11.06 -25.03
C ASP I 51 26.64 -10.71 -23.87
N HIS I 52 27.18 -10.65 -22.65
CA HIS I 52 26.34 -10.34 -21.49
C HIS I 52 26.00 -8.85 -21.43
N MET I 53 27.01 -7.99 -21.60
CA MET I 53 26.76 -6.55 -21.55
C MET I 53 25.90 -6.10 -22.71
N ALA I 54 26.08 -6.72 -23.88
CA ALA I 54 25.29 -6.34 -25.05
C ALA I 54 23.84 -6.76 -24.90
N ASN I 55 23.61 -7.97 -24.39
CA ASN I 55 22.24 -8.46 -24.22
C ASN I 55 21.48 -7.67 -23.17
N LEU I 56 22.17 -6.98 -22.27
CA LEU I 56 21.49 -6.18 -21.26
C LEU I 56 20.98 -4.88 -21.84
N ILE I 57 21.77 -4.26 -22.72
CA ILE I 57 21.38 -2.98 -23.31
C ILE I 57 20.22 -3.18 -24.27
N VAL I 58 20.15 -4.33 -24.94
CA VAL I 58 19.06 -4.57 -25.88
C VAL I 58 17.73 -4.59 -25.15
N ALA I 59 17.69 -5.21 -23.97
CA ALA I 59 16.46 -5.26 -23.20
C ALA I 59 16.04 -3.87 -22.75
N GLN I 60 17.01 -2.98 -22.51
CA GLN I 60 16.69 -1.62 -22.10
C GLN I 60 16.04 -0.85 -23.23
N MET I 61 16.56 -0.99 -24.44
CA MET I 61 15.99 -0.29 -25.59
C MET I 61 14.56 -0.73 -25.86
N LEU I 62 14.30 -2.04 -25.82
CA LEU I 62 12.95 -2.54 -26.04
C LEU I 62 11.99 -2.04 -24.98
N PHE I 63 12.45 -1.99 -23.73
CA PHE I 63 11.59 -1.51 -22.65
C PHE I 63 11.19 -0.06 -22.87
N LEU I 64 12.12 0.77 -23.35
CA LEU I 64 11.81 2.17 -23.58
C LEU I 64 10.92 2.35 -24.79
N GLU I 65 11.04 1.48 -25.79
CA GLU I 65 10.20 1.57 -26.97
C GLU I 65 8.73 1.42 -26.63
N ALA I 66 8.40 0.45 -25.78
CA ALA I 66 7.01 0.22 -25.39
C ALA I 66 6.48 1.35 -24.53
N GLU I 67 7.30 1.89 -23.63
CA GLU I 67 6.84 2.97 -22.77
C GLU I 67 6.50 4.21 -23.58
N ASN I 68 7.38 4.58 -24.52
CA ASN I 68 7.12 5.72 -25.39
C ASN I 68 7.86 5.53 -26.71
N PRO I 69 7.17 5.38 -27.85
CA PRO I 69 7.87 5.24 -29.13
C PRO I 69 8.20 6.54 -29.83
N GLU I 70 7.82 7.69 -29.26
CA GLU I 70 8.04 8.99 -29.88
C GLU I 70 9.07 9.85 -29.18
N LYS I 71 9.70 9.38 -28.11
CA LYS I 71 10.70 10.15 -27.37
C LYS I 71 12.09 9.67 -27.73
N ASP I 72 13.01 10.60 -27.91
CA ASP I 72 14.38 10.28 -28.27
C ASP I 72 15.10 9.55 -27.14
N ILE I 73 15.92 8.58 -27.53
CA ILE I 73 16.75 7.81 -26.60
C ILE I 73 18.17 8.33 -26.72
N TYR I 74 18.89 8.38 -25.58
CA TYR I 74 20.27 8.84 -25.55
C TYR I 74 21.16 7.69 -25.12
N LEU I 75 22.20 7.44 -25.91
CA LEU I 75 23.17 6.38 -25.68
C LEU I 75 24.57 6.96 -25.51
N TYR I 76 25.11 6.87 -24.30
CA TYR I 76 26.45 7.37 -24.03
C TYR I 76 27.41 6.20 -24.16
N ILE I 77 28.45 6.38 -24.99
CA ILE I 77 29.41 5.31 -25.26
C ILE I 77 30.79 5.71 -24.78
N ASN I 78 31.37 4.87 -23.93
CA ASN I 78 32.76 4.99 -23.45
C ASN I 78 33.22 3.54 -23.42
N SER I 79 33.87 3.09 -24.49
CA SER I 79 34.29 1.69 -24.57
C SER I 79 35.50 1.45 -25.47
N PRO I 80 36.42 0.55 -25.10
CA PRO I 80 37.55 0.24 -25.99
C PRO I 80 37.23 -0.80 -27.05
N GLY I 81 35.96 -1.13 -27.24
CA GLY I 81 35.53 -2.12 -28.20
C GLY I 81 35.51 -3.52 -27.60
N GLY I 82 35.24 -4.49 -28.49
CA GLY I 82 35.17 -5.86 -28.06
C GLY I 82 34.75 -6.81 -29.16
N VAL I 83 33.85 -7.75 -28.83
CA VAL I 83 33.37 -8.72 -29.79
C VAL I 83 32.50 -8.03 -30.84
N ILE I 84 32.62 -8.49 -32.09
CA ILE I 84 31.86 -7.90 -33.19
C ILE I 84 30.41 -8.36 -33.16
N THR I 85 30.19 -9.68 -33.03
CA THR I 85 28.84 -10.21 -33.03
C THR I 85 27.98 -9.63 -31.91
N ALA I 86 28.58 -9.31 -30.77
CA ALA I 86 27.83 -8.72 -29.68
C ALA I 86 27.39 -7.30 -30.02
N GLY I 87 28.23 -6.57 -30.76
CA GLY I 87 27.90 -5.21 -31.13
C GLY I 87 26.89 -5.09 -32.25
N MET I 88 26.89 -6.03 -33.18
CA MET I 88 25.95 -5.95 -34.30
C MET I 88 24.52 -6.17 -33.86
N SER I 89 24.29 -6.85 -32.73
CA SER I 89 22.93 -7.03 -32.23
C SER I 89 22.34 -5.70 -31.81
N ILE I 90 23.17 -4.80 -31.30
CA ILE I 90 22.72 -3.49 -30.87
C ILE I 90 22.44 -2.60 -32.07
N TYR I 91 23.30 -2.67 -33.10
CA TYR I 91 23.13 -1.85 -34.28
C TYR I 91 21.83 -2.17 -34.99
N ASP I 92 21.53 -3.46 -35.18
CA ASP I 92 20.29 -3.83 -35.86
C ASP I 92 19.09 -3.41 -35.03
N THR I 93 19.21 -3.46 -33.70
CA THR I 93 18.10 -3.07 -32.84
C THR I 93 17.82 -1.58 -32.96
N MET I 94 18.85 -0.75 -32.99
CA MET I 94 18.67 0.70 -33.10
C MET I 94 17.97 1.07 -34.41
N GLN I 95 18.28 0.35 -35.49
CA GLN I 95 17.66 0.64 -36.77
C GLN I 95 16.24 0.10 -36.85
N PHE I 96 15.97 -1.01 -36.15
CA PHE I 96 14.65 -1.62 -36.20
C PHE I 96 13.62 -0.75 -35.49
N ILE I 97 13.91 -0.34 -34.25
CA ILE I 97 12.95 0.45 -33.49
C ILE I 97 12.76 1.82 -34.13
N LYS I 98 11.57 2.38 -33.94
CA LYS I 98 11.16 3.68 -34.46
C LYS I 98 11.86 4.87 -33.80
N PRO I 99 12.03 4.91 -32.47
CA PRO I 99 12.68 6.08 -31.85
C PRO I 99 14.08 6.33 -32.36
N ASP I 100 14.46 7.60 -32.37
CA ASP I 100 15.78 8.02 -32.82
C ASP I 100 16.76 7.84 -31.67
N VAL I 101 17.75 6.97 -31.87
CA VAL I 101 18.74 6.67 -30.85
C VAL I 101 19.87 7.68 -30.96
N SER I 102 19.88 8.66 -30.06
CA SER I 102 20.94 9.65 -30.04
C SER I 102 22.19 9.04 -29.41
N THR I 103 23.35 9.31 -30.01
CA THR I 103 24.62 8.78 -29.54
C THR I 103 25.56 9.91 -29.16
N ILE I 104 26.32 9.68 -28.10
CA ILE I 104 27.30 10.61 -27.57
C ILE I 104 28.58 9.83 -27.27
N CYS I 105 29.72 10.42 -27.60
CA CYS I 105 31.02 9.78 -27.38
C CYS I 105 31.70 10.42 -26.17
N MET I 106 31.98 9.61 -25.16
CA MET I 106 32.64 10.04 -23.94
C MET I 106 33.93 9.25 -23.75
N GLY I 107 35.06 9.94 -23.69
CA GLY I 107 36.33 9.29 -23.46
C GLY I 107 36.97 8.66 -24.68
N GLN I 108 36.39 7.57 -25.17
CA GLN I 108 36.97 6.89 -26.32
C GLN I 108 35.91 6.07 -27.03
N ALA I 109 36.13 5.82 -28.32
CA ALA I 109 35.24 5.05 -29.16
C ALA I 109 36.11 4.24 -30.12
N ALA I 110 36.25 2.95 -29.84
CA ALA I 110 37.08 2.07 -30.66
C ALA I 110 36.30 1.62 -31.90
N SER I 111 36.87 0.66 -32.63
CA SER I 111 36.30 0.11 -33.85
C SER I 111 34.80 -0.18 -33.74
N MET I 112 34.40 -0.99 -32.75
CA MET I 112 32.99 -1.30 -32.62
C MET I 112 32.23 -0.17 -31.93
N GLY I 113 32.88 0.55 -31.01
CA GLY I 113 32.22 1.68 -30.39
C GLY I 113 31.95 2.78 -31.38
N ALA I 114 32.81 2.92 -32.39
CA ALA I 114 32.62 3.93 -33.42
C ALA I 114 31.49 3.56 -34.37
N PHE I 115 31.30 2.26 -34.62
CA PHE I 115 30.24 1.85 -35.54
C PHE I 115 28.87 2.10 -34.94
N LEU I 116 28.72 1.91 -33.63
CA LEU I 116 27.45 2.20 -33.00
C LEU I 116 27.24 3.70 -32.83
N LEU I 117 28.35 4.46 -32.76
CA LEU I 117 28.25 5.90 -32.64
C LEU I 117 27.68 6.52 -33.91
N THR I 118 28.29 6.20 -35.06
CA THR I 118 27.83 6.73 -36.33
C THR I 118 26.48 6.16 -36.74
N ALA I 119 26.09 5.01 -36.20
CA ALA I 119 24.81 4.40 -36.56
C ALA I 119 23.62 5.12 -35.93
N GLY I 120 23.85 6.12 -35.08
CA GLY I 120 22.75 6.84 -34.48
C GLY I 120 21.96 7.61 -35.51
N ALA I 121 20.88 8.23 -35.05
CA ALA I 121 20.02 9.01 -35.93
C ALA I 121 20.78 10.22 -36.46
N LYS I 122 20.59 10.50 -37.74
CA LYS I 122 21.24 11.64 -38.36
C LYS I 122 20.78 12.94 -37.71
N GLY I 123 21.75 13.80 -37.38
CA GLY I 123 21.45 15.06 -36.73
C GLY I 123 21.42 15.01 -35.21
N LYS I 124 21.49 13.81 -34.62
CA LYS I 124 21.47 13.63 -33.18
C LYS I 124 22.69 12.85 -32.70
N ARG I 125 23.83 13.07 -33.36
CA ARG I 125 25.10 12.44 -33.03
C ARG I 125 26.05 13.53 -32.56
N PHE I 126 26.67 13.32 -31.40
CA PHE I 126 27.57 14.30 -30.83
C PHE I 126 28.83 13.62 -30.30
N CYS I 127 29.89 14.43 -30.18
CA CYS I 127 31.18 14.00 -29.68
C CYS I 127 31.72 15.08 -28.77
N LEU I 128 32.30 14.68 -27.64
CA LEU I 128 32.80 15.64 -26.68
C LEU I 128 34.05 16.34 -27.24
N PRO I 129 34.34 17.56 -26.78
CA PRO I 129 35.52 18.29 -27.30
C PRO I 129 36.83 17.55 -27.21
N ASN I 130 37.02 16.70 -26.19
CA ASN I 130 38.27 15.97 -26.00
C ASN I 130 38.12 14.47 -26.25
N SER I 131 37.00 14.03 -26.82
CA SER I 131 36.82 12.62 -27.10
C SER I 131 37.75 12.20 -28.25
N ARG I 132 37.93 10.89 -28.40
CA ARG I 132 38.78 10.33 -29.42
C ARG I 132 38.15 9.08 -30.00
N VAL I 133 38.21 8.96 -31.33
CA VAL I 133 37.67 7.81 -32.05
C VAL I 133 38.82 7.09 -32.72
N MET I 134 38.74 5.75 -32.75
CA MET I 134 39.74 4.92 -33.39
C MET I 134 39.02 3.86 -34.21
N ILE I 135 39.52 3.63 -35.42
CA ILE I 135 38.94 2.64 -36.32
C ILE I 135 40.05 1.79 -36.92
N HIS I 136 39.81 0.49 -37.03
CA HIS I 136 40.75 -0.43 -37.65
C HIS I 136 39.94 -1.57 -38.24
N GLN I 137 40.63 -2.61 -38.74
CA GLN I 137 39.93 -3.73 -39.35
C GLN I 137 39.62 -4.80 -38.32
N PRO I 138 38.69 -5.72 -38.62
CA PRO I 138 38.39 -6.79 -37.66
C PRO I 138 39.59 -7.65 -37.36
N LEU I 139 39.65 -8.13 -36.11
CA LEU I 139 40.73 -8.99 -35.65
C LEU I 139 40.20 -10.40 -35.45
N GLY I 140 41.06 -11.38 -35.69
CA GLY I 140 40.67 -12.76 -35.53
C GLY I 140 41.86 -13.69 -35.51
N GLY I 141 41.58 -14.96 -35.72
CA GLY I 141 42.59 -15.98 -35.76
C GLY I 141 41.98 -17.36 -35.64
N TYR I 142 42.73 -18.34 -36.11
CA TYR I 142 42.27 -19.73 -36.06
C TYR I 142 43.47 -20.66 -36.11
N GLN I 143 43.31 -21.86 -35.56
CA GLN I 143 44.34 -22.88 -35.56
C GLN I 143 43.69 -24.21 -35.94
N GLY I 144 44.22 -24.84 -36.97
CA GLY I 144 43.66 -26.11 -37.42
C GLY I 144 44.14 -26.44 -38.82
N GLN I 145 43.35 -27.27 -39.49
CA GLN I 145 43.66 -27.67 -40.86
C GLN I 145 43.55 -26.48 -41.80
N ALA I 146 44.21 -26.61 -42.96
CA ALA I 146 44.18 -25.54 -43.94
C ALA I 146 42.77 -25.33 -44.49
N THR I 147 41.99 -26.41 -44.60
CA THR I 147 40.62 -26.28 -45.10
C THR I 147 39.76 -25.45 -44.16
N ASP I 148 39.98 -25.60 -42.85
CA ASP I 148 39.19 -24.85 -41.88
C ASP I 148 39.64 -23.39 -41.82
N ILE I 149 40.93 -23.12 -42.03
CA ILE I 149 41.42 -21.75 -41.99
C ILE I 149 40.81 -20.94 -43.12
N GLU I 150 40.64 -21.57 -44.29
CA GLU I 150 40.05 -20.88 -45.43
C GLU I 150 38.61 -20.49 -45.16
N ILE I 151 37.87 -21.31 -44.41
CA ILE I 151 36.48 -21.01 -44.11
C ILE I 151 36.38 -19.81 -43.19
N HIS I 152 37.13 -19.82 -42.09
CA HIS I 152 37.08 -18.69 -41.16
C HIS I 152 37.66 -17.43 -41.79
N ALA I 153 38.56 -17.57 -42.77
CA ALA I 153 39.12 -16.40 -43.43
C ALA I 153 38.10 -15.75 -44.34
N ARG I 154 37.32 -16.55 -45.07
CA ARG I 154 36.28 -16.00 -45.93
C ARG I 154 35.19 -15.31 -45.13
N GLU I 155 34.89 -15.84 -43.93
CA GLU I 155 33.84 -15.26 -43.11
C GLU I 155 34.26 -13.89 -42.58
N ILE I 156 35.46 -13.79 -42.01
CA ILE I 156 35.91 -12.52 -41.48
C ILE I 156 36.12 -11.51 -42.61
N LEU I 157 36.36 -11.99 -43.84
CA LEU I 157 36.52 -11.07 -44.96
C LEU I 157 35.18 -10.45 -45.33
N LYS I 158 34.10 -11.23 -45.23
CA LYS I 158 32.77 -10.71 -45.51
C LYS I 158 32.38 -9.65 -44.50
N VAL I 159 32.71 -9.89 -43.23
CA VAL I 159 32.39 -8.93 -42.18
C VAL I 159 33.11 -7.61 -42.42
N LYS I 160 34.40 -7.68 -42.76
CA LYS I 160 35.16 -6.45 -43.04
C LYS I 160 34.52 -5.67 -44.18
N GLY I 161 34.11 -6.37 -45.24
CA GLY I 161 33.44 -5.69 -46.34
C GLY I 161 32.08 -5.16 -45.93
N ARG I 162 31.37 -5.93 -45.10
CA ARG I 162 30.04 -5.52 -44.65
C ARG I 162 30.13 -4.33 -43.70
N MET I 163 31.14 -4.33 -42.82
CA MET I 163 31.28 -3.22 -41.88
C MET I 163 31.68 -1.93 -42.58
N ASN I 164 32.39 -2.03 -43.71
CA ASN I 164 32.78 -0.84 -44.44
C ASN I 164 31.60 -0.27 -45.22
N GLU I 165 30.74 -1.15 -45.75
CA GLU I 165 29.58 -0.70 -46.49
C GLU I 165 28.64 0.10 -45.61
N LEU I 166 28.38 -0.39 -44.39
CA LEU I 166 27.49 0.32 -43.48
C LEU I 166 28.13 1.59 -42.96
N MET I 167 29.46 1.56 -42.75
CA MET I 167 30.16 2.76 -42.29
C MET I 167 30.02 3.89 -43.31
N ALA I 168 30.09 3.54 -44.59
CA ALA I 168 29.95 4.53 -45.65
C ALA I 168 28.54 5.08 -45.71
N LEU I 169 27.55 4.22 -45.46
CA LEU I 169 26.15 4.62 -45.52
C LEU I 169 25.82 5.74 -44.53
N HIS I 170 26.31 5.61 -43.28
CA HIS I 170 26.00 6.63 -42.29
C HIS I 170 26.96 7.81 -42.35
N THR I 171 28.25 7.54 -42.62
CA THR I 171 29.22 8.63 -42.73
C THR I 171 29.11 9.39 -44.05
N GLY I 172 28.53 8.78 -45.08
CA GLY I 172 28.39 9.40 -46.38
C GLY I 172 29.61 9.30 -47.27
N GLN I 173 30.77 8.91 -46.73
CA GLN I 173 31.97 8.76 -47.54
C GLN I 173 31.80 7.61 -48.52
N SER I 174 32.77 7.46 -49.42
CA SER I 174 32.76 6.38 -50.39
C SER I 174 33.36 5.13 -49.78
N LEU I 175 32.99 3.98 -50.35
CA LEU I 175 33.51 2.71 -49.85
C LEU I 175 35.02 2.62 -50.05
N GLU I 176 35.54 3.22 -51.12
CA GLU I 176 36.97 3.17 -51.38
C GLU I 176 37.75 3.92 -50.30
N GLN I 177 37.21 5.04 -49.82
CA GLN I 177 37.90 5.81 -48.80
C GLN I 177 37.94 5.06 -47.48
N ILE I 178 36.83 4.41 -47.10
CA ILE I 178 36.78 3.67 -45.84
C ILE I 178 37.76 2.50 -45.88
N GLU I 179 37.93 1.87 -47.04
CA GLU I 179 38.83 0.73 -47.15
C GLU I 179 40.27 1.15 -46.90
N ARG I 180 40.67 2.31 -47.43
CA ARG I 180 42.03 2.78 -47.25
C ARG I 180 42.27 3.27 -45.82
N ASP I 181 41.28 3.94 -45.24
CA ASP I 181 41.43 4.48 -43.89
C ASP I 181 41.35 3.41 -42.80
N THR I 182 40.73 2.26 -43.08
CA THR I 182 40.60 1.18 -42.10
C THR I 182 41.63 0.08 -42.28
N GLU I 183 42.61 0.26 -43.18
CA GLU I 183 43.64 -0.77 -43.35
C GLU I 183 44.49 -0.91 -42.09
N ARG I 184 44.70 0.20 -41.37
CA ARG I 184 45.47 0.21 -40.14
C ARG I 184 44.75 1.12 -39.14
N ASP I 185 45.25 1.14 -37.92
CA ASP I 185 44.64 1.97 -36.89
C ASP I 185 44.71 3.43 -37.30
N ARG I 186 43.59 4.14 -37.14
CA ARG I 186 43.48 5.55 -37.49
C ARG I 186 42.71 6.28 -36.40
N PHE I 187 43.38 7.20 -35.70
CA PHE I 187 42.75 7.97 -34.65
C PHE I 187 42.20 9.27 -35.23
N LEU I 188 41.00 9.65 -34.80
CA LEU I 188 40.32 10.86 -35.27
C LEU I 188 39.90 11.71 -34.09
N SER I 189 40.39 12.94 -34.04
CA SER I 189 40.01 13.86 -32.98
C SER I 189 38.55 14.27 -33.15
N ALA I 190 38.04 15.00 -32.16
CA ALA I 190 36.65 15.45 -32.22
C ALA I 190 36.37 16.39 -33.39
N PRO I 191 37.23 17.38 -33.71
CA PRO I 191 36.92 18.24 -34.86
C PRO I 191 36.94 17.48 -36.18
N GLU I 192 37.89 16.57 -36.36
CA GLU I 192 37.99 15.82 -37.61
C GLU I 192 36.77 14.93 -37.81
N ALA I 193 36.16 14.45 -36.73
CA ALA I 193 35.00 13.58 -36.88
C ALA I 193 33.82 14.31 -37.52
N VAL I 194 33.68 15.61 -37.24
CA VAL I 194 32.60 16.38 -37.85
C VAL I 194 32.85 16.51 -39.35
N GLU I 195 34.08 16.86 -39.73
CA GLU I 195 34.44 16.97 -41.13
C GLU I 195 34.32 15.65 -41.86
N TYR I 196 34.46 14.53 -41.15
CA TYR I 196 34.41 13.20 -41.72
C TYR I 196 33.00 12.64 -41.82
N GLY I 197 31.98 13.36 -41.36
CA GLY I 197 30.62 12.87 -41.44
C GLY I 197 30.25 11.87 -40.37
N LEU I 198 31.16 11.56 -39.45
CA LEU I 198 30.87 10.58 -38.40
C LEU I 198 29.87 11.15 -37.40
N VAL I 199 29.97 12.45 -37.10
CA VAL I 199 29.09 13.11 -36.14
C VAL I 199 28.59 14.41 -36.76
N ASP I 200 27.68 15.08 -36.05
CA ASP I 200 27.04 16.30 -36.51
C ASP I 200 27.60 17.57 -35.87
N SER I 201 27.88 17.57 -34.57
CA SER I 201 28.37 18.78 -33.91
C SER I 201 29.08 18.37 -32.62
N ILE I 202 29.50 19.37 -31.85
CA ILE I 202 30.21 19.18 -30.59
C ILE I 202 29.45 19.92 -29.50
N LEU I 203 29.26 19.24 -28.36
CA LEU I 203 28.56 19.81 -27.20
C LEU I 203 29.56 20.43 -26.23
N THR I 204 30.14 21.56 -26.64
CA THR I 204 31.15 22.22 -25.82
C THR I 204 30.54 22.72 -24.50
N HIS I 205 29.53 23.58 -24.60
CA HIS I 205 28.87 24.16 -23.43
C HIS I 205 27.37 23.99 -23.57
N ARG I 206 26.67 24.19 -22.45
CA ARG I 206 25.21 24.08 -22.40
C ARG I 206 24.63 25.47 -22.63
N ASN I 207 23.91 25.62 -23.74
CA ASN I 207 23.29 26.90 -24.09
C ASN I 207 21.81 26.90 -23.71
N LEU J 16 32.79 -2.91 3.85
CA LEU J 16 31.58 -2.51 4.55
C LEU J 16 31.38 -1.01 4.47
N VAL J 17 30.11 -0.59 4.38
CA VAL J 17 29.73 0.81 4.30
C VAL J 17 28.78 1.09 5.45
N PRO J 18 29.03 2.07 6.32
CA PRO J 18 28.07 2.35 7.40
C PRO J 18 26.80 2.99 6.89
N MET J 19 25.70 2.70 7.58
CA MET J 19 24.39 3.25 7.27
C MET J 19 24.05 4.35 8.25
N VAL J 20 23.42 5.42 7.74
CA VAL J 20 23.01 6.57 8.53
C VAL J 20 21.52 6.82 8.35
N ILE J 21 20.96 7.60 9.27
CA ILE J 21 19.55 7.94 9.28
C ILE J 21 19.40 9.44 9.06
N GLU J 22 18.66 9.82 8.02
CA GLU J 22 18.41 11.21 7.69
C GLU J 22 17.01 11.56 8.19
N GLN J 23 16.94 12.34 9.27
CA GLN J 23 15.68 12.74 9.86
C GLN J 23 14.97 13.75 8.97
N THR J 24 13.79 13.39 8.47
CA THR J 24 12.99 14.24 7.60
C THR J 24 11.57 14.31 8.14
N SER J 25 10.84 15.32 7.67
CA SER J 25 9.46 15.52 8.11
C SER J 25 8.58 14.33 7.73
N ARG J 26 8.77 13.77 6.54
CA ARG J 26 7.96 12.65 6.10
C ARG J 26 8.17 11.44 7.00
N GLY J 27 9.42 11.16 7.35
CA GLY J 27 9.72 10.03 8.20
C GLY J 27 11.22 9.81 8.25
N GLU J 28 11.61 8.65 8.78
CA GLU J 28 13.01 8.27 8.87
C GLU J 28 13.38 7.43 7.67
N ARG J 29 14.56 7.68 7.12
CA ARG J 29 15.08 6.97 5.97
C ARG J 29 16.52 6.56 6.24
N SER J 30 16.89 5.38 5.74
CA SER J 30 18.22 4.82 5.93
C SER J 30 19.03 5.00 4.65
N PHE J 31 20.23 5.55 4.80
CA PHE J 31 21.12 5.84 3.68
C PHE J 31 22.53 5.35 3.96
N ASP J 32 23.24 5.04 2.89
CA ASP J 32 24.65 4.72 3.01
C ASP J 32 25.41 6.02 3.14
N ILE J 33 26.63 5.96 3.67
CA ILE J 33 27.39 7.17 3.90
C ILE J 33 27.70 7.88 2.58
N TYR J 34 27.93 7.12 1.50
CA TYR J 34 28.23 7.75 0.23
C TYR J 34 27.00 8.38 -0.39
N SER J 35 25.82 7.77 -0.21
CA SER J 35 24.60 8.31 -0.79
C SER J 35 24.13 9.56 -0.08
N ARG J 36 24.38 9.66 1.24
CA ARG J 36 23.97 10.83 1.99
C ARG J 36 24.67 12.08 1.47
N LEU J 37 25.98 11.98 1.24
CA LEU J 37 26.73 13.12 0.75
C LEU J 37 26.36 13.47 -0.68
N LEU J 38 25.94 12.48 -1.48
CA LEU J 38 25.54 12.75 -2.85
C LEU J 38 24.33 13.67 -2.89
N LYS J 39 23.44 13.54 -1.90
CA LYS J 39 22.27 14.39 -1.82
C LYS J 39 22.65 15.86 -1.64
N GLU J 40 23.82 16.12 -1.06
CA GLU J 40 24.30 17.48 -0.79
C GLU J 40 25.27 17.97 -1.85
N ARG J 41 25.24 17.39 -3.05
CA ARG J 41 26.12 17.80 -4.15
C ARG J 41 27.59 17.57 -3.81
N VAL J 42 27.90 16.36 -3.37
CA VAL J 42 29.26 15.96 -3.02
C VAL J 42 29.55 14.63 -3.68
N ILE J 43 30.64 14.56 -4.44
CA ILE J 43 31.07 13.36 -5.14
C ILE J 43 32.47 13.00 -4.69
N PHE J 44 32.73 11.70 -4.58
CA PHE J 44 34.03 11.18 -4.16
C PHE J 44 34.73 10.52 -5.33
N LEU J 45 36.00 10.89 -5.55
CA LEU J 45 36.83 10.29 -6.59
C LEU J 45 37.95 9.57 -5.84
N THR J 46 37.82 8.26 -5.71
CA THR J 46 38.78 7.43 -5.00
C THR J 46 39.38 6.36 -5.91
N GLY J 47 40.65 6.06 -5.67
CA GLY J 47 41.35 5.04 -6.41
C GLY J 47 41.72 5.43 -7.83
N GLN J 48 42.12 4.41 -8.57
CA GLN J 48 42.53 4.58 -9.96
C GLN J 48 41.35 5.01 -10.83
N VAL J 49 41.64 5.84 -11.81
CA VAL J 49 40.65 6.34 -12.75
C VAL J 49 40.52 5.33 -13.88
N GLU J 50 39.36 4.70 -13.99
CA GLU J 50 39.07 3.68 -14.98
C GLU J 50 37.75 4.01 -15.67
N ASP J 51 37.38 3.16 -16.62
CA ASP J 51 36.15 3.38 -17.39
C ASP J 51 34.89 3.20 -16.54
N HIS J 52 34.92 2.28 -15.57
CA HIS J 52 33.75 2.05 -14.74
C HIS J 52 33.60 3.15 -13.69
N MET J 53 34.68 3.48 -12.99
CA MET J 53 34.61 4.52 -11.97
C MET J 53 34.34 5.89 -12.59
N ALA J 54 34.88 6.14 -13.79
CA ALA J 54 34.65 7.43 -14.44
C ALA J 54 33.21 7.56 -14.93
N ASN J 55 32.66 6.48 -15.50
CA ASN J 55 31.30 6.53 -15.99
C ASN J 55 30.28 6.67 -14.85
N LEU J 56 30.66 6.31 -13.63
CA LEU J 56 29.75 6.43 -12.50
C LEU J 56 29.65 7.87 -12.02
N ILE J 57 30.78 8.58 -12.01
CA ILE J 57 30.79 9.96 -11.56
C ILE J 57 30.04 10.86 -12.52
N VAL J 58 30.08 10.55 -13.82
CA VAL J 58 29.38 11.38 -14.80
C VAL J 58 27.89 11.36 -14.55
N ALA J 59 27.34 10.19 -14.21
CA ALA J 59 25.91 10.11 -13.93
C ALA J 59 25.54 10.92 -12.69
N GLN J 60 26.46 11.02 -11.73
CA GLN J 60 26.18 11.78 -10.52
C GLN J 60 26.10 13.27 -10.82
N MET J 61 27.03 13.77 -11.65
CA MET J 61 27.03 15.18 -12.00
C MET J 61 25.76 15.55 -12.75
N LEU J 62 25.37 14.72 -13.71
CA LEU J 62 24.16 14.99 -14.49
C LEU J 62 22.92 14.99 -13.59
N PHE J 63 22.88 14.07 -12.62
CA PHE J 63 21.73 13.99 -11.73
C PHE J 63 21.61 15.27 -10.91
N LEU J 64 22.74 15.83 -10.48
CA LEU J 64 22.71 17.06 -9.69
C LEU J 64 22.36 18.27 -10.54
N GLU J 65 22.74 18.25 -11.82
CA GLU J 65 22.43 19.37 -12.71
C GLU J 65 20.92 19.56 -12.84
N ALA J 66 20.18 18.47 -13.03
CA ALA J 66 18.73 18.57 -13.18
C ALA J 66 18.06 18.97 -11.87
N GLU J 67 18.55 18.45 -10.74
CA GLU J 67 17.94 18.79 -9.46
C GLU J 67 18.10 20.27 -9.15
N ASN J 68 19.30 20.81 -9.34
CA ASN J 68 19.55 22.23 -9.13
C ASN J 68 20.70 22.70 -10.01
N PRO J 69 20.48 23.57 -10.99
CA PRO J 69 21.60 24.05 -11.81
C PRO J 69 22.33 25.27 -11.27
N GLU J 70 21.91 25.81 -10.12
CA GLU J 70 22.52 27.01 -9.54
C GLU J 70 23.30 26.76 -8.26
N LYS J 71 23.39 25.51 -7.78
CA LYS J 71 24.12 25.20 -6.55
C LYS J 71 25.47 24.59 -6.89
N ASP J 72 26.48 25.02 -6.15
CA ASP J 72 27.84 24.53 -6.37
C ASP J 72 27.97 23.05 -6.01
N ILE J 73 28.76 22.34 -6.81
CA ILE J 73 29.08 20.92 -6.60
C ILE J 73 30.48 20.85 -6.03
N TYR J 74 30.72 19.91 -5.12
CA TYR J 74 32.03 19.72 -4.51
C TYR J 74 32.55 18.35 -4.90
N LEU J 75 33.78 18.31 -5.42
CA LEU J 75 34.44 17.10 -5.88
C LEU J 75 35.71 16.88 -5.08
N TYR J 76 35.74 15.86 -4.24
CA TYR J 76 36.92 15.52 -3.46
C TYR J 76 37.70 14.46 -4.23
N ILE J 77 38.98 14.72 -4.47
CA ILE J 77 39.83 13.83 -5.25
C ILE J 77 40.97 13.29 -4.39
N ASN J 78 41.07 11.96 -4.33
CA ASN J 78 42.18 11.25 -3.68
C ASN J 78 42.42 10.07 -4.62
N SER J 79 43.37 10.23 -5.55
CA SER J 79 43.62 9.20 -6.54
C SER J 79 45.04 9.20 -7.10
N PRO J 80 45.64 8.03 -7.35
CA PRO J 80 46.97 8.01 -7.96
C PRO J 80 46.97 8.10 -9.47
N GLY J 81 45.83 8.46 -10.07
CA GLY J 81 45.68 8.57 -11.51
C GLY J 81 45.28 7.26 -12.14
N GLY J 82 45.27 7.26 -13.47
CA GLY J 82 44.87 6.08 -14.21
C GLY J 82 44.78 6.30 -15.71
N VAL J 83 43.73 5.78 -16.33
CA VAL J 83 43.56 5.91 -17.77
C VAL J 83 43.26 7.36 -18.13
N ILE J 84 43.80 7.80 -19.26
CA ILE J 84 43.61 9.17 -19.71
C ILE J 84 42.22 9.37 -20.30
N THR J 85 41.81 8.48 -21.21
CA THR J 85 40.51 8.62 -21.86
C THR J 85 39.37 8.61 -20.86
N ALA J 86 39.51 7.87 -19.76
CA ALA J 86 38.47 7.85 -18.75
C ALA J 86 38.37 9.19 -18.03
N GLY J 87 39.51 9.86 -17.84
CA GLY J 87 39.51 11.13 -17.15
C GLY J 87 39.05 12.30 -18.00
N MET J 88 39.30 12.26 -19.31
CA MET J 88 38.88 13.37 -20.16
C MET J 88 37.37 13.45 -20.30
N SER J 89 36.66 12.34 -20.07
CA SER J 89 35.20 12.39 -20.12
C SER J 89 34.65 13.22 -18.98
N ILE J 90 35.33 13.21 -17.84
CA ILE J 90 34.91 13.98 -16.67
C ILE J 90 35.21 15.45 -16.88
N TYR J 91 36.36 15.76 -17.47
CA TYR J 91 36.75 17.15 -17.69
C TYR J 91 35.77 17.86 -18.61
N ASP J 92 35.41 17.23 -19.73
CA ASP J 92 34.46 17.85 -20.65
C ASP J 92 33.09 18.02 -20.01
N THR J 93 32.71 17.08 -19.13
CA THR J 93 31.42 17.18 -18.46
C THR J 93 31.39 18.36 -17.50
N MET J 94 32.46 18.56 -16.74
CA MET J 94 32.51 19.66 -15.79
C MET J 94 32.41 21.01 -16.49
N GLN J 95 33.02 21.13 -17.67
CA GLN J 95 32.96 22.37 -18.43
C GLN J 95 31.63 22.56 -19.13
N PHE J 96 30.98 21.47 -19.53
CA PHE J 96 29.70 21.58 -20.24
C PHE J 96 28.60 22.08 -19.33
N ILE J 97 28.43 21.45 -18.16
CA ILE J 97 27.36 21.83 -17.25
C ILE J 97 27.61 23.23 -16.69
N LYS J 98 26.52 23.92 -16.38
CA LYS J 98 26.52 25.26 -15.83
C LYS J 98 27.05 25.38 -14.40
N PRO J 99 26.68 24.49 -13.47
CA PRO J 99 27.18 24.63 -12.09
C PRO J 99 28.69 24.61 -11.98
N ASP J 100 29.20 25.33 -11.00
CA ASP J 100 30.63 25.40 -10.75
C ASP J 100 31.06 24.19 -9.93
N VAL J 101 31.93 23.36 -10.52
CA VAL J 101 32.41 22.15 -9.87
C VAL J 101 33.62 22.50 -9.02
N SER J 102 33.42 22.60 -7.71
CA SER J 102 34.51 22.89 -6.80
C SER J 102 35.33 21.63 -6.60
N THR J 103 36.66 21.77 -6.60
CA THR J 103 37.58 20.65 -6.44
C THR J 103 38.44 20.84 -5.20
N ILE J 104 38.71 19.72 -4.52
CA ILE J 104 39.54 19.67 -3.32
C ILE J 104 40.47 18.48 -3.46
N CYS J 105 41.73 18.65 -3.06
CA CYS J 105 42.73 17.60 -3.14
C CYS J 105 42.98 17.05 -1.74
N MET J 106 42.74 15.75 -1.59
CA MET J 106 42.94 15.04 -0.33
C MET J 106 43.93 13.91 -0.55
N GLY J 107 45.03 13.94 0.20
CA GLY J 107 46.03 12.89 0.10
C GLY J 107 46.99 13.02 -1.05
N GLN J 108 46.52 12.80 -2.29
CA GLN J 108 47.40 12.87 -3.44
C GLN J 108 46.59 13.15 -4.70
N ALA J 109 47.26 13.75 -5.68
CA ALA J 109 46.66 14.09 -6.98
C ALA J 109 47.72 13.86 -8.04
N ALA J 110 47.61 12.75 -8.77
CA ALA J 110 48.56 12.40 -9.80
C ALA J 110 48.26 13.18 -11.08
N SER J 111 48.95 12.81 -12.17
CA SER J 111 48.82 13.44 -13.48
C SER J 111 47.38 13.72 -13.88
N MET J 112 46.54 12.68 -13.90
CA MET J 112 45.15 12.88 -14.28
C MET J 112 44.34 13.46 -13.13
N GLY J 113 44.66 13.10 -11.89
CA GLY J 113 43.95 13.69 -10.77
C GLY J 113 44.22 15.17 -10.66
N ALA J 114 45.41 15.60 -11.05
CA ALA J 114 45.76 17.02 -11.03
C ALA J 114 45.05 17.78 -12.14
N PHE J 115 44.83 17.13 -13.29
CA PHE J 115 44.19 17.81 -14.40
C PHE J 115 42.72 18.10 -14.08
N LEU J 116 42.05 17.18 -13.39
CA LEU J 116 40.67 17.44 -12.99
C LEU J 116 40.62 18.41 -11.82
N LEU J 117 41.68 18.47 -11.03
CA LEU J 117 41.73 19.40 -9.91
C LEU J 117 41.79 20.83 -10.41
N THR J 118 42.75 21.12 -11.28
CA THR J 118 42.89 22.47 -11.84
C THR J 118 41.76 22.82 -12.78
N ALA J 119 41.06 21.84 -13.32
CA ALA J 119 39.96 22.09 -14.24
C ALA J 119 38.70 22.59 -13.54
N GLY J 120 38.69 22.64 -12.21
CA GLY J 120 37.52 23.11 -11.50
C GLY J 120 37.27 24.59 -11.78
N ALA J 121 36.16 25.06 -11.23
CA ALA J 121 35.78 26.46 -11.43
C ALA J 121 36.81 27.38 -10.77
N LYS J 122 37.14 28.47 -11.47
CA LYS J 122 38.10 29.42 -10.96
C LYS J 122 37.58 30.06 -9.67
N GLY J 123 38.44 30.13 -8.66
CA GLY J 123 38.07 30.70 -7.38
C GLY J 123 37.47 29.71 -6.40
N LYS J 124 37.18 28.49 -6.82
CA LYS J 124 36.59 27.46 -5.96
C LYS J 124 37.45 26.19 -5.97
N ARG J 125 38.77 26.37 -6.05
CA ARG J 125 39.73 25.28 -6.04
C ARG J 125 40.57 25.40 -4.77
N PHE J 126 40.67 24.31 -4.02
CA PHE J 126 41.41 24.28 -2.76
C PHE J 126 42.28 23.04 -2.68
N CYS J 127 43.29 23.13 -1.83
CA CYS J 127 44.22 22.04 -1.57
C CYS J 127 44.50 22.02 -0.07
N LEU J 128 44.53 20.81 0.50
CA LEU J 128 44.75 20.68 1.93
C LEU J 128 46.19 21.06 2.29
N PRO J 129 46.42 21.49 3.55
CA PRO J 129 47.78 21.90 3.95
C PRO J 129 48.85 20.85 3.74
N ASN J 130 48.52 19.56 3.83
CA ASN J 130 49.48 18.47 3.67
C ASN J 130 49.26 17.66 2.40
N SER J 131 48.41 18.14 1.49
CA SER J 131 48.19 17.42 0.25
C SER J 131 49.44 17.52 -0.64
N ARG J 132 49.49 16.67 -1.65
CA ARG J 132 50.61 16.64 -2.58
C ARG J 132 50.09 16.39 -3.99
N VAL J 133 50.65 17.14 -4.94
CA VAL J 133 50.30 17.03 -6.36
C VAL J 133 51.52 16.55 -7.12
N MET J 134 51.30 15.69 -8.11
CA MET J 134 52.36 15.18 -8.97
C MET J 134 51.88 15.25 -10.41
N ILE J 135 52.77 15.70 -11.31
CA ILE J 135 52.47 15.82 -12.72
C ILE J 135 53.61 15.24 -13.54
N HIS J 136 53.27 14.53 -14.59
CA HIS J 136 54.27 13.96 -15.51
C HIS J 136 53.62 13.86 -16.88
N GLN J 137 54.32 13.24 -17.83
CA GLN J 137 53.81 13.13 -19.19
C GLN J 137 53.02 11.84 -19.37
N PRO J 138 52.20 11.74 -20.41
CA PRO J 138 51.43 10.52 -20.62
C PRO J 138 52.33 9.30 -20.84
N LEU J 139 51.85 8.16 -20.37
CA LEU J 139 52.56 6.89 -20.51
C LEU J 139 51.84 6.00 -21.52
N GLY J 140 52.62 5.20 -22.23
CA GLY J 140 52.03 4.31 -23.21
C GLY J 140 53.02 3.26 -23.66
N GLY J 141 52.70 2.63 -24.77
CA GLY J 141 53.53 1.61 -25.36
C GLY J 141 52.77 0.82 -26.40
N TYR J 142 53.52 0.18 -27.28
CA TYR J 142 52.92 -0.62 -28.34
C TYR J 142 53.92 -1.65 -28.82
N GLN J 143 53.40 -2.75 -29.37
CA GLN J 143 54.21 -3.82 -29.92
C GLN J 143 53.61 -4.22 -31.25
N GLY J 144 54.40 -4.18 -32.31
CA GLY J 144 53.90 -4.54 -33.62
C GLY J 144 54.84 -4.04 -34.70
N GLN J 145 54.28 -3.88 -35.90
CA GLN J 145 55.03 -3.39 -37.04
C GLN J 145 55.46 -1.94 -36.82
N ALA J 146 56.49 -1.54 -37.56
CA ALA J 146 57.00 -0.18 -37.43
C ALA J 146 55.96 0.84 -37.89
N THR J 147 55.14 0.49 -38.88
CA THR J 147 54.11 1.42 -39.35
C THR J 147 53.08 1.70 -38.27
N ASP J 148 52.75 0.69 -37.46
CA ASP J 148 51.77 0.89 -36.40
C ASP J 148 52.36 1.67 -35.23
N ILE J 149 53.65 1.49 -34.96
CA ILE J 149 54.28 2.22 -33.86
C ILE J 149 54.27 3.72 -34.15
N GLU J 150 54.49 4.09 -35.42
CA GLU J 150 54.48 5.49 -35.80
C GLU J 150 53.11 6.11 -35.60
N ILE J 151 52.04 5.34 -35.83
CA ILE J 151 50.69 5.85 -35.66
C ILE J 151 50.40 6.12 -34.20
N HIS J 152 50.66 5.13 -33.34
CA HIS J 152 50.40 5.31 -31.92
C HIS J 152 51.33 6.36 -31.31
N ALA J 153 52.50 6.58 -31.91
CA ALA J 153 53.40 7.60 -31.39
C ALA J 153 52.87 8.99 -31.71
N ARG J 154 52.33 9.17 -32.92
CA ARG J 154 51.75 10.46 -33.29
C ARG J 154 50.52 10.77 -32.45
N GLU J 155 49.74 9.74 -32.11
CA GLU J 155 48.53 9.94 -31.33
C GLU J 155 48.86 10.36 -29.90
N ILE J 156 49.77 9.65 -29.25
CA ILE J 156 50.13 10.00 -27.88
C ILE J 156 50.84 11.35 -27.85
N LEU J 157 51.48 11.74 -28.95
CA LEU J 157 52.13 13.04 -28.99
C LEU J 157 51.08 14.15 -29.03
N LYS J 158 49.97 13.91 -29.75
CA LYS J 158 48.90 14.90 -29.81
C LYS J 158 48.27 15.07 -28.42
N VAL J 159 48.09 13.97 -27.70
CA VAL J 159 47.52 14.03 -26.36
C VAL J 159 48.42 14.83 -25.44
N LYS J 160 49.73 14.58 -25.50
CA LYS J 160 50.67 15.32 -24.69
C LYS J 160 50.60 16.81 -25.00
N GLY J 161 50.52 17.16 -26.28
CA GLY J 161 50.38 18.55 -26.65
C GLY J 161 49.04 19.11 -26.22
N ARG J 162 47.99 18.30 -26.36
CA ARG J 162 46.64 18.74 -25.99
C ARG J 162 46.52 18.90 -24.48
N MET J 163 47.13 17.99 -23.71
CA MET J 163 47.05 18.08 -22.25
C MET J 163 47.80 19.29 -21.72
N ASN J 164 48.86 19.71 -22.41
CA ASN J 164 49.63 20.87 -21.95
C ASN J 164 48.89 22.17 -22.27
N GLU J 165 48.18 22.21 -23.41
CA GLU J 165 47.44 23.41 -23.77
C GLU J 165 46.35 23.72 -22.76
N LEU J 166 45.59 22.71 -22.35
CA LEU J 166 44.52 22.93 -21.40
C LEU J 166 45.06 23.25 -20.01
N MET J 167 46.18 22.63 -19.63
CA MET J 167 46.79 22.91 -18.35
C MET J 167 47.19 24.37 -18.24
N ALA J 168 47.70 24.94 -19.32
CA ALA J 168 48.11 26.34 -19.33
C ALA J 168 46.89 27.26 -19.24
N LEU J 169 45.79 26.87 -19.88
CA LEU J 169 44.59 27.69 -19.89
C LEU J 169 44.05 27.93 -18.47
N HIS J 170 43.99 26.87 -17.66
CA HIS J 170 43.45 27.01 -16.32
C HIS J 170 44.50 27.50 -15.32
N THR J 171 45.74 27.04 -15.47
CA THR J 171 46.80 27.49 -14.57
C THR J 171 47.30 28.89 -14.91
N GLY J 172 47.08 29.35 -16.13
CA GLY J 172 47.51 30.66 -16.57
C GLY J 172 48.95 30.74 -17.02
N GLN J 173 49.77 29.72 -16.75
CA GLN J 173 51.15 29.72 -17.18
C GLN J 173 51.22 29.62 -18.71
N SER J 174 52.43 29.76 -19.23
CA SER J 174 52.65 29.66 -20.67
C SER J 174 52.82 28.19 -21.07
N LEU J 175 52.54 27.91 -22.35
CA LEU J 175 52.69 26.54 -22.84
C LEU J 175 54.13 26.06 -22.76
N GLU J 176 55.09 26.97 -22.95
CA GLU J 176 56.50 26.59 -22.89
C GLU J 176 56.89 26.14 -21.50
N GLN J 177 56.33 26.77 -20.46
CA GLN J 177 56.67 26.41 -19.09
C GLN J 177 56.12 25.03 -18.74
N ILE J 178 54.89 24.73 -19.18
CA ILE J 178 54.30 23.43 -18.88
C ILE J 178 55.07 22.31 -19.55
N GLU J 179 55.61 22.56 -20.74
CA GLU J 179 56.36 21.52 -21.45
C GLU J 179 57.64 21.15 -20.69
N ARG J 180 58.33 22.13 -20.13
CA ARG J 180 59.56 21.86 -19.40
C ARG J 180 59.28 21.20 -18.06
N ASP J 181 58.22 21.64 -17.37
CA ASP J 181 57.91 21.09 -16.05
C ASP J 181 57.30 19.69 -16.11
N THR J 182 56.71 19.30 -17.25
CA THR J 182 56.09 17.98 -17.38
C THR J 182 56.98 16.97 -18.08
N GLU J 183 58.24 17.32 -18.37
CA GLU J 183 59.14 16.36 -19.01
C GLU J 183 59.41 15.16 -18.10
N ARG J 184 59.45 15.39 -16.80
CA ARG J 184 59.70 14.35 -15.81
C ARG J 184 58.76 14.58 -14.62
N ASP J 185 58.76 13.62 -13.69
CA ASP J 185 57.90 13.76 -12.52
C ASP J 185 58.29 15.00 -11.72
N ARG J 186 57.28 15.77 -11.32
CA ARG J 186 57.47 17.00 -10.57
C ARG J 186 56.44 17.06 -9.44
N PHE J 187 56.90 17.02 -8.20
CA PHE J 187 56.00 17.10 -7.06
C PHE J 187 55.87 18.55 -6.62
N LEU J 188 54.65 18.96 -6.28
CA LEU J 188 54.35 20.32 -5.87
C LEU J 188 53.62 20.30 -4.54
N SER J 189 54.20 20.94 -3.53
CA SER J 189 53.55 21.03 -2.22
C SER J 189 52.32 21.91 -2.30
N ALA J 190 51.57 21.95 -1.21
CA ALA J 190 50.37 22.77 -1.16
C ALA J 190 50.65 24.27 -1.31
N PRO J 191 51.67 24.85 -0.67
CA PRO J 191 51.92 26.28 -0.89
C PRO J 191 52.34 26.60 -2.31
N GLU J 192 53.19 25.76 -2.90
CA GLU J 192 53.67 25.98 -4.26
C GLU J 192 52.54 25.92 -5.28
N ALA J 193 51.50 25.12 -5.00
CA ALA J 193 50.39 25.00 -5.95
C ALA J 193 49.64 26.32 -6.09
N VAL J 194 49.53 27.09 -5.01
CA VAL J 194 48.86 28.38 -5.09
C VAL J 194 49.67 29.34 -5.95
N GLU J 195 50.98 29.40 -5.71
CA GLU J 195 51.87 30.25 -6.49
C GLU J 195 51.89 29.85 -7.96
N TYR J 196 51.64 28.57 -8.24
CA TYR J 196 51.66 28.03 -9.59
C TYR J 196 50.34 28.21 -10.34
N GLY J 197 49.31 28.76 -9.70
CA GLY J 197 48.03 28.93 -10.36
C GLY J 197 47.18 27.68 -10.42
N LEU J 198 47.64 26.57 -9.84
CA LEU J 198 46.87 25.33 -9.89
C LEU J 198 45.63 25.42 -9.00
N VAL J 199 45.74 26.10 -7.85
CA VAL J 199 44.63 26.27 -6.91
C VAL J 199 44.55 27.73 -6.52
N ASP J 200 43.51 28.05 -5.74
CA ASP J 200 43.24 29.41 -5.30
C ASP J 200 43.63 29.69 -3.85
N SER J 201 43.38 28.75 -2.93
CA SER J 201 43.71 28.97 -1.53
C SER J 201 43.80 27.62 -0.83
N ILE J 202 44.00 27.68 0.49
CA ILE J 202 44.13 26.50 1.34
C ILE J 202 43.10 26.59 2.46
N LEU J 203 42.42 25.48 2.73
CA LEU J 203 41.40 25.39 3.76
C LEU J 203 42.03 24.85 5.06
N THR J 204 42.85 25.69 5.68
CA THR J 204 43.53 25.28 6.90
C THR J 204 42.55 25.01 8.04
N HIS J 205 41.76 26.01 8.41
CA HIS J 205 40.79 25.89 9.49
C HIS J 205 39.42 26.38 9.04
N ARG J 206 38.41 26.02 9.82
CA ARG J 206 37.02 26.41 9.54
C ARG J 206 36.73 27.70 10.29
N ASN J 207 36.48 28.77 9.55
CA ASN J 207 36.18 30.08 10.13
C ASN J 207 34.71 30.44 9.94
N LEU K 16 30.99 -11.58 8.48
CA LEU K 16 29.67 -11.41 9.05
C LEU K 16 29.67 -10.27 10.06
N VAL K 17 28.56 -9.52 10.09
CA VAL K 17 28.40 -8.38 10.99
C VAL K 17 27.14 -8.62 11.81
N PRO K 18 27.19 -8.60 13.15
CA PRO K 18 25.95 -8.80 13.92
C PRO K 18 25.02 -7.60 13.82
N MET K 19 23.72 -7.88 13.89
CA MET K 19 22.69 -6.85 13.85
C MET K 19 22.15 -6.64 15.26
N VAL K 20 21.88 -5.37 15.60
CA VAL K 20 21.35 -4.99 16.90
C VAL K 20 20.07 -4.20 16.71
N ILE K 21 19.30 -4.09 17.80
CA ILE K 21 18.02 -3.39 17.82
C ILE K 21 18.15 -2.19 18.74
N GLU K 22 17.88 -1.01 18.21
CA GLU K 22 17.92 0.24 18.97
C GLU K 22 16.49 0.62 19.34
N GLN K 23 16.15 0.44 20.61
CA GLN K 23 14.81 0.73 21.09
C GLN K 23 14.59 2.24 21.14
N THR K 24 13.63 2.73 20.36
CA THR K 24 13.29 4.14 20.31
C THR K 24 11.78 4.30 20.50
N SER K 25 11.39 5.54 20.82
CA SER K 25 9.98 5.83 21.06
C SER K 25 9.14 5.61 19.80
N ARG K 26 9.68 5.99 18.64
CA ARG K 26 8.94 5.81 17.39
C ARG K 26 8.68 4.35 17.12
N GLY K 27 9.68 3.50 17.32
CA GLY K 27 9.54 2.08 17.07
C GLY K 27 10.89 1.40 17.17
N GLU K 28 10.92 0.16 16.70
CA GLU K 28 12.14 -0.64 16.71
C GLU K 28 12.83 -0.51 15.35
N ARG K 29 14.16 -0.40 15.39
CA ARG K 29 14.97 -0.28 14.20
C ARG K 29 16.16 -1.22 14.30
N SER K 30 16.54 -1.81 13.17
CA SER K 30 17.65 -2.75 13.10
C SER K 30 18.87 -2.05 12.52
N PHE K 31 19.99 -2.17 13.22
CA PHE K 31 21.25 -1.55 12.82
C PHE K 31 22.39 -2.53 12.92
N ASP K 32 23.42 -2.30 12.09
CA ASP K 32 24.62 -3.10 12.17
C ASP K 32 25.44 -2.58 13.35
N ILE K 33 26.35 -3.42 13.85
CA ILE K 33 27.12 -3.04 15.03
C ILE K 33 27.99 -1.82 14.75
N TYR K 34 28.51 -1.69 13.53
CA TYR K 34 29.34 -0.53 13.21
C TYR K 34 28.50 0.73 13.09
N SER K 35 27.29 0.62 12.55
CA SER K 35 26.43 1.80 12.39
C SER K 35 25.87 2.27 13.72
N ARG K 36 25.64 1.35 14.66
CA ARG K 36 25.10 1.73 15.96
C ARG K 36 26.07 2.64 16.70
N LEU K 37 27.36 2.27 16.69
CA LEU K 37 28.36 3.07 17.36
C LEU K 37 28.58 4.40 16.65
N LEU K 38 28.37 4.43 15.32
CA LEU K 38 28.54 5.66 14.57
C LEU K 38 27.55 6.73 15.05
N LYS K 39 26.36 6.31 15.46
CA LYS K 39 25.35 7.24 15.95
C LYS K 39 25.83 7.97 17.20
N GLU K 40 26.73 7.35 17.97
CA GLU K 40 27.26 7.93 19.20
C GLU K 40 28.62 8.59 19.00
N ARG K 41 28.95 8.96 17.77
CA ARG K 41 30.22 9.63 17.46
C ARG K 41 31.42 8.73 17.78
N VAL K 42 31.38 7.51 17.26
CA VAL K 42 32.44 6.53 17.45
C VAL K 42 32.78 5.94 16.09
N ILE K 43 34.07 5.98 15.74
CA ILE K 43 34.57 5.48 14.46
C ILE K 43 35.64 4.44 14.74
N PHE K 44 35.68 3.40 13.91
CA PHE K 44 36.64 2.31 14.01
C PHE K 44 37.64 2.40 12.87
N LEU K 45 38.93 2.33 13.21
CA LEU K 45 40.02 2.33 12.23
C LEU K 45 40.69 0.96 12.37
N THR K 46 40.37 0.06 11.46
CA THR K 46 40.89 -1.31 11.48
C THR K 46 41.64 -1.62 10.19
N GLY K 47 42.69 -2.42 10.35
CA GLY K 47 43.52 -2.86 9.24
C GLY K 47 44.43 -1.78 8.68
N GLN K 48 44.98 -2.11 7.51
CA GLN K 48 45.90 -1.21 6.83
C GLN K 48 45.19 0.05 6.35
N VAL K 49 45.92 1.15 6.39
CA VAL K 49 45.41 2.45 5.96
C VAL K 49 45.65 2.56 4.45
N GLU K 50 44.55 2.62 3.70
CA GLU K 50 44.59 2.71 2.24
C GLU K 50 43.67 3.84 1.79
N ASP K 51 43.62 4.05 0.47
CA ASP K 51 42.82 5.13 -0.08
C ASP K 51 41.33 4.91 0.08
N HIS K 52 40.87 3.66 0.02
CA HIS K 52 39.45 3.37 0.17
C HIS K 52 39.03 3.46 1.63
N MET K 53 39.80 2.82 2.52
CA MET K 53 39.45 2.86 3.94
C MET K 53 39.59 4.26 4.50
N ALA K 54 40.57 5.03 4.02
CA ALA K 54 40.74 6.39 4.52
C ALA K 54 39.62 7.30 4.04
N ASN K 55 39.22 7.17 2.78
CA ASN K 55 38.14 8.00 2.25
C ASN K 55 36.80 7.68 2.90
N LEU K 56 36.66 6.49 3.48
CA LEU K 56 35.41 6.11 4.15
C LEU K 56 35.30 6.79 5.52
N ILE K 57 36.41 6.88 6.24
CA ILE K 57 36.39 7.50 7.57
C ILE K 57 36.15 9.00 7.45
N VAL K 58 36.63 9.63 6.38
CA VAL K 58 36.44 11.06 6.20
C VAL K 58 34.96 11.39 6.09
N ALA K 59 34.20 10.58 5.36
CA ALA K 59 32.77 10.82 5.25
C ALA K 59 32.07 10.66 6.58
N GLN K 60 32.58 9.78 7.44
CA GLN K 60 31.96 9.59 8.75
C GLN K 60 32.17 10.82 9.63
N MET K 61 33.39 11.36 9.62
CA MET K 61 33.69 12.55 10.42
C MET K 61 32.85 13.73 9.98
N LEU K 62 32.76 13.94 8.66
CA LEU K 62 31.98 15.07 8.15
C LEU K 62 30.51 14.93 8.51
N PHE K 63 29.98 13.70 8.46
CA PHE K 63 28.58 13.49 8.82
C PHE K 63 28.34 13.85 10.27
N LEU K 64 29.28 13.52 11.15
CA LEU K 64 29.12 13.84 12.56
C LEU K 64 29.30 15.35 12.80
N GLU K 65 30.14 15.99 11.98
CA GLU K 65 30.34 17.43 12.11
C GLU K 65 29.03 18.17 11.87
N ALA K 66 28.29 17.77 10.84
CA ALA K 66 27.03 18.44 10.54
C ALA K 66 25.98 18.15 11.60
N GLU K 67 25.94 16.92 12.11
CA GLU K 67 24.95 16.56 13.12
C GLU K 67 25.18 17.35 14.41
N ASN K 68 26.43 17.42 14.88
CA ASN K 68 26.74 18.18 16.08
C ASN K 68 28.19 18.67 16.05
N PRO K 69 28.46 19.97 15.99
CA PRO K 69 29.85 20.44 15.99
C PRO K 69 30.47 20.66 17.37
N GLU K 70 29.70 20.44 18.44
CA GLU K 70 30.17 20.68 19.81
C GLU K 70 30.36 19.41 20.64
N LYS K 71 30.11 18.22 20.07
CA LYS K 71 30.27 16.97 20.81
C LYS K 71 31.56 16.28 20.40
N ASP K 72 32.26 15.73 21.39
CA ASP K 72 33.52 15.06 21.12
C ASP K 72 33.32 13.78 20.32
N ILE K 73 34.26 13.53 19.42
CA ILE K 73 34.29 12.35 18.59
C ILE K 73 35.35 11.41 19.15
N TYR K 74 35.09 10.10 19.10
CA TYR K 74 36.02 9.10 19.59
C TYR K 74 36.46 8.23 18.43
N LEU K 75 37.78 8.09 18.27
CA LEU K 75 38.40 7.31 17.21
C LEU K 75 39.24 6.20 17.82
N TYR K 76 38.80 4.95 17.64
CA TYR K 76 39.55 3.81 18.13
C TYR K 76 40.42 3.31 16.99
N ILE K 77 41.73 3.17 17.25
CA ILE K 77 42.69 2.77 16.23
C ILE K 77 43.34 1.46 16.60
N ASN K 78 43.25 0.49 15.70
CA ASN K 78 43.93 -0.81 15.81
C ASN K 78 44.37 -1.08 14.38
N SER K 79 45.60 -0.70 14.06
CA SER K 79 46.09 -0.85 12.69
C SER K 79 47.61 -1.00 12.60
N PRO K 80 48.13 -1.84 11.70
CA PRO K 80 49.58 -1.94 11.54
C PRO K 80 50.17 -0.89 10.61
N GLY K 81 49.41 0.14 10.26
CA GLY K 81 49.85 1.20 9.38
C GLY K 81 49.59 0.89 7.92
N GLY K 82 50.10 1.77 7.07
CA GLY K 82 49.91 1.62 5.64
C GLY K 82 50.45 2.78 4.83
N VAL K 83 49.68 3.21 3.83
CA VAL K 83 50.09 4.31 2.98
C VAL K 83 50.08 5.61 3.76
N ILE K 84 51.06 6.48 3.47
CA ILE K 84 51.17 7.75 4.17
C ILE K 84 50.15 8.75 3.62
N THR K 85 50.06 8.89 2.30
CA THR K 85 49.14 9.85 1.70
C THR K 85 47.69 9.57 2.10
N ALA K 86 47.33 8.31 2.30
CA ALA K 86 45.97 8.00 2.74
C ALA K 86 45.74 8.46 4.16
N GLY K 87 46.77 8.39 5.00
CA GLY K 87 46.64 8.79 6.38
C GLY K 87 46.64 10.29 6.61
N MET K 88 47.37 11.04 5.78
CA MET K 88 47.44 12.48 5.97
C MET K 88 46.11 13.16 5.67
N SER K 89 45.25 12.53 4.88
CA SER K 89 43.94 13.11 4.61
C SER K 89 43.10 13.13 5.87
N ILE K 90 43.28 12.12 6.74
CA ILE K 90 42.53 12.04 7.99
C ILE K 90 43.07 13.06 8.99
N TYR K 91 44.40 13.21 9.04
CA TYR K 91 45.00 14.15 9.99
C TYR K 91 44.57 15.58 9.72
N ASP K 92 44.59 16.00 8.46
CA ASP K 92 44.18 17.35 8.13
C ASP K 92 42.70 17.57 8.43
N THR K 93 41.89 16.53 8.27
CA THR K 93 40.47 16.65 8.55
C THR K 93 40.22 16.86 10.04
N MET K 94 40.92 16.10 10.89
CA MET K 94 40.73 16.22 12.33
C MET K 94 41.08 17.63 12.82
N GLN K 95 42.10 18.25 12.24
CA GLN K 95 42.49 19.60 12.65
C GLN K 95 41.55 20.65 12.07
N PHE K 96 41.00 20.41 10.89
CA PHE K 96 40.12 21.39 10.26
C PHE K 96 38.80 21.51 11.01
N ILE K 97 38.14 20.39 11.29
CA ILE K 97 36.85 20.43 11.96
C ILE K 97 37.00 20.92 13.39
N LYS K 98 35.95 21.56 13.89
CA LYS K 98 35.88 22.12 15.24
C LYS K 98 35.83 21.08 16.37
N PRO K 99 35.05 20.00 16.25
CA PRO K 99 35.00 19.03 17.36
C PRO K 99 36.35 18.42 17.70
N ASP K 100 36.52 18.09 18.97
CA ASP K 100 37.75 17.49 19.46
C ASP K 100 37.70 15.99 19.19
N VAL K 101 38.62 15.51 18.36
CA VAL K 101 38.66 14.10 17.97
C VAL K 101 39.48 13.35 19.01
N SER K 102 38.80 12.62 19.90
CA SER K 102 39.47 11.81 20.90
C SER K 102 40.00 10.54 20.25
N THR K 103 41.23 10.17 20.59
CA THR K 103 41.87 8.99 20.04
C THR K 103 42.21 7.98 21.12
N ILE K 104 42.05 6.69 20.79
CA ILE K 104 42.35 5.59 21.68
C ILE K 104 43.12 4.55 20.88
N CYS K 105 44.13 3.95 21.51
CA CYS K 105 44.96 2.94 20.88
C CYS K 105 44.59 1.57 21.42
N MET K 106 44.17 0.68 20.53
CA MET K 106 43.78 -0.69 20.87
C MET K 106 44.65 -1.67 20.10
N GLY K 107 45.37 -2.52 20.81
CA GLY K 107 46.19 -3.53 20.18
C GLY K 107 47.54 -3.03 19.70
N GLN K 108 47.56 -2.24 18.63
CA GLN K 108 48.82 -1.74 18.10
C GLN K 108 48.58 -0.46 17.31
N ALA K 109 49.64 0.34 17.22
CA ALA K 109 49.61 1.63 16.51
C ALA K 109 50.97 1.81 15.84
N ALA K 110 51.02 1.59 14.53
CA ALA K 110 52.26 1.69 13.76
C ALA K 110 52.55 3.16 13.47
N SER K 111 53.55 3.40 12.62
CA SER K 111 53.99 4.74 12.21
C SER K 111 52.83 5.68 11.89
N MET K 112 51.96 5.30 10.96
CA MET K 112 50.86 6.17 10.62
C MET K 112 49.75 6.10 11.65
N GLY K 113 49.53 4.92 12.26
CA GLY K 113 48.53 4.84 13.31
C GLY K 113 48.92 5.66 14.51
N ALA K 114 50.23 5.78 14.76
CA ALA K 114 50.72 6.59 15.88
C ALA K 114 50.58 8.08 15.58
N PHE K 115 50.72 8.47 14.31
CA PHE K 115 50.62 9.88 13.96
C PHE K 115 49.21 10.41 14.15
N LEU K 116 48.20 9.59 13.83
CA LEU K 116 46.83 10.02 14.06
C LEU K 116 46.47 9.95 15.54
N LEU K 117 47.15 9.09 16.29
CA LEU K 117 46.90 8.98 17.72
C LEU K 117 47.32 10.25 18.44
N THR K 118 48.57 10.67 18.25
CA THR K 118 49.07 11.88 18.89
C THR K 118 48.44 13.14 18.32
N ALA K 119 47.88 13.07 17.12
CA ALA K 119 47.26 14.24 16.51
C ALA K 119 45.89 14.57 17.11
N GLY K 120 45.38 13.74 18.02
CA GLY K 120 44.10 14.01 18.64
C GLY K 120 44.16 15.26 19.50
N ALA K 121 43.00 15.63 20.03
CA ALA K 121 42.91 16.81 20.87
C ALA K 121 43.71 16.61 22.15
N LYS K 122 44.42 17.65 22.56
CA LYS K 122 45.22 17.60 23.77
C LYS K 122 44.33 17.36 24.98
N GLY K 123 44.73 16.41 25.83
CA GLY K 123 43.96 16.09 27.02
C GLY K 123 42.90 15.01 26.82
N LYS K 124 42.65 14.60 25.58
CA LYS K 124 41.64 13.59 25.26
C LYS K 124 42.25 12.44 24.47
N ARG K 125 43.51 12.11 24.77
CA ARG K 125 44.23 11.02 24.13
C ARG K 125 44.52 9.96 25.20
N PHE K 126 44.18 8.71 24.89
CA PHE K 126 44.38 7.62 25.84
C PHE K 126 44.97 6.41 25.13
N CYS K 127 45.60 5.55 25.94
CA CYS K 127 46.23 4.32 25.48
C CYS K 127 45.91 3.24 26.50
N LEU K 128 45.57 2.04 26.02
CA LEU K 128 45.23 0.96 26.93
C LEU K 128 46.47 0.48 27.68
N PRO K 129 46.29 -0.12 28.86
CA PRO K 129 47.45 -0.57 29.65
C PRO K 129 48.39 -1.52 28.94
N ASN K 130 47.88 -2.34 28.01
CA ASN K 130 48.70 -3.31 27.28
C ASN K 130 48.87 -2.95 25.81
N SER K 131 48.48 -1.75 25.41
CA SER K 131 48.65 -1.35 24.02
C SER K 131 50.13 -1.14 23.72
N ARG K 132 50.45 -1.07 22.43
CA ARG K 132 51.83 -0.90 21.98
C ARG K 132 51.87 0.03 20.79
N VAL K 133 52.83 0.95 20.80
CA VAL K 133 53.03 1.92 19.72
C VAL K 133 54.38 1.65 19.08
N MET K 134 54.45 1.81 17.77
CA MET K 134 55.69 1.64 17.02
C MET K 134 55.83 2.79 16.05
N ILE K 135 57.04 3.35 15.96
CA ILE K 135 57.33 4.47 15.08
C ILE K 135 58.62 4.20 14.33
N HIS K 136 58.64 4.54 13.04
CA HIS K 136 59.83 4.40 12.22
C HIS K 136 59.77 5.47 11.13
N GLN K 137 60.70 5.42 10.19
CA GLN K 137 60.76 6.41 9.13
C GLN K 137 59.94 5.96 7.92
N PRO K 138 59.60 6.87 7.01
CA PRO K 138 58.82 6.48 5.84
C PRO K 138 59.58 5.46 4.99
N LEU K 139 58.83 4.56 4.36
CA LEU K 139 59.37 3.53 3.49
C LEU K 139 59.00 3.84 2.04
N GLY K 140 59.89 3.48 1.14
CA GLY K 140 59.64 3.71 -0.27
C GLY K 140 60.59 2.94 -1.14
N GLY K 141 60.65 3.36 -2.39
CA GLY K 141 61.53 2.74 -3.38
C GLY K 141 61.14 3.15 -4.77
N TYR K 142 62.10 3.02 -5.68
CA TYR K 142 61.86 3.38 -7.07
C TYR K 142 62.87 2.64 -7.95
N GLN K 143 62.48 2.43 -9.21
CA GLN K 143 63.33 1.78 -10.19
C GLN K 143 63.24 2.59 -11.48
N GLY K 144 64.38 3.03 -11.99
CA GLY K 144 64.38 3.81 -13.21
C GLY K 144 65.72 4.53 -13.37
N GLN K 145 65.66 5.61 -14.14
CA GLN K 145 66.85 6.42 -14.40
C GLN K 145 67.30 7.11 -13.12
N ALA K 146 68.58 7.51 -13.11
CA ALA K 146 69.13 8.18 -11.95
C ALA K 146 68.46 9.53 -11.70
N THR K 147 68.04 10.21 -12.77
CA THR K 147 67.39 11.51 -12.61
C THR K 147 66.06 11.37 -11.88
N ASP K 148 65.33 10.28 -12.14
CA ASP K 148 64.05 10.07 -11.48
C ASP K 148 64.22 9.64 -10.04
N ILE K 149 65.28 8.88 -9.73
CA ILE K 149 65.50 8.43 -8.36
C ILE K 149 65.79 9.63 -7.46
N GLU K 150 66.51 10.63 -7.98
CA GLU K 150 66.79 11.83 -7.20
C GLU K 150 65.52 12.60 -6.88
N ILE K 151 64.56 12.60 -7.81
CA ILE K 151 63.31 13.32 -7.59
C ILE K 151 62.50 12.64 -6.50
N HIS K 152 62.30 11.32 -6.61
CA HIS K 152 61.54 10.61 -5.61
C HIS K 152 62.26 10.58 -4.27
N ALA K 153 63.59 10.71 -4.26
CA ALA K 153 64.32 10.73 -3.00
C ALA K 153 64.10 12.05 -2.28
N ARG K 154 64.11 13.16 -3.03
CA ARG K 154 63.87 14.47 -2.43
C ARG K 154 62.46 14.57 -1.88
N GLU K 155 61.49 13.95 -2.55
CA GLU K 155 60.10 14.01 -2.11
C GLU K 155 59.90 13.26 -0.80
N ILE K 156 60.40 12.02 -0.73
CA ILE K 156 60.24 11.24 0.50
C ILE K 156 61.03 11.86 1.64
N LEU K 157 62.09 12.62 1.34
CA LEU K 157 62.85 13.27 2.39
C LEU K 157 62.04 14.41 3.00
N LYS K 158 61.28 15.12 2.16
CA LYS K 158 60.43 16.20 2.66
C LYS K 158 59.35 15.65 3.59
N VAL K 159 58.76 14.51 3.21
CA VAL K 159 57.73 13.90 4.03
C VAL K 159 58.29 13.50 5.39
N LYS K 160 59.48 12.88 5.39
CA LYS K 160 60.12 12.50 6.65
C LYS K 160 60.35 13.73 7.53
N GLY K 161 60.83 14.82 6.92
CA GLY K 161 61.02 16.04 7.68
C GLY K 161 59.69 16.63 8.13
N ARG K 162 58.69 16.58 7.26
CA ARG K 162 57.38 17.11 7.58
C ARG K 162 56.69 16.29 8.66
N MET K 163 56.84 14.96 8.61
CA MET K 163 56.21 14.11 9.60
C MET K 163 56.86 14.29 10.96
N ASN K 164 58.14 14.64 11.01
CA ASN K 164 58.81 14.82 12.28
C ASN K 164 58.44 16.17 12.90
N GLU K 165 58.23 17.19 12.06
CA GLU K 165 57.86 18.51 12.57
C GLU K 165 56.50 18.45 13.27
N LEU K 166 55.53 17.77 12.66
CA LEU K 166 54.21 17.69 13.26
C LEU K 166 54.22 16.78 14.49
N MET K 167 55.04 15.73 14.47
CA MET K 167 55.13 14.84 15.62
C MET K 167 55.64 15.59 16.84
N ALA K 168 56.59 16.51 16.64
CA ALA K 168 57.12 17.31 17.74
C ALA K 168 56.07 18.29 18.27
N LEU K 169 55.25 18.83 17.36
CA LEU K 169 54.23 19.81 17.74
C LEU K 169 53.24 19.22 18.74
N HIS K 170 52.76 18.00 18.49
CA HIS K 170 51.78 17.40 19.38
C HIS K 170 52.43 16.72 20.57
N THR K 171 53.57 16.07 20.36
CA THR K 171 54.26 15.41 21.47
C THR K 171 55.01 16.39 22.36
N GLY K 172 55.33 17.58 21.86
CA GLY K 172 56.05 18.58 22.62
C GLY K 172 57.55 18.42 22.63
N GLN K 173 58.07 17.27 22.20
CA GLN K 173 59.50 17.05 22.16
C GLN K 173 60.14 17.96 21.12
N SER K 174 61.47 17.97 21.09
CA SER K 174 62.21 18.77 20.13
C SER K 174 62.34 18.00 18.82
N LEU K 175 62.54 18.75 17.73
CA LEU K 175 62.70 18.12 16.43
C LEU K 175 63.93 17.22 16.38
N GLU K 176 65.00 17.60 17.09
CA GLU K 176 66.21 16.79 17.11
C GLU K 176 65.97 15.44 17.75
N GLN K 177 65.14 15.41 18.80
CA GLN K 177 64.87 14.16 19.49
C GLN K 177 64.04 13.21 18.61
N ILE K 178 63.06 13.75 17.90
CA ILE K 178 62.22 12.91 17.04
C ILE K 178 63.05 12.32 15.90
N GLU K 179 64.02 13.07 15.40
CA GLU K 179 64.86 12.58 14.31
C GLU K 179 65.69 11.39 14.74
N ARG K 180 66.25 11.43 15.96
CA ARG K 180 67.07 10.34 16.46
C ARG K 180 66.22 9.11 16.80
N ASP K 181 65.05 9.34 17.38
CA ASP K 181 64.19 8.24 17.79
C ASP K 181 63.49 7.55 16.61
N THR K 182 63.33 8.25 15.48
CA THR K 182 62.66 7.68 14.32
C THR K 182 63.62 7.15 13.26
N GLU K 183 64.93 7.11 13.55
CA GLU K 183 65.87 6.58 12.58
C GLU K 183 65.63 5.10 12.33
N ARG K 184 65.20 4.37 13.35
CA ARG K 184 64.92 2.94 13.27
C ARG K 184 63.65 2.67 14.05
N ASP K 185 63.17 1.43 13.95
CA ASP K 185 61.95 1.06 14.67
C ASP K 185 62.14 1.22 16.16
N ARG K 186 61.14 1.82 16.82
CA ARG K 186 61.18 2.08 18.25
C ARG K 186 59.82 1.75 18.85
N PHE K 187 59.77 0.75 19.72
CA PHE K 187 58.52 0.37 20.37
C PHE K 187 58.42 1.11 21.70
N LEU K 188 57.21 1.59 21.99
CA LEU K 188 56.94 2.34 23.22
C LEU K 188 55.75 1.71 23.93
N SER K 189 55.98 1.27 25.17
CA SER K 189 54.90 0.68 25.96
C SER K 189 53.89 1.76 26.35
N ALA K 190 52.79 1.33 26.95
CA ALA K 190 51.76 2.28 27.37
C ALA K 190 52.26 3.26 28.43
N PRO K 191 53.01 2.86 29.47
CA PRO K 191 53.50 3.86 30.43
C PRO K 191 54.46 4.86 29.80
N GLU K 192 55.36 4.39 28.94
CA GLU K 192 56.34 5.26 28.32
C GLU K 192 55.69 6.30 27.42
N ALA K 193 54.53 5.97 26.82
CA ALA K 193 53.87 6.92 25.93
C ALA K 193 53.40 8.16 26.70
N VAL K 194 52.98 7.98 27.95
CA VAL K 194 52.54 9.13 28.75
C VAL K 194 53.74 10.03 29.05
N GLU K 195 54.85 9.44 29.48
CA GLU K 195 56.06 10.20 29.77
C GLU K 195 56.60 10.91 28.54
N TYR K 196 56.33 10.37 27.36
CA TYR K 196 56.82 10.91 26.10
C TYR K 196 55.92 11.99 25.52
N GLY K 197 54.78 12.30 26.15
CA GLY K 197 53.90 13.31 25.62
C GLY K 197 53.01 12.84 24.48
N LEU K 198 53.09 11.57 24.11
CA LEU K 198 52.29 11.05 23.02
C LEU K 198 50.82 10.96 23.42
N VAL K 199 50.54 10.61 24.67
CA VAL K 199 49.18 10.48 25.18
C VAL K 199 49.09 11.22 26.52
N ASP K 200 47.87 11.28 27.05
CA ASP K 200 47.59 11.99 28.30
C ASP K 200 47.42 11.08 29.50
N SER K 201 46.73 9.95 29.37
CA SER K 201 46.52 9.06 30.50
C SER K 201 46.20 7.66 29.99
N ILE K 202 45.88 6.76 30.92
CA ILE K 202 45.55 5.37 30.62
C ILE K 202 44.18 5.06 31.23
N LEU K 203 43.35 4.39 30.44
CA LEU K 203 41.99 4.02 30.87
C LEU K 203 41.99 2.59 31.43
N THR K 204 42.59 2.46 32.61
CA THR K 204 42.69 1.15 33.25
C THR K 204 41.33 0.59 33.60
N HIS K 205 40.57 1.31 34.43
CA HIS K 205 39.25 0.88 34.88
C HIS K 205 38.24 2.00 34.64
N ARG K 206 36.96 1.63 34.72
CA ARG K 206 35.86 2.56 34.54
C ARG K 206 35.45 3.10 35.90
N ASN K 207 35.63 4.40 36.10
CA ASN K 207 35.28 5.06 37.35
C ASN K 207 34.08 5.97 37.17
N LEU L 16 26.61 -19.75 4.97
CA LEU L 16 25.20 -19.45 5.21
C LEU L 16 24.91 -19.45 6.70
N VAL L 17 24.03 -18.54 7.11
CA VAL L 17 23.63 -18.39 8.51
C VAL L 17 22.10 -18.54 8.58
N PRO L 18 21.56 -19.45 9.40
CA PRO L 18 20.10 -19.55 9.46
C PRO L 18 19.47 -18.36 10.17
N MET L 19 18.26 -18.03 9.76
CA MET L 19 17.50 -16.92 10.33
C MET L 19 16.42 -17.46 11.26
N VAL L 20 16.22 -16.76 12.38
CA VAL L 20 15.22 -17.14 13.38
C VAL L 20 14.28 -15.97 13.61
N ILE L 21 13.13 -16.27 14.22
CA ILE L 21 12.09 -15.30 14.53
C ILE L 21 11.96 -15.20 16.04
N GLU L 22 12.11 -13.99 16.58
CA GLU L 22 12.01 -13.73 18.01
C GLU L 22 10.63 -13.16 18.27
N GLN L 23 9.76 -13.99 18.87
CA GLN L 23 8.39 -13.60 19.17
C GLN L 23 8.35 -12.56 20.29
N THR L 24 7.85 -11.37 19.96
CA THR L 24 7.74 -10.28 20.92
C THR L 24 6.31 -9.75 20.89
N SER L 25 5.96 -9.00 21.94
CA SER L 25 4.60 -8.45 22.04
C SER L 25 4.31 -7.48 20.91
N ARG L 26 5.29 -6.65 20.53
CA ARG L 26 5.07 -5.69 19.46
C ARG L 26 4.79 -6.39 18.14
N GLY L 27 5.53 -7.44 17.82
CA GLY L 27 5.32 -8.17 16.59
C GLY L 27 6.45 -9.17 16.39
N GLU L 28 6.51 -9.70 15.17
CA GLU L 28 7.53 -10.67 14.80
C GLU L 28 8.70 -9.95 14.13
N ARG L 29 9.91 -10.37 14.48
CA ARG L 29 11.14 -9.82 13.94
C ARG L 29 12.07 -10.95 13.55
N SER L 30 12.81 -10.76 12.46
CA SER L 30 13.73 -11.78 11.95
C SER L 30 15.15 -11.40 12.33
N PHE L 31 15.87 -12.37 12.92
CA PHE L 31 17.24 -12.18 13.37
C PHE L 31 18.12 -13.33 12.93
N ASP L 32 19.41 -13.03 12.79
CA ASP L 32 20.38 -14.07 12.48
C ASP L 32 20.70 -14.81 13.78
N ILE L 33 21.23 -16.03 13.64
CA ILE L 33 21.49 -16.85 14.82
C ILE L 33 22.53 -16.19 15.72
N TYR L 34 23.51 -15.50 15.14
CA TYR L 34 24.52 -14.86 15.96
C TYR L 34 23.97 -13.63 16.67
N SER L 35 23.07 -12.90 16.02
CA SER L 35 22.50 -11.70 16.63
C SER L 35 21.51 -12.04 17.74
N ARG L 36 20.81 -13.17 17.62
CA ARG L 36 19.85 -13.56 18.64
C ARG L 36 20.56 -13.82 19.97
N LEU L 37 21.67 -14.54 19.93
CA LEU L 37 22.41 -14.82 21.14
C LEU L 37 23.06 -13.56 21.70
N LEU L 38 23.40 -12.61 20.83
CA LEU L 38 23.99 -11.35 21.28
C LEU L 38 23.01 -10.59 22.17
N LYS L 39 21.71 -10.72 21.90
CA LYS L 39 20.70 -10.06 22.70
C LYS L 39 20.71 -10.56 24.15
N GLU L 40 21.19 -11.78 24.37
CA GLU L 40 21.25 -12.40 25.69
C GLU L 40 22.64 -12.29 26.32
N ARG L 41 23.46 -11.33 25.85
CA ARG L 41 24.80 -11.12 26.39
C ARG L 41 25.70 -12.32 26.17
N VAL L 42 25.75 -12.79 24.92
CA VAL L 42 26.57 -13.94 24.51
C VAL L 42 27.36 -13.55 23.27
N ILE L 43 28.68 -13.74 23.33
CA ILE L 43 29.59 -13.43 22.23
C ILE L 43 30.35 -14.69 21.88
N PHE L 44 30.60 -14.90 20.59
CA PHE L 44 31.34 -16.04 20.07
C PHE L 44 32.70 -15.61 19.56
N LEU L 45 33.74 -16.32 19.98
CA LEU L 45 35.12 -16.08 19.53
C LEU L 45 35.52 -17.35 18.77
N THR L 46 35.47 -17.28 17.44
CA THR L 46 35.78 -18.40 16.58
C THR L 46 36.94 -18.09 15.65
N GLY L 47 37.75 -19.11 15.38
CA GLY L 47 38.87 -19.00 14.48
C GLY L 47 40.05 -18.23 15.05
N GLN L 48 40.96 -17.91 14.14
CA GLN L 48 42.16 -17.17 14.50
C GLN L 48 41.83 -15.75 14.93
N VAL L 49 42.60 -15.26 15.90
CA VAL L 49 42.42 -13.91 16.43
C VAL L 49 43.22 -12.96 15.55
N GLU L 50 42.51 -12.06 14.87
CA GLU L 50 43.11 -11.08 13.97
C GLU L 50 42.56 -9.70 14.30
N ASP L 51 43.03 -8.70 13.55
CA ASP L 51 42.62 -7.32 13.81
C ASP L 51 41.15 -7.09 13.47
N HIS L 52 40.63 -7.73 12.44
CA HIS L 52 39.24 -7.54 12.07
C HIS L 52 38.31 -8.29 13.02
N MET L 53 38.61 -9.55 13.30
CA MET L 53 37.77 -10.33 14.20
C MET L 53 37.83 -9.80 15.63
N ALA L 54 38.99 -9.30 16.05
CA ALA L 54 39.11 -8.78 17.41
C ALA L 54 38.35 -7.46 17.55
N ASN L 55 38.42 -6.59 16.56
CA ASN L 55 37.72 -5.32 16.63
C ASN L 55 36.21 -5.50 16.60
N LEU L 56 35.72 -6.64 16.10
CA LEU L 56 34.29 -6.88 16.05
C LEU L 56 33.75 -7.28 17.42
N ILE L 57 34.52 -8.08 18.16
CA ILE L 57 34.10 -8.51 19.49
C ILE L 57 34.10 -7.34 20.45
N VAL L 58 35.02 -6.40 20.27
CA VAL L 58 35.09 -5.24 21.17
C VAL L 58 33.82 -4.42 21.07
N ALA L 59 33.29 -4.25 19.86
CA ALA L 59 32.05 -3.48 19.69
C ALA L 59 30.89 -4.18 20.37
N GLN L 60 30.90 -5.50 20.42
CA GLN L 60 29.81 -6.23 21.07
C GLN L 60 29.83 -6.00 22.57
N MET L 61 31.01 -6.05 23.18
CA MET L 61 31.11 -5.85 24.63
C MET L 61 30.66 -4.45 25.02
N LEU L 62 31.10 -3.44 24.27
CA LEU L 62 30.71 -2.06 24.57
C LEU L 62 29.21 -1.88 24.43
N PHE L 63 28.61 -2.50 23.41
CA PHE L 63 27.17 -2.38 23.21
C PHE L 63 26.41 -2.98 24.37
N LEU L 64 26.89 -4.11 24.91
CA LEU L 64 26.21 -4.74 26.02
C LEU L 64 26.40 -3.96 27.32
N GLU L 65 27.55 -3.29 27.46
CA GLU L 65 27.80 -2.50 28.65
C GLU L 65 26.77 -1.39 28.80
N ALA L 66 26.47 -0.68 27.70
CA ALA L 66 25.51 0.41 27.75
C ALA L 66 24.10 -0.10 27.98
N GLU L 67 23.74 -1.24 27.38
CA GLU L 67 22.40 -1.77 27.55
C GLU L 67 22.15 -2.17 29.00
N ASN L 68 23.11 -2.86 29.61
CA ASN L 68 22.99 -3.25 31.01
C ASN L 68 24.38 -3.41 31.63
N PRO L 69 24.79 -2.58 32.59
CA PRO L 69 26.11 -2.77 33.20
C PRO L 69 26.16 -3.72 34.39
N GLU L 70 25.02 -4.29 34.78
CA GLU L 70 24.95 -5.19 35.94
C GLU L 70 24.67 -6.65 35.59
N LYS L 71 24.54 -6.99 34.31
CA LYS L 71 24.26 -8.37 33.90
C LYS L 71 25.54 -9.02 33.37
N ASP L 72 25.74 -10.29 33.75
CA ASP L 72 26.92 -11.02 33.33
C ASP L 72 26.92 -11.29 31.83
N ILE L 73 28.11 -11.21 31.25
CA ILE L 73 28.35 -11.48 29.84
C ILE L 73 28.99 -12.86 29.73
N TYR L 74 28.64 -13.60 28.68
CA TYR L 74 29.18 -14.94 28.46
C TYR L 74 29.97 -14.94 27.16
N LEU L 75 31.21 -15.43 27.24
CA LEU L 75 32.13 -15.49 26.11
C LEU L 75 32.53 -16.94 25.84
N TYR L 76 32.09 -17.50 24.72
CA TYR L 76 32.46 -18.85 24.35
C TYR L 76 33.66 -18.75 23.42
N ILE L 77 34.73 -19.45 23.75
CA ILE L 77 35.99 -19.40 23.00
C ILE L 77 36.31 -20.76 22.41
N ASN L 78 36.49 -20.78 21.08
CA ASN L 78 36.94 -21.97 20.35
C ASN L 78 37.88 -21.39 19.30
N SER L 79 39.18 -21.37 19.61
CA SER L 79 40.16 -20.77 18.70
C SER L 79 41.57 -21.34 18.83
N PRO L 80 42.30 -21.54 17.74
CA PRO L 80 43.69 -22.00 17.85
C PRO L 80 44.70 -20.89 18.09
N GLY L 81 44.24 -19.69 18.44
CA GLY L 81 45.08 -18.55 18.69
C GLY L 81 45.38 -17.75 17.44
N GLY L 82 46.26 -16.77 17.59
CA GLY L 82 46.62 -15.91 16.49
C GLY L 82 47.54 -14.76 16.87
N VAL L 83 47.24 -13.57 16.36
CA VAL L 83 48.06 -12.39 16.66
C VAL L 83 47.90 -12.00 18.11
N ILE L 84 48.99 -11.55 18.72
CA ILE L 84 48.98 -11.16 20.12
C ILE L 84 48.32 -9.79 20.31
N THR L 85 48.74 -8.81 19.51
CA THR L 85 48.20 -7.45 19.65
C THR L 85 46.68 -7.42 19.47
N ALA L 86 46.14 -8.29 18.61
CA ALA L 86 44.71 -8.33 18.42
C ALA L 86 44.00 -8.88 19.66
N GLY L 87 44.65 -9.83 20.34
CA GLY L 87 44.06 -10.42 21.54
C GLY L 87 44.13 -9.56 22.77
N MET L 88 45.20 -8.76 22.90
CA MET L 88 45.34 -7.92 24.10
C MET L 88 44.31 -6.81 24.14
N SER L 89 43.75 -6.42 22.99
CA SER L 89 42.72 -5.40 22.99
C SER L 89 41.45 -5.90 23.68
N ILE L 90 41.18 -7.21 23.57
CA ILE L 90 40.01 -7.80 24.19
C ILE L 90 40.23 -7.93 25.70
N TYR L 91 41.44 -8.32 26.10
CA TYR L 91 41.73 -8.50 27.52
C TYR L 91 41.59 -7.20 28.30
N ASP L 92 42.15 -6.11 27.77
CA ASP L 92 42.06 -4.84 28.47
C ASP L 92 40.61 -4.36 28.53
N THR L 93 39.82 -4.66 27.51
CA THR L 93 38.42 -4.24 27.49
C THR L 93 37.62 -4.97 28.57
N MET L 94 37.84 -6.28 28.72
CA MET L 94 37.11 -7.05 29.70
C MET L 94 37.37 -6.55 31.12
N GLN L 95 38.61 -6.14 31.39
CA GLN L 95 38.95 -5.63 32.72
C GLN L 95 38.45 -4.21 32.93
N PHE L 96 38.37 -3.42 31.86
CA PHE L 96 37.92 -2.04 31.99
C PHE L 96 36.43 -1.97 32.34
N ILE L 97 35.59 -2.67 31.59
CA ILE L 97 34.15 -2.62 31.84
C ILE L 97 33.82 -3.25 33.18
N LYS L 98 32.73 -2.76 33.78
CA LYS L 98 32.22 -3.21 35.07
C LYS L 98 31.63 -4.62 35.05
N PRO L 99 30.85 -5.01 34.04
CA PRO L 99 30.27 -6.37 34.04
C PRO L 99 31.32 -7.47 34.07
N ASP L 100 30.94 -8.58 34.69
CA ASP L 100 31.82 -9.74 34.82
C ASP L 100 31.72 -10.56 33.54
N VAL L 101 32.84 -10.68 32.82
CA VAL L 101 32.88 -11.40 31.55
C VAL L 101 33.16 -12.86 31.84
N SER L 102 32.11 -13.69 31.77
CA SER L 102 32.27 -15.12 31.96
C SER L 102 32.86 -15.73 30.70
N THR L 103 33.82 -16.65 30.88
CA THR L 103 34.49 -17.30 29.77
C THR L 103 34.27 -18.80 29.82
N ILE L 104 34.12 -19.40 28.64
CA ILE L 104 33.93 -20.84 28.49
C ILE L 104 34.82 -21.31 27.35
N CYS L 105 35.45 -22.47 27.53
CA CYS L 105 36.34 -23.05 26.54
C CYS L 105 35.63 -24.21 25.85
N MET L 106 35.49 -24.10 24.53
CA MET L 106 34.85 -25.12 23.71
C MET L 106 35.83 -25.60 22.65
N GLY L 107 36.12 -26.90 22.66
CA GLY L 107 37.03 -27.49 21.68
C GLY L 107 38.50 -27.31 21.99
N GLN L 108 39.01 -26.09 21.88
CA GLN L 108 40.43 -25.86 22.13
C GLN L 108 40.66 -24.39 22.49
N ALA L 109 41.74 -24.15 23.23
CA ALA L 109 42.13 -22.82 23.68
C ALA L 109 43.66 -22.75 23.63
N ALA L 110 44.19 -22.09 22.61
CA ALA L 110 45.63 -21.97 22.44
C ALA L 110 46.17 -20.87 23.35
N SER L 111 47.46 -20.53 23.14
CA SER L 111 48.17 -19.50 23.91
C SER L 111 47.35 -18.24 24.16
N MET L 112 46.87 -17.60 23.08
CA MET L 112 46.10 -16.38 23.26
C MET L 112 44.68 -16.69 23.68
N GLY L 113 44.11 -17.81 23.20
CA GLY L 113 42.78 -18.17 23.64
C GLY L 113 42.75 -18.50 25.11
N ALA L 114 43.86 -19.04 25.63
CA ALA L 114 43.97 -19.37 27.04
C ALA L 114 44.11 -18.12 27.90
N PHE L 115 44.79 -17.09 27.37
CA PHE L 115 44.97 -15.87 28.15
C PHE L 115 43.66 -15.14 28.36
N LEU L 116 42.78 -15.14 27.34
CA LEU L 116 41.48 -14.52 27.50
C LEU L 116 40.56 -15.38 28.35
N LEU L 117 40.80 -16.70 28.37
CA LEU L 117 40.00 -17.59 29.17
C LEU L 117 40.20 -17.34 30.66
N THR L 118 41.47 -17.35 31.09
CA THR L 118 41.79 -17.09 32.49
C THR L 118 41.54 -15.65 32.89
N ALA L 119 41.49 -14.73 31.91
CA ALA L 119 41.25 -13.33 32.23
C ALA L 119 39.81 -13.03 32.60
N GLY L 120 38.91 -14.00 32.52
CA GLY L 120 37.54 -13.78 32.90
C GLY L 120 37.40 -13.48 34.37
N ALA L 121 36.18 -13.17 34.77
CA ALA L 121 35.91 -12.85 36.17
C ALA L 121 36.15 -14.08 37.03
N LYS L 122 36.78 -13.86 38.20
CA LYS L 122 37.06 -14.95 39.12
C LYS L 122 35.77 -15.58 39.60
N GLY L 123 35.70 -16.90 39.57
CA GLY L 123 34.52 -17.62 39.99
C GLY L 123 33.51 -17.87 38.89
N LYS L 124 33.69 -17.28 37.71
CA LYS L 124 32.78 -17.41 36.58
C LYS L 124 33.52 -17.90 35.34
N ARG L 125 34.52 -18.75 35.55
CA ARG L 125 35.31 -19.35 34.48
C ARG L 125 35.05 -20.85 34.47
N PHE L 126 34.71 -21.38 33.29
CA PHE L 126 34.41 -22.80 33.17
C PHE L 126 35.11 -23.37 31.94
N CYS L 127 35.26 -24.70 31.97
CA CYS L 127 35.89 -25.47 30.90
C CYS L 127 35.08 -26.74 30.73
N LEU L 128 34.84 -27.12 29.48
CA LEU L 128 34.04 -28.31 29.22
C LEU L 128 34.81 -29.57 29.61
N PRO L 129 34.09 -30.67 29.92
CA PRO L 129 34.77 -31.90 30.34
C PRO L 129 35.81 -32.42 29.35
N ASN L 130 35.62 -32.19 28.05
CA ASN L 130 36.53 -32.66 27.02
C ASN L 130 37.31 -31.54 26.35
N SER L 131 37.26 -30.32 26.91
CA SER L 131 38.00 -29.22 26.33
C SER L 131 39.50 -29.42 26.56
N ARG L 132 40.30 -28.66 25.82
CA ARG L 132 41.76 -28.74 25.91
C ARG L 132 42.36 -27.35 25.82
N VAL L 133 43.35 -27.10 26.69
CA VAL L 133 44.07 -25.83 26.73
C VAL L 133 45.52 -26.10 26.36
N MET L 134 46.12 -25.16 25.63
CA MET L 134 47.52 -25.24 25.24
C MET L 134 48.16 -23.88 25.46
N ILE L 135 49.37 -23.89 26.02
CA ILE L 135 50.12 -22.68 26.31
C ILE L 135 51.56 -22.84 25.84
N HIS L 136 52.10 -21.78 25.24
CA HIS L 136 53.49 -21.76 24.80
C HIS L 136 53.95 -20.30 24.85
N GLN L 137 55.16 -20.05 24.34
CA GLN L 137 55.72 -18.71 24.37
C GLN L 137 55.36 -17.95 23.10
N PRO L 138 55.47 -16.62 23.10
CA PRO L 138 55.15 -15.86 21.89
C PRO L 138 56.05 -16.24 20.72
N LEU L 139 55.49 -16.18 19.53
CA LEU L 139 56.21 -16.50 18.29
C LEU L 139 56.45 -15.22 17.50
N GLY L 140 57.56 -15.18 16.80
CA GLY L 140 57.89 -14.01 16.01
C GLY L 140 59.00 -14.29 15.03
N GLY L 141 59.58 -13.22 14.52
CA GLY L 141 60.68 -13.30 13.59
C GLY L 141 60.90 -11.97 12.91
N TYR L 142 62.11 -11.80 12.38
CA TYR L 142 62.46 -10.58 11.69
C TYR L 142 63.62 -10.87 10.75
N GLN L 143 63.73 -10.05 9.70
CA GLN L 143 64.80 -10.16 8.72
C GLN L 143 65.32 -8.76 8.45
N GLY L 144 66.62 -8.57 8.63
CA GLY L 144 67.21 -7.26 8.40
C GLY L 144 68.57 -7.18 9.07
N GLN L 145 68.98 -5.95 9.34
CA GLN L 145 70.26 -5.69 9.99
C GLN L 145 70.24 -6.23 11.42
N ALA L 146 71.44 -6.45 11.95
CA ALA L 146 71.56 -6.96 13.31
C ALA L 146 71.02 -5.97 14.33
N THR L 147 71.15 -4.67 14.05
CA THR L 147 70.66 -3.66 14.99
C THR L 147 69.15 -3.73 15.10
N ASP L 148 68.46 -4.01 14.00
CA ASP L 148 67.00 -4.08 14.03
C ASP L 148 66.52 -5.36 14.70
N ILE L 149 67.25 -6.45 14.56
CA ILE L 149 66.85 -7.70 15.18
C ILE L 149 66.90 -7.57 16.70
N GLU L 150 67.89 -6.84 17.21
CA GLU L 150 68.01 -6.64 18.66
C GLU L 150 66.83 -5.86 19.21
N ILE L 151 66.30 -4.91 18.42
CA ILE L 151 65.17 -4.12 18.87
C ILE L 151 63.92 -4.99 18.96
N HIS L 152 63.62 -5.72 17.89
CA HIS L 152 62.45 -6.59 17.89
C HIS L 152 62.59 -7.73 18.88
N ALA L 153 63.83 -8.11 19.21
CA ALA L 153 64.04 -9.17 20.18
C ALA L 153 63.72 -8.67 21.58
N ARG L 154 64.14 -7.45 21.90
CA ARG L 154 63.84 -6.86 23.19
C ARG L 154 62.35 -6.65 23.37
N GLU L 155 61.65 -6.32 22.29
CA GLU L 155 60.22 -6.07 22.37
C GLU L 155 59.45 -7.35 22.65
N ILE L 156 59.74 -8.42 21.90
CA ILE L 156 59.04 -9.67 22.13
C ILE L 156 59.40 -10.26 23.49
N LEU L 157 60.57 -9.92 24.03
CA LEU L 157 60.93 -10.41 25.35
C LEU L 157 60.08 -9.73 26.42
N LYS L 158 59.78 -8.44 26.21
CA LYS L 158 58.92 -7.73 27.16
C LYS L 158 57.52 -8.32 27.15
N VAL L 159 57.01 -8.65 25.97
CA VAL L 159 55.68 -9.24 25.86
C VAL L 159 55.64 -10.58 26.59
N LYS L 160 56.66 -11.42 26.39
CA LYS L 160 56.72 -12.70 27.07
C LYS L 160 56.72 -12.51 28.58
N GLY L 161 57.49 -11.54 29.06
CA GLY L 161 57.50 -11.26 30.49
C GLY L 161 56.17 -10.69 30.96
N ARG L 162 55.58 -9.82 30.14
CA ARG L 162 54.30 -9.22 30.50
C ARG L 162 53.18 -10.25 30.47
N MET L 163 53.20 -11.16 29.49
CA MET L 163 52.17 -12.18 29.41
C MET L 163 52.26 -13.17 30.56
N ASN L 164 53.47 -13.41 31.08
CA ASN L 164 53.63 -14.33 32.19
C ASN L 164 53.19 -13.69 33.51
N GLU L 165 53.43 -12.38 33.66
CA GLU L 165 53.03 -11.68 34.86
C GLU L 165 51.51 -11.70 35.02
N LEU L 166 50.79 -11.43 33.94
CA LEU L 166 49.34 -11.41 34.01
C LEU L 166 48.78 -12.81 34.17
N MET L 167 49.42 -13.81 33.56
CA MET L 167 48.97 -15.19 33.69
C MET L 167 49.02 -15.63 35.15
N ALA L 168 50.07 -15.21 35.86
CA ALA L 168 50.20 -15.56 37.28
C ALA L 168 49.14 -14.86 38.12
N LEU L 169 48.82 -13.61 37.75
CA LEU L 169 47.84 -12.84 38.51
C LEU L 169 46.47 -13.50 38.53
N HIS L 170 46.01 -13.99 37.37
CA HIS L 170 44.69 -14.61 37.32
C HIS L 170 44.73 -16.08 37.72
N THR L 171 45.80 -16.80 37.34
CA THR L 171 45.91 -18.20 37.70
C THR L 171 46.34 -18.40 39.14
N GLY L 172 46.96 -17.39 39.77
CA GLY L 172 47.41 -17.48 41.13
C GLY L 172 48.75 -18.14 41.32
N GLN L 173 49.28 -18.82 40.30
CA GLN L 173 50.58 -19.45 40.41
C GLN L 173 51.67 -18.39 40.53
N SER L 174 52.90 -18.85 40.77
CA SER L 174 54.03 -17.93 40.87
C SER L 174 54.59 -17.63 39.49
N LEU L 175 55.26 -16.49 39.37
CA LEU L 175 55.85 -16.12 38.09
C LEU L 175 56.92 -17.11 37.66
N GLU L 176 57.65 -17.69 38.61
CA GLU L 176 58.70 -18.65 38.27
C GLU L 176 58.10 -19.91 37.64
N GLN L 177 56.93 -20.34 38.13
CA GLN L 177 56.31 -21.55 37.60
C GLN L 177 55.81 -21.34 36.18
N ILE L 178 55.23 -20.18 35.89
CA ILE L 178 54.73 -19.91 34.54
C ILE L 178 55.87 -19.87 33.53
N GLU L 179 57.03 -19.36 33.93
CA GLU L 179 58.16 -19.29 33.02
C GLU L 179 58.64 -20.68 32.62
N ARG L 180 58.68 -21.61 33.57
CA ARG L 180 59.14 -22.96 33.27
C ARG L 180 58.10 -23.74 32.47
N ASP L 181 56.81 -23.55 32.78
CA ASP L 181 55.75 -24.26 32.09
C ASP L 181 55.49 -23.73 30.69
N THR L 182 55.86 -22.48 30.39
CA THR L 182 55.62 -21.87 29.09
C THR L 182 56.84 -21.90 28.19
N GLU L 183 57.93 -22.57 28.58
CA GLU L 183 59.11 -22.65 27.73
C GLU L 183 58.81 -23.42 26.45
N ARG L 184 57.94 -24.42 26.53
CA ARG L 184 57.55 -25.24 25.39
C ARG L 184 56.05 -25.48 25.46
N ASP L 185 55.51 -26.10 24.43
CA ASP L 185 54.08 -26.38 24.40
C ASP L 185 53.71 -27.30 25.56
N ARG L 186 52.63 -26.95 26.25
CA ARG L 186 52.14 -27.70 27.39
C ARG L 186 50.63 -27.83 27.30
N PHE L 187 50.12 -29.05 27.14
CA PHE L 187 48.69 -29.28 27.07
C PHE L 187 48.15 -29.59 28.46
N LEU L 188 46.99 -29.02 28.77
CA LEU L 188 46.35 -29.20 30.06
C LEU L 188 44.92 -29.66 29.85
N SER L 189 44.59 -30.83 30.40
CA SER L 189 43.24 -31.35 30.28
C SER L 189 42.28 -30.49 31.12
N ALA L 190 41.00 -30.77 31.00
CA ALA L 190 40.00 -30.02 31.77
C ALA L 190 40.15 -30.21 33.27
N PRO L 191 40.39 -31.41 33.81
CA PRO L 191 40.57 -31.51 35.27
C PRO L 191 41.81 -30.79 35.76
N GLU L 192 42.92 -30.89 35.02
CA GLU L 192 44.16 -30.25 35.42
C GLU L 192 44.04 -28.73 35.44
N ALA L 193 43.20 -28.17 34.58
CA ALA L 193 43.04 -26.72 34.55
C ALA L 193 42.44 -26.20 35.84
N VAL L 194 41.55 -26.96 36.47
CA VAL L 194 40.95 -26.54 37.73
C VAL L 194 42.01 -26.53 38.82
N GLU L 195 42.81 -27.60 38.90
CA GLU L 195 43.88 -27.69 39.88
C GLU L 195 44.94 -26.61 39.67
N TYR L 196 45.09 -26.13 38.44
CA TYR L 196 46.09 -25.14 38.09
C TYR L 196 45.61 -23.70 38.31
N GLY L 197 44.38 -23.48 38.73
CA GLY L 197 43.89 -22.14 38.93
C GLY L 197 43.46 -21.42 37.67
N LEU L 198 43.54 -22.07 36.51
CA LEU L 198 43.16 -21.44 35.26
C LEU L 198 41.66 -21.23 35.19
N VAL L 199 40.87 -22.18 35.72
CA VAL L 199 39.42 -22.11 35.72
C VAL L 199 38.91 -22.43 37.11
N ASP L 200 37.60 -22.31 37.28
CA ASP L 200 36.94 -22.53 38.57
C ASP L 200 36.22 -23.86 38.67
N SER L 201 35.53 -24.30 37.63
CA SER L 201 34.78 -25.56 37.70
C SER L 201 34.55 -26.06 36.27
N ILE L 202 33.79 -27.15 36.16
CA ILE L 202 33.48 -27.77 34.88
C ILE L 202 31.97 -27.87 34.76
N LEU L 203 31.44 -27.51 33.58
CA LEU L 203 30.01 -27.55 33.31
C LEU L 203 29.66 -28.87 32.62
N THR L 204 29.74 -29.94 33.41
CA THR L 204 29.44 -31.28 32.91
C THR L 204 27.98 -31.38 32.48
N HIS L 205 27.07 -31.15 33.42
CA HIS L 205 25.63 -31.21 33.18
C HIS L 205 24.98 -29.93 33.67
N ARG L 206 23.73 -29.72 33.24
CA ARG L 206 22.96 -28.55 33.61
C ARG L 206 22.12 -28.88 34.84
N ASN L 207 22.42 -28.21 35.94
CA ASN L 207 21.71 -28.41 37.21
C ASN L 207 20.96 -27.15 37.62
N LEU M 16 22.56 -21.20 -4.23
CA LEU M 16 21.21 -20.68 -4.12
C LEU M 16 20.40 -21.50 -3.12
N VAL M 17 19.52 -20.82 -2.38
CA VAL M 17 18.67 -21.44 -1.38
C VAL M 17 17.22 -21.13 -1.73
N PRO M 18 16.33 -22.12 -1.88
CA PRO M 18 14.93 -21.78 -2.20
C PRO M 18 14.23 -21.15 -1.00
N MET M 19 13.27 -20.27 -1.31
CA MET M 19 12.46 -19.59 -0.31
C MET M 19 11.08 -20.25 -0.26
N VAL M 20 10.54 -20.39 0.95
CA VAL M 20 9.23 -20.98 1.17
C VAL M 20 8.37 -20.01 1.97
N ILE M 21 7.06 -20.27 1.93
CA ILE M 21 6.06 -19.47 2.63
C ILE M 21 5.40 -20.33 3.70
N GLU M 22 5.46 -19.87 4.94
CA GLU M 22 4.87 -20.57 6.07
C GLU M 22 3.54 -19.90 6.40
N GLN M 23 2.44 -20.57 6.06
CA GLN M 23 1.10 -20.02 6.28
C GLN M 23 0.77 -19.98 7.76
N THR M 24 0.57 -18.77 8.30
CA THR M 24 0.21 -18.58 9.69
C THR M 24 -1.01 -17.68 9.78
N SER M 25 -1.67 -17.72 10.94
CA SER M 25 -2.86 -16.91 11.15
C SER M 25 -2.54 -15.41 11.10
N ARG M 26 -1.41 -15.01 11.67
CA ARG M 26 -1.06 -13.59 11.68
C ARG M 26 -0.85 -13.07 10.27
N GLY M 27 -0.17 -13.85 9.44
CA GLY M 27 0.05 -13.46 8.06
C GLY M 27 1.04 -14.42 7.42
N GLU M 28 1.51 -14.02 6.25
CA GLU M 28 2.46 -14.81 5.48
C GLU M 28 3.88 -14.33 5.76
N ARG M 29 4.80 -15.29 5.89
CA ARG M 29 6.20 -15.02 6.15
C ARG M 29 7.06 -15.87 5.22
N SER M 30 8.18 -15.29 4.77
CA SER M 30 9.09 -15.95 3.85
C SER M 30 10.30 -16.46 4.62
N PHE M 31 10.64 -17.73 4.42
CA PHE M 31 11.76 -18.37 5.09
C PHE M 31 12.61 -19.16 4.11
N ASP M 32 13.88 -19.29 4.44
CA ASP M 32 14.76 -20.15 3.67
C ASP M 32 14.50 -21.59 4.10
N ILE M 33 14.89 -22.54 3.24
CA ILE M 33 14.63 -23.94 3.56
C ILE M 33 15.36 -24.38 4.83
N TYR M 34 16.56 -23.85 5.06
CA TYR M 34 17.29 -24.26 6.26
C TYR M 34 16.70 -23.63 7.51
N SER M 35 16.19 -22.41 7.42
CA SER M 35 15.62 -21.75 8.59
C SER M 35 14.27 -22.33 8.97
N ARG M 36 13.51 -22.82 7.99
CA ARG M 36 12.20 -23.40 8.28
C ARG M 36 12.34 -24.63 9.16
N LEU M 37 13.30 -25.51 8.84
CA LEU M 37 13.50 -26.71 9.63
C LEU M 37 14.07 -26.38 11.00
N LEU M 38 14.82 -25.28 11.11
CA LEU M 38 15.35 -24.88 12.41
C LEU M 38 14.23 -24.56 13.39
N LYS M 39 13.11 -24.03 12.88
CA LYS M 39 11.97 -23.71 13.72
C LYS M 39 11.39 -24.95 14.37
N GLU M 40 11.57 -26.13 13.74
CA GLU M 40 11.06 -27.39 14.25
C GLU M 40 12.11 -28.20 14.99
N ARG M 41 13.17 -27.55 15.48
CA ARG M 41 14.24 -28.20 16.24
C ARG M 41 14.97 -29.22 15.38
N VAL M 42 15.39 -28.79 14.20
CA VAL M 42 16.12 -29.62 13.25
C VAL M 42 17.36 -28.86 12.79
N ILE M 43 18.53 -29.49 12.92
CA ILE M 43 19.80 -28.89 12.53
C ILE M 43 20.47 -29.80 11.51
N PHE M 44 21.15 -29.21 10.53
CA PHE M 44 21.84 -29.92 9.47
C PHE M 44 23.34 -29.81 9.64
N LEU M 45 24.03 -30.94 9.57
CA LEU M 45 25.49 -31.03 9.65
C LEU M 45 25.95 -31.52 8.29
N THR M 46 26.42 -30.61 7.45
CA THR M 46 26.86 -30.91 6.10
C THR M 46 28.32 -30.52 5.90
N GLY M 47 29.02 -31.32 5.10
CA GLY M 47 30.40 -31.09 4.76
C GLY M 47 31.39 -31.38 5.89
N GLN M 48 32.61 -30.92 5.67
CA GLN M 48 33.69 -31.12 6.63
C GLN M 48 33.42 -30.34 7.91
N VAL M 49 33.84 -30.94 9.02
CA VAL M 49 33.69 -30.33 10.34
C VAL M 49 34.89 -29.43 10.59
N GLU M 50 34.62 -28.14 10.70
CA GLU M 50 35.65 -27.12 10.93
C GLU M 50 35.21 -26.23 12.08
N ASP M 51 36.06 -25.26 12.41
CA ASP M 51 35.77 -24.36 13.53
C ASP M 51 34.59 -23.44 13.23
N HIS M 52 34.44 -23.00 11.98
CA HIS M 52 33.33 -22.11 11.64
C HIS M 52 32.02 -22.89 11.54
N MET M 53 32.02 -24.03 10.85
CA MET M 53 30.81 -24.82 10.72
C MET M 53 30.38 -25.41 12.05
N ALA M 54 31.34 -25.78 12.90
CA ALA M 54 30.99 -26.33 14.20
C ALA M 54 30.41 -25.28 15.13
N ASN M 55 30.99 -24.07 15.11
CA ASN M 55 30.49 -23.01 15.96
C ASN M 55 29.10 -22.54 15.56
N LEU M 56 28.70 -22.80 14.31
CA LEU M 56 27.37 -22.40 13.87
C LEU M 56 26.29 -23.33 14.42
N ILE M 57 26.59 -24.63 14.48
CA ILE M 57 25.62 -25.59 15.00
C ILE M 57 25.43 -25.39 16.50
N VAL M 58 26.49 -24.98 17.21
CA VAL M 58 26.40 -24.76 18.65
C VAL M 58 25.39 -23.64 18.95
N ALA M 59 25.42 -22.58 18.16
CA ALA M 59 24.48 -21.48 18.38
C ALA M 59 23.04 -21.92 18.13
N GLN M 60 22.84 -22.87 17.21
CA GLN M 60 21.50 -23.35 16.93
C GLN M 60 20.96 -24.16 18.10
N MET M 61 21.79 -25.02 18.69
CA MET M 61 21.35 -25.82 19.83
C MET M 61 20.99 -24.94 21.01
N LEU M 62 21.83 -23.95 21.31
CA LEU M 62 21.56 -23.06 22.44
C LEU M 62 20.27 -22.27 22.22
N PHE M 63 20.02 -21.84 20.99
CA PHE M 63 18.79 -21.09 20.71
C PHE M 63 17.57 -21.94 20.98
N LEU M 64 17.62 -23.23 20.63
CA LEU M 64 16.47 -24.10 20.87
C LEU M 64 16.33 -24.41 22.37
N GLU M 65 17.44 -24.45 23.09
CA GLU M 65 17.39 -24.72 24.53
C GLU M 65 16.59 -23.64 25.25
N ALA M 66 16.85 -22.38 24.92
CA ALA M 66 16.14 -21.28 25.57
C ALA M 66 14.67 -21.26 25.20
N GLU M 67 14.35 -21.54 23.93
CA GLU M 67 12.95 -21.52 23.51
C GLU M 67 12.15 -22.61 24.21
N ASN M 68 12.69 -23.83 24.24
CA ASN M 68 12.04 -24.94 24.92
C ASN M 68 13.07 -25.97 25.36
N PRO M 69 13.29 -26.19 26.66
CA PRO M 69 14.26 -27.19 27.09
C PRO M 69 13.72 -28.61 27.22
N GLU M 70 12.44 -28.84 26.92
CA GLU M 70 11.82 -30.15 27.07
C GLU M 70 11.46 -30.84 25.76
N LYS M 71 11.76 -30.24 24.61
CA LYS M 71 11.44 -30.85 23.32
C LYS M 71 12.69 -31.44 22.69
N ASP M 72 12.53 -32.63 22.11
CA ASP M 72 13.65 -33.33 21.48
C ASP M 72 14.15 -32.59 20.24
N ILE M 73 15.47 -32.62 20.07
CA ILE M 73 16.16 -32.02 18.94
C ILE M 73 16.59 -33.12 17.98
N TYR M 74 16.53 -32.84 16.67
CA TYR M 74 16.93 -33.80 15.66
C TYR M 74 18.13 -33.24 14.91
N LEU M 75 19.18 -34.05 14.80
CA LEU M 75 20.43 -33.68 14.13
C LEU M 75 20.69 -34.65 12.98
N TYR M 76 20.60 -34.16 11.75
CA TYR M 76 20.89 -34.98 10.58
C TYR M 76 22.34 -34.74 10.20
N ILE M 77 23.11 -35.83 10.09
CA ILE M 77 24.55 -35.75 9.82
C ILE M 77 24.86 -36.42 8.49
N ASN M 78 25.52 -35.66 7.60
CA ASN M 78 26.02 -36.16 6.32
C ASN M 78 27.36 -35.43 6.20
N SER M 79 28.44 -36.08 6.63
CA SER M 79 29.76 -35.45 6.62
C SER M 79 30.90 -36.45 6.51
N PRO M 80 31.97 -36.14 5.77
CA PRO M 80 33.13 -37.05 5.72
C PRO M 80 34.12 -36.84 6.86
N GLY M 81 33.73 -36.10 7.89
CA GLY M 81 34.57 -35.82 9.04
C GLY M 81 35.45 -34.60 8.84
N GLY M 82 36.33 -34.39 9.81
CA GLY M 82 37.22 -33.25 9.77
C GLY M 82 38.07 -33.11 11.03
N VAL M 83 38.19 -31.87 11.51
CA VAL M 83 38.98 -31.60 12.70
C VAL M 83 38.29 -32.20 13.92
N ILE M 84 39.09 -32.72 14.85
CA ILE M 84 38.57 -33.35 16.05
C ILE M 84 38.11 -32.30 17.06
N THR M 85 38.95 -31.29 17.32
CA THR M 85 38.60 -30.26 18.30
C THR M 85 37.32 -29.54 17.92
N ALA M 86 37.06 -29.36 16.63
CA ALA M 86 35.83 -28.71 16.21
C ALA M 86 34.62 -29.58 16.51
N GLY M 87 34.78 -30.90 16.40
CA GLY M 87 33.68 -31.81 16.65
C GLY M 87 33.38 -32.02 18.12
N MET M 88 34.41 -31.98 18.98
CA MET M 88 34.20 -32.21 20.40
C MET M 88 33.40 -31.08 21.05
N SER M 89 33.41 -29.89 20.46
CA SER M 89 32.63 -28.79 21.02
C SER M 89 31.14 -29.09 20.91
N ILE M 90 30.74 -29.79 19.85
CA ILE M 90 29.34 -30.15 19.65
C ILE M 90 28.94 -31.27 20.60
N TYR M 91 29.83 -32.26 20.78
CA TYR M 91 29.53 -33.39 21.64
C TYR M 91 29.30 -32.94 23.08
N ASP M 92 30.19 -32.10 23.60
CA ASP M 92 30.04 -31.62 24.97
C ASP M 92 28.78 -30.79 25.12
N THR M 93 28.41 -30.05 24.07
CA THR M 93 27.20 -29.24 24.13
C THR M 93 25.95 -30.11 24.21
N MET M 94 25.91 -31.17 23.40
CA MET M 94 24.75 -32.06 23.41
C MET M 94 24.55 -32.71 24.77
N GLN M 95 25.64 -33.05 25.46
CA GLN M 95 25.53 -33.67 26.77
C GLN M 95 25.20 -32.66 27.85
N PHE M 96 25.65 -31.42 27.70
CA PHE M 96 25.39 -30.39 28.70
C PHE M 96 23.92 -30.00 28.74
N ILE M 97 23.34 -29.69 27.57
CA ILE M 97 21.95 -29.27 27.52
C ILE M 97 21.03 -30.42 27.91
N LYS M 98 19.88 -30.07 28.47
CA LYS M 98 18.86 -31.01 28.92
C LYS M 98 18.12 -31.76 27.81
N PRO M 99 17.73 -31.10 26.70
CA PRO M 99 16.99 -31.83 25.65
C PRO M 99 17.79 -32.99 25.07
N ASP M 100 17.05 -34.02 24.65
CA ASP M 100 17.64 -35.21 24.05
C ASP M 100 17.90 -34.93 22.58
N VAL M 101 19.18 -34.95 22.19
CA VAL M 101 19.57 -34.67 20.82
C VAL M 101 19.50 -35.97 20.02
N SER M 102 18.46 -36.11 19.21
CA SER M 102 18.32 -37.27 18.36
C SER M 102 19.24 -37.10 17.15
N THR M 103 19.93 -38.17 16.78
CA THR M 103 20.87 -38.16 15.66
C THR M 103 20.44 -39.13 14.58
N ILE M 104 20.64 -38.73 13.33
CA ILE M 104 20.32 -39.53 12.15
C ILE M 104 21.50 -39.44 11.19
N CYS M 105 21.86 -40.57 10.58
CA CYS M 105 22.96 -40.64 9.63
C CYS M 105 22.41 -40.72 8.21
N MET M 106 22.78 -39.74 7.39
CA MET M 106 22.36 -39.66 5.99
C MET M 106 23.60 -39.65 5.11
N GLY M 107 23.69 -40.64 4.21
CA GLY M 107 24.82 -40.72 3.31
C GLY M 107 26.08 -41.34 3.88
N GLN M 108 26.76 -40.63 4.78
CA GLN M 108 27.99 -41.17 5.35
C GLN M 108 28.26 -40.52 6.70
N ALA M 109 29.02 -41.24 7.52
CA ALA M 109 29.39 -40.80 8.87
C ALA M 109 30.82 -41.28 9.12
N ALA M 110 31.77 -40.37 9.03
CA ALA M 110 33.18 -40.69 9.22
C ALA M 110 33.50 -40.76 10.71
N SER M 111 34.80 -40.86 11.03
CA SER M 111 35.30 -40.95 12.40
C SER M 111 34.63 -39.98 13.37
N MET M 112 34.68 -38.68 13.05
CA MET M 112 34.06 -37.71 13.95
C MET M 112 32.55 -37.66 13.77
N GLY M 113 32.07 -37.88 12.55
CA GLY M 113 30.63 -37.92 12.35
C GLY M 113 30.00 -39.10 13.06
N ALA M 114 30.75 -40.19 13.18
CA ALA M 114 30.26 -41.37 13.89
C ALA M 114 30.25 -41.16 15.39
N PHE M 115 31.20 -40.38 15.91
CA PHE M 115 31.26 -40.15 17.35
C PHE M 115 30.08 -39.30 17.81
N LEU M 116 29.67 -38.32 17.01
CA LEU M 116 28.52 -37.52 17.38
C LEU M 116 27.23 -38.29 17.17
N LEU M 117 27.23 -39.26 16.26
CA LEU M 117 26.04 -40.06 16.02
C LEU M 117 25.71 -40.93 17.23
N THR M 118 26.69 -41.72 17.69
CA THR M 118 26.48 -42.57 18.85
C THR M 118 26.33 -41.78 20.15
N ALA M 119 26.82 -40.53 20.18
CA ALA M 119 26.72 -39.72 21.39
C ALA M 119 25.31 -39.18 21.63
N GLY M 120 24.38 -39.41 20.71
CA GLY M 120 23.02 -38.95 20.88
C GLY M 120 22.34 -39.65 22.04
N ALA M 121 21.13 -39.21 22.33
CA ALA M 121 20.36 -39.80 23.41
C ALA M 121 20.04 -41.26 23.10
N LYS M 122 20.15 -42.10 24.13
CA LYS M 122 19.89 -43.52 23.97
C LYS M 122 18.43 -43.74 23.59
N GLY M 123 18.20 -44.59 22.59
CA GLY M 123 16.87 -44.87 22.12
C GLY M 123 16.35 -43.95 21.04
N LYS M 124 17.06 -42.87 20.73
CA LYS M 124 16.66 -41.90 19.71
C LYS M 124 17.75 -41.72 18.66
N ARG M 125 18.46 -42.81 18.35
CA ARG M 125 19.52 -42.82 17.35
C ARG M 125 19.07 -43.73 16.21
N PHE M 126 19.16 -43.23 14.98
CA PHE M 126 18.74 -43.99 13.80
C PHE M 126 19.77 -43.86 12.70
N CYS M 127 19.73 -44.83 11.79
CA CYS M 127 20.60 -44.90 10.62
C CYS M 127 19.75 -45.36 9.44
N LEU M 128 19.96 -44.73 8.29
CA LEU M 128 19.17 -45.08 7.12
C LEU M 128 19.56 -46.47 6.60
N PRO M 129 18.65 -47.16 5.90
CA PRO M 129 18.96 -48.52 5.41
C PRO M 129 20.22 -48.61 4.55
N ASN M 130 20.55 -47.56 3.81
CA ASN M 130 21.73 -47.58 2.93
C ASN M 130 22.84 -46.65 3.42
N SER M 131 22.74 -46.14 4.65
CA SER M 131 23.78 -45.29 5.17
C SER M 131 25.03 -46.13 5.47
N ARG M 132 26.16 -45.43 5.65
CA ARG M 132 27.42 -46.10 5.93
C ARG M 132 28.21 -45.32 6.96
N VAL M 133 28.80 -46.05 7.91
CA VAL M 133 29.61 -45.47 8.97
C VAL M 133 31.03 -45.96 8.81
N MET M 134 32.00 -45.09 9.10
CA MET M 134 33.41 -45.43 9.03
C MET M 134 34.09 -44.88 10.28
N ILE M 135 34.97 -45.68 10.88
CA ILE M 135 35.70 -45.30 12.08
C ILE M 135 37.17 -45.67 11.92
N HIS M 136 38.04 -44.77 12.37
CA HIS M 136 39.48 -45.02 12.33
C HIS M 136 40.10 -44.24 13.49
N GLN M 137 41.44 -44.23 13.55
CA GLN M 137 42.12 -43.54 14.64
C GLN M 137 42.41 -42.09 14.26
N PRO M 138 42.70 -41.22 15.24
CA PRO M 138 43.00 -39.83 14.90
C PRO M 138 44.22 -39.72 14.01
N LEU M 139 44.19 -38.72 13.13
CA LEU M 139 45.29 -38.43 12.21
C LEU M 139 45.96 -37.13 12.63
N GLY M 140 47.27 -37.07 12.41
CA GLY M 140 48.01 -35.88 12.77
C GLY M 140 49.37 -35.85 12.12
N GLY M 141 50.22 -35.00 12.67
CA GLY M 141 51.58 -34.84 12.19
C GLY M 141 52.19 -33.58 12.73
N TYR M 142 53.52 -33.56 12.73
CA TYR M 142 54.26 -32.40 13.23
C TYR M 142 55.64 -32.40 12.61
N GLN M 143 56.23 -31.20 12.53
CA GLN M 143 57.58 -31.03 12.00
C GLN M 143 58.31 -30.08 12.95
N GLY M 144 59.46 -30.52 13.45
CA GLY M 144 60.23 -29.70 14.36
C GLY M 144 61.25 -30.56 15.10
N GLN M 145 61.65 -30.05 16.26
CA GLN M 145 62.60 -30.75 17.10
C GLN M 145 61.99 -32.04 17.65
N ALA M 146 62.86 -32.97 18.06
CA ALA M 146 62.40 -34.23 18.60
C ALA M 146 61.63 -34.03 19.91
N THR M 147 62.02 -33.02 20.70
CA THR M 147 61.33 -32.76 21.97
C THR M 147 59.89 -32.34 21.73
N ASP M 148 59.64 -31.57 20.66
CA ASP M 148 58.28 -31.14 20.38
C ASP M 148 57.44 -32.26 19.80
N ILE M 149 58.04 -33.17 19.04
CA ILE M 149 57.29 -34.28 18.48
C ILE M 149 56.78 -35.19 19.60
N GLU M 150 57.58 -35.37 20.64
CA GLU M 150 57.17 -36.20 21.77
C GLU M 150 55.98 -35.60 22.49
N ILE M 151 55.91 -34.27 22.57
CA ILE M 151 54.81 -33.60 23.24
C ILE M 151 53.52 -33.79 22.44
N HIS M 152 53.56 -33.50 21.14
CA HIS M 152 52.36 -33.65 20.31
C HIS M 152 51.96 -35.11 20.18
N ALA M 153 52.91 -36.04 20.34
CA ALA M 153 52.56 -37.46 20.25
C ALA M 153 51.81 -37.89 21.50
N ARG M 154 52.23 -37.43 22.67
CA ARG M 154 51.54 -37.76 23.91
C ARG M 154 50.13 -37.18 23.93
N GLU M 155 49.95 -36.00 23.34
CA GLU M 155 48.63 -35.36 23.33
C GLU M 155 47.66 -36.13 22.45
N ILE M 156 48.07 -36.46 21.23
CA ILE M 156 47.17 -37.19 20.33
C ILE M 156 46.89 -38.58 20.88
N LEU M 157 47.80 -39.14 21.68
CA LEU M 157 47.54 -40.45 22.26
C LEU M 157 46.45 -40.36 23.32
N LYS M 158 46.43 -39.28 24.08
CA LYS M 158 45.40 -39.09 25.09
C LYS M 158 44.04 -38.94 24.43
N VAL M 159 43.97 -38.20 23.32
CA VAL M 159 42.71 -38.03 22.61
C VAL M 159 42.20 -39.36 22.09
N LYS M 160 43.10 -40.16 21.51
CA LYS M 160 42.71 -41.48 21.02
C LYS M 160 42.16 -42.33 22.15
N GLY M 161 42.82 -42.30 23.30
CA GLY M 161 42.32 -43.05 24.45
C GLY M 161 41.01 -42.49 24.96
N ARG M 162 40.89 -41.16 24.97
CA ARG M 162 39.66 -40.53 25.44
C ARG M 162 38.51 -40.78 24.48
N MET M 163 38.79 -40.76 23.17
CA MET M 163 37.73 -41.00 22.20
C MET M 163 37.25 -42.44 22.24
N ASN M 164 38.13 -43.37 22.62
CA ASN M 164 37.72 -44.77 22.71
C ASN M 164 36.91 -45.02 23.97
N GLU M 165 37.24 -44.33 25.06
CA GLU M 165 36.50 -44.49 26.31
C GLU M 165 35.06 -44.06 26.14
N LEU M 166 34.83 -42.91 25.50
CA LEU M 166 33.46 -42.43 25.31
C LEU M 166 32.72 -43.28 24.30
N MET M 167 33.41 -43.78 23.27
CA MET M 167 32.77 -44.64 22.28
C MET M 167 32.24 -45.90 22.94
N ALA M 168 32.98 -46.45 23.89
CA ALA M 168 32.55 -47.65 24.60
C ALA M 168 31.36 -47.34 25.50
N LEU M 169 31.35 -46.15 26.11
CA LEU M 169 30.28 -45.76 27.02
C LEU M 169 28.93 -45.74 26.32
N HIS M 170 28.87 -45.16 25.11
CA HIS M 170 27.59 -45.07 24.40
C HIS M 170 27.30 -46.34 23.61
N THR M 171 28.32 -46.96 23.02
CA THR M 171 28.11 -48.19 22.26
C THR M 171 27.92 -49.41 23.15
N GLY M 172 28.39 -49.34 24.41
CA GLY M 172 28.28 -50.45 25.34
C GLY M 172 29.37 -51.49 25.20
N GLN M 173 30.15 -51.48 24.13
CA GLN M 173 31.23 -52.42 23.96
C GLN M 173 32.32 -52.16 25.00
N SER M 174 33.31 -53.06 25.03
CA SER M 174 34.42 -52.90 25.96
C SER M 174 35.47 -51.99 25.36
N LEU M 175 36.29 -51.38 26.22
CA LEU M 175 37.35 -50.50 25.74
C LEU M 175 38.37 -51.27 24.91
N GLU M 176 38.62 -52.53 25.26
CA GLU M 176 39.57 -53.34 24.50
C GLU M 176 39.08 -53.57 23.08
N GLN M 177 37.76 -53.76 22.91
CA GLN M 177 37.21 -54.01 21.58
C GLN M 177 37.31 -52.78 20.70
N ILE M 178 37.04 -51.60 21.26
CA ILE M 178 37.12 -50.37 20.48
C ILE M 178 38.54 -50.11 20.02
N GLU M 179 39.53 -50.45 20.85
CA GLU M 179 40.92 -50.23 20.49
C GLU M 179 41.32 -51.07 19.28
N ARG M 180 40.87 -52.33 19.24
CA ARG M 180 41.22 -53.21 18.13
C ARG M 180 40.48 -52.82 16.86
N ASP M 181 39.21 -52.43 16.98
CA ASP M 181 38.41 -52.08 15.81
C ASP M 181 38.77 -50.73 15.22
N THR M 182 39.39 -49.83 15.99
CA THR M 182 39.75 -48.50 15.52
C THR M 182 41.21 -48.40 15.09
N GLU M 183 41.95 -49.51 15.07
CA GLU M 183 43.35 -49.44 14.65
C GLU M 183 43.47 -49.03 13.18
N ARG M 184 42.51 -49.43 12.36
CA ARG M 184 42.48 -49.12 10.94
C ARG M 184 41.05 -48.78 10.55
N ASP M 185 40.87 -48.32 9.31
CA ASP M 185 39.54 -47.97 8.84
C ASP M 185 38.64 -49.19 8.87
N ARG M 186 37.42 -49.00 9.38
CA ARG M 186 36.44 -50.07 9.52
C ARG M 186 35.07 -49.56 9.09
N PHE M 187 34.53 -50.12 8.01
CA PHE M 187 33.21 -49.71 7.53
C PHE M 187 32.16 -50.63 8.15
N LEU M 188 31.04 -50.04 8.56
CA LEU M 188 29.95 -50.76 9.19
C LEU M 188 28.64 -50.42 8.49
N SER M 189 27.97 -51.44 7.96
CA SER M 189 26.69 -51.24 7.30
C SER M 189 25.62 -50.86 8.32
N ALA M 190 24.45 -50.50 7.81
CA ALA M 190 23.35 -50.11 8.69
C ALA M 190 22.90 -51.25 9.62
N PRO M 191 22.75 -52.50 9.16
CA PRO M 191 22.37 -53.56 10.10
C PRO M 191 23.44 -53.82 11.15
N GLU M 192 24.71 -53.81 10.76
CA GLU M 192 25.79 -54.07 11.69
C GLU M 192 25.88 -53.01 12.78
N ALA M 193 25.51 -51.77 12.45
CA ALA M 193 25.56 -50.70 13.45
C ALA M 193 24.60 -50.96 14.60
N VAL M 194 23.44 -51.55 14.31
CA VAL M 194 22.47 -51.85 15.36
C VAL M 194 23.03 -52.92 16.29
N GLU M 195 23.58 -53.99 15.72
CA GLU M 195 24.17 -55.07 16.51
C GLU M 195 25.35 -54.57 17.34
N TYR M 196 26.02 -53.52 16.89
CA TYR M 196 27.20 -52.99 17.56
C TYR M 196 26.86 -51.97 18.65
N GLY M 197 25.59 -51.65 18.86
CA GLY M 197 25.24 -50.67 19.87
C GLY M 197 25.44 -49.23 19.45
N LEU M 198 25.86 -49.00 18.21
CA LEU M 198 26.08 -47.64 17.72
C LEU M 198 24.76 -46.90 17.55
N VAL M 199 23.71 -47.60 17.11
CA VAL M 199 22.40 -47.02 16.88
C VAL M 199 21.36 -47.93 17.53
N ASP M 200 20.10 -47.48 17.49
CA ASP M 200 18.99 -48.18 18.10
C ASP M 200 18.10 -48.92 17.11
N SER M 201 17.83 -48.34 15.95
CA SER M 201 16.97 -48.99 14.96
C SER M 201 17.25 -48.38 13.60
N ILE M 202 16.47 -48.80 12.60
CA ILE M 202 16.59 -48.34 11.23
C ILE M 202 15.25 -47.81 10.77
N LEU M 203 15.27 -46.65 10.11
CA LEU M 203 14.07 -45.98 9.61
C LEU M 203 13.86 -46.37 8.14
N THR M 204 13.46 -47.63 7.94
CA THR M 204 13.25 -48.13 6.59
C THR M 204 12.11 -47.40 5.90
N HIS M 205 10.91 -47.47 6.49
CA HIS M 205 9.73 -46.81 5.94
C HIS M 205 9.07 -45.98 7.03
N ARG M 206 8.18 -45.09 6.60
CA ARG M 206 7.45 -44.21 7.50
C ARG M 206 6.13 -44.86 7.86
N ASN M 207 5.97 -45.21 9.14
CA ASN M 207 4.75 -45.85 9.64
C ASN M 207 3.96 -44.88 10.51
N UNK N 1 -32.48 11.75 2.83
CA UNK N 1 -32.65 12.00 1.38
C UNK N 1 -31.43 11.50 0.60
N UNK N 2 -30.32 12.22 0.72
CA UNK N 2 -29.07 11.90 0.05
C UNK N 2 -28.03 11.57 1.12
N UNK N 3 -27.33 10.45 0.93
CA UNK N 3 -26.31 10.00 1.86
C UNK N 3 -24.94 10.18 1.26
N UNK N 4 -24.09 10.94 1.95
CA UNK N 4 -22.72 11.19 1.54
C UNK N 4 -21.82 10.34 2.43
N ARG N 5 -21.56 9.11 1.98
CA ARG N 5 -20.76 8.15 2.72
C ARG N 5 -19.47 7.88 1.97
N UNK N 6 -18.34 8.26 2.57
CA UNK N 6 -17.02 8.09 1.98
C UNK N 6 -16.06 7.69 3.08
N UNK N 7 -15.07 6.86 2.72
CA UNK N 7 -14.06 6.36 3.64
C UNK N 7 -12.68 6.51 3.03
N UNK N 8 -11.74 7.04 3.81
CA UNK N 8 -10.37 7.24 3.35
C UNK N 8 -9.65 5.89 3.24
PG AGS O . -35.15 -10.00 -16.77
S1G AGS O . -35.46 -8.11 -16.40
O2G AGS O . -33.63 -10.32 -16.63
O3G AGS O . -35.95 -10.86 -15.75
PB AGS O . -35.57 -11.83 -18.72
O1B AGS O . -34.21 -12.38 -18.57
O2B AGS O . -36.62 -12.60 -17.90
O3B AGS O . -35.62 -10.33 -18.22
PA AGS O . -37.59 -12.12 -20.54
O1A AGS O . -38.36 -10.91 -20.17
O2A AGS O . -38.03 -13.38 -19.78
O3A AGS O . -36.05 -11.91 -20.23
O5' AGS O . -37.69 -12.31 -22.11
C5' AGS O . -37.85 -11.19 -23.00
C4' AGS O . -38.21 -11.69 -24.36
O4' AGS O . -37.18 -12.60 -24.84
C3' AGS O . -39.51 -12.48 -24.43
O3' AGS O . -40.62 -11.62 -24.68
C2' AGS O . -39.27 -13.44 -25.60
O2' AGS O . -39.53 -12.82 -26.86
C1' AGS O . -37.78 -13.73 -25.44
N9 AGS O . -37.48 -14.90 -24.62
C8 AGS O . -36.79 -14.92 -23.43
N7 AGS O . -36.67 -16.11 -22.90
C5 AGS O . -37.33 -16.94 -23.80
C6 AGS O . -37.56 -18.33 -23.82
N6 AGS O . -37.14 -19.16 -22.86
N1 AGS O . -38.25 -18.84 -24.85
C2 AGS O . -38.68 -18.01 -25.81
N3 AGS O . -38.51 -16.68 -25.91
C4 AGS O . -37.83 -16.21 -24.86
H5'1 AGS O . -37.01 -10.68 -23.04
H5'2 AGS O . -38.55 -10.60 -22.67
H4' AGS O . -38.27 -10.95 -24.98
H3' AGS O . -39.64 -12.99 -23.61
HO3' AGS O . -41.05 -11.90 -25.40
H2' AGS O . -39.79 -14.24 -25.50
HO2' AGS O . -39.23 -11.98 -26.84
H1' AGS O . -37.38 -13.86 -26.32
H8 AGS O . -36.43 -14.12 -23.02
HN61 AGS O . -36.86 -18.83 -22.06
HN62 AGS O . -37.13 -20.05 -23.01
H2 AGS O . -39.16 -18.42 -26.54
PG AGS P . -23.31 16.72 -26.38
S1G AGS P . -21.74 16.94 -25.24
O2G AGS P . -23.74 15.23 -26.39
O3G AGS P . -24.47 17.59 -25.82
PB AGS P . -23.96 16.82 -29.01
O1B AGS P . -23.57 15.52 -29.62
O2B AGS P . -25.37 16.79 -28.40
O3B AGS P . -22.98 17.19 -27.82
PA AGS P . -25.17 19.00 -30.06
O1A AGS P . -25.37 19.51 -28.69
O2A AGS P . -26.38 18.29 -30.67
O3A AGS P . -23.97 17.96 -30.10
O5' AGS P . -24.70 20.22 -30.96
C5' AGS P . -24.64 21.54 -30.40
C4' AGS P . -24.46 22.54 -31.51
O4' AGS P . -23.32 22.17 -32.32
C3' AGS P . -25.62 22.65 -32.50
O3' AGS P . -26.60 23.57 -32.02
C2' AGS P . -24.93 23.15 -33.77
O2' AGS P . -24.75 24.57 -33.75
C1' AGS P . -23.58 22.43 -33.68
N9 AGS P . -23.52 21.17 -34.41
C8 AGS P . -23.26 19.93 -33.89
N7 AGS P . -23.28 18.96 -34.78
C5 AGS P . -23.56 19.61 -35.97
C6 AGS P . -23.72 19.15 -37.29
N6 AGS P . -23.61 17.86 -37.64
N1 AGS P . -24.01 20.06 -38.24
C2 AGS P . -24.13 21.34 -37.89
N3 AGS P . -24.00 21.89 -36.68
C4 AGS P . -23.72 20.98 -35.76
H5'1 AGS P . -23.91 21.60 -29.77
H5'2 AGS P . -25.49 21.72 -29.95
H4' AGS P . -24.30 23.41 -31.13
H3' AGS P . -26.01 21.77 -32.65
HO3' AGS P . -27.21 23.70 -32.65
H2' AGS P . -25.43 22.87 -34.55
HO2' AGS P . -24.26 24.79 -33.06
H1' AGS P . -22.89 23.03 -34.03
H8 AGS P . -23.10 19.78 -32.95
HN61 AGS P . -23.37 17.24 -37.02
HN62 AGS P . -23.75 17.62 -38.50
H2 AGS P . -24.33 21.96 -38.62
PG AGS Q . -10.74 35.40 -6.24
S1G AGS Q . -9.27 34.14 -6.10
O2G AGS Q . -11.44 35.23 -7.62
O3G AGS Q . -11.78 35.12 -5.12
PB AGS Q . -10.17 37.79 -7.40
O1B AGS Q . -9.15 37.30 -8.36
O2B AGS Q . -11.59 37.78 -7.96
O3B AGS Q . -10.20 36.86 -6.12
PA AGS Q . -11.09 40.17 -6.52
O1A AGS Q . -11.82 39.54 -5.39
O2A AGS Q . -11.94 40.42 -7.78
O3A AGS Q . -9.88 39.27 -6.98
O5' AGS Q . -10.45 41.51 -5.99
C5' AGS Q . -10.34 41.74 -4.57
C4' AGS Q . -9.79 43.12 -4.34
O4' AGS Q . -8.51 43.25 -5.00
C3' AGS Q . -10.63 44.27 -4.89
O3' AGS Q . -11.63 44.65 -3.97
C2' AGS Q . -9.59 45.36 -5.10
O2' AGS Q . -9.33 46.08 -3.90
C1' AGS Q . -8.36 44.56 -5.52
N9 AGS Q . -8.15 44.46 -6.95
C8 AGS Q . -8.09 43.32 -7.70
N7 AGS Q . -7.91 43.52 -8.99
C5 AGS Q . -7.85 44.90 -9.08
C6 AGS Q . -7.66 45.76 -10.19
N6 AGS Q . -7.49 45.34 -11.44
N1 AGS Q . -7.65 47.09 -9.95
C2 AGS Q . -7.81 47.52 -8.69
N3 AGS Q . -7.98 46.81 -7.58
C4 AGS Q . -7.99 45.49 -7.84
H5'1 AGS Q . -9.76 41.08 -4.17
H5'2 AGS Q . -11.24 41.68 -4.17
H4' AGS Q . -9.66 43.26 -3.39
H3' AGS Q . -11.02 44.01 -5.74
HO3' AGS Q . -11.28 45.20 -3.37
H2' AGS Q . -9.87 45.96 -5.80
HO2' AGS Q . -9.25 45.51 -3.22
H1' AGS Q . -7.57 44.96 -5.11
H8 AGS Q . -8.18 42.43 -7.31
HN61 AGS Q . -7.54 44.45 -11.62
HN62 AGS Q . -7.35 45.94 -12.10
H2 AGS Q . -7.78 48.49 -8.57
PG AGS R . -5.74 26.54 22.13
S1G AGS R . -4.99 24.78 21.78
O2G AGS R . -5.54 27.46 20.89
O3G AGS R . -7.26 26.40 22.43
PB AGS R . -5.11 28.75 23.55
O1B AGS R . -3.95 29.42 22.94
O2B AGS R . -6.45 29.18 22.94
O3B AGS R . -5.03 27.19 23.36
PA AGS R . -6.66 29.31 25.70
O1A AGS R . -7.51 28.13 25.43
O2A AGS R . -7.19 30.63 25.14
O3A AGS R . -5.21 29.11 25.09
O5' AGS R . -6.44 29.39 27.26
C5' AGS R . -6.97 28.36 28.11
C4' AGS R . -6.68 28.69 29.54
O4' AGS R . -5.28 29.04 29.69
C3' AGS R . -7.43 29.88 30.11
O3' AGS R . -8.72 29.50 30.56
C2' AGS R . -6.52 30.33 31.26
O2' AGS R . -6.76 29.59 32.45
C1' AGS R . -5.12 30.02 30.70
N9 AGS R . -4.43 31.17 30.13
C8 AGS R . -3.93 31.28 28.86
N7 AGS R . -3.35 32.42 28.62
C5 AGS R . -3.47 33.11 29.81
C6 AGS R . -3.05 34.40 30.20
N6 AGS R . -2.40 35.25 29.41
N1 AGS R . -3.33 34.79 31.47
C2 AGS R . -3.98 33.94 32.28
N3 AGS R . -4.42 32.71 32.01
C4 AGS R . -4.14 32.35 30.75
H5'1 AGS R . -6.57 27.50 27.88
H5'2 AGS R . -7.93 28.30 27.98
H4' AGS R . -6.85 27.91 30.10
H3' AGS R . -7.50 30.57 29.43
HO3' AGS R . -9.26 29.40 29.86
H2' AGS R . -6.63 31.28 31.42
HO2' AGS R . -6.33 28.81 32.40
H1' AGS R . -4.59 29.65 31.42
H8 AGS R . -4.01 30.57 28.20
HN61 AGS R . -2.64 35.32 28.53
HN62 AGS R . -1.73 35.76 29.74
H2 AGS R . -4.16 34.27 33.17
PG AGS S . -11.37 -2.54 29.62
S1G AGS S . -9.83 -1.51 29.04
O2G AGS S . -12.60 -1.60 29.77
O3G AGS S . -11.69 -3.64 28.57
PB AGS S . -10.81 -2.32 32.27
O1B AGS S . -9.44 -1.75 32.23
O2B AGS S . -11.90 -1.26 32.29
O3B AGS S . -11.07 -3.22 30.99
PA AGS S . -12.49 -3.66 33.92
O1A AGS S . -13.16 -4.17 32.71
O2A AGS S . -13.18 -2.45 34.56
O3A AGS S . -11.01 -3.19 33.57
O5' AGS S . -12.32 -4.85 34.93
C5' AGS S . -12.95 -6.13 34.67
C4' AGS S . -13.04 -6.89 35.96
O4' AGS S . -11.72 -7.00 36.55
C3' AGS S . -13.90 -6.26 37.05
O3' AGS S . -15.27 -6.63 36.90
C2' AGS S . -13.30 -6.83 38.33
O2' AGS S . -13.83 -8.11 38.63
C1' AGS S . -11.82 -6.92 37.97
N9 AGS S . -11.02 -5.79 38.42
C8 AGS S . -10.35 -4.89 37.63
N7 AGS S . -9.71 -3.96 38.30
C5 AGS S . -9.98 -4.28 39.64
C6 AGS S . -9.59 -3.70 40.87
N6 AGS S . -8.82 -2.61 40.97
N1 AGS S . -10.04 -4.28 42.00
C2 AGS S . -10.81 -5.36 41.92
N3 AGS S . -11.24 -6.00 40.83
C4 AGS S . -10.78 -5.41 39.71
H5'1 AGS S . -12.43 -6.62 34.03
H5'2 AGS S . -13.85 -5.98 34.32
H4' AGS S . -13.37 -7.79 35.78
H3' AGS S . -13.81 -5.29 37.03
HO3' AGS S . -15.56 -6.99 37.65
H2' AGS S . -13.44 -6.21 39.06
HO2' AGS S . -14.20 -8.46 37.90
H1' AGS S . -11.45 -7.74 38.36
H8 AGS S . -10.38 -4.96 36.67
HN61 AGS S . -8.50 -2.22 40.21
HN62 AGS S . -8.62 -2.26 41.78
H2 AGS S . -11.11 -5.74 42.77
PB ADP T . -20.81 -24.15 11.13
O1B ADP T . -20.49 -25.05 12.29
O2B ADP T . -21.56 -22.89 11.51
O3B ADP T . -19.68 -23.93 10.16
PA ADP T . -23.42 -25.03 10.78
O1A ADP T . -23.44 -25.55 12.21
O2A ADP T . -24.03 -23.70 10.46
O3A ADP T . -21.89 -24.99 10.29
O5' ADP T . -24.10 -26.14 9.84
C5' ADP T . -25.51 -26.30 9.90
C4' ADP T . -25.99 -27.45 9.03
O4' ADP T . -25.36 -28.68 9.42
C3' ADP T . -27.49 -27.63 9.16
O3' ADP T . -28.13 -27.44 7.89
C2' ADP T . -27.69 -29.05 9.67
O2' ADP T . -28.67 -29.76 8.92
C1' ADP T . -26.33 -29.72 9.56
N9 ADP T . -26.03 -30.53 10.77
C8 ADP T . -24.91 -30.44 11.50
N7 ADP T . -24.94 -31.32 12.54
C5 ADP T . -26.09 -31.99 12.47
C6 ADP T . -26.75 -33.05 13.27
N6 ADP T . -26.16 -33.59 14.36
N1 ADP T . -27.97 -33.47 12.86
C2 ADP T . -28.59 -32.94 11.77
N3 ADP T . -28.03 -31.98 11.02
C4 ADP T . -26.81 -31.47 11.30
H5'1 ADP T . -25.99 -25.37 9.57
H5'2 ADP T . -25.81 -26.47 10.94
H4' ADP T . -25.75 -27.22 7.98
H3' ADP T . -27.88 -26.92 9.89
HO3' ADP T . -29.09 -27.40 8.02
H2' ADP T . -27.99 -28.99 10.73
HO2' ADP T . -29.55 -29.41 9.12
H1' ADP T . -26.33 -30.36 8.67
H8 ADP T . -24.08 -29.77 11.29
HN61 ADP T . -25.25 -33.26 14.65
HN62 ADP T . -26.63 -34.31 14.89
H2 ADP T . -29.56 -33.33 11.49
#